data_8HDT
#
_entry.id   8HDT
#
_cell.length_a   1.00
_cell.length_b   1.00
_cell.length_c   1.00
_cell.angle_alpha   90.00
_cell.angle_beta   90.00
_cell.angle_gamma   90.00
#
_symmetry.space_group_name_H-M   'P 1'
#
loop_
_entity.id
_entity.type
_entity.pdbx_description
1 polymer 'Major capsid'
2 polymer Cement
#
loop_
_entity_poly.entity_id
_entity_poly.type
_entity_poly.pdbx_seq_one_letter_code
_entity_poly.pdbx_strand_id
1 'polypeptide(L)'
;MNQRLMTGDAMQANFGFVTSQTAYVEAGVYRMRYPEIRYPGLIPVDYSAPEWIKTVDYYSMDGVGKAEWIADRASDIPVV
GLAMEKATTTVHLAGIGYDYGLEEVNQAIMLGMNLPGEKANLARLVYERMVDRVAFTGDAEKDFKGLFNNGAVTAVSATT
GNWASATADQILADFNLGITGLWSATNEMVYADTVLLPSAKHQIIASKRLGNEATETVLQFLQRANVYTAETGRPLTIRG
MRGLNTAGAGGVSRSVFYRNSPEVLKMHIPMRHRFLPVQVVGLTYKVPGIFRLGGLDIRLPKEVRYVDGY
;
A,B,C,D,E,F,N
2 'polypeptide(L)'
;MAPYNETYASDYAFAYEGMVSDIAPADIISRTVETSAGIGFGKIVAQGTSDRGCKADVSAVSPTAPPLGITVRSQATENL
TLDKYPRYDGAAIMRKGVIWVLVTDAGGVVAGDPVWLKKSDGTFSNADVGSSGGLRLAGCRWDTSAANGALARMRVDFDV
PPVAGA
;
G,H,I,J,K,L,M
#
# COMPACT_ATOMS: atom_id res chain seq x y z
N MET A 11 -28.92 2.88 66.35
CA MET A 11 -29.90 2.21 67.17
C MET A 11 -30.32 3.05 68.37
N GLN A 12 -29.42 3.16 69.34
CA GLN A 12 -29.71 3.74 70.64
C GLN A 12 -28.95 5.03 70.80
N ALA A 13 -29.67 6.16 70.79
CA ALA A 13 -29.08 7.48 70.96
C ALA A 13 -29.25 7.90 72.41
N ASN A 14 -28.66 7.13 73.33
CA ASN A 14 -28.61 7.50 74.74
C ASN A 14 -27.21 7.87 75.20
N PHE A 15 -26.20 7.72 74.35
CA PHE A 15 -24.93 8.43 74.45
C PHE A 15 -24.02 7.87 75.52
N GLY A 16 -24.51 6.96 76.35
CA GLY A 16 -23.68 6.33 77.37
C GLY A 16 -23.95 4.84 77.47
N PHE A 17 -22.99 4.06 77.98
CA PHE A 17 -23.15 2.63 78.07
C PHE A 17 -22.69 2.15 79.43
N VAL A 18 -23.17 0.99 79.83
CA VAL A 18 -22.80 0.35 81.09
C VAL A 18 -22.03 -0.92 80.77
N THR A 19 -20.87 -1.08 81.41
CA THR A 19 -20.04 -2.26 81.22
C THR A 19 -20.17 -3.17 82.43
N SER A 20 -19.95 -4.46 82.20
CA SER A 20 -20.13 -5.49 83.21
C SER A 20 -18.79 -5.89 83.80
N GLN A 21 -18.85 -6.37 85.05
CA GLN A 21 -17.66 -6.88 85.70
C GLN A 21 -17.12 -8.11 84.97
N THR A 22 -18.01 -9.00 84.56
CA THR A 22 -17.64 -10.22 83.84
C THR A 22 -18.03 -10.06 82.38
N ALA A 23 -17.17 -9.40 81.61
CA ALA A 23 -17.44 -9.21 80.19
C ALA A 23 -16.13 -8.90 79.47
N TYR A 24 -16.14 -9.16 78.17
CA TYR A 24 -15.01 -8.88 77.28
C TYR A 24 -15.45 -7.86 76.24
N VAL A 25 -14.54 -6.94 75.92
CA VAL A 25 -14.84 -5.84 75.01
C VAL A 25 -13.79 -5.81 73.90
N GLU A 26 -14.25 -5.67 72.67
CA GLU A 26 -13.35 -5.57 71.54
C GLU A 26 -12.88 -4.13 71.35
N ALA A 27 -11.67 -4.00 70.82
CA ALA A 27 -11.08 -2.68 70.58
C ALA A 27 -11.59 -2.11 69.26
N GLY A 28 -12.05 -0.87 69.31
CA GLY A 28 -12.47 -0.18 68.10
C GLY A 28 -13.94 -0.30 67.78
N VAL A 29 -14.46 0.68 67.07
CA VAL A 29 -15.87 0.74 66.69
C VAL A 29 -15.94 0.55 65.18
N TYR A 30 -17.04 -0.05 64.72
CA TYR A 30 -17.26 -0.32 63.31
C TYR A 30 -18.26 0.70 62.77
N ARG A 31 -17.83 1.49 61.79
CA ARG A 31 -18.68 2.47 61.13
C ARG A 31 -19.31 1.86 59.88
N MET A 32 -20.58 2.19 59.64
CA MET A 32 -21.27 1.67 58.47
C MET A 32 -20.63 2.21 57.20
N ARG A 33 -20.66 1.39 56.14
CA ARG A 33 -19.97 1.71 54.90
C ARG A 33 -20.92 2.35 53.89
N TYR A 34 -20.36 3.23 53.06
CA TYR A 34 -21.05 3.87 51.95
C TYR A 34 -20.16 3.85 50.72
N PRO A 35 -20.75 3.88 49.53
CA PRO A 35 -19.95 3.74 48.30
C PRO A 35 -18.94 4.86 48.14
N GLU A 36 -17.91 4.58 47.34
CA GLU A 36 -16.82 5.53 47.14
C GLU A 36 -17.33 6.75 46.38
N ILE A 37 -16.42 7.69 46.10
CA ILE A 37 -16.85 9.05 45.83
C ILE A 37 -16.95 9.30 44.32
N ARG A 38 -16.03 8.72 43.54
CA ARG A 38 -16.12 8.54 42.08
C ARG A 38 -16.34 9.83 41.29
N TYR A 39 -16.17 11.02 41.84
CA TYR A 39 -16.09 12.13 40.89
C TYR A 39 -14.84 12.99 41.03
N PRO A 40 -13.71 12.46 41.49
CA PRO A 40 -12.43 13.08 41.10
C PRO A 40 -11.81 12.33 39.94
N GLY A 41 -11.26 13.08 39.01
CA GLY A 41 -10.56 12.50 37.88
C GLY A 41 -11.44 12.04 36.73
N LEU A 42 -12.76 12.13 36.86
CA LEU A 42 -13.67 11.76 35.79
C LEU A 42 -14.46 12.96 35.29
N ILE A 43 -14.44 14.06 36.02
CA ILE A 43 -15.15 15.27 35.63
C ILE A 43 -14.24 16.45 35.94
N PRO A 44 -13.93 17.29 34.95
CA PRO A 44 -13.11 18.48 35.22
C PRO A 44 -13.93 19.53 35.97
N VAL A 45 -13.44 19.92 37.15
CA VAL A 45 -14.05 20.97 37.95
C VAL A 45 -13.03 22.10 38.11
N ASP A 46 -13.53 23.28 38.45
CA ASP A 46 -12.66 24.40 38.76
C ASP A 46 -13.28 25.22 39.89
N TYR A 47 -12.44 26.00 40.55
CA TYR A 47 -12.85 26.81 41.68
C TYR A 47 -12.40 28.25 41.58
N SER A 48 -11.99 28.69 40.38
CA SER A 48 -11.42 30.03 40.23
C SER A 48 -12.49 31.11 40.13
N ALA A 49 -13.76 30.73 39.99
CA ALA A 49 -14.82 31.71 39.93
C ALA A 49 -14.98 32.39 41.30
N PRO A 50 -15.18 33.71 41.32
CA PRO A 50 -15.47 34.39 42.58
C PRO A 50 -16.63 33.75 43.33
N GLU A 51 -16.64 33.94 44.65
CA GLU A 51 -17.50 33.15 45.52
C GLU A 51 -18.98 33.44 45.31
N TRP A 52 -19.34 34.67 44.96
CA TRP A 52 -20.74 35.04 44.79
C TRP A 52 -20.95 35.50 43.36
N ILE A 53 -21.34 34.56 42.49
CA ILE A 53 -21.58 34.80 41.08
C ILE A 53 -22.94 34.24 40.74
N LYS A 54 -23.52 34.77 39.66
CA LYS A 54 -24.77 34.24 39.15
C LYS A 54 -24.61 33.52 37.81
N THR A 55 -23.66 33.90 36.97
CA THR A 55 -23.56 33.33 35.64
C THR A 55 -22.10 33.28 35.19
N VAL A 56 -21.84 32.40 34.23
CA VAL A 56 -20.54 32.22 33.61
C VAL A 56 -20.69 32.39 32.11
N ASP A 57 -19.70 33.07 31.50
CA ASP A 57 -19.72 33.33 30.07
C ASP A 57 -18.49 32.72 29.40
N TYR A 58 -18.64 32.39 28.12
CA TYR A 58 -17.50 31.93 27.33
C TYR A 58 -17.75 32.23 25.86
N TYR A 59 -16.67 32.41 25.12
CA TYR A 59 -16.69 32.97 23.78
C TYR A 59 -16.19 31.95 22.75
N SER A 60 -16.52 32.21 21.49
CA SER A 60 -16.02 31.43 20.37
C SER A 60 -15.95 32.32 19.14
N MET A 61 -15.16 31.92 18.15
CA MET A 61 -15.04 32.72 16.94
C MET A 61 -14.57 31.87 15.77
N ASP A 62 -14.88 32.31 14.55
CA ASP A 62 -14.58 31.58 13.32
C ASP A 62 -14.14 32.56 12.24
N GLY A 63 -13.01 32.29 11.62
CA GLY A 63 -12.49 33.11 10.54
C GLY A 63 -12.76 32.48 9.18
N VAL A 64 -12.60 33.28 8.12
CA VAL A 64 -13.02 32.91 6.78
C VAL A 64 -11.99 33.48 5.81
N GLY A 65 -11.82 32.86 4.64
CA GLY A 65 -10.94 33.42 3.64
C GLY A 65 -10.81 32.56 2.40
N LYS A 66 -10.15 33.13 1.38
CA LYS A 66 -9.88 32.42 0.13
C LYS A 66 -8.57 32.93 -0.46
N ALA A 67 -7.94 32.08 -1.27
CA ALA A 67 -6.70 32.40 -1.96
C ALA A 67 -6.89 32.35 -3.46
N GLU A 68 -6.31 33.33 -4.16
CA GLU A 68 -6.49 33.49 -5.60
C GLU A 68 -5.14 33.65 -6.28
N TRP A 69 -5.14 33.56 -7.60
CA TRP A 69 -3.93 33.68 -8.39
C TRP A 69 -3.72 35.12 -8.83
N ILE A 70 -2.57 35.68 -8.48
CA ILE A 70 -2.28 37.09 -8.71
C ILE A 70 -1.37 37.19 -9.92
N ALA A 71 -1.31 38.39 -10.51
CA ALA A 71 -0.41 38.67 -11.60
C ALA A 71 0.40 39.92 -11.27
N ASP A 72 1.44 40.18 -12.06
CA ASP A 72 2.30 41.37 -11.84
C ASP A 72 1.52 42.65 -12.16
N ARG A 73 1.95 43.77 -11.59
CA ARG A 73 1.34 45.11 -11.80
C ARG A 73 -0.15 45.10 -11.43
N ALA A 74 -0.65 44.01 -10.84
CA ALA A 74 -2.07 43.92 -10.45
C ALA A 74 -2.28 44.52 -9.05
N SER A 75 -3.53 44.56 -8.57
CA SER A 75 -3.82 45.11 -7.25
C SER A 75 -4.89 44.38 -6.42
N ASP A 76 -5.52 43.37 -6.99
CA ASP A 76 -6.68 42.71 -6.39
C ASP A 76 -6.24 41.44 -5.69
N ILE A 77 -6.18 41.50 -4.36
CA ILE A 77 -5.72 40.39 -3.53
C ILE A 77 -6.82 40.06 -2.53
N PRO A 78 -7.28 38.80 -2.46
CA PRO A 78 -8.47 38.49 -1.66
C PRO A 78 -8.20 38.59 -0.16
N VAL A 79 -9.23 39.02 0.59
CA VAL A 79 -9.10 39.31 2.01
C VAL A 79 -9.85 38.28 2.86
N VAL A 80 -9.66 38.36 4.18
CA VAL A 80 -10.24 37.41 5.13
C VAL A 80 -11.24 38.11 6.04
N GLY A 81 -11.93 37.35 6.90
CA GLY A 81 -12.97 37.90 7.76
C GLY A 81 -13.07 37.23 9.12
N LEU A 82 -14.06 37.62 9.93
CA LEU A 82 -14.17 37.15 11.31
C LEU A 82 -15.63 37.14 11.74
N ALA A 83 -15.89 36.48 12.88
CA ALA A 83 -17.19 36.44 13.54
C ALA A 83 -17.00 35.91 14.95
N MET A 84 -18.01 36.09 15.81
CA MET A 84 -17.90 35.72 17.22
C MET A 84 -19.26 35.31 17.79
N GLU A 85 -19.21 34.63 18.95
CA GLU A 85 -20.39 34.22 19.71
C GLU A 85 -20.05 34.08 21.19
N LYS A 86 -21.10 34.05 22.01
CA LYS A 86 -21.01 34.01 23.47
C LYS A 86 -22.10 33.11 24.04
N ALA A 87 -21.82 32.49 25.19
CA ALA A 87 -22.79 31.62 25.87
C ALA A 87 -22.58 31.68 27.38
N THR A 88 -23.62 31.27 28.13
CA THR A 88 -23.69 31.47 29.58
C THR A 88 -24.25 30.25 30.31
N THR A 89 -23.93 30.18 31.61
CA THR A 89 -24.46 29.19 32.54
C THR A 89 -24.71 29.86 33.89
N THR A 90 -25.27 29.11 34.86
CA THR A 90 -25.73 29.68 36.13
C THR A 90 -25.10 28.97 37.33
N VAL A 91 -25.39 29.50 38.53
CA VAL A 91 -24.90 28.98 39.80
C VAL A 91 -26.02 29.10 40.83
N HIS A 92 -26.05 28.19 41.81
CA HIS A 92 -27.09 28.15 42.84
C HIS A 92 -26.47 27.89 44.23
N LEU A 93 -27.31 27.94 45.26
CA LEU A 93 -26.87 27.95 46.67
C LEU A 93 -27.60 26.89 47.49
N ALA A 94 -26.87 26.25 48.40
CA ALA A 94 -27.43 25.26 49.32
C ALA A 94 -26.64 25.29 50.63
N GLY A 95 -26.99 24.38 51.56
CA GLY A 95 -26.24 24.35 52.82
C GLY A 95 -26.69 23.27 53.77
N ILE A 96 -25.79 22.94 54.71
CA ILE A 96 -26.04 22.03 55.82
C ILE A 96 -25.26 22.52 57.03
N GLY A 97 -25.83 22.36 58.22
CA GLY A 97 -25.09 22.68 59.42
C GLY A 97 -25.67 21.95 60.61
N TYR A 98 -24.91 21.93 61.71
CA TYR A 98 -25.27 21.14 62.87
C TYR A 98 -25.62 22.01 64.06
N ASP A 99 -26.15 21.38 65.11
CA ASP A 99 -26.43 22.06 66.37
C ASP A 99 -26.45 21.05 67.50
N TYR A 100 -26.32 21.55 68.73
CA TYR A 100 -26.31 20.68 69.89
C TYR A 100 -26.75 21.46 71.12
N GLY A 101 -27.24 20.74 72.11
CA GLY A 101 -27.59 21.36 73.38
C GLY A 101 -26.38 21.55 74.27
N LEU A 102 -26.63 22.06 75.48
CA LEU A 102 -25.55 22.37 76.40
C LEU A 102 -25.10 21.13 77.17
N GLU A 103 -26.01 20.56 77.96
CA GLU A 103 -25.63 19.38 78.73
C GLU A 103 -25.28 18.20 77.85
N GLU A 104 -25.76 18.16 76.60
CA GLU A 104 -25.33 17.10 75.70
C GLU A 104 -23.83 17.16 75.45
N VAL A 105 -23.32 18.33 75.06
CA VAL A 105 -21.89 18.44 74.80
C VAL A 105 -21.11 18.32 76.10
N ASN A 106 -21.68 18.75 77.22
CA ASN A 106 -20.94 18.66 78.48
C ASN A 106 -20.82 17.21 78.96
N GLN A 107 -21.91 16.44 78.87
CA GLN A 107 -21.83 15.01 79.11
C GLN A 107 -20.93 14.32 78.11
N ALA A 108 -20.79 14.88 76.90
CA ALA A 108 -19.86 14.36 75.91
C ALA A 108 -18.40 14.54 76.28
N ILE A 109 -18.01 15.73 76.76
CA ILE A 109 -16.60 16.02 76.99
C ILE A 109 -15.99 15.22 78.14
N MET A 110 -16.76 14.93 79.20
CA MET A 110 -16.19 14.21 80.32
C MET A 110 -15.95 12.74 79.98
N LEU A 111 -16.47 12.29 78.85
CA LEU A 111 -16.22 10.96 78.33
C LEU A 111 -15.17 10.98 77.22
N GLY A 112 -14.52 12.11 77.01
CA GLY A 112 -13.49 12.23 76.00
C GLY A 112 -13.96 11.96 74.59
N MET A 113 -14.84 12.80 74.04
CA MET A 113 -15.48 12.48 72.78
C MET A 113 -15.33 13.56 71.71
N ASN A 114 -15.34 14.85 72.07
CA ASN A 114 -15.30 15.94 71.09
C ASN A 114 -16.50 15.87 70.16
N LEU A 115 -17.68 16.13 70.72
CA LEU A 115 -18.91 16.10 69.92
C LEU A 115 -18.90 17.07 68.74
N PRO A 116 -18.48 18.33 68.86
CA PRO A 116 -18.47 19.20 67.67
C PRO A 116 -17.67 18.67 66.50
N GLY A 117 -16.54 18.02 66.76
CA GLY A 117 -15.73 17.50 65.66
C GLY A 117 -16.41 16.37 64.92
N GLU A 118 -17.08 15.48 65.66
CA GLU A 118 -17.77 14.35 65.04
C GLU A 118 -18.87 14.80 64.10
N LYS A 119 -19.47 15.96 64.33
CA LYS A 119 -20.50 16.49 63.46
C LYS A 119 -19.92 17.21 62.25
N ALA A 120 -18.84 17.95 62.44
CA ALA A 120 -18.19 18.61 61.32
C ALA A 120 -17.69 17.59 60.31
N ASN A 121 -17.05 16.51 60.79
CA ASN A 121 -16.53 15.50 59.88
C ASN A 121 -17.64 14.95 58.99
N LEU A 122 -18.76 14.57 59.60
CA LEU A 122 -19.84 13.96 58.85
C LEU A 122 -20.57 14.96 57.96
N ALA A 123 -20.54 16.25 58.32
CA ALA A 123 -21.12 17.27 57.45
C ALA A 123 -20.29 17.45 56.18
N ARG A 124 -18.95 17.52 56.31
CA ARG A 124 -18.10 17.42 55.12
C ARG A 124 -18.43 16.18 54.29
N LEU A 125 -18.61 15.03 54.93
CA LEU A 125 -18.90 13.81 54.18
C LEU A 125 -20.18 13.96 53.34
N VAL A 126 -21.25 14.44 53.97
CA VAL A 126 -22.51 14.56 53.26
C VAL A 126 -22.46 15.66 52.20
N TYR A 127 -21.65 16.69 52.40
CA TYR A 127 -21.40 17.67 51.36
C TYR A 127 -20.80 17.02 50.12
N GLU A 128 -19.74 16.22 50.31
CA GLU A 128 -19.15 15.52 49.18
C GLU A 128 -20.17 14.64 48.48
N ARG A 129 -21.04 13.98 49.26
CA ARG A 129 -22.07 13.15 48.66
C ARG A 129 -23.01 13.96 47.77
N MET A 130 -23.44 15.12 48.26
CA MET A 130 -24.31 15.99 47.47
C MET A 130 -23.63 16.41 46.16
N VAL A 131 -22.36 16.78 46.23
CA VAL A 131 -21.65 17.20 45.03
C VAL A 131 -21.60 16.06 44.02
N ASP A 132 -21.34 14.84 44.50
CA ASP A 132 -21.38 13.67 43.61
C ASP A 132 -22.72 13.53 42.92
N ARG A 133 -23.80 13.57 43.69
CA ARG A 133 -25.12 13.33 43.10
C ARG A 133 -25.45 14.39 42.07
N VAL A 134 -25.09 15.64 42.33
CA VAL A 134 -25.34 16.68 41.33
C VAL A 134 -24.48 16.43 40.09
N ALA A 135 -23.22 16.00 40.28
CA ALA A 135 -22.33 15.83 39.14
C ALA A 135 -22.82 14.75 38.19
N PHE A 136 -23.20 13.59 38.71
CA PHE A 136 -23.45 12.44 37.85
C PHE A 136 -24.93 12.26 37.48
N THR A 137 -25.84 13.00 38.10
CA THR A 137 -27.26 12.87 37.83
C THR A 137 -27.89 14.25 37.89
N GLY A 138 -29.22 14.30 37.83
CA GLY A 138 -29.93 15.56 37.92
C GLY A 138 -30.92 15.59 39.07
N ASP A 139 -31.34 16.79 39.46
CA ASP A 139 -32.26 16.94 40.58
C ASP A 139 -33.66 17.37 40.17
N ALA A 140 -33.83 17.96 39.00
CA ALA A 140 -35.12 18.43 38.48
C ALA A 140 -35.72 19.54 39.33
N GLU A 141 -34.92 20.19 40.16
CA GLU A 141 -35.32 21.42 40.84
C GLU A 141 -34.62 22.65 40.29
N LYS A 142 -33.32 22.55 40.02
CA LYS A 142 -32.60 23.59 39.32
C LYS A 142 -32.34 23.24 37.88
N ASP A 143 -32.88 22.11 37.41
CA ASP A 143 -32.66 21.58 36.06
C ASP A 143 -31.18 21.39 35.79
N PHE A 144 -30.54 20.65 36.69
CA PHE A 144 -29.12 20.35 36.59
C PHE A 144 -28.96 18.98 35.95
N LYS A 145 -29.00 18.94 34.63
CA LYS A 145 -28.83 17.68 33.91
C LYS A 145 -27.43 17.11 34.15
N GLY A 146 -27.37 15.81 34.39
CA GLY A 146 -26.13 15.14 34.72
C GLY A 146 -25.46 14.50 33.52
N LEU A 147 -24.38 13.77 33.79
CA LEU A 147 -23.64 13.13 32.72
C LEU A 147 -24.35 11.89 32.20
N PHE A 148 -25.05 11.16 33.07
CA PHE A 148 -25.65 9.90 32.69
C PHE A 148 -27.02 10.04 32.05
N ASN A 149 -27.63 11.23 32.09
CA ASN A 149 -28.97 11.42 31.57
C ASN A 149 -29.17 12.70 30.78
N ASN A 150 -28.10 13.35 30.34
CA ASN A 150 -28.24 14.58 29.56
C ASN A 150 -29.02 14.29 28.29
N GLY A 151 -29.97 15.17 27.99
CA GLY A 151 -30.85 14.98 26.86
C GLY A 151 -30.43 15.61 25.55
N ALA A 152 -29.22 16.17 25.49
CA ALA A 152 -28.73 16.82 24.28
C ALA A 152 -27.71 15.99 23.52
N VAL A 153 -27.34 14.81 24.01
CA VAL A 153 -26.39 13.95 23.33
C VAL A 153 -27.14 12.80 22.68
N THR A 154 -26.44 12.08 21.81
CA THR A 154 -27.06 11.02 21.02
C THR A 154 -26.85 9.67 21.69
N ALA A 155 -27.97 8.95 21.84
CA ALA A 155 -27.99 7.60 22.37
C ALA A 155 -28.42 6.66 21.26
N VAL A 156 -27.61 5.63 21.02
CA VAL A 156 -27.92 4.62 20.02
C VAL A 156 -27.98 3.26 20.70
N SER A 157 -28.66 2.33 20.04
CA SER A 157 -28.80 0.98 20.58
C SER A 157 -27.68 0.09 20.08
N ALA A 158 -27.34 -0.91 20.88
CA ALA A 158 -26.28 -1.84 20.53
C ALA A 158 -26.74 -2.77 19.41
N THR A 159 -25.77 -3.45 18.80
CA THR A 159 -26.05 -4.40 17.73
C THR A 159 -26.42 -5.74 18.35
N THR A 160 -27.62 -5.77 18.95
CA THR A 160 -28.23 -7.00 19.46
C THR A 160 -27.32 -7.74 20.44
N GLY A 161 -26.61 -7.00 21.28
CA GLY A 161 -25.68 -7.64 22.19
C GLY A 161 -26.13 -7.60 23.63
N ASN A 162 -26.26 -8.77 24.26
CA ASN A 162 -26.60 -8.86 25.67
C ASN A 162 -25.42 -9.22 26.54
N TRP A 163 -24.32 -9.67 25.95
CA TRP A 163 -23.04 -9.95 26.60
C TRP A 163 -23.12 -11.10 27.58
N ALA A 164 -24.31 -11.64 27.82
CA ALA A 164 -24.49 -12.93 28.46
C ALA A 164 -25.03 -13.86 27.38
N SER A 165 -24.38 -15.00 27.20
CA SER A 165 -24.64 -15.90 26.07
C SER A 165 -24.37 -15.20 24.74
N ALA A 166 -23.37 -14.32 24.71
CA ALA A 166 -22.92 -13.67 23.49
C ALA A 166 -21.43 -13.92 23.31
N THR A 167 -21.02 -14.26 22.10
CA THR A 167 -19.65 -14.66 21.83
C THR A 167 -18.73 -13.44 21.76
N ALA A 168 -17.43 -13.70 21.66
CA ALA A 168 -16.45 -12.63 21.72
C ALA A 168 -16.54 -11.68 20.54
N ASP A 169 -16.94 -12.18 19.37
CA ASP A 169 -17.07 -11.33 18.20
C ASP A 169 -18.11 -10.23 18.44
N GLN A 170 -19.26 -10.60 18.98
CA GLN A 170 -20.28 -9.60 19.28
C GLN A 170 -19.79 -8.61 20.33
N ILE A 171 -19.03 -9.10 21.33
CA ILE A 171 -18.52 -8.20 22.36
C ILE A 171 -17.60 -7.15 21.75
N LEU A 172 -16.65 -7.59 20.92
CA LEU A 172 -15.71 -6.65 20.32
C LEU A 172 -16.41 -5.69 19.37
N ALA A 173 -17.35 -6.19 18.56
CA ALA A 173 -18.07 -5.30 17.65
C ALA A 173 -18.87 -4.27 18.42
N ASP A 174 -19.57 -4.70 19.48
CA ASP A 174 -20.35 -3.76 20.27
C ASP A 174 -19.46 -2.71 20.92
N PHE A 175 -18.30 -3.12 21.42
CA PHE A 175 -17.43 -2.15 22.07
C PHE A 175 -16.88 -1.13 21.07
N ASN A 176 -16.45 -1.58 19.89
CA ASN A 176 -15.89 -0.65 18.92
C ASN A 176 -16.95 0.20 18.24
N LEU A 177 -18.22 -0.23 18.28
CA LEU A 177 -19.28 0.54 17.67
C LEU A 177 -19.35 1.95 18.22
N GLY A 178 -19.21 2.10 19.54
CA GLY A 178 -19.31 3.42 20.13
C GLY A 178 -18.21 4.35 19.70
N ILE A 179 -16.97 3.87 19.68
CA ILE A 179 -15.84 4.70 19.27
C ILE A 179 -15.99 5.10 17.80
N THR A 180 -16.34 4.13 16.95
CA THR A 180 -16.50 4.45 15.53
C THR A 180 -17.64 5.43 15.32
N GLY A 181 -18.75 5.26 16.03
CA GLY A 181 -19.87 6.17 15.88
C GLY A 181 -19.55 7.58 16.33
N LEU A 182 -18.84 7.72 17.45
CA LEU A 182 -18.42 9.05 17.89
C LEU A 182 -17.47 9.68 16.88
N TRP A 183 -16.57 8.88 16.33
CA TRP A 183 -15.63 9.40 15.33
C TRP A 183 -16.35 9.87 14.07
N SER A 184 -17.35 9.12 13.60
CA SER A 184 -18.06 9.53 12.40
C SER A 184 -19.03 10.68 12.69
N ALA A 185 -19.49 10.82 13.93
CA ALA A 185 -20.40 11.90 14.26
C ALA A 185 -19.74 13.26 14.17
N THR A 186 -18.46 13.34 14.53
CA THR A 186 -17.71 14.59 14.47
C THR A 186 -16.97 14.76 13.16
N ASN A 187 -17.49 14.18 12.09
CA ASN A 187 -16.92 14.30 10.74
C ASN A 187 -15.44 13.90 10.74
N GLU A 188 -15.13 12.82 11.44
CA GLU A 188 -13.84 12.16 11.38
C GLU A 188 -12.71 13.05 11.90
N MET A 189 -12.85 13.60 13.10
CA MET A 189 -11.85 14.51 13.66
C MET A 189 -11.38 14.15 15.06
N VAL A 190 -12.25 13.65 15.92
CA VAL A 190 -11.88 13.36 17.31
C VAL A 190 -12.18 11.91 17.64
N TYR A 191 -11.40 11.35 18.55
CA TYR A 191 -11.59 10.00 19.04
C TYR A 191 -12.09 10.03 20.48
N ALA A 192 -12.96 9.08 20.81
CA ALA A 192 -13.33 8.89 22.19
C ALA A 192 -12.11 8.49 23.00
N ASP A 193 -12.00 9.04 24.20
CA ASP A 193 -10.83 8.86 25.03
C ASP A 193 -11.09 8.02 26.27
N THR A 194 -12.27 8.13 26.87
CA THR A 194 -12.65 7.36 28.04
C THR A 194 -13.98 6.68 27.81
N VAL A 195 -14.11 5.48 28.38
CA VAL A 195 -15.31 4.67 28.30
C VAL A 195 -15.77 4.38 29.72
N LEU A 196 -17.06 4.56 29.97
CA LEU A 196 -17.68 4.19 31.25
C LEU A 196 -18.70 3.10 30.98
N LEU A 197 -18.52 1.95 31.62
CA LEU A 197 -19.37 0.78 31.51
C LEU A 197 -20.02 0.50 32.86
N PRO A 198 -21.21 -0.11 32.87
CA PRO A 198 -21.74 -0.66 34.12
C PRO A 198 -20.79 -1.72 34.66
N SER A 199 -20.69 -1.79 35.98
CA SER A 199 -19.67 -2.64 36.60
C SER A 199 -19.88 -4.11 36.26
N ALA A 200 -21.13 -4.54 36.11
CA ALA A 200 -21.40 -5.92 35.75
C ALA A 200 -20.81 -6.26 34.39
N LYS A 201 -20.99 -5.38 33.40
CA LYS A 201 -20.43 -5.63 32.08
C LYS A 201 -18.91 -5.58 32.10
N HIS A 202 -18.34 -4.73 32.95
CA HIS A 202 -16.90 -4.72 33.13
C HIS A 202 -16.41 -6.08 33.64
N GLN A 203 -17.14 -6.67 34.59
CA GLN A 203 -16.77 -8.00 35.07
C GLN A 203 -16.90 -9.04 33.96
N ILE A 204 -17.97 -8.96 33.18
CA ILE A 204 -18.17 -9.92 32.10
C ILE A 204 -16.99 -9.88 31.14
N ILE A 205 -16.55 -8.68 30.78
CA ILE A 205 -15.41 -8.55 29.88
C ILE A 205 -14.13 -9.05 30.54
N ALA A 206 -13.91 -8.67 31.80
CA ALA A 206 -12.65 -9.00 32.46
C ALA A 206 -12.54 -10.46 32.85
N SER A 207 -13.63 -11.23 32.79
CA SER A 207 -13.58 -12.63 33.19
C SER A 207 -13.81 -13.60 32.04
N LYS A 208 -14.18 -13.11 30.86
CA LYS A 208 -14.38 -13.97 29.70
C LYS A 208 -13.10 -14.09 28.88
N ARG A 209 -12.79 -15.30 28.45
CA ARG A 209 -11.57 -15.56 27.71
C ARG A 209 -11.80 -15.34 26.22
N LEU A 210 -10.72 -15.33 25.46
CA LEU A 210 -10.75 -14.99 24.05
C LEU A 210 -10.85 -16.23 23.16
N GLY A 211 -10.67 -17.41 23.72
CA GLY A 211 -10.67 -18.65 22.97
C GLY A 211 -10.03 -19.75 23.77
N ASN A 212 -10.14 -20.97 23.26
CA ASN A 212 -9.55 -22.12 23.94
C ASN A 212 -8.04 -22.18 23.77
N GLU A 213 -7.51 -21.77 22.63
CA GLU A 213 -6.07 -21.69 22.43
C GLU A 213 -5.49 -20.34 22.81
N ALA A 214 -6.22 -19.25 22.61
CA ALA A 214 -5.84 -17.93 23.10
C ALA A 214 -6.50 -17.75 24.46
N THR A 215 -5.83 -18.21 25.51
CA THR A 215 -6.34 -17.98 26.86
C THR A 215 -5.87 -16.62 27.34
N GLU A 216 -6.80 -15.68 27.37
CA GLU A 216 -6.57 -14.28 27.68
C GLU A 216 -7.94 -13.63 27.73
N THR A 217 -8.06 -12.58 28.52
CA THR A 217 -9.37 -11.98 28.70
C THR A 217 -9.69 -11.04 27.54
N VAL A 218 -10.97 -10.76 27.38
CA VAL A 218 -11.44 -9.78 26.41
C VAL A 218 -11.08 -8.35 26.84
N LEU A 219 -10.81 -8.15 28.14
CA LEU A 219 -10.34 -6.87 28.63
C LEU A 219 -8.84 -6.70 28.54
N GLN A 220 -8.08 -7.77 28.40
CA GLN A 220 -6.63 -7.66 28.27
C GLN A 220 -6.21 -7.47 26.81
N PHE A 221 -7.02 -7.97 25.89
CA PHE A 221 -6.79 -7.77 24.46
C PHE A 221 -7.38 -6.47 23.96
N LEU A 222 -8.54 -6.07 24.48
CA LEU A 222 -9.19 -4.85 24.03
C LEU A 222 -8.37 -3.62 24.37
N GLN A 223 -7.46 -3.73 25.33
CA GLN A 223 -6.65 -2.59 25.71
C GLN A 223 -5.74 -2.15 24.58
N ARG A 224 -5.18 -3.11 23.85
CA ARG A 224 -4.18 -2.82 22.82
C ARG A 224 -4.70 -2.99 21.41
N ALA A 225 -6.00 -3.25 21.24
CA ALA A 225 -6.54 -3.49 19.91
C ALA A 225 -7.84 -2.75 19.65
N ASN A 226 -8.20 -1.78 20.49
CA ASN A 226 -9.33 -0.93 20.16
C ASN A 226 -8.93 0.07 19.07
N VAL A 227 -9.94 0.68 18.46
CA VAL A 227 -9.69 1.60 17.35
C VAL A 227 -8.79 2.74 17.81
N TYR A 228 -9.04 3.26 19.01
CA TYR A 228 -8.31 4.44 19.49
C TYR A 228 -6.83 4.13 19.67
N THR A 229 -6.52 2.97 20.28
CA THR A 229 -5.13 2.62 20.52
C THR A 229 -4.46 2.01 19.29
N ALA A 230 -5.24 1.62 18.28
CA ALA A 230 -4.67 1.10 17.05
C ALA A 230 -4.31 2.22 16.07
N GLU A 231 -5.24 3.16 15.86
CA GLU A 231 -4.96 4.28 14.98
C GLU A 231 -3.81 5.12 15.52
N THR A 232 -3.90 5.53 16.77
CA THR A 232 -2.87 6.29 17.45
C THR A 232 -2.07 5.35 18.33
N GLY A 233 -1.15 5.92 19.11
CA GLY A 233 -0.37 5.14 20.04
C GLY A 233 -0.76 5.30 21.49
N ARG A 234 -1.71 6.17 21.78
CA ARG A 234 -2.06 6.48 23.16
C ARG A 234 -2.96 5.38 23.74
N PRO A 235 -2.98 5.24 25.07
CA PRO A 235 -3.82 4.22 25.68
C PRO A 235 -5.26 4.70 25.90
N LEU A 236 -6.15 3.73 26.04
CA LEU A 236 -7.56 3.98 26.34
C LEU A 236 -7.81 3.62 27.79
N THR A 237 -8.69 4.36 28.45
CA THR A 237 -9.05 4.09 29.83
C THR A 237 -10.49 3.62 29.93
N ILE A 238 -10.68 2.47 30.57
CA ILE A 238 -11.98 1.85 30.74
C ILE A 238 -12.28 1.82 32.23
N ARG A 239 -13.49 2.23 32.60
CA ARG A 239 -13.90 2.27 33.99
C ARG A 239 -15.29 1.69 34.13
N GLY A 240 -15.52 1.00 35.25
CA GLY A 240 -16.83 0.46 35.58
C GLY A 240 -17.48 1.32 36.64
N MET A 241 -18.72 1.73 36.36
CA MET A 241 -19.44 2.66 37.22
C MET A 241 -20.54 1.97 37.99
N ARG A 242 -21.23 2.74 38.82
CA ARG A 242 -22.21 2.20 39.75
C ARG A 242 -23.65 2.51 39.39
N GLY A 243 -23.91 3.62 38.72
CA GLY A 243 -25.29 4.02 38.49
C GLY A 243 -25.83 3.79 37.09
N LEU A 244 -25.18 2.94 36.31
CA LEU A 244 -25.52 2.74 34.91
C LEU A 244 -26.28 1.45 34.65
N ASN A 245 -26.78 0.79 35.69
CA ASN A 245 -27.40 -0.52 35.51
C ASN A 245 -28.69 -0.44 34.71
N THR A 246 -29.46 0.64 34.91
CA THR A 246 -30.79 0.75 34.32
C THR A 246 -31.07 2.16 33.80
N ALA A 247 -30.04 2.91 33.44
CA ALA A 247 -30.21 4.29 33.03
C ALA A 247 -30.61 4.44 31.56
N GLY A 248 -30.88 3.34 30.86
CA GLY A 248 -31.14 3.39 29.44
C GLY A 248 -32.57 3.79 29.11
N ALA A 249 -32.92 3.59 27.84
CA ALA A 249 -34.21 4.07 27.34
C ALA A 249 -35.38 3.30 27.94
N GLY A 250 -35.26 1.98 28.05
CA GLY A 250 -36.32 1.17 28.60
C GLY A 250 -35.91 0.45 29.86
N GLY A 251 -35.17 1.13 30.72
CA GLY A 251 -34.65 0.49 31.92
C GLY A 251 -33.62 -0.57 31.58
N VAL A 252 -32.67 -0.21 30.73
CA VAL A 252 -31.62 -1.12 30.29
C VAL A 252 -30.28 -0.43 30.51
N SER A 253 -29.21 -1.21 30.49
CA SER A 253 -27.89 -0.67 30.80
C SER A 253 -27.45 0.34 29.75
N ARG A 254 -26.73 1.36 30.19
CA ARG A 254 -26.20 2.40 29.33
C ARG A 254 -24.69 2.51 29.56
N SER A 255 -23.95 2.81 28.50
CA SER A 255 -22.52 3.06 28.60
C SER A 255 -22.18 4.34 27.86
N VAL A 256 -21.15 5.03 28.34
CA VAL A 256 -20.85 6.39 27.88
C VAL A 256 -19.45 6.44 27.30
N PHE A 257 -19.32 6.99 26.11
CA PHE A 257 -18.03 7.24 25.47
C PHE A 257 -17.82 8.74 25.36
N TYR A 258 -16.69 9.25 25.83
CA TYR A 258 -16.46 10.69 25.72
C TYR A 258 -14.97 10.98 25.74
N ARG A 259 -14.64 12.26 25.61
CA ARG A 259 -13.25 12.69 25.40
C ARG A 259 -12.53 13.08 26.68
N ASN A 260 -13.23 13.55 27.71
CA ASN A 260 -12.64 13.89 29.00
C ASN A 260 -11.56 14.96 28.86
N SER A 261 -11.99 16.14 28.38
CA SER A 261 -11.14 17.31 28.37
C SER A 261 -11.88 18.44 29.07
N PRO A 262 -11.15 19.35 29.73
CA PRO A 262 -11.81 20.51 30.34
C PRO A 262 -12.58 21.33 29.33
N GLU A 263 -12.47 20.98 28.06
CA GLU A 263 -13.05 21.71 26.95
C GLU A 263 -14.35 21.08 26.48
N VAL A 264 -14.73 19.93 27.01
CA VAL A 264 -15.97 19.25 26.67
C VAL A 264 -16.94 19.28 27.85
N LEU A 265 -16.45 19.03 29.06
CA LEU A 265 -17.24 19.03 30.27
C LEU A 265 -16.71 20.11 31.20
N LYS A 266 -17.58 20.63 32.05
CA LYS A 266 -17.10 21.64 32.99
C LYS A 266 -18.05 21.77 34.17
N MET A 267 -17.52 21.73 35.38
CA MET A 267 -18.29 21.98 36.59
C MET A 267 -17.66 23.13 37.35
N HIS A 268 -18.46 24.11 37.72
CA HIS A 268 -18.00 25.26 38.49
C HIS A 268 -18.47 25.13 39.93
N ILE A 269 -17.54 25.26 40.85
CA ILE A 269 -17.86 25.31 42.28
C ILE A 269 -17.22 26.56 42.85
N PRO A 270 -17.90 27.70 42.83
CA PRO A 270 -17.31 28.93 43.35
C PRO A 270 -17.06 28.90 44.85
N MET A 271 -17.99 28.34 45.61
CA MET A 271 -17.89 28.26 47.06
C MET A 271 -17.98 26.79 47.46
N ARG A 272 -17.00 26.31 48.22
CA ARG A 272 -16.99 24.87 48.50
C ARG A 272 -17.89 24.49 49.66
N HIS A 273 -17.53 24.90 50.88
CA HIS A 273 -18.33 24.61 52.07
C HIS A 273 -17.77 25.43 53.22
N ARG A 274 -18.63 26.21 53.87
CA ARG A 274 -18.18 27.12 54.90
C ARG A 274 -19.09 27.03 56.10
N PHE A 275 -18.50 27.06 57.29
CA PHE A 275 -19.26 27.17 58.51
C PHE A 275 -19.23 28.61 59.00
N LEU A 276 -20.36 29.06 59.48
CA LEU A 276 -20.54 30.42 59.95
C LEU A 276 -20.44 30.47 61.47
N PRO A 277 -20.22 31.65 62.04
CA PRO A 277 -20.04 31.73 63.50
C PRO A 277 -21.23 31.17 64.28
N VAL A 278 -20.93 30.61 65.45
CA VAL A 278 -21.93 29.94 66.25
C VAL A 278 -22.96 30.95 66.77
N GLN A 279 -24.18 30.48 66.97
CA GLN A 279 -25.24 31.27 67.57
C GLN A 279 -25.74 30.55 68.82
N VAL A 280 -26.33 31.32 69.74
CA VAL A 280 -26.85 30.76 70.99
C VAL A 280 -28.27 31.26 71.20
N VAL A 281 -29.19 30.33 71.44
CA VAL A 281 -30.57 30.66 71.80
C VAL A 281 -31.03 29.63 72.82
N GLY A 282 -31.17 30.05 74.08
CA GLY A 282 -31.83 29.23 75.07
C GLY A 282 -31.21 27.87 75.30
N LEU A 283 -29.92 27.84 75.61
CA LEU A 283 -29.18 26.62 75.93
C LEU A 283 -28.97 25.75 74.70
N THR A 284 -28.82 26.37 73.53
CA THR A 284 -28.51 25.65 72.31
C THR A 284 -27.31 26.30 71.65
N TYR A 285 -26.89 25.72 70.53
CA TYR A 285 -25.75 26.23 69.76
C TYR A 285 -25.95 25.83 68.31
N LYS A 286 -26.22 26.81 67.44
CA LYS A 286 -26.54 26.52 66.05
C LYS A 286 -25.43 27.01 65.15
N VAL A 287 -24.92 26.11 64.31
CA VAL A 287 -23.81 26.39 63.42
C VAL A 287 -24.30 26.21 61.98
N PRO A 288 -24.59 27.30 61.27
CA PRO A 288 -25.11 27.19 59.91
C PRO A 288 -23.96 27.06 58.91
N GLY A 289 -24.05 26.05 58.05
CA GLY A 289 -23.03 25.84 57.03
C GLY A 289 -23.60 25.92 55.64
N ILE A 290 -23.10 26.84 54.82
CA ILE A 290 -23.65 27.08 53.49
C ILE A 290 -22.59 26.77 52.46
N PHE A 291 -23.04 26.43 51.26
CA PHE A 291 -22.16 26.11 50.15
C PHE A 291 -22.89 26.35 48.84
N ARG A 292 -22.19 26.96 47.88
CA ARG A 292 -22.82 27.48 46.69
C ARG A 292 -22.04 27.04 45.47
N LEU A 293 -22.68 26.23 44.61
CA LEU A 293 -21.99 25.66 43.47
C LEU A 293 -22.93 25.54 42.28
N GLY A 294 -22.43 25.86 41.09
CA GLY A 294 -23.21 25.68 39.89
C GLY A 294 -23.13 24.27 39.35
N GLY A 295 -23.97 23.99 38.36
CA GLY A 295 -24.14 22.65 37.84
C GLY A 295 -23.14 22.29 36.76
N LEU A 296 -23.30 21.07 36.22
CA LEU A 296 -22.42 20.56 35.19
C LEU A 296 -22.86 21.04 33.82
N ASP A 297 -21.87 21.36 32.98
CA ASP A 297 -22.10 21.90 31.65
C ASP A 297 -21.40 21.00 30.65
N ILE A 298 -22.19 20.37 29.77
CA ILE A 298 -21.68 19.62 28.63
C ILE A 298 -21.75 20.57 27.44
N ARG A 299 -20.60 21.07 27.01
CA ARG A 299 -20.59 22.09 25.97
C ARG A 299 -20.63 21.45 24.58
N LEU A 300 -19.62 20.64 24.26
CA LEU A 300 -19.51 19.88 23.02
C LEU A 300 -20.38 18.64 23.12
N PRO A 301 -21.61 18.65 22.60
CA PRO A 301 -22.49 17.49 22.79
C PRO A 301 -22.26 16.40 21.77
N LYS A 302 -21.46 16.67 20.75
CA LYS A 302 -21.16 15.67 19.74
C LYS A 302 -19.92 14.86 20.08
N GLU A 303 -19.30 15.11 21.23
CA GLU A 303 -18.18 14.31 21.69
C GLU A 303 -18.54 13.48 22.92
N VAL A 304 -19.84 13.32 23.19
CA VAL A 304 -20.33 12.40 24.20
C VAL A 304 -21.36 11.51 23.51
N ARG A 305 -21.23 10.20 23.70
CA ARG A 305 -22.04 9.21 23.01
C ARG A 305 -22.60 8.23 24.02
N TYR A 306 -23.88 7.90 23.88
CA TYR A 306 -24.54 6.90 24.73
C TYR A 306 -24.82 5.65 23.91
N VAL A 307 -24.49 4.49 24.47
CA VAL A 307 -24.83 3.21 23.85
C VAL A 307 -25.65 2.40 24.83
N ASP A 308 -26.84 1.99 24.41
CA ASP A 308 -27.77 1.28 25.27
C ASP A 308 -27.90 -0.17 24.83
N GLY A 309 -28.07 -1.05 25.82
CA GLY A 309 -28.39 -2.43 25.57
C GLY A 309 -27.30 -3.44 25.85
N TYR A 310 -26.15 -3.01 26.35
CA TYR A 310 -25.06 -3.94 26.66
C TYR A 310 -25.50 -4.92 27.74
N MET B 11 -16.57 -56.58 67.62
CA MET B 11 -15.75 -55.96 68.65
C MET B 11 -16.18 -56.44 70.03
N GLN B 12 -15.19 -56.74 70.88
CA GLN B 12 -15.43 -57.22 72.23
C GLN B 12 -14.69 -56.34 73.21
N ALA B 13 -15.00 -56.50 74.49
CA ALA B 13 -14.50 -55.66 75.56
C ALA B 13 -13.85 -56.47 76.67
N ASN B 14 -12.92 -57.37 76.32
CA ASN B 14 -12.45 -58.34 77.30
C ASN B 14 -10.98 -58.19 77.68
N PHE B 15 -10.20 -57.37 76.98
CA PHE B 15 -8.78 -57.17 77.25
C PHE B 15 -7.98 -58.46 77.15
N GLY B 16 -8.50 -59.51 76.54
CA GLY B 16 -7.83 -60.79 76.60
C GLY B 16 -7.99 -61.68 75.39
N PHE B 17 -6.88 -62.24 74.93
CA PHE B 17 -6.86 -63.16 73.81
C PHE B 17 -5.85 -64.25 74.14
N VAL B 18 -6.04 -65.44 73.55
CA VAL B 18 -5.10 -66.55 73.73
C VAL B 18 -4.45 -66.86 72.38
N THR B 19 -3.12 -66.85 72.37
CA THR B 19 -2.33 -67.12 71.17
C THR B 19 -2.04 -68.61 71.06
N SER B 20 -2.38 -69.18 69.91
CA SER B 20 -1.99 -70.56 69.62
C SER B 20 -0.47 -70.70 69.56
N GLN B 21 0.02 -71.86 70.02
CA GLN B 21 1.46 -72.06 70.04
C GLN B 21 2.06 -72.10 68.63
N THR B 22 1.26 -72.45 67.63
CA THR B 22 1.69 -72.42 66.23
C THR B 22 1.06 -71.23 65.54
N ALA B 23 1.68 -70.05 65.74
CA ALA B 23 1.14 -68.84 65.14
C ALA B 23 2.13 -67.69 65.17
N TYR B 24 2.21 -66.95 64.07
CA TYR B 24 2.97 -65.72 63.98
C TYR B 24 2.02 -64.53 64.11
N VAL B 25 2.47 -63.51 64.82
CA VAL B 25 1.63 -62.36 65.15
C VAL B 25 2.28 -61.10 64.58
N GLU B 26 1.48 -60.32 63.86
CA GLU B 26 1.95 -59.04 63.33
C GLU B 26 2.16 -58.05 64.46
N ALA B 27 3.25 -57.29 64.37
CA ALA B 27 3.68 -56.44 65.48
C ALA B 27 2.86 -55.17 65.63
N GLY B 28 1.96 -54.87 64.70
CA GLY B 28 1.19 -53.65 64.73
C GLY B 28 -0.23 -53.88 65.20
N VAL B 29 -0.83 -52.84 65.77
CA VAL B 29 -2.25 -52.82 66.10
C VAL B 29 -2.87 -51.63 65.38
N TYR B 30 -3.98 -51.88 64.69
CA TYR B 30 -4.56 -50.93 63.75
C TYR B 30 -5.78 -50.25 64.35
N ARG B 31 -5.83 -48.92 64.22
CA ARG B 31 -6.90 -48.11 64.77
C ARG B 31 -7.81 -47.60 63.66
N MET B 32 -9.11 -47.65 63.91
CA MET B 32 -10.08 -47.22 62.91
C MET B 32 -9.93 -45.73 62.62
N ARG B 33 -10.20 -45.36 61.37
CA ARG B 33 -9.97 -44.01 60.89
C ARG B 33 -11.24 -43.17 60.98
N TYR B 34 -11.07 -41.92 61.39
CA TYR B 34 -12.15 -40.94 61.38
C TYR B 34 -11.71 -39.72 60.59
N PRO B 35 -12.65 -38.99 59.99
CA PRO B 35 -12.29 -37.89 59.09
C PRO B 35 -11.43 -36.84 59.76
N GLU B 36 -10.83 -35.98 58.95
CA GLU B 36 -9.94 -34.95 59.46
C GLU B 36 -10.74 -33.87 60.18
N ILE B 37 -10.04 -32.84 60.67
CA ILE B 37 -10.65 -31.93 61.62
C ILE B 37 -11.19 -30.68 60.93
N ARG B 38 -10.44 -30.11 60.00
CA ARG B 38 -10.89 -29.14 58.99
C ARG B 38 -11.34 -27.79 59.54
N TYR B 39 -11.43 -27.59 60.84
CA TYR B 39 -11.84 -26.26 61.27
C TYR B 39 -10.68 -25.26 61.33
N PRO B 40 -9.48 -25.63 61.80
CA PRO B 40 -8.40 -24.63 61.86
C PRO B 40 -8.02 -24.14 60.48
N GLY B 41 -7.92 -22.82 60.34
CA GLY B 41 -7.56 -22.20 59.08
C GLY B 41 -8.71 -21.67 58.25
N LEU B 42 -9.94 -22.06 58.57
CA LEU B 42 -11.11 -21.55 57.89
C LEU B 42 -11.99 -20.68 58.77
N ILE B 43 -11.99 -20.94 60.07
CA ILE B 43 -12.76 -20.17 61.04
C ILE B 43 -11.78 -19.44 61.94
N PRO B 44 -11.84 -18.12 62.05
CA PRO B 44 -10.97 -17.43 63.02
C PRO B 44 -11.44 -17.70 64.45
N VAL B 45 -10.53 -18.20 65.27
CA VAL B 45 -10.80 -18.51 66.67
C VAL B 45 -9.83 -17.74 67.54
N ASP B 46 -10.31 -17.23 68.66
CA ASP B 46 -9.50 -16.43 69.58
C ASP B 46 -9.44 -17.08 70.95
N TYR B 47 -8.25 -17.10 71.53
CA TYR B 47 -8.04 -17.64 72.87
C TYR B 47 -7.54 -16.62 73.87
N SER B 48 -7.80 -15.33 73.65
CA SER B 48 -7.20 -14.30 74.48
C SER B 48 -8.04 -13.93 75.70
N ALA B 49 -9.32 -14.30 75.75
CA ALA B 49 -10.14 -13.93 76.88
C ALA B 49 -9.74 -14.72 78.13
N PRO B 50 -9.91 -14.13 79.31
CA PRO B 50 -9.61 -14.88 80.55
C PRO B 50 -10.57 -16.04 80.75
N GLU B 51 -10.11 -17.02 81.53
CA GLU B 51 -10.69 -18.37 81.50
C GLU B 51 -12.18 -18.37 81.84
N TRP B 52 -12.60 -17.50 82.74
CA TRP B 52 -13.95 -17.52 83.28
C TRP B 52 -14.64 -16.19 82.97
N ILE B 53 -15.26 -16.11 81.80
CA ILE B 53 -16.06 -14.96 81.40
C ILE B 53 -17.42 -15.47 80.94
N LYS B 54 -18.45 -14.65 81.09
CA LYS B 54 -19.80 -15.04 80.72
C LYS B 54 -20.31 -14.37 79.45
N THR B 55 -19.73 -13.24 79.03
CA THR B 55 -20.22 -12.52 77.86
C THR B 55 -19.06 -11.86 77.12
N VAL B 56 -19.31 -11.52 75.86
CA VAL B 56 -18.40 -10.73 75.03
C VAL B 56 -19.23 -9.69 74.30
N ASP B 57 -18.73 -8.46 74.23
CA ASP B 57 -19.50 -7.34 73.68
C ASP B 57 -18.71 -6.59 72.63
N TYR B 58 -19.43 -5.99 71.68
CA TYR B 58 -18.80 -5.19 70.64
C TYR B 58 -19.70 -4.02 70.26
N TYR B 59 -19.10 -2.99 69.66
CA TYR B 59 -19.76 -1.73 69.38
C TYR B 59 -19.79 -1.43 67.89
N SER B 60 -20.69 -0.52 67.51
CA SER B 60 -20.80 0.00 66.15
C SER B 60 -21.48 1.36 66.22
N MET B 61 -21.33 2.15 65.16
CA MET B 61 -21.93 3.47 65.17
C MET B 61 -22.23 3.94 63.76
N ASP B 62 -23.18 4.87 63.65
CA ASP B 62 -23.66 5.41 62.39
C ASP B 62 -24.21 6.81 62.61
N GLY B 63 -24.33 7.58 61.54
CA GLY B 63 -24.90 8.90 61.61
C GLY B 63 -25.71 9.23 60.36
N VAL B 64 -26.59 10.21 60.48
CA VAL B 64 -27.52 10.56 59.41
C VAL B 64 -27.62 12.07 59.25
N GLY B 65 -28.24 12.47 58.14
CA GLY B 65 -28.41 13.87 57.83
C GLY B 65 -28.88 14.03 56.39
N LYS B 66 -29.20 15.27 56.03
CA LYS B 66 -29.73 15.59 54.71
C LYS B 66 -29.26 16.97 54.27
N ALA B 67 -29.23 17.18 52.95
CA ALA B 67 -28.81 18.45 52.34
C ALA B 67 -29.96 19.02 51.54
N GLU B 68 -30.16 20.34 51.63
CA GLU B 68 -31.25 21.01 50.93
C GLU B 68 -30.79 22.35 50.37
N TRP B 69 -31.54 22.84 49.38
CA TRP B 69 -31.30 24.15 48.79
C TRP B 69 -31.91 25.22 49.70
N ILE B 70 -31.17 26.30 49.93
CA ILE B 70 -31.59 27.36 50.84
C ILE B 70 -31.65 28.67 50.07
N ALA B 71 -32.55 29.56 50.50
CA ALA B 71 -32.61 30.90 49.95
C ALA B 71 -31.58 31.81 50.62
N ASP B 72 -31.34 32.95 50.01
CA ASP B 72 -30.36 33.91 50.52
C ASP B 72 -30.58 34.33 51.97
N ARG B 73 -31.71 34.96 52.27
CA ARG B 73 -31.99 35.40 53.63
C ARG B 73 -33.13 34.64 54.30
N ALA B 74 -32.81 33.49 54.88
CA ALA B 74 -33.83 32.67 55.58
C ALA B 74 -33.01 31.77 56.49
N SER B 75 -33.71 30.92 57.25
CA SER B 75 -33.21 30.23 58.42
C SER B 75 -33.35 28.71 58.35
N ASP B 76 -33.78 28.24 57.19
CA ASP B 76 -34.15 26.83 57.01
C ASP B 76 -32.93 26.04 56.57
N ILE B 77 -32.09 25.67 57.53
CA ILE B 77 -30.90 24.87 57.24
C ILE B 77 -31.03 23.54 57.97
N PRO B 78 -30.76 22.41 57.31
CA PRO B 78 -30.95 21.11 57.95
C PRO B 78 -29.76 20.72 58.82
N VAL B 79 -29.97 19.80 59.76
CA VAL B 79 -28.93 19.41 60.70
C VAL B 79 -28.63 17.92 60.59
N VAL B 80 -27.55 17.49 61.25
CA VAL B 80 -27.09 16.11 61.22
C VAL B 80 -27.27 15.51 62.60
N GLY B 81 -27.21 14.18 62.67
CA GLY B 81 -27.36 13.47 63.93
C GLY B 81 -26.47 12.24 63.97
N LEU B 82 -26.19 11.79 65.20
CA LEU B 82 -25.27 10.69 65.45
C LEU B 82 -26.00 9.60 66.23
N ALA B 83 -25.34 8.44 66.34
CA ALA B 83 -25.87 7.32 67.11
C ALA B 83 -24.74 6.33 67.39
N MET B 84 -24.99 5.45 68.36
CA MET B 84 -24.05 4.39 68.73
C MET B 84 -24.84 3.13 68.98
N GLU B 85 -24.13 2.02 69.24
CA GLU B 85 -24.77 0.72 69.25
C GLU B 85 -23.84 -0.32 69.87
N LYS B 86 -24.44 -1.26 70.62
CA LYS B 86 -23.71 -2.33 71.29
C LYS B 86 -24.42 -3.66 71.05
N ALA B 87 -23.65 -4.74 71.05
CA ALA B 87 -24.17 -6.08 70.81
C ALA B 87 -23.39 -7.10 71.63
N THR B 88 -24.01 -8.27 71.82
CA THR B 88 -23.61 -9.23 72.85
C THR B 88 -23.62 -10.65 72.29
N THR B 89 -22.76 -11.50 72.87
CA THR B 89 -22.80 -12.93 72.68
C THR B 89 -22.23 -13.59 73.93
N THR B 90 -22.54 -14.87 74.13
CA THR B 90 -22.29 -15.55 75.40
C THR B 90 -21.36 -16.75 75.24
N VAL B 91 -20.93 -17.29 76.38
CA VAL B 91 -19.96 -18.39 76.45
C VAL B 91 -20.44 -19.39 77.50
N HIS B 92 -20.38 -20.68 77.18
CA HIS B 92 -20.85 -21.75 78.06
C HIS B 92 -19.73 -22.75 78.35
N LEU B 93 -20.05 -23.74 79.19
CA LEU B 93 -19.09 -24.71 79.69
C LEU B 93 -19.61 -26.13 79.50
N ALA B 94 -18.70 -27.05 79.18
CA ALA B 94 -19.02 -28.45 78.96
C ALA B 94 -17.87 -29.31 79.48
N GLY B 95 -18.01 -30.63 79.37
CA GLY B 95 -16.95 -31.50 79.85
C GLY B 95 -17.14 -32.95 79.45
N ILE B 96 -16.03 -33.69 79.54
CA ILE B 96 -16.01 -35.14 79.30
C ILE B 96 -14.83 -35.77 80.03
N GLY B 97 -15.07 -36.89 80.70
CA GLY B 97 -14.06 -37.60 81.46
C GLY B 97 -14.14 -39.09 81.27
N TYR B 98 -13.64 -39.82 82.26
CA TYR B 98 -13.60 -41.28 82.18
C TYR B 98 -13.55 -41.89 83.58
N ASP B 99 -13.51 -43.22 83.64
CA ASP B 99 -13.50 -43.95 84.90
C ASP B 99 -13.05 -45.38 84.66
N TYR B 100 -12.76 -46.08 85.73
CA TYR B 100 -12.39 -47.48 85.63
C TYR B 100 -12.51 -48.17 86.98
N GLY B 101 -12.61 -49.49 86.95
CA GLY B 101 -12.67 -50.30 88.16
C GLY B 101 -11.28 -50.59 88.72
N LEU B 102 -11.27 -51.34 89.82
CA LEU B 102 -10.01 -51.60 90.50
C LEU B 102 -9.23 -52.72 89.84
N GLU B 103 -9.87 -53.85 89.55
CA GLU B 103 -9.19 -54.97 88.92
C GLU B 103 -9.21 -54.89 87.39
N GLU B 104 -9.74 -53.81 86.83
CA GLU B 104 -9.56 -53.51 85.42
C GLU B 104 -8.21 -52.88 85.15
N VAL B 105 -7.90 -51.79 85.87
CA VAL B 105 -6.63 -51.13 85.66
C VAL B 105 -5.47 -52.03 86.06
N ASN B 106 -5.62 -52.85 87.09
CA ASN B 106 -4.52 -53.71 87.51
C ASN B 106 -4.28 -54.83 86.51
N GLN B 107 -5.35 -55.41 85.99
CA GLN B 107 -5.23 -56.40 84.92
C GLN B 107 -4.61 -55.79 83.66
N ALA B 108 -4.94 -54.52 83.36
CA ALA B 108 -4.29 -53.86 82.24
C ALA B 108 -2.81 -53.63 82.51
N ILE B 109 -2.46 -53.27 83.74
CA ILE B 109 -1.06 -53.10 84.15
C ILE B 109 -0.36 -54.43 83.96
N MET B 110 -1.11 -55.53 84.05
CA MET B 110 -0.57 -56.85 83.81
C MET B 110 -0.21 -57.10 82.35
N LEU B 111 -0.72 -56.31 81.41
CA LEU B 111 -0.46 -56.52 79.99
C LEU B 111 0.13 -55.29 79.32
N GLY B 112 0.68 -54.35 80.09
CA GLY B 112 1.32 -53.19 79.51
C GLY B 112 0.42 -52.31 78.67
N MET B 113 -0.72 -51.90 79.21
CA MET B 113 -1.68 -51.12 78.43
C MET B 113 -1.80 -49.66 78.88
N ASN B 114 -1.61 -49.36 80.16
CA ASN B 114 -1.77 -48.00 80.67
C ASN B 114 -3.14 -47.44 80.29
N LEU B 115 -4.17 -48.05 80.85
CA LEU B 115 -5.55 -47.67 80.52
C LEU B 115 -5.87 -46.20 80.70
N PRO B 116 -5.50 -45.54 81.80
CA PRO B 116 -5.80 -44.09 81.90
C PRO B 116 -5.20 -43.27 80.79
N GLY B 117 -3.99 -43.60 80.32
CA GLY B 117 -3.40 -42.82 79.24
C GLY B 117 -4.22 -42.89 77.97
N GLU B 118 -4.69 -44.10 77.62
CA GLU B 118 -5.51 -44.26 76.42
C GLU B 118 -6.85 -43.55 76.57
N LYS B 119 -7.45 -43.63 77.77
CA LYS B 119 -8.70 -42.92 77.98
C LYS B 119 -8.51 -41.41 77.86
N ALA B 120 -7.40 -40.88 78.38
CA ALA B 120 -7.13 -39.45 78.25
C ALA B 120 -6.96 -39.04 76.80
N ASN B 121 -6.21 -39.83 76.03
CA ASN B 121 -6.01 -39.50 74.63
C ASN B 121 -7.33 -39.51 73.87
N LEU B 122 -8.18 -40.51 74.14
CA LEU B 122 -9.47 -40.56 73.47
C LEU B 122 -10.39 -39.43 73.90
N ALA B 123 -10.34 -39.02 75.17
CA ALA B 123 -11.15 -37.89 75.61
C ALA B 123 -10.76 -36.62 74.88
N ARG B 124 -9.46 -36.40 74.70
CA ARG B 124 -9.04 -35.23 73.92
C ARG B 124 -9.54 -35.31 72.49
N LEU B 125 -9.47 -36.49 71.88
CA LEU B 125 -9.95 -36.63 70.50
C LEU B 125 -11.43 -36.28 70.39
N VAL B 126 -12.26 -36.81 71.30
CA VAL B 126 -13.68 -36.51 71.27
C VAL B 126 -13.95 -35.03 71.57
N TYR B 127 -13.10 -34.40 72.38
CA TYR B 127 -13.17 -32.96 72.58
C TYR B 127 -13.06 -32.20 71.27
N GLU B 128 -12.02 -32.48 70.49
CA GLU B 128 -11.89 -31.78 69.20
C GLU B 128 -13.05 -32.10 68.27
N ARG B 129 -13.54 -33.34 68.31
CA ARG B 129 -14.71 -33.69 67.51
C ARG B 129 -15.88 -32.77 67.83
N MET B 130 -16.15 -32.56 69.12
CA MET B 130 -17.29 -31.73 69.51
C MET B 130 -17.08 -30.29 69.06
N VAL B 131 -15.85 -29.78 69.20
CA VAL B 131 -15.58 -28.41 68.76
C VAL B 131 -15.86 -28.25 67.27
N ASP B 132 -15.39 -29.21 66.46
CA ASP B 132 -15.65 -29.17 65.03
C ASP B 132 -17.15 -29.16 64.72
N ARG B 133 -17.90 -30.05 65.38
CA ARG B 133 -19.33 -30.11 65.11
C ARG B 133 -20.02 -28.80 65.47
N VAL B 134 -19.62 -28.19 66.60
CA VAL B 134 -20.21 -26.92 66.97
C VAL B 134 -19.90 -25.84 65.94
N ALA B 135 -18.66 -25.80 65.47
CA ALA B 135 -18.27 -24.73 64.56
C ALA B 135 -18.97 -24.85 63.22
N PHE B 136 -19.18 -26.06 62.71
CA PHE B 136 -19.71 -26.17 61.35
C PHE B 136 -21.19 -26.52 61.26
N THR B 137 -21.80 -27.13 62.28
CA THR B 137 -23.23 -27.41 62.23
C THR B 137 -24.00 -26.87 63.42
N GLY B 138 -23.34 -26.25 64.39
CA GLY B 138 -24.03 -25.69 65.52
C GLY B 138 -24.33 -26.72 66.58
N ASP B 139 -25.17 -26.31 67.54
CA ASP B 139 -25.56 -27.19 68.63
C ASP B 139 -27.05 -27.48 68.66
N ALA B 140 -27.89 -26.56 68.18
CA ALA B 140 -29.33 -26.72 68.08
C ALA B 140 -29.99 -26.94 69.44
N GLU B 141 -29.29 -26.67 70.54
CA GLU B 141 -29.86 -26.80 71.87
C GLU B 141 -29.64 -25.48 72.62
N LYS B 142 -28.51 -24.84 72.37
CA LYS B 142 -28.25 -23.51 72.87
C LYS B 142 -28.37 -22.44 71.80
N ASP B 143 -29.10 -22.71 70.72
CA ASP B 143 -29.26 -21.78 69.60
C ASP B 143 -27.91 -21.39 69.02
N PHE B 144 -27.10 -22.40 68.72
CA PHE B 144 -25.81 -22.21 68.06
C PHE B 144 -26.01 -22.54 66.58
N LYS B 145 -25.85 -21.54 65.72
CA LYS B 145 -26.03 -21.72 64.29
C LYS B 145 -24.66 -21.91 63.63
N GLY B 146 -24.55 -22.94 62.81
CA GLY B 146 -23.29 -23.24 62.17
C GLY B 146 -23.06 -22.46 60.90
N LEU B 147 -21.84 -22.61 60.36
CA LEU B 147 -21.49 -21.94 59.12
C LEU B 147 -22.23 -22.50 57.91
N PHE B 148 -22.69 -23.75 57.98
CA PHE B 148 -23.31 -24.41 56.83
C PHE B 148 -24.84 -24.38 56.88
N ASN B 149 -25.43 -23.98 58.00
CA ASN B 149 -26.88 -24.02 58.13
C ASN B 149 -27.48 -22.74 58.70
N ASN B 150 -26.70 -21.66 58.77
CA ASN B 150 -27.17 -20.44 59.39
C ASN B 150 -28.40 -19.89 58.66
N GLY B 151 -29.31 -19.31 59.42
CA GLY B 151 -30.57 -18.85 58.85
C GLY B 151 -30.68 -17.34 58.74
N ALA B 152 -29.55 -16.67 58.53
CA ALA B 152 -29.56 -15.24 58.28
C ALA B 152 -28.84 -14.88 56.99
N VAL B 153 -28.24 -15.83 56.30
CA VAL B 153 -27.53 -15.58 55.07
C VAL B 153 -28.40 -16.01 53.90
N THR B 154 -28.15 -15.40 52.75
CA THR B 154 -28.99 -15.61 51.57
C THR B 154 -28.49 -16.82 50.78
N ALA B 155 -29.42 -17.64 50.33
CA ALA B 155 -29.14 -18.84 49.56
C ALA B 155 -29.87 -18.75 48.23
N VAL B 156 -29.12 -18.78 47.14
CA VAL B 156 -29.70 -18.75 45.80
C VAL B 156 -29.34 -20.04 45.07
N SER B 157 -30.17 -20.38 44.10
CA SER B 157 -29.92 -21.55 43.27
C SER B 157 -28.99 -21.22 42.13
N ALA B 158 -28.33 -22.25 41.61
CA ALA B 158 -27.45 -22.06 40.48
C ALA B 158 -28.28 -21.82 39.21
N THR B 159 -27.59 -21.39 38.14
CA THR B 159 -28.26 -21.08 36.88
C THR B 159 -28.29 -22.34 36.01
N THR B 160 -29.17 -23.26 36.39
CA THR B 160 -29.45 -24.49 35.63
C THR B 160 -28.20 -25.33 35.43
N GLY B 161 -27.35 -25.43 36.46
CA GLY B 161 -26.13 -26.21 36.34
C GLY B 161 -26.08 -27.41 37.27
N ASN B 162 -25.81 -28.58 36.70
CA ASN B 162 -25.66 -29.82 37.45
C ASN B 162 -24.21 -30.26 37.56
N TRP B 163 -23.34 -29.80 36.65
CA TRP B 163 -21.91 -30.05 36.58
C TRP B 163 -21.59 -31.48 36.18
N ALA B 164 -22.59 -32.31 35.93
CA ALA B 164 -22.43 -33.55 35.18
C ALA B 164 -23.24 -33.38 33.90
N SER B 165 -22.62 -33.73 32.77
CA SER B 165 -23.17 -33.43 31.45
C SER B 165 -23.36 -31.94 31.25
N ALA B 166 -22.47 -31.14 31.84
CA ALA B 166 -22.46 -29.70 31.66
C ALA B 166 -21.12 -29.28 31.08
N THR B 167 -21.15 -28.41 30.07
CA THR B 167 -19.94 -27.95 29.42
C THR B 167 -19.25 -26.88 30.25
N ALA B 168 -18.03 -26.53 29.82
CA ALA B 168 -17.19 -25.63 30.63
C ALA B 168 -17.81 -24.25 30.78
N ASP B 169 -18.57 -23.78 29.79
CA ASP B 169 -19.19 -22.47 29.90
C ASP B 169 -20.15 -22.42 31.09
N GLN B 170 -20.98 -23.46 31.23
CA GLN B 170 -21.89 -23.50 32.37
C GLN B 170 -21.13 -23.53 33.68
N ILE B 171 -20.03 -24.29 33.73
CA ILE B 171 -19.25 -24.38 34.96
C ILE B 171 -18.72 -23.01 35.34
N LEU B 172 -18.12 -22.30 34.38
CA LEU B 172 -17.56 -20.99 34.68
C LEU B 172 -18.64 -20.00 35.07
N ALA B 173 -19.78 -20.02 34.39
CA ALA B 173 -20.86 -19.10 34.73
C ALA B 173 -21.37 -19.36 36.14
N ASP B 174 -21.58 -20.64 36.49
CA ASP B 174 -22.05 -20.96 37.83
C ASP B 174 -21.05 -20.55 38.89
N PHE B 175 -19.75 -20.76 38.62
CA PHE B 175 -18.76 -20.38 39.63
C PHE B 175 -18.74 -18.87 39.84
N ASN B 176 -18.70 -18.09 38.76
CA ASN B 176 -18.63 -16.65 38.92
C ASN B 176 -19.93 -16.05 39.40
N LEU B 177 -21.04 -16.80 39.31
CA LEU B 177 -22.32 -16.31 39.80
C LEU B 177 -22.27 -16.00 41.28
N GLY B 178 -21.65 -16.86 42.08
CA GLY B 178 -21.57 -16.61 43.51
C GLY B 178 -20.81 -15.35 43.84
N ILE B 179 -19.65 -15.16 43.20
CA ILE B 179 -18.82 -13.98 43.48
C ILE B 179 -19.56 -12.72 43.09
N THR B 180 -20.16 -12.70 41.89
CA THR B 180 -20.87 -11.51 41.44
C THR B 180 -22.08 -11.23 42.31
N GLY B 181 -22.80 -12.27 42.73
CA GLY B 181 -23.95 -12.08 43.59
C GLY B 181 -23.58 -11.52 44.95
N LEU B 182 -22.51 -12.05 45.55
CA LEU B 182 -22.06 -11.49 46.83
C LEU B 182 -21.64 -10.03 46.66
N TRP B 183 -20.92 -9.71 45.58
CA TRP B 183 -20.50 -8.34 45.37
C TRP B 183 -21.70 -7.42 45.22
N SER B 184 -22.72 -7.85 44.48
CA SER B 184 -23.87 -6.97 44.26
C SER B 184 -24.78 -6.90 45.47
N ALA B 185 -24.71 -7.89 46.37
CA ALA B 185 -25.54 -7.84 47.57
C ALA B 185 -25.01 -6.79 48.56
N THR B 186 -23.70 -6.62 48.62
CA THR B 186 -23.10 -5.60 49.46
C THR B 186 -23.03 -4.26 48.76
N ASN B 187 -23.95 -4.01 47.82
CA ASN B 187 -24.01 -2.79 47.04
C ASN B 187 -22.67 -2.49 46.39
N GLU B 188 -22.07 -3.51 45.77
CA GLU B 188 -20.85 -3.38 44.99
C GLU B 188 -19.67 -2.85 45.80
N MET B 189 -19.55 -3.26 47.07
CA MET B 189 -18.48 -2.72 47.91
C MET B 189 -17.44 -3.75 48.36
N VAL B 190 -17.74 -5.05 48.32
CA VAL B 190 -16.77 -6.05 48.76
C VAL B 190 -16.99 -7.36 48.02
N TYR B 191 -15.90 -8.05 47.71
CA TYR B 191 -15.89 -9.31 47.00
C TYR B 191 -15.64 -10.47 47.96
N ALA B 192 -15.83 -11.69 47.45
CA ALA B 192 -15.61 -12.90 48.22
C ALA B 192 -14.14 -13.30 48.13
N ASP B 193 -13.58 -13.75 49.26
CA ASP B 193 -12.19 -14.18 49.30
C ASP B 193 -12.04 -15.68 49.18
N THR B 194 -12.94 -16.45 49.80
CA THR B 194 -12.80 -17.90 49.86
C THR B 194 -14.08 -18.56 49.40
N VAL B 195 -13.92 -19.71 48.75
CA VAL B 195 -14.99 -20.53 48.25
C VAL B 195 -14.84 -21.94 48.83
N LEU B 196 -15.90 -22.46 49.39
CA LEU B 196 -15.94 -23.84 49.89
C LEU B 196 -16.93 -24.60 49.02
N LEU B 197 -16.42 -25.52 48.21
CA LEU B 197 -17.16 -26.42 47.37
C LEU B 197 -17.10 -27.83 47.95
N PRO B 198 -18.12 -28.65 47.71
CA PRO B 198 -18.01 -30.06 48.10
C PRO B 198 -16.88 -30.73 47.33
N SER B 199 -16.29 -31.74 47.96
CA SER B 199 -15.07 -32.35 47.43
C SER B 199 -15.29 -32.94 46.04
N ALA B 200 -16.43 -33.59 45.84
CA ALA B 200 -16.72 -34.21 44.55
C ALA B 200 -16.74 -33.18 43.42
N LYS B 201 -17.36 -32.03 43.66
CA LYS B 201 -17.41 -31.00 42.63
C LYS B 201 -16.04 -30.40 42.37
N HIS B 202 -15.23 -30.25 43.40
CA HIS B 202 -13.84 -29.85 43.21
C HIS B 202 -13.08 -30.82 42.33
N GLN B 203 -13.31 -32.13 42.51
CA GLN B 203 -12.71 -33.12 41.62
C GLN B 203 -13.20 -32.93 40.18
N ILE B 204 -14.51 -32.74 40.02
CA ILE B 204 -15.08 -32.58 38.68
C ILE B 204 -14.42 -31.41 37.96
N ILE B 205 -14.21 -30.32 38.69
CA ILE B 205 -13.57 -29.14 38.09
C ILE B 205 -12.09 -29.41 37.80
N ALA B 206 -11.38 -30.03 38.73
CA ALA B 206 -9.95 -30.22 38.56
C ALA B 206 -9.60 -31.28 37.52
N SER B 207 -10.54 -32.13 37.13
CA SER B 207 -10.27 -33.14 36.11
C SER B 207 -10.70 -32.72 34.72
N LYS B 208 -11.69 -31.83 34.60
CA LYS B 208 -12.16 -31.42 33.28
C LYS B 208 -11.15 -30.52 32.60
N ARG B 209 -11.18 -30.51 31.28
CA ARG B 209 -10.28 -29.73 30.45
C ARG B 209 -11.01 -28.51 29.91
N LEU B 210 -10.24 -27.47 29.60
CA LEU B 210 -10.82 -26.16 29.31
C LEU B 210 -11.64 -26.18 28.02
N GLY B 211 -11.04 -26.63 26.93
CA GLY B 211 -11.72 -26.62 25.65
C GLY B 211 -11.50 -27.87 24.83
N ASN B 212 -11.94 -27.85 23.58
CA ASN B 212 -11.81 -29.02 22.72
C ASN B 212 -10.38 -29.23 22.26
N GLU B 213 -9.58 -28.16 22.23
CA GLU B 213 -8.19 -28.25 21.84
C GLU B 213 -7.25 -27.47 22.76
N ALA B 214 -7.67 -27.21 24.00
CA ALA B 214 -6.87 -26.44 24.94
C ALA B 214 -6.07 -27.37 25.84
N THR B 215 -4.96 -26.85 26.35
CA THR B 215 -4.11 -27.60 27.26
C THR B 215 -4.24 -27.13 28.70
N GLU B 216 -5.30 -26.42 29.03
CA GLU B 216 -5.53 -25.91 30.37
C GLU B 216 -6.72 -26.63 31.00
N THR B 217 -6.77 -26.57 32.32
CA THR B 217 -7.86 -27.14 33.09
C THR B 217 -8.70 -26.00 33.67
N VAL B 218 -9.98 -26.26 33.87
CA VAL B 218 -10.93 -25.25 34.33
C VAL B 218 -10.42 -24.65 35.64
N LEU B 219 -9.82 -25.47 36.49
CA LEU B 219 -9.29 -24.97 37.76
C LEU B 219 -8.14 -24.00 37.53
N GLN B 220 -7.16 -24.39 36.72
CA GLN B 220 -5.99 -23.54 36.52
C GLN B 220 -6.30 -22.26 35.75
N PHE B 221 -7.43 -22.20 35.06
CA PHE B 221 -7.87 -20.96 34.43
C PHE B 221 -8.69 -20.11 35.38
N LEU B 222 -9.64 -20.70 36.09
CA LEU B 222 -10.40 -20.01 37.12
C LEU B 222 -9.52 -19.54 38.26
N GLN B 223 -8.35 -20.18 38.44
CA GLN B 223 -7.42 -19.76 39.48
C GLN B 223 -6.79 -18.41 39.16
N ARG B 224 -6.77 -18.02 37.89
CA ARG B 224 -6.11 -16.78 37.48
C ARG B 224 -7.02 -15.86 36.69
N ALA B 225 -8.29 -16.23 36.50
CA ALA B 225 -9.21 -15.41 35.72
C ALA B 225 -10.61 -15.31 36.31
N ASN B 226 -10.81 -15.64 37.58
CA ASN B 226 -12.08 -15.37 38.21
C ASN B 226 -12.23 -13.87 38.41
N VAL B 227 -13.42 -13.44 38.85
CA VAL B 227 -13.68 -12.02 38.99
C VAL B 227 -12.74 -11.40 40.02
N TYR B 228 -12.56 -12.06 41.17
CA TYR B 228 -11.74 -11.52 42.24
C TYR B 228 -10.29 -11.36 41.80
N THR B 229 -9.69 -12.42 41.27
CA THR B 229 -8.29 -12.34 40.86
C THR B 229 -8.12 -11.54 39.57
N ALA B 230 -9.21 -11.28 38.85
CA ALA B 230 -9.11 -10.44 37.67
C ALA B 230 -9.05 -8.96 38.04
N GLU B 231 -9.97 -8.52 38.90
CA GLU B 231 -10.02 -7.10 39.23
C GLU B 231 -8.85 -6.66 40.10
N THR B 232 -8.45 -7.50 41.05
CA THR B 232 -7.27 -7.24 41.86
C THR B 232 -6.17 -8.23 41.49
N GLY B 233 -5.06 -8.15 42.19
CA GLY B 233 -3.98 -9.11 41.99
C GLY B 233 -3.97 -10.25 42.96
N ARG B 234 -4.91 -10.28 43.90
CA ARG B 234 -4.85 -11.24 44.98
C ARG B 234 -5.44 -12.58 44.57
N PRO B 235 -4.84 -13.68 45.03
CA PRO B 235 -5.35 -15.00 44.68
C PRO B 235 -6.65 -15.31 45.41
N LEU B 236 -7.36 -16.29 44.86
CA LEU B 236 -8.56 -16.82 45.46
C LEU B 236 -8.26 -18.23 45.99
N THR B 237 -8.87 -18.58 47.11
CA THR B 237 -8.67 -19.88 47.72
C THR B 237 -9.92 -20.73 47.54
N ILE B 238 -9.73 -21.94 47.03
CA ILE B 238 -10.82 -22.87 46.78
C ILE B 238 -10.53 -24.16 47.55
N ARG B 239 -11.54 -24.69 48.22
CA ARG B 239 -11.36 -25.84 49.10
C ARG B 239 -12.45 -26.87 48.88
N GLY B 240 -12.16 -28.11 49.24
CA GLY B 240 -13.12 -29.19 49.25
C GLY B 240 -13.50 -29.54 50.68
N MET B 241 -14.79 -29.68 50.92
CA MET B 241 -15.31 -30.00 52.25
C MET B 241 -15.99 -31.36 52.22
N ARG B 242 -16.50 -31.77 53.38
CA ARG B 242 -17.14 -33.07 53.53
C ARG B 242 -18.62 -33.01 53.79
N GLY B 243 -19.12 -32.00 54.49
CA GLY B 243 -20.52 -32.01 54.90
C GLY B 243 -21.45 -31.21 54.02
N LEU B 244 -21.09 -31.01 52.75
CA LEU B 244 -21.85 -30.14 51.87
C LEU B 244 -22.59 -30.90 50.78
N ASN B 245 -22.75 -32.22 50.92
CA ASN B 245 -23.34 -32.99 49.84
C ASN B 245 -24.85 -32.81 49.75
N THR B 246 -25.54 -32.76 50.90
CA THR B 246 -27.00 -32.65 50.89
C THR B 246 -27.52 -31.48 51.70
N ALA B 247 -26.66 -30.57 52.14
CA ALA B 247 -27.14 -29.34 52.77
C ALA B 247 -27.73 -28.48 51.66
N GLY B 248 -29.06 -28.47 51.56
CA GLY B 248 -29.68 -27.68 50.52
C GLY B 248 -31.13 -27.41 50.83
N ALA B 249 -31.75 -26.58 49.99
CA ALA B 249 -33.17 -26.33 50.13
C ALA B 249 -33.96 -27.64 50.02
N GLY B 250 -33.56 -28.51 49.10
CA GLY B 250 -34.26 -29.76 48.91
C GLY B 250 -33.36 -30.97 48.93
N GLY B 251 -32.38 -30.98 49.82
CA GLY B 251 -31.42 -32.07 49.87
C GLY B 251 -30.49 -32.11 48.67
N VAL B 252 -29.91 -30.96 48.34
CA VAL B 252 -29.01 -30.81 47.20
C VAL B 252 -27.77 -30.07 47.69
N SER B 253 -26.67 -30.25 46.96
CA SER B 253 -25.36 -29.80 47.44
C SER B 253 -25.31 -28.29 47.61
N ARG B 254 -24.53 -27.84 48.59
CA ARG B 254 -24.35 -26.43 48.88
C ARG B 254 -22.90 -26.03 48.76
N SER B 255 -22.67 -24.81 48.29
CA SER B 255 -21.35 -24.20 48.31
C SER B 255 -21.44 -22.84 48.99
N VAL B 256 -20.35 -22.43 49.62
CA VAL B 256 -20.33 -21.24 50.47
C VAL B 256 -19.26 -20.29 49.98
N PHE B 257 -19.65 -19.05 49.70
CA PHE B 257 -18.72 -17.98 49.35
C PHE B 257 -18.68 -16.99 50.51
N TYR B 258 -17.48 -16.65 50.99
CA TYR B 258 -17.40 -15.69 52.07
C TYR B 258 -16.03 -15.03 52.10
N ARG B 259 -15.84 -14.14 53.06
CA ARG B 259 -14.67 -13.26 53.08
C ARG B 259 -13.55 -13.75 53.99
N ASN B 260 -13.84 -14.52 55.04
CA ASN B 260 -12.82 -15.07 55.93
C ASN B 260 -11.99 -13.97 56.57
N SER B 261 -12.66 -13.11 57.33
CA SER B 261 -11.99 -12.08 58.11
C SER B 261 -12.46 -12.13 59.55
N PRO B 262 -11.59 -11.83 60.51
CA PRO B 262 -12.00 -11.94 61.93
C PRO B 262 -13.13 -11.02 62.32
N GLU B 263 -13.45 -10.01 61.51
CA GLU B 263 -14.58 -9.13 61.78
C GLU B 263 -15.88 -9.59 61.12
N VAL B 264 -15.85 -10.67 60.37
CA VAL B 264 -17.05 -11.26 59.78
C VAL B 264 -17.49 -12.49 60.57
N LEU B 265 -16.54 -13.37 60.89
CA LEU B 265 -16.80 -14.58 61.66
C LEU B 265 -16.00 -14.49 62.96
N LYS B 266 -16.50 -15.17 63.99
CA LYS B 266 -15.73 -15.24 65.23
C LYS B 266 -16.20 -16.40 66.09
N MET B 267 -15.26 -17.18 66.59
CA MET B 267 -15.54 -18.19 67.59
C MET B 267 -14.59 -17.98 68.77
N HIS B 268 -15.15 -17.97 69.98
CA HIS B 268 -14.39 -17.69 71.19
C HIS B 268 -14.23 -18.97 71.99
N ILE B 269 -12.99 -19.34 72.29
CA ILE B 269 -12.70 -20.53 73.11
C ILE B 269 -11.80 -20.10 74.26
N PRO B 270 -12.36 -19.66 75.39
CA PRO B 270 -11.52 -19.16 76.49
C PRO B 270 -10.75 -20.24 77.22
N MET B 271 -11.36 -21.38 77.49
CA MET B 271 -10.72 -22.44 78.27
C MET B 271 -10.70 -23.75 77.49
N ARG B 272 -9.53 -24.33 77.34
CA ARG B 272 -9.34 -25.60 76.66
C ARG B 272 -9.55 -26.75 77.64
N HIS B 273 -9.22 -27.96 77.21
CA HIS B 273 -9.55 -29.16 77.97
C HIS B 273 -8.63 -29.32 79.16
N ARG B 274 -9.21 -29.62 80.32
CA ARG B 274 -8.49 -29.78 81.58
C ARG B 274 -8.94 -31.05 82.28
N PHE B 275 -8.01 -31.67 83.00
CA PHE B 275 -8.27 -32.89 83.75
C PHE B 275 -8.19 -32.57 85.24
N LEU B 276 -9.28 -32.85 85.95
CA LEU B 276 -9.36 -32.62 87.38
C LEU B 276 -8.84 -33.83 88.14
N PRO B 277 -8.59 -33.70 89.45
CA PRO B 277 -8.06 -34.85 90.21
C PRO B 277 -9.03 -36.01 90.26
N VAL B 278 -8.49 -37.16 90.66
CA VAL B 278 -9.24 -38.42 90.69
C VAL B 278 -10.08 -38.49 91.95
N GLN B 279 -11.25 -39.10 91.85
CA GLN B 279 -12.09 -39.39 93.01
C GLN B 279 -12.37 -40.87 93.05
N VAL B 280 -12.53 -41.40 94.27
CA VAL B 280 -12.70 -42.84 94.47
C VAL B 280 -14.00 -43.09 95.19
N VAL B 281 -14.76 -44.08 94.72
CA VAL B 281 -15.98 -44.51 95.40
C VAL B 281 -16.01 -46.03 95.30
N GLY B 282 -15.80 -46.71 96.42
CA GLY B 282 -16.01 -48.14 96.53
C GLY B 282 -15.55 -48.96 95.34
N LEU B 283 -14.24 -48.97 95.09
CA LEU B 283 -13.62 -49.75 94.02
C LEU B 283 -14.00 -49.26 92.62
N THR B 284 -14.30 -47.97 92.46
CA THR B 284 -14.35 -47.38 91.13
C THR B 284 -13.73 -45.99 91.18
N TYR B 285 -12.88 -45.69 90.19
CA TYR B 285 -12.17 -44.42 90.10
C TYR B 285 -12.80 -43.58 89.00
N LYS B 286 -13.08 -42.32 89.32
CA LYS B 286 -13.71 -41.38 88.40
C LYS B 286 -12.76 -40.21 88.18
N VAL B 287 -12.58 -39.80 86.94
CA VAL B 287 -11.74 -38.66 86.58
C VAL B 287 -12.55 -37.74 85.69
N PRO B 288 -12.90 -36.54 86.15
CA PRO B 288 -13.67 -35.62 85.31
C PRO B 288 -12.79 -34.67 84.50
N GLY B 289 -13.37 -34.05 83.48
CA GLY B 289 -12.64 -33.08 82.66
C GLY B 289 -13.59 -32.03 82.13
N ILE B 290 -13.08 -30.82 82.01
CA ILE B 290 -13.92 -29.66 81.70
C ILE B 290 -13.25 -28.79 80.65
N PHE B 291 -14.07 -28.03 79.93
CA PHE B 291 -13.62 -27.00 79.00
C PHE B 291 -14.80 -26.07 78.77
N ARG B 292 -14.57 -24.97 78.07
CA ARG B 292 -15.67 -24.03 77.80
C ARG B 292 -15.40 -23.25 76.54
N LEU B 293 -16.49 -22.88 75.86
CA LEU B 293 -16.40 -22.27 74.54
C LEU B 293 -17.69 -21.53 74.24
N GLY B 294 -17.70 -20.82 73.11
CA GLY B 294 -18.88 -20.13 72.63
C GLY B 294 -19.13 -20.41 71.16
N GLY B 295 -20.37 -20.22 70.71
CA GLY B 295 -20.73 -20.59 69.36
C GLY B 295 -20.17 -19.63 68.31
N LEU B 296 -20.35 -20.02 67.05
CA LEU B 296 -19.82 -19.25 65.93
C LEU B 296 -20.74 -18.07 65.63
N ASP B 297 -20.20 -16.86 65.73
CA ASP B 297 -20.94 -15.65 65.46
C ASP B 297 -20.63 -15.14 64.05
N ILE B 298 -21.67 -14.94 63.26
CA ILE B 298 -21.57 -14.39 61.91
C ILE B 298 -22.10 -12.97 62.00
N ARG B 299 -21.20 -12.00 62.23
CA ARG B 299 -21.64 -10.63 62.48
C ARG B 299 -22.18 -9.97 61.22
N LEU B 300 -21.46 -10.12 60.11
CA LEU B 300 -21.86 -9.52 58.84
C LEU B 300 -22.45 -10.61 57.95
N PRO B 301 -23.76 -10.81 57.95
CA PRO B 301 -24.35 -11.91 57.17
C PRO B 301 -24.56 -11.59 55.71
N LYS B 302 -24.34 -10.35 55.27
CA LYS B 302 -24.36 -10.06 53.84
C LYS B 302 -23.07 -10.46 53.16
N GLU B 303 -22.01 -10.75 53.92
CA GLU B 303 -20.73 -11.16 53.36
C GLU B 303 -20.54 -12.66 53.39
N VAL B 304 -21.63 -13.42 53.53
CA VAL B 304 -21.63 -14.88 53.40
C VAL B 304 -22.79 -15.26 52.49
N ARG B 305 -22.53 -16.13 51.52
CA ARG B 305 -23.47 -16.43 50.45
C ARG B 305 -23.54 -17.93 50.24
N TYR B 306 -24.76 -18.45 50.05
CA TYR B 306 -24.97 -19.87 49.77
C TYR B 306 -25.43 -20.04 48.33
N VAL B 307 -24.80 -20.97 47.61
CA VAL B 307 -25.23 -21.33 46.26
C VAL B 307 -25.57 -22.81 46.26
N ASP B 308 -26.81 -23.12 45.90
CA ASP B 308 -27.33 -24.48 45.97
C ASP B 308 -27.45 -25.08 44.58
N GLY B 309 -27.33 -26.40 44.51
CA GLY B 309 -27.65 -27.14 43.32
C GLY B 309 -26.51 -27.39 42.36
N TYR B 310 -25.28 -27.11 42.76
CA TYR B 310 -24.13 -27.43 41.90
C TYR B 310 -24.07 -28.91 41.64
N MET C 11 8.99 -82.62 16.72
CA MET C 11 9.07 -82.59 18.17
C MET C 11 9.45 -83.97 18.69
N GLN C 12 10.68 -84.40 18.40
CA GLN C 12 11.12 -85.71 18.82
C GLN C 12 11.81 -85.62 20.17
N ALA C 13 11.63 -86.65 20.99
CA ALA C 13 12.15 -86.67 22.35
C ALA C 13 13.24 -87.71 22.55
N ASN C 14 14.14 -87.88 21.59
CA ASN C 14 15.02 -89.03 21.57
C ASN C 14 16.47 -88.73 21.91
N PHE C 15 16.78 -87.49 22.33
CA PHE C 15 18.15 -87.11 22.67
C PHE C 15 19.12 -87.29 21.51
N GLY C 16 18.62 -87.66 20.33
CA GLY C 16 19.50 -88.09 19.27
C GLY C 16 19.15 -87.54 17.90
N PHE C 17 20.15 -87.02 17.22
CA PHE C 17 20.00 -86.49 15.87
C PHE C 17 21.14 -87.04 15.03
N VAL C 18 20.87 -87.31 13.76
CA VAL C 18 21.90 -87.70 12.81
C VAL C 18 22.33 -86.45 12.05
N THR C 19 23.64 -86.21 12.00
CA THR C 19 24.19 -85.06 11.30
C THR C 19 24.81 -85.50 9.99
N SER C 20 24.36 -84.90 8.89
CA SER C 20 24.93 -85.20 7.59
C SER C 20 26.38 -84.75 7.54
N GLN C 21 27.18 -85.47 6.75
CA GLN C 21 28.60 -85.17 6.65
C GLN C 21 28.85 -83.86 5.90
N THR C 22 27.97 -83.49 4.98
CA THR C 22 28.05 -82.20 4.29
C THR C 22 26.99 -81.29 4.88
N ALA C 23 27.32 -80.68 6.02
CA ALA C 23 26.35 -79.87 6.74
C ALA C 23 27.02 -78.98 7.78
N TYR C 24 26.58 -77.73 7.85
CA TYR C 24 27.05 -76.77 8.82
C TYR C 24 26.00 -76.56 9.91
N VAL C 25 26.45 -76.46 11.16
CA VAL C 25 25.57 -76.44 12.31
C VAL C 25 25.71 -75.10 13.02
N GLU C 26 24.60 -74.39 13.18
CA GLU C 26 24.60 -73.15 13.95
C GLU C 26 24.83 -73.45 15.42
N ALA C 27 25.56 -72.56 16.10
CA ALA C 27 26.10 -72.85 17.42
C ALA C 27 25.06 -72.74 18.54
N GLY C 28 23.99 -71.98 18.37
CA GLY C 28 23.03 -71.75 19.43
C GLY C 28 21.81 -72.63 19.30
N VAL C 29 21.21 -72.97 20.43
CA VAL C 29 19.94 -73.70 20.45
C VAL C 29 18.91 -72.80 21.10
N TYR C 30 17.77 -72.64 20.45
CA TYR C 30 16.79 -71.63 20.76
C TYR C 30 15.67 -72.20 21.62
N ARG C 31 15.29 -71.47 22.67
CA ARG C 31 14.24 -71.89 23.59
C ARG C 31 12.99 -71.08 23.36
N MET C 32 11.84 -71.76 23.39
CA MET C 32 10.56 -71.09 23.17
C MET C 32 10.31 -70.07 24.28
N ARG C 33 9.60 -69.00 23.93
CA ARG C 33 9.39 -67.87 24.82
C ARG C 33 8.06 -67.97 25.56
N TYR C 34 8.05 -67.48 26.79
CA TYR C 34 6.86 -67.35 27.60
C TYR C 34 6.84 -65.97 28.22
N PRO C 35 5.66 -65.45 28.56
CA PRO C 35 5.58 -64.05 29.04
C PRO C 35 6.31 -63.87 30.36
N GLU C 36 6.41 -62.62 30.78
CA GLU C 36 7.15 -62.29 31.99
C GLU C 36 6.32 -62.60 33.24
N ILE C 37 6.90 -62.29 34.41
CA ILE C 37 6.39 -62.84 35.66
C ILE C 37 5.46 -61.85 36.36
N ARG C 38 5.79 -60.56 36.32
CA ARG C 38 4.92 -59.41 36.58
C ARG C 38 4.41 -59.29 38.01
N TYR C 39 4.63 -60.27 38.89
CA TYR C 39 4.15 -60.03 40.25
C TYR C 39 5.11 -59.20 41.11
N PRO C 40 6.43 -59.40 41.05
CA PRO C 40 7.32 -58.61 41.91
C PRO C 40 7.20 -57.12 41.63
N GLY C 41 7.00 -56.34 42.68
CA GLY C 41 6.84 -54.91 42.57
C GLY C 41 5.42 -54.41 42.49
N LEU C 42 4.44 -55.29 42.36
CA LEU C 42 3.04 -54.93 42.35
C LEU C 42 2.26 -55.49 43.53
N ILE C 43 2.68 -56.64 44.05
CA ILE C 43 2.04 -57.29 45.19
C ILE C 43 3.06 -57.35 46.32
N PRO C 44 2.79 -56.75 47.47
CA PRO C 44 3.74 -56.86 48.59
C PRO C 44 3.73 -58.26 49.19
N VAL C 45 4.91 -58.87 49.28
CA VAL C 45 5.07 -60.25 49.72
C VAL C 45 6.13 -60.27 50.81
N ASP C 46 5.87 -61.00 51.89
CA ASP C 46 6.86 -61.20 52.94
C ASP C 46 7.15 -62.69 53.13
N TYR C 47 8.33 -62.97 53.69
CA TYR C 47 8.81 -64.34 53.88
C TYR C 47 9.25 -64.60 55.31
N SER C 48 8.53 -64.06 56.30
CA SER C 48 9.00 -64.06 57.68
C SER C 48 8.39 -65.16 58.54
N ALA C 49 7.33 -65.82 58.09
CA ALA C 49 6.70 -66.84 58.90
C ALA C 49 7.62 -68.05 59.06
N PRO C 50 7.48 -68.80 60.16
CA PRO C 50 8.39 -69.93 60.41
C PRO C 50 8.05 -71.22 59.68
N GLU C 51 7.67 -71.10 58.41
CA GLU C 51 7.67 -72.21 57.45
C GLU C 51 6.67 -73.33 57.71
N TRP C 52 5.97 -73.33 58.84
CA TRP C 52 5.09 -74.45 59.11
C TRP C 52 3.79 -74.08 59.82
N ILE C 53 3.33 -72.85 59.68
CA ILE C 53 2.09 -72.43 60.31
C ILE C 53 0.95 -72.59 59.32
N LYS C 54 -0.27 -72.72 59.83
CA LYS C 54 -1.44 -72.81 58.96
C LYS C 54 -2.42 -71.66 59.16
N THR C 55 -2.13 -70.70 60.02
CA THR C 55 -2.95 -69.50 60.17
C THR C 55 -2.08 -68.29 60.47
N VAL C 56 -2.64 -67.11 60.20
CA VAL C 56 -2.02 -65.82 60.46
C VAL C 56 -3.09 -64.89 61.01
N ASP C 57 -2.75 -64.15 62.07
CA ASP C 57 -3.72 -63.36 62.82
C ASP C 57 -3.32 -61.90 62.88
N TYR C 58 -4.32 -61.01 62.85
CA TYR C 58 -4.07 -59.58 62.98
C TYR C 58 -5.21 -58.91 63.76
N TYR C 59 -4.88 -57.75 64.33
CA TYR C 59 -5.68 -57.10 65.36
C TYR C 59 -6.18 -55.73 64.92
N SER C 60 -7.26 -55.27 65.55
CA SER C 60 -7.71 -53.90 65.37
C SER C 60 -8.46 -53.45 66.63
N MET C 61 -8.55 -52.14 66.82
CA MET C 61 -9.15 -51.58 68.03
C MET C 61 -9.96 -50.34 67.69
N ASP C 62 -10.88 -49.99 68.58
CA ASP C 62 -11.74 -48.82 68.37
C ASP C 62 -12.27 -48.36 69.72
N GLY C 63 -12.95 -47.21 69.70
CA GLY C 63 -13.50 -46.65 70.92
C GLY C 63 -14.57 -45.62 70.64
N VAL C 64 -15.41 -45.37 71.64
CA VAL C 64 -16.55 -44.47 71.49
C VAL C 64 -16.68 -43.58 72.73
N GLY C 65 -17.40 -42.48 72.55
CA GLY C 65 -17.63 -41.53 73.62
C GLY C 65 -18.47 -40.36 73.12
N LYS C 66 -18.83 -39.48 74.06
CA LYS C 66 -19.69 -38.35 73.75
C LYS C 66 -19.53 -37.26 74.81
N ALA C 67 -19.53 -36.00 74.36
CA ALA C 67 -19.40 -34.85 75.22
C ALA C 67 -20.75 -34.14 75.38
N GLU C 68 -20.93 -33.49 76.53
CA GLU C 68 -22.21 -32.87 76.86
C GLU C 68 -21.99 -31.60 77.67
N TRP C 69 -23.03 -30.78 77.76
CA TRP C 69 -23.01 -29.54 78.53
C TRP C 69 -23.30 -29.83 79.99
N ILE C 70 -22.58 -29.14 80.88
CA ILE C 70 -22.74 -29.35 82.36
C ILE C 70 -23.19 -28.04 83.01
N ALA C 71 -23.19 -28.01 84.35
CA ALA C 71 -23.63 -26.81 85.12
C ALA C 71 -22.46 -26.26 85.94
N ASP C 72 -22.61 -26.22 87.26
CA ASP C 72 -21.54 -25.67 88.15
C ASP C 72 -21.31 -26.63 89.33
N ARG C 73 -22.32 -26.79 90.20
CA ARG C 73 -22.21 -27.69 91.38
C ARG C 73 -22.89 -29.04 91.07
N ALA C 74 -22.89 -29.44 89.80
CA ALA C 74 -23.51 -30.72 89.40
C ALA C 74 -22.44 -31.74 89.01
N SER C 75 -22.85 -33.01 88.82
CA SER C 75 -21.92 -34.09 88.43
C SER C 75 -22.61 -34.96 87.36
N ASP C 76 -22.46 -34.58 86.09
CA ASP C 76 -23.10 -35.30 84.99
C ASP C 76 -22.11 -35.69 83.90
N ILE C 77 -20.82 -35.60 84.16
CA ILE C 77 -19.80 -35.69 83.12
C ILE C 77 -19.80 -37.08 82.51
N PRO C 78 -19.79 -37.20 81.18
CA PRO C 78 -19.90 -38.51 80.54
C PRO C 78 -18.57 -39.22 80.33
N VAL C 79 -18.62 -40.56 80.26
CA VAL C 79 -17.45 -41.41 80.17
C VAL C 79 -17.29 -41.96 78.76
N VAL C 80 -16.16 -42.63 78.49
CA VAL C 80 -15.82 -43.19 77.18
C VAL C 80 -15.59 -44.69 77.33
N GLY C 81 -15.37 -45.37 76.19
CA GLY C 81 -15.12 -46.81 76.22
C GLY C 81 -14.39 -47.28 74.98
N LEU C 82 -13.93 -48.54 75.02
CA LEU C 82 -13.05 -49.11 74.00
C LEU C 82 -13.45 -50.55 73.66
N ALA C 83 -12.86 -51.10 72.60
CA ALA C 83 -13.10 -52.48 72.17
C ALA C 83 -12.03 -52.89 71.17
N MET C 84 -11.95 -54.22 70.90
CA MET C 84 -10.93 -54.79 70.02
C MET C 84 -11.51 -55.93 69.19
N GLU C 85 -10.72 -56.39 68.21
CA GLU C 85 -11.15 -57.41 67.26
C GLU C 85 -9.94 -58.11 66.63
N LYS C 86 -10.18 -59.33 66.12
CA LYS C 86 -9.16 -60.23 65.56
C LYS C 86 -9.63 -60.81 64.23
N ALA C 87 -8.67 -61.10 63.33
CA ALA C 87 -8.97 -61.73 62.05
C ALA C 87 -7.84 -62.68 61.65
N THR C 88 -8.14 -63.60 60.73
CA THR C 88 -7.29 -64.76 60.47
C THR C 88 -7.29 -65.12 58.97
N THR C 89 -6.16 -65.68 58.52
CA THR C 89 -6.02 -66.27 57.19
C THR C 89 -5.23 -67.58 57.29
N THR C 90 -5.20 -68.34 56.21
CA THR C 90 -4.65 -69.70 56.22
C THR C 90 -3.52 -69.87 55.20
N VAL C 91 -2.73 -70.94 55.41
CA VAL C 91 -1.54 -71.24 54.63
C VAL C 91 -1.58 -72.70 54.21
N HIS C 92 -1.28 -72.97 52.93
CA HIS C 92 -1.41 -74.31 52.36
C HIS C 92 -0.12 -74.73 51.66
N LEU C 93 -0.06 -76.00 51.27
CA LEU C 93 1.16 -76.63 50.77
C LEU C 93 0.94 -77.18 49.36
N ALA C 94 2.00 -77.13 48.54
CA ALA C 94 1.97 -77.56 47.15
C ALA C 94 3.33 -78.16 46.81
N GLY C 95 3.45 -78.74 45.61
CA GLY C 95 4.70 -79.37 45.24
C GLY C 95 4.82 -79.62 43.76
N ILE C 96 6.06 -79.94 43.37
CA ILE C 96 6.40 -80.34 42.00
C ILE C 96 7.74 -81.06 42.05
N GLY C 97 7.99 -81.91 41.06
CA GLY C 97 9.23 -82.68 41.07
C GLY C 97 9.57 -83.18 39.69
N TYR C 98 10.34 -84.26 39.65
CA TYR C 98 10.70 -84.88 38.38
C TYR C 98 11.16 -86.32 38.60
N ASP C 99 11.34 -87.05 37.49
CA ASP C 99 11.79 -88.42 37.55
C ASP C 99 12.56 -88.75 36.28
N TYR C 100 13.32 -89.84 36.33
CA TYR C 100 14.13 -90.23 35.18
C TYR C 100 14.58 -91.68 35.30
N GLY C 101 14.82 -92.31 34.16
CA GLY C 101 15.30 -93.67 34.14
C GLY C 101 16.82 -93.75 34.25
N LEU C 102 17.32 -94.99 34.31
CA LEU C 102 18.75 -95.18 34.55
C LEU C 102 19.56 -94.99 33.27
N GLU C 103 19.27 -95.79 32.25
CA GLU C 103 20.01 -95.61 31.01
C GLU C 103 19.64 -94.34 30.27
N GLU C 104 18.53 -93.68 30.59
CA GLU C 104 18.29 -92.35 30.06
C GLU C 104 19.31 -91.35 30.57
N VAL C 105 19.51 -91.29 31.89
CA VAL C 105 20.51 -90.36 32.41
C VAL C 105 21.91 -90.78 31.97
N ASN C 106 22.16 -92.08 31.84
CA ASN C 106 23.48 -92.50 31.41
C ASN C 106 23.75 -92.13 29.94
N GLN C 107 22.75 -92.30 29.08
CA GLN C 107 22.89 -91.88 27.69
C GLN C 107 23.04 -90.37 27.57
N ALA C 108 22.31 -89.61 28.40
CA ALA C 108 22.49 -88.17 28.42
C ALA C 108 23.90 -87.80 28.84
N ILE C 109 24.46 -88.52 29.82
CA ILE C 109 25.85 -88.30 30.18
C ILE C 109 26.76 -88.58 28.99
N MET C 110 26.41 -89.59 28.18
CA MET C 110 27.23 -89.92 27.02
C MET C 110 27.23 -88.79 25.99
N LEU C 111 26.15 -88.00 25.94
CA LEU C 111 26.06 -86.88 25.01
C LEU C 111 26.25 -85.53 25.71
N GLY C 112 26.68 -85.56 26.98
CA GLY C 112 26.92 -84.32 27.70
C GLY C 112 25.69 -83.48 27.95
N MET C 113 24.60 -84.07 28.45
CA MET C 113 23.36 -83.32 28.61
C MET C 113 23.06 -82.93 30.06
N ASN C 114 23.37 -83.78 31.03
CA ASN C 114 23.08 -83.49 32.45
C ASN C 114 21.60 -83.22 32.66
N LEU C 115 20.80 -84.27 32.47
CA LEU C 115 19.35 -84.23 32.55
C LEU C 115 18.82 -83.65 33.87
N PRO C 116 19.31 -84.09 35.04
CA PRO C 116 18.77 -83.57 36.29
C PRO C 116 18.93 -82.06 36.46
N GLY C 117 20.03 -81.47 36.00
CA GLY C 117 20.19 -80.04 36.16
C GLY C 117 19.14 -79.25 35.40
N GLU C 118 18.90 -79.65 34.14
CA GLU C 118 17.87 -79.00 33.35
C GLU C 118 16.49 -79.19 33.97
N LYS C 119 16.22 -80.39 34.47
CA LYS C 119 14.92 -80.62 35.09
C LYS C 119 14.73 -79.77 36.34
N ALA C 120 15.77 -79.59 37.14
CA ALA C 120 15.67 -78.71 38.30
C ALA C 120 15.41 -77.27 37.88
N ASN C 121 16.14 -76.80 36.86
CA ASN C 121 15.93 -75.43 36.39
C ASN C 121 14.47 -75.22 35.97
N LEU C 122 13.94 -76.16 35.20
CA LEU C 122 12.58 -75.96 34.70
C LEU C 122 11.54 -76.14 35.79
N ALA C 123 11.82 -76.97 36.80
CA ALA C 123 10.92 -77.07 37.94
C ALA C 123 10.84 -75.74 38.69
N ARG C 124 11.98 -75.08 38.88
CA ARG C 124 11.93 -73.75 39.50
C ARG C 124 11.14 -72.76 38.65
N LEU C 125 11.31 -72.82 37.32
CA LEU C 125 10.59 -71.90 36.45
C LEU C 125 9.07 -72.07 36.60
N VAL C 126 8.60 -73.32 36.57
CA VAL C 126 7.15 -73.53 36.70
C VAL C 126 6.66 -73.25 38.12
N TYR C 127 7.53 -73.38 39.13
CA TYR C 127 7.19 -72.92 40.47
C TYR C 127 6.86 -71.43 40.49
N GLU C 128 7.73 -70.61 39.89
CA GLU C 128 7.43 -69.19 39.77
C GLU C 128 6.13 -68.96 39.02
N ARG C 129 5.90 -69.73 37.94
CA ARG C 129 4.64 -69.61 37.21
C ARG C 129 3.44 -69.80 38.12
N MET C 130 3.49 -70.84 38.97
CA MET C 130 2.35 -71.10 39.85
C MET C 130 2.15 -69.98 40.85
N VAL C 131 3.24 -69.45 41.41
CA VAL C 131 3.08 -68.34 42.36
C VAL C 131 2.41 -67.15 41.67
N ASP C 132 2.82 -66.85 40.44
CA ASP C 132 2.19 -65.78 39.67
C ASP C 132 0.69 -66.03 39.50
N ARG C 133 0.34 -67.24 39.06
CA ARG C 133 -1.07 -67.54 38.79
C ARG C 133 -1.91 -67.40 40.05
N VAL C 134 -1.40 -67.87 41.18
CA VAL C 134 -2.13 -67.72 42.44
C VAL C 134 -2.26 -66.26 42.82
N ALA C 135 -1.20 -65.48 42.63
CA ALA C 135 -1.22 -64.09 43.09
C ALA C 135 -2.20 -63.25 42.28
N PHE C 136 -2.40 -63.55 40.99
CA PHE C 136 -3.19 -62.65 40.17
C PHE C 136 -4.57 -63.18 39.79
N THR C 137 -4.86 -64.46 39.97
CA THR C 137 -6.18 -64.98 39.70
C THR C 137 -6.56 -65.96 40.81
N GLY C 138 -7.64 -66.70 40.59
CA GLY C 138 -8.09 -67.68 41.56
C GLY C 138 -8.24 -69.07 40.99
N ASP C 139 -8.25 -70.07 41.85
CA ASP C 139 -8.29 -71.47 41.42
C ASP C 139 -9.59 -72.18 41.74
N ALA C 140 -10.42 -71.64 42.63
CA ALA C 140 -11.72 -72.21 42.97
C ALA C 140 -11.59 -73.62 43.54
N GLU C 141 -10.41 -73.99 44.02
CA GLU C 141 -10.20 -75.22 44.76
C GLU C 141 -9.86 -74.96 46.22
N LYS C 142 -9.01 -73.96 46.47
CA LYS C 142 -8.76 -73.45 47.81
C LYS C 142 -9.46 -72.12 48.05
N ASP C 143 -10.28 -71.67 47.10
CA ASP C 143 -10.97 -70.38 47.18
C ASP C 143 -9.98 -69.24 47.46
N PHE C 144 -8.95 -69.18 46.62
CA PHE C 144 -7.96 -68.10 46.67
C PHE C 144 -8.34 -67.04 45.64
N LYS C 145 -9.30 -66.20 46.03
CA LYS C 145 -9.68 -65.09 45.18
C LYS C 145 -8.49 -64.16 44.94
N GLY C 146 -8.29 -63.78 43.69
CA GLY C 146 -7.13 -63.03 43.28
C GLY C 146 -7.43 -61.55 43.10
N LEU C 147 -6.42 -60.83 42.60
CA LEU C 147 -6.54 -59.38 42.51
C LEU C 147 -7.49 -58.95 41.39
N PHE C 148 -7.55 -59.71 40.30
CA PHE C 148 -8.36 -59.31 39.15
C PHE C 148 -9.80 -59.79 39.22
N ASN C 149 -10.15 -60.65 40.17
CA ASN C 149 -11.50 -61.19 40.24
C ASN C 149 -12.09 -61.24 41.64
N ASN C 150 -11.52 -60.53 42.60
CA ASN C 150 -12.05 -60.53 43.95
C ASN C 150 -13.47 -59.99 43.97
N GLY C 151 -14.36 -60.70 44.66
CA GLY C 151 -15.76 -60.36 44.70
C GLY C 151 -16.17 -59.43 45.82
N ALA C 152 -15.24 -58.98 46.64
CA ALA C 152 -15.54 -58.09 47.74
C ALA C 152 -15.25 -56.63 47.44
N VAL C 153 -14.81 -56.31 46.22
CA VAL C 153 -14.55 -54.94 45.82
C VAL C 153 -15.61 -54.52 44.82
N THR C 154 -15.74 -53.21 44.63
CA THR C 154 -16.78 -52.65 43.79
C THR C 154 -16.29 -52.49 42.36
N ALA C 155 -17.11 -52.96 41.42
CA ALA C 155 -16.84 -52.89 39.99
C ALA C 155 -17.91 -52.02 39.33
N VAL C 156 -17.48 -50.91 38.75
CA VAL C 156 -18.38 -49.98 38.10
C VAL C 156 -18.05 -49.94 36.61
N SER C 157 -19.06 -49.63 35.81
CA SER C 157 -18.87 -49.51 34.37
C SER C 157 -18.42 -48.11 33.99
N ALA C 158 -17.78 -48.01 32.83
CA ALA C 158 -17.26 -46.74 32.35
C ALA C 158 -18.40 -45.85 31.87
N THR C 159 -18.09 -44.55 31.75
CA THR C 159 -19.08 -43.56 31.31
C THR C 159 -19.09 -43.53 29.79
N THR C 160 -19.67 -44.56 29.18
CA THR C 160 -19.86 -44.63 27.74
C THR C 160 -18.55 -44.44 26.99
N GLY C 161 -17.59 -45.32 27.25
CA GLY C 161 -16.31 -45.23 26.59
C GLY C 161 -15.80 -46.56 26.09
N ASN C 162 -15.40 -46.61 24.81
CA ASN C 162 -14.74 -47.77 24.24
C ASN C 162 -13.28 -47.51 23.90
N TRP C 163 -12.83 -46.27 23.99
CA TRP C 163 -11.46 -45.82 23.77
C TRP C 163 -10.98 -46.06 22.36
N ALA C 164 -11.84 -46.56 21.47
CA ALA C 164 -11.64 -46.49 20.03
C ALA C 164 -12.79 -45.66 19.46
N SER C 165 -12.44 -44.66 18.64
CA SER C 165 -13.40 -43.66 18.17
C SER C 165 -13.98 -42.84 19.32
N ALA C 166 -13.16 -42.56 20.34
CA ALA C 166 -13.54 -41.72 21.45
C ALA C 166 -12.57 -40.56 21.57
N THR C 167 -13.10 -39.35 21.72
CA THR C 167 -12.28 -38.17 21.79
C THR C 167 -11.49 -38.13 23.09
N ALA C 168 -10.47 -37.27 23.13
CA ALA C 168 -9.62 -37.21 24.31
C ALA C 168 -10.39 -36.83 25.57
N ASP C 169 -11.45 -36.05 25.43
CA ASP C 169 -12.25 -35.67 26.59
C ASP C 169 -12.85 -36.87 27.27
N GLN C 170 -13.38 -37.81 26.48
CA GLN C 170 -13.97 -39.01 27.05
C GLN C 170 -12.92 -39.90 27.70
N ILE C 171 -11.75 -40.03 27.07
CA ILE C 171 -10.66 -40.80 27.67
C ILE C 171 -10.29 -40.21 29.03
N LEU C 172 -10.14 -38.89 29.09
CA LEU C 172 -9.74 -38.26 30.34
C LEU C 172 -10.80 -38.43 31.42
N ALA C 173 -12.07 -38.24 31.06
CA ALA C 173 -13.14 -38.40 32.04
C ALA C 173 -13.18 -39.84 32.55
N ASP C 174 -13.05 -40.82 31.66
CA ASP C 174 -13.08 -42.21 32.08
C ASP C 174 -11.91 -42.54 32.98
N PHE C 175 -10.72 -42.05 32.67
CA PHE C 175 -9.57 -42.34 33.52
C PHE C 175 -9.73 -41.72 34.91
N ASN C 176 -10.18 -40.47 34.97
CA ASN C 176 -10.31 -39.82 36.27
C ASN C 176 -11.51 -40.34 37.05
N LEU C 177 -12.44 -41.02 36.38
CA LEU C 177 -13.61 -41.57 37.07
C LEU C 177 -13.21 -42.55 38.16
N GLY C 178 -12.24 -43.43 37.89
CA GLY C 178 -11.84 -44.40 38.88
C GLY C 178 -11.25 -43.75 40.13
N ILE C 179 -10.38 -42.76 39.94
CA ILE C 179 -9.76 -42.08 41.08
C ILE C 179 -10.81 -41.36 41.90
N THR C 180 -11.71 -40.62 41.23
CA THR C 180 -12.74 -39.89 41.96
C THR C 180 -13.67 -40.85 42.69
N GLY C 181 -14.05 -41.96 42.06
CA GLY C 181 -14.94 -42.90 42.72
C GLY C 181 -14.29 -43.58 43.91
N LEU C 182 -13.02 -43.96 43.79
CA LEU C 182 -12.32 -44.55 44.92
C LEU C 182 -12.21 -43.56 46.07
N TRP C 183 -11.91 -42.30 45.77
CA TRP C 183 -11.76 -41.31 46.84
C TRP C 183 -13.10 -40.99 47.48
N SER C 184 -14.19 -41.06 46.72
CA SER C 184 -15.49 -40.80 47.32
C SER C 184 -16.03 -42.01 48.07
N ALA C 185 -15.52 -43.21 47.77
CA ALA C 185 -16.02 -44.41 48.44
C ALA C 185 -15.48 -44.53 49.86
N THR C 186 -14.25 -44.08 50.10
CA THR C 186 -13.65 -44.12 51.43
C THR C 186 -13.95 -42.87 52.24
N ASN C 187 -15.05 -42.18 51.93
CA ASN C 187 -15.43 -40.93 52.59
C ASN C 187 -14.29 -39.93 52.59
N GLU C 188 -13.65 -39.77 51.43
CA GLU C 188 -12.71 -38.69 51.18
C GLU C 188 -11.49 -38.76 52.09
N MET C 189 -10.83 -39.92 52.15
CA MET C 189 -9.67 -40.07 53.02
C MET C 189 -8.44 -40.63 52.33
N VAL C 190 -8.57 -41.46 51.28
CA VAL C 190 -7.42 -42.05 50.63
C VAL C 190 -7.54 -41.90 49.11
N TYR C 191 -6.38 -41.85 48.46
CA TYR C 191 -6.28 -41.69 47.02
C TYR C 191 -5.69 -42.94 46.39
N ALA C 192 -6.14 -43.24 45.17
CA ALA C 192 -5.49 -44.28 44.41
C ALA C 192 -4.05 -43.88 44.10
N ASP C 193 -3.14 -44.83 44.26
CA ASP C 193 -1.73 -44.59 43.98
C ASP C 193 -1.27 -45.29 42.71
N THR C 194 -1.88 -46.39 42.35
CA THR C 194 -1.48 -47.19 41.21
C THR C 194 -2.69 -47.55 40.38
N VAL C 195 -2.51 -47.53 39.06
CA VAL C 195 -3.54 -47.91 38.10
C VAL C 195 -2.97 -49.02 37.22
N LEU C 196 -3.75 -50.07 37.03
CA LEU C 196 -3.40 -51.16 36.12
C LEU C 196 -4.43 -51.18 34.99
N LEU C 197 -3.95 -51.10 33.77
CA LEU C 197 -4.75 -51.05 32.55
C LEU C 197 -4.38 -52.22 31.64
N PRO C 198 -5.32 -52.70 30.83
CA PRO C 198 -4.94 -53.62 29.76
C PRO C 198 -3.94 -52.96 28.82
N SER C 199 -3.01 -53.76 28.29
CA SER C 199 -1.90 -53.19 27.54
C SER C 199 -2.36 -52.51 26.26
N ALA C 200 -3.39 -53.05 25.61
CA ALA C 200 -3.89 -52.42 24.39
C ALA C 200 -4.37 -51.01 24.66
N LYS C 201 -5.12 -50.82 25.75
CA LYS C 201 -5.57 -49.48 26.11
C LYS C 201 -4.40 -48.58 26.46
N HIS C 202 -3.36 -49.12 27.09
CA HIS C 202 -2.17 -48.33 27.38
C HIS C 202 -1.54 -47.84 26.09
N GLN C 203 -1.46 -48.70 25.07
CA GLN C 203 -0.94 -48.27 23.78
C GLN C 203 -1.82 -47.17 23.17
N ILE C 204 -3.14 -47.35 23.23
CA ILE C 204 -4.05 -46.35 22.67
C ILE C 204 -3.79 -44.99 23.30
N ILE C 205 -3.65 -44.96 24.62
CA ILE C 205 -3.43 -43.68 25.31
C ILE C 205 -2.06 -43.12 24.98
N ALA C 206 -1.02 -43.97 24.94
CA ALA C 206 0.33 -43.48 24.71
C ALA C 206 0.56 -43.05 23.27
N SER C 207 -0.31 -43.43 22.33
CA SER C 207 -0.15 -43.07 20.93
C SER C 207 -1.02 -41.90 20.49
N LYS C 208 -2.24 -41.81 21.02
CA LYS C 208 -3.17 -40.78 20.59
C LYS C 208 -2.74 -39.42 21.14
N ARG C 209 -3.32 -38.36 20.58
CA ARG C 209 -3.01 -37.01 20.99
C ARG C 209 -4.31 -36.24 21.22
N LEU C 210 -4.21 -35.16 22.01
CA LEU C 210 -5.40 -34.52 22.57
C LEU C 210 -6.37 -34.01 21.51
N GLY C 211 -5.95 -33.02 20.74
CA GLY C 211 -6.76 -32.50 19.66
C GLY C 211 -5.87 -32.26 18.47
N ASN C 212 -6.49 -32.14 17.31
CA ASN C 212 -5.71 -31.96 16.09
C ASN C 212 -4.85 -30.70 16.22
N GLU C 213 -3.65 -30.77 15.64
CA GLU C 213 -2.69 -29.66 15.66
C GLU C 213 -2.36 -29.21 17.09
N ALA C 214 -2.11 -30.19 17.97
CA ALA C 214 -1.66 -29.92 19.33
C ALA C 214 -0.29 -30.51 19.66
N THR C 215 0.09 -31.62 19.02
CA THR C 215 1.38 -32.29 19.27
C THR C 215 1.58 -32.64 20.74
N GLU C 216 0.53 -33.10 21.40
CA GLU C 216 0.63 -33.57 22.78
C GLU C 216 -0.33 -34.71 23.00
N THR C 217 0.18 -35.80 23.56
CA THR C 217 -0.55 -37.05 23.68
C THR C 217 -1.46 -37.04 24.91
N VAL C 218 -2.36 -38.03 24.96
CA VAL C 218 -3.28 -38.17 26.08
C VAL C 218 -2.60 -38.72 27.32
N LEU C 219 -1.46 -39.39 27.17
CA LEU C 219 -0.72 -39.91 28.30
C LEU C 219 0.27 -38.92 28.88
N GLN C 220 0.88 -38.08 28.06
CA GLN C 220 1.79 -37.04 28.54
C GLN C 220 1.04 -35.88 29.17
N PHE C 221 -0.28 -35.83 29.00
CA PHE C 221 -1.11 -34.86 29.67
C PHE C 221 -1.62 -35.38 31.00
N LEU C 222 -1.80 -36.70 31.12
CA LEU C 222 -2.31 -37.33 32.33
C LEU C 222 -1.25 -37.49 33.40
N GLN C 223 0.00 -37.71 33.01
CA GLN C 223 1.03 -38.01 34.01
C GLN C 223 1.25 -36.82 34.95
N ARG C 224 0.84 -35.62 34.53
CA ARG C 224 1.04 -34.42 35.33
C ARG C 224 -0.24 -33.60 35.47
N ALA C 225 -1.41 -34.16 35.15
CA ALA C 225 -2.67 -33.45 35.35
C ALA C 225 -3.81 -34.35 35.82
N ASN C 226 -3.52 -35.55 36.32
CA ASN C 226 -4.56 -36.36 36.91
C ASN C 226 -4.92 -35.81 38.30
N VAL C 227 -5.99 -36.36 38.89
CA VAL C 227 -6.47 -35.83 40.17
C VAL C 227 -5.43 -35.99 41.26
N TYR C 228 -4.88 -37.19 41.41
CA TYR C 228 -3.93 -37.46 42.48
C TYR C 228 -2.69 -36.58 42.36
N THR C 229 -2.15 -36.46 41.15
CA THR C 229 -0.95 -35.64 40.98
C THR C 229 -1.28 -34.16 40.93
N ALA C 230 -2.55 -33.78 40.83
CA ALA C 230 -2.91 -32.38 40.90
C ALA C 230 -3.05 -31.91 42.35
N GLU C 231 -3.81 -32.66 43.16
CA GLU C 231 -4.03 -32.23 44.53
C GLU C 231 -2.77 -32.35 45.37
N THR C 232 -2.00 -33.40 45.18
CA THR C 232 -0.71 -33.55 45.82
C THR C 232 0.40 -33.33 44.80
N GLY C 233 1.64 -33.47 45.24
CA GLY C 233 2.76 -33.42 44.34
C GLY C 233 3.30 -34.78 43.94
N ARG C 234 2.75 -35.85 44.50
CA ARG C 234 3.30 -37.18 44.26
C ARG C 234 2.87 -37.71 42.89
N PRO C 235 3.81 -38.22 42.12
CA PRO C 235 3.47 -38.84 40.83
C PRO C 235 2.56 -40.05 40.96
N LEU C 236 1.88 -40.34 39.87
CA LEU C 236 1.01 -41.51 39.73
C LEU C 236 1.71 -42.55 38.86
N THR C 237 1.54 -43.83 39.21
CA THR C 237 2.13 -44.91 38.44
C THR C 237 1.05 -45.59 37.60
N ILE C 238 1.31 -45.70 36.31
CA ILE C 238 0.40 -46.33 35.36
C ILE C 238 1.14 -47.48 34.69
N ARG C 239 0.49 -48.64 34.60
CA ARG C 239 1.12 -49.84 34.09
C ARG C 239 0.17 -50.57 33.15
N GLY C 240 0.74 -51.34 32.23
CA GLY C 240 -0.01 -52.22 31.35
C GLY C 240 0.22 -53.67 31.73
N MET C 241 -0.88 -54.39 31.92
CA MET C 241 -0.89 -55.79 32.32
C MET C 241 -1.28 -56.70 31.18
N ARG C 242 -1.37 -57.99 31.47
CA ARG C 242 -1.60 -59.01 30.45
C ARG C 242 -2.99 -59.64 30.51
N GLY C 243 -3.52 -59.91 31.70
CA GLY C 243 -4.73 -60.70 31.80
C GLY C 243 -6.02 -59.91 31.95
N LEU C 244 -6.05 -58.66 31.50
CA LEU C 244 -7.18 -57.77 31.73
C LEU C 244 -8.00 -57.52 30.47
N ASN C 245 -7.84 -58.34 29.44
CA ASN C 245 -8.51 -58.06 28.19
C ASN C 245 -9.99 -58.39 28.25
N THR C 246 -10.37 -59.44 28.98
CA THR C 246 -11.75 -59.89 29.01
C THR C 246 -12.27 -60.17 30.41
N ALA C 247 -11.53 -59.84 31.45
CA ALA C 247 -12.01 -60.05 32.82
C ALA C 247 -13.02 -58.96 33.16
N GLY C 248 -14.28 -59.22 32.87
CA GLY C 248 -15.30 -58.21 33.12
C GLY C 248 -16.65 -58.86 33.33
N ALA C 249 -17.64 -58.01 33.60
CA ALA C 249 -18.99 -58.51 33.86
C ALA C 249 -19.51 -59.29 32.67
N GLY C 250 -19.32 -58.77 31.46
CA GLY C 250 -19.75 -59.47 30.27
C GLY C 250 -18.61 -59.82 29.34
N GLY C 251 -17.49 -60.24 29.89
CA GLY C 251 -16.32 -60.49 29.08
C GLY C 251 -15.74 -59.26 28.44
N VAL C 252 -15.63 -58.16 29.18
CA VAL C 252 -15.11 -56.90 28.67
C VAL C 252 -13.94 -56.50 29.57
N SER C 253 -13.08 -55.64 29.03
CA SER C 253 -11.81 -55.34 29.70
C SER C 253 -12.05 -54.69 31.06
N ARG C 254 -11.09 -54.91 31.98
CA ARG C 254 -11.14 -54.35 33.32
C ARG C 254 -9.87 -53.58 33.59
N SER C 255 -9.97 -52.55 34.42
CA SER C 255 -8.81 -51.84 34.93
C SER C 255 -8.97 -51.63 36.44
N VAL C 256 -7.85 -51.59 37.15
CA VAL C 256 -7.83 -51.70 38.59
C VAL C 256 -7.12 -50.48 39.19
N PHE C 257 -7.81 -49.78 40.10
CA PHE C 257 -7.25 -48.64 40.81
C PHE C 257 -7.06 -49.01 42.27
N TYR C 258 -5.85 -48.85 42.81
CA TYR C 258 -5.64 -49.21 44.21
C TYR C 258 -4.48 -48.43 44.79
N ARG C 259 -4.16 -48.72 46.05
CA ARG C 259 -3.22 -47.91 46.83
C ARG C 259 -1.83 -48.51 46.93
N ASN C 260 -1.69 -49.84 46.84
CA ASN C 260 -0.38 -50.49 46.85
C ASN C 260 0.39 -50.22 48.13
N SER C 261 -0.20 -50.62 49.26
CA SER C 261 0.45 -50.52 50.56
C SER C 261 0.41 -51.89 51.24
N PRO C 262 1.41 -52.19 52.09
CA PRO C 262 1.41 -53.49 52.76
C PRO C 262 0.24 -53.69 53.73
N GLU C 263 -0.47 -52.64 54.09
CA GLU C 263 -1.63 -52.78 54.96
C GLU C 263 -2.94 -52.89 54.19
N VAL C 264 -2.88 -52.91 52.87
CA VAL C 264 -4.03 -53.18 52.03
C VAL C 264 -3.94 -54.56 51.39
N LEU C 265 -2.82 -54.84 50.76
CA LEU C 265 -2.53 -56.12 50.13
C LEU C 265 -1.48 -56.83 50.95
N LYS C 266 -1.48 -58.17 50.88
CA LYS C 266 -0.50 -58.96 51.62
C LYS C 266 -0.55 -60.39 51.11
N MET C 267 0.62 -60.93 50.78
CA MET C 267 0.75 -62.33 50.41
C MET C 267 1.88 -62.93 51.23
N HIS C 268 1.65 -64.10 51.80
CA HIS C 268 2.59 -64.74 52.71
C HIS C 268 3.20 -65.96 52.04
N ILE C 269 4.53 -66.03 52.04
CA ILE C 269 5.23 -67.18 51.48
C ILE C 269 6.22 -67.69 52.52
N PRO C 270 5.79 -68.59 53.40
CA PRO C 270 6.68 -69.02 54.50
C PRO C 270 7.95 -69.71 54.05
N MET C 271 7.91 -70.57 53.03
CA MET C 271 9.12 -71.21 52.55
C MET C 271 9.07 -71.39 51.04
N ARG C 272 10.19 -71.13 50.39
CA ARG C 272 10.32 -71.23 48.95
C ARG C 272 10.59 -72.67 48.53
N HIS C 273 10.79 -72.87 47.23
CA HIS C 273 10.91 -74.21 46.68
C HIS C 273 12.06 -74.97 47.29
N ARG C 274 11.89 -76.27 47.42
CA ARG C 274 12.80 -77.15 48.14
C ARG C 274 12.75 -78.53 47.50
N PHE C 275 13.88 -79.19 47.40
CA PHE C 275 13.96 -80.53 46.83
C PHE C 275 14.27 -81.53 47.93
N LEU C 276 13.61 -82.68 47.86
CA LEU C 276 13.73 -83.73 48.85
C LEU C 276 14.57 -84.88 48.32
N PRO C 277 15.09 -85.74 49.21
CA PRO C 277 16.00 -86.80 48.74
C PRO C 277 15.37 -87.74 47.75
N VAL C 278 16.22 -88.40 46.96
CA VAL C 278 15.78 -89.26 45.87
C VAL C 278 15.19 -90.55 46.42
N GLN C 279 14.34 -91.18 45.62
CA GLN C 279 13.78 -92.49 45.96
C GLN C 279 13.86 -93.38 44.73
N VAL C 280 14.52 -94.53 44.86
CA VAL C 280 14.73 -95.44 43.74
C VAL C 280 13.73 -96.58 43.86
N VAL C 281 12.95 -96.80 42.80
CA VAL C 281 11.94 -97.84 42.76
C VAL C 281 12.07 -98.57 41.42
N GLY C 282 12.84 -99.65 41.40
CA GLY C 282 12.93 -100.52 40.23
C GLY C 282 13.28 -99.83 38.92
N LEU C 283 14.51 -99.33 38.80
CA LEU C 283 15.05 -98.72 37.58
C LEU C 283 14.47 -97.35 37.27
N THR C 284 13.84 -96.67 38.23
CA THR C 284 13.43 -95.28 38.03
C THR C 284 13.79 -94.47 39.27
N TYR C 285 14.12 -93.20 39.06
CA TYR C 285 14.47 -92.29 40.13
C TYR C 285 13.44 -91.17 40.19
N LYS C 286 13.00 -90.84 41.41
CA LYS C 286 11.99 -89.81 41.61
C LYS C 286 12.47 -88.80 42.64
N VAL C 287 12.47 -87.53 42.27
CA VAL C 287 12.83 -86.45 43.19
C VAL C 287 11.64 -85.52 43.36
N PRO C 288 11.05 -85.45 44.55
CA PRO C 288 9.94 -84.53 44.81
C PRO C 288 10.42 -83.19 45.35
N GLY C 289 9.51 -82.22 45.37
CA GLY C 289 9.79 -80.91 45.94
C GLY C 289 8.53 -80.25 46.44
N ILE C 290 8.67 -79.52 47.55
CA ILE C 290 7.54 -78.95 48.27
C ILE C 290 7.75 -77.45 48.44
N PHE C 291 6.64 -76.73 48.61
CA PHE C 291 6.66 -75.32 49.00
C PHE C 291 5.27 -74.96 49.48
N ARG C 292 5.17 -74.15 50.51
CA ARG C 292 3.88 -73.76 51.05
C ARG C 292 3.74 -72.25 51.08
N LEU C 293 2.55 -71.79 50.70
CA LEU C 293 2.26 -70.37 50.53
C LEU C 293 0.81 -70.11 50.89
N GLY C 294 0.44 -68.83 50.87
CA GLY C 294 -0.91 -68.42 51.20
C GLY C 294 -1.41 -67.38 50.22
N GLY C 295 -2.73 -67.33 50.05
CA GLY C 295 -3.32 -66.48 49.05
C GLY C 295 -3.23 -65.01 49.38
N LEU C 296 -3.59 -64.19 48.40
CA LEU C 296 -3.55 -62.74 48.59
C LEU C 296 -4.61 -62.31 49.60
N ASP C 297 -4.28 -61.27 50.36
CA ASP C 297 -5.07 -60.83 51.50
C ASP C 297 -5.46 -59.37 51.28
N ILE C 298 -6.62 -59.15 50.65
CA ILE C 298 -7.11 -57.79 50.47
C ILE C 298 -7.87 -57.39 51.73
N ARG C 299 -7.18 -56.75 52.67
CA ARG C 299 -7.77 -56.46 53.97
C ARG C 299 -8.76 -55.31 53.89
N LEU C 300 -8.41 -54.27 53.13
CA LEU C 300 -9.29 -53.12 52.99
C LEU C 300 -9.90 -53.14 51.60
N PRO C 301 -11.09 -53.73 51.43
CA PRO C 301 -11.68 -53.83 50.09
C PRO C 301 -12.19 -52.51 49.53
N LYS C 302 -12.28 -51.46 50.36
CA LYS C 302 -12.76 -50.18 49.88
C LYS C 302 -11.66 -49.34 49.25
N GLU C 303 -10.41 -49.79 49.31
CA GLU C 303 -9.30 -49.11 48.64
C GLU C 303 -8.83 -49.86 47.41
N VAL C 304 -9.71 -50.67 46.81
CA VAL C 304 -9.49 -51.27 45.50
C VAL C 304 -10.76 -51.07 44.70
N ARG C 305 -10.63 -50.66 43.45
CA ARG C 305 -11.78 -50.35 42.61
C ARG C 305 -11.59 -50.94 41.23
N TYR C 306 -12.65 -51.50 40.66
CA TYR C 306 -12.64 -52.07 39.33
C TYR C 306 -13.47 -51.17 38.42
N VAL C 307 -12.94 -50.86 37.24
CA VAL C 307 -13.68 -50.12 36.22
C VAL C 307 -13.68 -50.96 34.94
N ASP C 308 -14.87 -51.26 34.45
CA ASP C 308 -15.04 -52.16 33.31
C ASP C 308 -15.50 -51.38 32.09
N GLY C 309 -15.24 -51.96 30.92
CA GLY C 309 -15.74 -51.42 29.68
C GLY C 309 -14.80 -50.50 28.93
N TYR C 310 -13.60 -50.26 29.46
CA TYR C 310 -12.65 -49.39 28.78
C TYR C 310 -12.37 -49.88 27.38
N MET D 11 25.01 -46.21 -30.81
CA MET D 11 25.49 -47.31 -29.99
C MET D 11 26.53 -48.13 -30.74
N GLN D 12 27.56 -47.45 -31.19
CA GLN D 12 28.63 -48.02 -31.99
C GLN D 12 29.59 -48.78 -31.11
N ALA D 13 30.15 -49.88 -31.63
CA ALA D 13 30.92 -50.82 -30.84
C ALA D 13 32.23 -51.22 -31.48
N ASN D 14 33.05 -50.25 -31.92
CA ASN D 14 34.25 -50.59 -32.68
C ASN D 14 35.56 -50.11 -32.06
N PHE D 15 35.57 -49.63 -30.82
CA PHE D 15 36.77 -49.08 -30.19
C PHE D 15 37.34 -47.88 -30.93
N GLY D 16 36.73 -47.46 -32.04
CA GLY D 16 37.36 -46.47 -32.88
C GLY D 16 36.46 -45.31 -33.27
N PHE D 17 36.97 -44.10 -33.11
CA PHE D 17 36.25 -42.90 -33.50
C PHE D 17 37.18 -42.02 -34.31
N VAL D 18 36.60 -41.19 -35.16
CA VAL D 18 37.33 -40.27 -36.01
C VAL D 18 37.14 -38.87 -35.44
N THR D 19 38.24 -38.23 -35.04
CA THR D 19 38.19 -36.89 -34.47
C THR D 19 38.52 -35.87 -35.55
N SER D 20 37.66 -34.86 -35.68
CA SER D 20 37.89 -33.82 -36.66
C SER D 20 39.02 -32.90 -36.19
N GLN D 21 39.76 -32.38 -37.16
CA GLN D 21 40.93 -31.56 -36.84
C GLN D 21 40.53 -30.22 -36.21
N THR D 22 39.34 -29.71 -36.52
CA THR D 22 38.79 -28.53 -35.87
C THR D 22 37.73 -29.00 -34.88
N ALA D 23 38.17 -29.43 -33.70
CA ALA D 23 37.25 -29.96 -32.70
C ALA D 23 37.88 -30.05 -31.34
N TYR D 24 37.13 -29.65 -30.31
CA TYR D 24 37.53 -29.74 -28.92
C TYR D 24 36.79 -30.89 -28.26
N VAL D 25 37.52 -31.68 -27.47
CA VAL D 25 36.99 -32.90 -26.88
C VAL D 25 36.98 -32.76 -25.37
N GLU D 26 35.80 -32.91 -24.76
CA GLU D 26 35.68 -32.84 -23.32
C GLU D 26 36.34 -34.05 -22.68
N ALA D 27 37.00 -33.83 -21.55
CA ALA D 27 37.94 -34.80 -21.01
C ALA D 27 37.29 -36.01 -20.34
N GLY D 28 35.98 -35.99 -20.09
CA GLY D 28 35.33 -37.04 -19.34
C GLY D 28 34.50 -37.96 -20.21
N VAL D 29 34.33 -39.20 -19.76
CA VAL D 29 33.48 -40.19 -20.40
C VAL D 29 32.41 -40.60 -19.40
N TYR D 30 31.16 -40.62 -19.85
CA TYR D 30 30.01 -40.74 -18.96
C TYR D 30 29.42 -42.14 -19.02
N ARG D 31 29.19 -42.71 -17.83
CA ARG D 31 28.65 -44.05 -17.70
C ARG D 31 27.17 -43.99 -17.36
N MET D 32 26.40 -44.90 -17.94
CA MET D 32 24.97 -44.94 -17.69
C MET D 32 24.71 -45.33 -16.23
N ARG D 33 23.62 -44.80 -15.67
CA ARG D 33 23.33 -44.96 -14.26
C ARG D 33 22.35 -46.09 -14.01
N TYR D 34 22.55 -46.79 -12.89
CA TYR D 34 21.67 -47.86 -12.45
C TYR D 34 21.37 -47.71 -10.97
N PRO D 35 20.23 -48.21 -10.51
CA PRO D 35 19.82 -47.99 -9.12
C PRO D 35 20.83 -48.53 -8.12
N GLU D 36 20.77 -47.99 -6.91
CA GLU D 36 21.70 -48.39 -5.86
C GLU D 36 21.43 -49.84 -5.43
N ILE D 37 22.23 -50.31 -4.48
CA ILE D 37 22.29 -51.75 -4.20
C ILE D 37 21.30 -52.14 -3.11
N ARG D 38 21.30 -51.42 -1.99
CA ARG D 38 20.23 -51.43 -0.98
C ARG D 38 20.09 -52.70 -0.15
N TYR D 39 20.84 -53.76 -0.43
CA TYR D 39 20.66 -54.89 0.47
C TYR D 39 21.48 -54.75 1.76
N PRO D 40 22.72 -54.28 1.74
CA PRO D 40 23.50 -54.23 2.99
C PRO D 40 22.85 -53.33 4.03
N GLY D 41 22.85 -53.79 5.27
CA GLY D 41 22.24 -53.06 6.36
C GLY D 41 20.79 -53.39 6.63
N LEU D 42 20.13 -54.10 5.73
CA LEU D 42 18.74 -54.51 5.93
C LEU D 42 18.58 -56.01 6.03
N ILE D 43 19.47 -56.79 5.43
CA ILE D 43 19.40 -58.24 5.42
C ILE D 43 20.65 -58.76 6.10
N PRO D 44 20.56 -59.42 7.26
CA PRO D 44 21.75 -59.96 7.90
C PRO D 44 22.35 -61.10 7.09
N VAL D 45 23.61 -60.94 6.71
CA VAL D 45 24.31 -61.88 5.84
C VAL D 45 25.58 -62.31 6.55
N ASP D 46 25.87 -63.62 6.51
CA ASP D 46 27.09 -64.15 7.08
C ASP D 46 27.85 -64.99 6.07
N TYR D 47 29.16 -65.02 6.22
CA TYR D 47 30.06 -65.65 5.27
C TYR D 47 30.93 -66.75 5.87
N SER D 48 30.50 -67.40 6.96
CA SER D 48 31.37 -68.28 7.72
C SER D 48 31.31 -69.73 7.31
N ALA D 49 30.40 -70.12 6.42
CA ALA D 49 30.33 -71.51 5.99
C ALA D 49 31.55 -71.88 5.16
N PRO D 50 31.93 -73.17 5.14
CA PRO D 50 33.18 -73.55 4.44
C PRO D 50 33.05 -73.75 2.94
N GLU D 51 32.32 -72.87 2.27
CA GLU D 51 32.38 -72.68 0.82
C GLU D 51 31.87 -73.83 -0.04
N TRP D 52 31.61 -75.00 0.54
CA TRP D 52 31.27 -76.14 -0.28
C TRP D 52 30.20 -77.03 0.33
N ILE D 53 29.36 -76.48 1.19
CA ILE D 53 28.31 -77.23 1.82
C ILE D 53 27.04 -77.09 1.00
N LYS D 54 26.12 -78.04 1.14
CA LYS D 54 24.85 -77.96 0.44
C LYS D 54 23.65 -77.93 1.38
N THR D 55 23.87 -77.79 2.68
CA THR D 55 22.79 -77.78 3.65
C THR D 55 23.25 -77.08 4.90
N VAL D 56 22.31 -76.44 5.60
CA VAL D 56 22.54 -75.75 6.86
C VAL D 56 21.47 -76.20 7.85
N ASP D 57 21.89 -76.50 9.08
CA ASP D 57 21.05 -77.09 10.11
C ASP D 57 20.97 -76.20 11.34
N TYR D 58 19.81 -76.18 11.99
CA TYR D 58 19.66 -75.45 13.25
C TYR D 58 18.64 -76.14 14.13
N TYR D 59 18.78 -75.92 15.45
CA TYR D 59 18.07 -76.67 16.48
C TYR D 59 17.23 -75.76 17.38
N SER D 60 16.24 -76.36 18.04
CA SER D 60 15.42 -75.67 19.05
C SER D 60 14.94 -76.67 20.09
N MET D 61 14.56 -76.16 21.26
CA MET D 61 14.15 -77.02 22.38
C MET D 61 12.94 -76.41 23.08
N ASP D 62 12.32 -77.21 23.96
CA ASP D 62 11.16 -76.79 24.74
C ASP D 62 10.99 -77.70 25.95
N GLY D 63 10.10 -77.28 26.87
CA GLY D 63 9.80 -78.03 28.07
C GLY D 63 8.35 -77.89 28.49
N VAL D 64 7.96 -78.68 29.48
CA VAL D 64 6.57 -78.82 29.89
C VAL D 64 6.52 -79.17 31.37
N GLY D 65 5.52 -78.63 32.08
CA GLY D 65 5.34 -78.93 33.49
C GLY D 65 4.04 -78.40 34.04
N LYS D 66 3.75 -78.76 35.29
CA LYS D 66 2.54 -78.36 35.99
C LYS D 66 2.72 -78.57 37.49
N ALA D 67 2.11 -77.70 38.29
CA ALA D 67 2.20 -77.75 39.74
C ALA D 67 0.83 -77.92 40.36
N GLU D 68 0.78 -78.60 41.51
CA GLU D 68 -0.48 -78.94 42.15
C GLU D 68 -0.37 -78.78 43.66
N TRP D 69 -1.53 -78.75 44.31
CA TRP D 69 -1.61 -78.74 45.76
C TRP D 69 -1.43 -80.15 46.31
N ILE D 70 -0.71 -80.24 47.43
CA ILE D 70 -0.25 -81.51 47.98
C ILE D 70 -0.89 -81.71 49.35
N ALA D 71 -1.09 -82.98 49.71
CA ALA D 71 -1.61 -83.35 51.03
C ALA D 71 -0.45 -83.79 51.92
N ASP D 72 -0.79 -84.02 53.19
CA ASP D 72 0.23 -84.16 54.23
C ASP D 72 1.00 -85.47 54.12
N ARG D 73 0.31 -86.51 53.68
CA ARG D 73 0.91 -87.85 53.54
C ARG D 73 0.65 -88.48 52.17
N ALA D 74 0.25 -87.67 51.21
CA ALA D 74 0.12 -88.13 49.82
C ALA D 74 1.38 -88.09 48.96
N SER D 75 1.58 -89.12 48.14
CA SER D 75 2.87 -89.30 47.48
C SER D 75 2.87 -88.58 46.13
N ASP D 76 1.69 -88.36 45.57
CA ASP D 76 1.58 -87.84 44.21
C ASP D 76 2.18 -86.44 44.11
N ILE D 77 3.06 -86.25 43.14
CA ILE D 77 3.69 -84.97 42.85
C ILE D 77 4.04 -84.90 41.37
N PRO D 78 3.58 -83.85 40.69
CA PRO D 78 3.73 -83.77 39.23
C PRO D 78 5.18 -83.61 38.78
N VAL D 79 5.41 -83.91 37.51
CA VAL D 79 6.75 -83.97 36.94
C VAL D 79 6.79 -83.14 35.65
N VAL D 80 7.99 -83.03 35.07
CA VAL D 80 8.27 -82.16 33.95
C VAL D 80 8.90 -82.97 32.82
N GLY D 81 8.95 -82.35 31.62
CA GLY D 81 9.51 -83.01 30.45
C GLY D 81 10.12 -82.02 29.48
N LEU D 82 10.87 -82.55 28.52
CA LEU D 82 11.65 -81.73 27.57
C LEU D 82 11.55 -82.34 26.18
N ALA D 83 11.91 -81.55 25.16
CA ALA D 83 11.90 -82.02 23.78
C ALA D 83 12.69 -81.06 22.89
N MET D 84 12.97 -81.49 21.64
CA MET D 84 13.86 -80.78 20.73
C MET D 84 13.44 -81.01 19.28
N GLU D 85 13.99 -80.19 18.37
CA GLU D 85 13.65 -80.24 16.93
C GLU D 85 14.80 -79.63 16.12
N LYS D 86 14.81 -79.94 14.82
CA LYS D 86 15.88 -79.56 13.90
C LYS D 86 15.31 -79.17 12.54
N ALA D 87 16.01 -78.28 11.82
CA ALA D 87 15.54 -77.79 10.52
C ALA D 87 16.72 -77.46 9.60
N THR D 88 16.43 -77.40 8.29
CA THR D 88 17.45 -77.40 7.24
C THR D 88 17.15 -76.34 6.17
N THR D 89 18.22 -75.92 5.46
CA THR D 89 18.13 -75.13 4.23
C THR D 89 19.25 -75.53 3.28
N THR D 90 19.15 -75.10 2.01
CA THR D 90 20.05 -75.55 0.95
C THR D 90 20.82 -74.39 0.33
N VAL D 91 21.91 -74.73 -0.38
CA VAL D 91 22.86 -73.78 -0.95
C VAL D 91 23.17 -74.21 -2.39
N HIS D 92 23.31 -73.24 -3.31
CA HIS D 92 23.53 -73.55 -4.71
C HIS D 92 24.68 -72.71 -5.28
N LEU D 93 24.98 -72.97 -6.57
CA LEU D 93 26.13 -72.38 -7.26
C LEU D 93 25.69 -71.66 -8.53
N ALA D 94 26.38 -70.56 -8.85
CA ALA D 94 26.10 -69.77 -10.03
C ALA D 94 27.42 -69.19 -10.53
N GLY D 95 27.39 -68.63 -11.74
CA GLY D 95 28.61 -68.05 -12.29
C GLY D 95 28.46 -67.10 -13.46
N ILE D 96 29.47 -66.26 -13.69
CA ILE D 96 29.52 -65.35 -14.82
C ILE D 96 30.97 -64.98 -15.11
N GLY D 97 31.34 -64.94 -16.38
CA GLY D 97 32.71 -64.61 -16.75
C GLY D 97 32.79 -64.17 -18.19
N TYR D 98 33.91 -63.54 -18.54
CA TYR D 98 34.07 -62.87 -19.81
C TYR D 98 34.96 -63.66 -20.76
N ASP D 99 34.93 -63.25 -22.03
CA ASP D 99 35.84 -63.79 -23.04
C ASP D 99 36.18 -62.69 -24.03
N TYR D 100 37.23 -62.93 -24.83
CA TYR D 100 37.64 -61.95 -25.83
C TYR D 100 38.46 -62.65 -26.90
N GLY D 101 38.74 -61.91 -27.98
CA GLY D 101 39.57 -62.39 -29.05
C GLY D 101 40.99 -61.89 -28.94
N LEU D 102 41.83 -62.29 -29.90
CA LEU D 102 43.24 -61.94 -29.81
C LEU D 102 43.50 -60.53 -30.32
N GLU D 103 43.13 -60.25 -31.56
CA GLU D 103 43.42 -58.92 -32.09
C GLU D 103 42.50 -57.87 -31.49
N GLU D 104 41.38 -58.25 -30.88
CA GLU D 104 40.59 -57.29 -30.12
C GLU D 104 41.38 -56.74 -28.93
N VAL D 105 41.94 -57.63 -28.11
CA VAL D 105 42.72 -57.14 -26.98
C VAL D 105 43.97 -56.43 -27.46
N ASN D 106 44.57 -56.88 -28.57
CA ASN D 106 45.77 -56.18 -29.04
C ASN D 106 45.45 -54.78 -29.56
N GLN D 107 44.34 -54.63 -30.29
CA GLN D 107 43.93 -53.31 -30.74
C GLN D 107 43.57 -52.41 -29.57
N ALA D 108 42.91 -52.96 -28.55
CA ALA D 108 42.60 -52.19 -27.36
C ALA D 108 43.87 -51.73 -26.66
N ILE D 109 44.90 -52.59 -26.61
CA ILE D 109 46.19 -52.17 -26.09
C ILE D 109 46.75 -51.01 -26.91
N MET D 110 46.59 -51.08 -28.23
CA MET D 110 47.11 -50.02 -29.10
C MET D 110 46.50 -48.65 -28.78
N LEU D 111 45.28 -48.61 -28.26
CA LEU D 111 44.64 -47.37 -27.83
C LEU D 111 44.67 -47.19 -26.32
N GLY D 112 45.35 -48.07 -25.59
CA GLY D 112 45.45 -47.95 -24.15
C GLY D 112 44.15 -48.14 -23.40
N MET D 113 43.48 -49.28 -23.57
CA MET D 113 42.17 -49.48 -22.97
C MET D 113 42.13 -50.55 -21.88
N ASN D 114 42.96 -51.59 -21.95
CA ASN D 114 42.97 -52.65 -20.95
C ASN D 114 41.60 -53.31 -20.81
N LEU D 115 41.20 -54.03 -21.86
CA LEU D 115 39.90 -54.68 -21.97
C LEU D 115 39.57 -55.64 -20.82
N PRO D 116 40.47 -56.56 -20.46
CA PRO D 116 40.12 -57.49 -19.37
C PRO D 116 39.79 -56.83 -18.05
N GLY D 117 40.48 -55.75 -17.69
CA GLY D 117 40.18 -55.10 -16.42
C GLY D 117 38.77 -54.54 -16.38
N GLU D 118 38.35 -53.91 -17.47
CA GLU D 118 36.99 -53.38 -17.55
C GLU D 118 35.96 -54.50 -17.49
N LYS D 119 36.21 -55.59 -18.23
CA LYS D 119 35.27 -56.70 -18.20
C LYS D 119 35.16 -57.30 -16.80
N ALA D 120 36.30 -57.43 -16.12
CA ALA D 120 36.27 -57.92 -14.75
C ALA D 120 35.42 -57.01 -13.85
N ASN D 121 35.68 -55.70 -13.90
CA ASN D 121 34.93 -54.77 -13.06
C ASN D 121 33.43 -54.92 -13.28
N LEU D 122 33.01 -54.96 -14.56
CA LEU D 122 31.59 -55.05 -14.82
C LEU D 122 31.02 -56.41 -14.41
N ALA D 123 31.82 -57.47 -14.45
CA ALA D 123 31.35 -58.76 -13.95
C ALA D 123 31.09 -58.73 -12.45
N ARG D 124 31.98 -58.10 -11.68
CA ARG D 124 31.68 -57.92 -10.26
C ARG D 124 30.40 -57.12 -10.06
N LEU D 125 30.20 -56.07 -10.86
CA LEU D 125 28.99 -55.27 -10.71
C LEU D 125 27.73 -56.11 -10.93
N VAL D 126 27.70 -56.90 -11.99
CA VAL D 126 26.51 -57.71 -12.25
C VAL D 126 26.36 -58.85 -11.23
N TYR D 127 27.46 -59.34 -10.66
CA TYR D 127 27.38 -60.26 -9.53
C TYR D 127 26.61 -59.64 -8.36
N GLU D 128 26.95 -58.41 -7.99
CA GLU D 128 26.20 -57.73 -6.93
C GLU D 128 24.74 -57.55 -7.29
N ARG D 129 24.45 -57.22 -8.55
CA ARG D 129 23.05 -57.11 -8.97
C ARG D 129 22.30 -58.42 -8.74
N MET D 130 22.93 -59.55 -9.10
CA MET D 130 22.27 -60.84 -8.91
C MET D 130 22.02 -61.14 -7.45
N VAL D 131 23.01 -60.86 -6.58
CA VAL D 131 22.82 -61.11 -5.16
C VAL D 131 21.64 -60.30 -4.63
N ASP D 132 21.55 -59.03 -5.02
CA ASP D 132 20.42 -58.22 -4.59
C ASP D 132 19.08 -58.79 -5.06
N ARG D 133 18.98 -59.13 -6.34
CA ARG D 133 17.70 -59.64 -6.83
C ARG D 133 17.30 -60.89 -6.09
N VAL D 134 18.25 -61.78 -5.81
CA VAL D 134 17.94 -62.98 -5.05
C VAL D 134 17.45 -62.61 -3.65
N ALA D 135 18.11 -61.65 -3.00
CA ALA D 135 17.78 -61.35 -1.62
C ALA D 135 16.39 -60.73 -1.48
N PHE D 136 15.96 -59.93 -2.45
CA PHE D 136 14.73 -59.17 -2.25
C PHE D 136 13.52 -59.71 -3.02
N THR D 137 13.70 -60.57 -4.01
CA THR D 137 12.58 -61.15 -4.73
C THR D 137 12.86 -62.63 -4.97
N GLY D 138 12.06 -63.25 -5.82
CA GLY D 138 12.16 -64.68 -6.04
C GLY D 138 12.32 -65.07 -7.50
N ASP D 139 12.81 -66.29 -7.73
CA ASP D 139 13.17 -66.74 -9.07
C ASP D 139 12.27 -67.82 -9.64
N ALA D 140 11.60 -68.60 -8.79
CA ALA D 140 10.68 -69.66 -9.21
C ALA D 140 11.37 -70.76 -10.02
N GLU D 141 12.70 -70.79 -9.98
CA GLU D 141 13.48 -71.89 -10.51
C GLU D 141 14.18 -72.68 -9.42
N LYS D 142 14.63 -72.02 -8.36
CA LYS D 142 15.12 -72.66 -7.15
C LYS D 142 14.17 -72.46 -5.99
N ASP D 143 13.02 -71.85 -6.24
CA ASP D 143 12.00 -71.56 -5.23
C ASP D 143 12.60 -70.79 -4.04
N PHE D 144 13.35 -69.75 -4.37
CA PHE D 144 13.92 -68.85 -3.38
C PHE D 144 12.93 -67.71 -3.17
N LYS D 145 12.02 -67.90 -2.22
CA LYS D 145 11.09 -66.84 -1.87
C LYS D 145 11.85 -65.70 -1.20
N GLY D 146 11.53 -64.46 -1.59
CA GLY D 146 12.22 -63.30 -1.10
C GLY D 146 11.50 -62.62 0.04
N LEU D 147 11.99 -61.43 0.39
CA LEU D 147 11.40 -60.69 1.49
C LEU D 147 10.08 -60.03 1.10
N PHE D 148 9.95 -59.59 -0.14
CA PHE D 148 8.78 -58.83 -0.56
C PHE D 148 7.62 -59.71 -1.03
N ASN D 149 7.84 -61.01 -1.21
CA ASN D 149 6.78 -61.87 -1.73
C ASN D 149 6.72 -63.22 -1.04
N ASN D 150 7.26 -63.35 0.17
CA ASN D 150 7.19 -64.61 0.90
C ASN D 150 5.75 -64.94 1.24
N GLY D 151 5.35 -66.18 0.94
CA GLY D 151 3.98 -66.60 1.11
C GLY D 151 3.61 -67.14 2.47
N ALA D 152 4.54 -67.18 3.41
CA ALA D 152 4.28 -67.72 4.74
C ALA D 152 4.03 -66.65 5.78
N VAL D 153 4.04 -65.38 5.41
CA VAL D 153 3.76 -64.29 6.34
C VAL D 153 2.38 -63.74 6.03
N THR D 154 1.85 -62.97 6.98
CA THR D 154 0.48 -62.47 6.90
C THR D 154 0.45 -61.08 6.28
N ALA D 155 -0.45 -60.91 5.31
CA ALA D 155 -0.64 -59.66 4.60
C ALA D 155 -2.07 -59.19 4.82
N VAL D 156 -2.20 -57.99 5.37
CA VAL D 156 -3.52 -57.41 5.66
C VAL D 156 -3.66 -56.11 4.89
N SER D 157 -4.90 -55.69 4.70
CA SER D 157 -5.18 -54.46 4.00
C SER D 157 -5.24 -53.30 4.97
N ALA D 158 -4.90 -52.11 4.47
CA ALA D 158 -4.94 -50.91 5.30
C ALA D 158 -6.38 -50.51 5.55
N THR D 159 -6.57 -49.65 6.55
CA THR D 159 -7.91 -49.20 6.93
C THR D 159 -8.29 -48.04 6.02
N THR D 160 -8.71 -48.37 4.80
CA THR D 160 -9.24 -47.42 3.82
C THR D 160 -8.33 -46.22 3.63
N GLY D 161 -7.03 -46.43 3.55
CA GLY D 161 -6.12 -45.32 3.35
C GLY D 161 -5.42 -45.34 2.00
N ASN D 162 -5.51 -44.24 1.27
CA ASN D 162 -4.78 -44.08 0.02
C ASN D 162 -3.63 -43.09 0.13
N TRP D 163 -3.57 -42.32 1.23
CA TRP D 163 -2.48 -41.39 1.52
C TRP D 163 -2.39 -40.28 0.48
N ALA D 164 -3.36 -40.21 -0.42
CA ALA D 164 -3.61 -39.03 -1.22
C ALA D 164 -5.06 -38.64 -0.98
N SER D 165 -5.28 -37.37 -0.66
CA SER D 165 -6.59 -36.88 -0.23
C SER D 165 -7.05 -37.57 1.06
N ALA D 166 -6.11 -37.90 1.94
CA ALA D 166 -6.40 -38.46 3.24
C ALA D 166 -5.75 -37.60 4.31
N THR D 167 -6.46 -37.38 5.42
CA THR D 167 -5.99 -36.49 6.46
C THR D 167 -4.95 -37.20 7.33
N ALA D 168 -4.28 -36.42 8.17
CA ALA D 168 -3.18 -36.94 8.98
C ALA D 168 -3.65 -38.01 9.95
N ASP D 169 -4.90 -37.95 10.39
CA ASP D 169 -5.42 -38.96 11.30
C ASP D 169 -5.41 -40.34 10.66
N GLN D 170 -5.90 -40.43 9.42
CA GLN D 170 -5.87 -41.71 8.71
C GLN D 170 -4.44 -42.19 8.50
N ILE D 171 -3.52 -41.26 8.19
CA ILE D 171 -2.14 -41.66 7.96
C ILE D 171 -1.55 -42.26 9.24
N LEU D 172 -1.76 -41.60 10.37
CA LEU D 172 -1.22 -42.09 11.64
C LEU D 172 -1.84 -43.42 12.03
N ALA D 173 -3.16 -43.55 11.85
CA ALA D 173 -3.82 -44.81 12.16
C ALA D 173 -3.31 -45.94 11.29
N ASP D 174 -3.18 -45.70 9.98
CA ASP D 174 -2.68 -46.72 9.08
C ASP D 174 -1.26 -47.12 9.43
N PHE D 175 -0.43 -46.15 9.81
CA PHE D 175 0.95 -46.47 10.17
C PHE D 175 1.02 -47.31 11.43
N ASN D 176 0.27 -46.94 12.47
CA ASN D 176 0.33 -47.71 13.71
C ASN D 176 -0.40 -49.05 13.61
N LEU D 177 -1.24 -49.22 12.59
CA LEU D 177 -1.92 -50.50 12.41
C LEU D 177 -0.94 -51.64 12.25
N GLY D 178 0.13 -51.44 11.48
CA GLY D 178 1.09 -52.51 11.26
C GLY D 178 1.81 -52.91 12.52
N ILE D 179 2.30 -51.93 13.30
CA ILE D 179 3.02 -52.24 14.53
C ILE D 179 2.11 -52.93 15.52
N THR D 180 0.89 -52.41 15.70
CA THR D 180 -0.04 -53.03 16.63
C THR D 180 -0.42 -54.44 16.18
N GLY D 181 -0.63 -54.65 14.88
CA GLY D 181 -0.99 -55.96 14.40
C GLY D 181 0.12 -56.98 14.60
N LEU D 182 1.37 -56.58 14.30
CA LEU D 182 2.48 -57.48 14.55
C LEU D 182 2.60 -57.79 16.04
N TRP D 183 2.42 -56.79 16.89
CA TRP D 183 2.49 -57.01 18.33
C TRP D 183 1.44 -58.00 18.80
N SER D 184 0.20 -57.85 18.32
CA SER D 184 -0.87 -58.74 18.74
C SER D 184 -0.72 -60.14 18.15
N ALA D 185 -0.16 -60.25 16.94
CA ALA D 185 -0.03 -61.56 16.31
C ALA D 185 0.94 -62.46 17.06
N THR D 186 1.94 -61.88 17.72
CA THR D 186 2.89 -62.65 18.50
C THR D 186 2.55 -62.69 19.98
N ASN D 187 1.26 -62.63 20.31
CA ASN D 187 0.79 -62.73 21.69
C ASN D 187 1.47 -61.69 22.58
N GLU D 188 1.55 -60.47 22.08
CA GLU D 188 2.02 -59.29 22.82
C GLU D 188 3.42 -59.46 23.39
N MET D 189 4.36 -59.97 22.61
CA MET D 189 5.70 -60.27 23.11
C MET D 189 6.81 -59.49 22.41
N VAL D 190 6.65 -59.14 21.14
CA VAL D 190 7.70 -58.49 20.37
C VAL D 190 7.13 -57.30 19.61
N TYR D 191 7.96 -56.29 19.40
CA TYR D 191 7.61 -55.08 18.69
C TYR D 191 8.33 -55.03 17.35
N ALA D 192 7.66 -54.47 16.36
CA ALA D 192 8.31 -54.19 15.09
C ALA D 192 9.45 -53.21 15.30
N ASP D 193 10.57 -53.46 14.63
CA ASP D 193 11.77 -52.64 14.77
C ASP D 193 12.01 -51.74 13.56
N THR D 194 11.76 -52.24 12.36
CA THR D 194 12.04 -51.53 11.13
C THR D 194 10.81 -51.56 10.24
N VAL D 195 10.62 -50.46 9.51
CA VAL D 195 9.53 -50.28 8.56
C VAL D 195 10.13 -50.01 7.19
N LEU D 196 9.65 -50.69 6.17
CA LEU D 196 10.00 -50.42 4.78
C LEU D 196 8.73 -49.98 4.05
N LEU D 197 8.78 -48.78 3.46
CA LEU D 197 7.66 -48.20 2.74
C LEU D 197 8.03 -48.00 1.28
N PRO D 198 7.04 -48.01 0.38
CA PRO D 198 7.30 -47.53 -0.98
C PRO D 198 7.76 -46.07 -0.93
N SER D 199 8.70 -45.73 -1.80
CA SER D 199 9.38 -44.45 -1.67
C SER D 199 8.42 -43.28 -1.88
N ALA D 200 7.44 -43.44 -2.77
CA ALA D 200 6.45 -42.39 -2.98
C ALA D 200 5.66 -42.08 -1.71
N LYS D 201 5.26 -43.12 -0.99
CA LYS D 201 4.56 -42.91 0.28
C LYS D 201 5.47 -42.25 1.30
N HIS D 202 6.76 -42.58 1.27
CA HIS D 202 7.70 -41.90 2.15
C HIS D 202 7.76 -40.41 1.83
N GLN D 203 7.74 -40.04 0.55
CA GLN D 203 7.70 -38.63 0.19
C GLN D 203 6.43 -37.97 0.70
N ILE D 204 5.28 -38.65 0.52
CA ILE D 204 4.01 -38.10 0.98
C ILE D 204 4.07 -37.80 2.47
N ILE D 205 4.57 -38.76 3.26
CA ILE D 205 4.67 -38.55 4.70
C ILE D 205 5.64 -37.42 5.02
N ALA D 206 6.82 -37.41 4.38
CA ALA D 206 7.86 -36.46 4.76
C ALA D 206 7.58 -35.04 4.29
N SER D 207 6.63 -34.83 3.38
CA SER D 207 6.30 -33.48 2.94
C SER D 207 5.03 -32.94 3.58
N LYS D 208 4.07 -33.80 3.88
CA LYS D 208 2.81 -33.32 4.45
C LYS D 208 3.00 -32.91 5.90
N ARG D 209 2.38 -31.79 6.27
CA ARG D 209 2.39 -31.32 7.64
C ARG D 209 1.34 -32.09 8.44
N LEU D 210 1.27 -31.79 9.74
CA LEU D 210 0.64 -32.69 10.71
C LEU D 210 -0.87 -32.56 10.66
N GLY D 211 -1.41 -32.07 9.56
CA GLY D 211 -2.76 -31.56 9.60
C GLY D 211 -2.82 -30.34 10.49
N ASN D 212 -1.67 -29.82 10.86
CA ASN D 212 -1.49 -28.72 11.78
C ASN D 212 -1.91 -27.42 11.12
N GLU D 213 -2.16 -26.43 11.95
CA GLU D 213 -2.22 -25.05 11.51
C GLU D 213 -1.48 -24.12 12.45
N ALA D 214 -0.95 -24.62 13.57
CA ALA D 214 -0.26 -23.80 14.55
C ALA D 214 1.25 -23.77 14.31
N THR D 215 1.90 -24.93 14.31
CA THR D 215 3.33 -25.03 14.10
C THR D 215 3.71 -25.70 12.80
N GLU D 216 2.79 -26.45 12.18
CA GLU D 216 3.02 -27.09 10.89
C GLU D 216 4.25 -27.98 10.91
N THR D 217 4.47 -28.66 12.02
CA THR D 217 5.53 -29.64 12.05
C THR D 217 5.18 -30.81 11.14
N VAL D 218 6.20 -31.40 10.55
CA VAL D 218 5.98 -32.42 9.54
C VAL D 218 5.37 -33.66 10.21
N LEU D 219 4.84 -34.55 9.38
CA LEU D 219 4.27 -35.79 9.89
C LEU D 219 5.33 -36.73 10.47
N GLN D 220 6.60 -36.39 10.23
CA GLN D 220 7.70 -37.17 10.86
C GLN D 220 7.51 -37.12 12.38
N PHE D 221 6.49 -36.39 12.86
CA PHE D 221 6.14 -36.33 14.30
C PHE D 221 6.04 -37.78 14.76
N LEU D 222 5.81 -38.65 13.76
CA LEU D 222 5.79 -40.10 13.93
C LEU D 222 7.08 -40.64 14.50
N GLN D 223 8.21 -39.98 14.22
CA GLN D 223 9.50 -40.49 14.65
C GLN D 223 9.61 -40.57 16.16
N ARG D 224 8.77 -39.84 16.91
CA ARG D 224 8.84 -39.92 18.36
C ARG D 224 7.49 -40.11 19.04
N ALA D 225 6.46 -40.52 18.30
CA ALA D 225 5.16 -40.79 18.90
C ALA D 225 4.50 -42.04 18.34
N ASN D 226 5.25 -42.91 17.69
CA ASN D 226 4.71 -44.20 17.31
C ASN D 226 4.66 -45.12 18.53
N VAL D 227 3.99 -46.26 18.37
CA VAL D 227 3.78 -47.16 19.49
C VAL D 227 5.12 -47.66 20.03
N TYR D 228 6.04 -48.01 19.14
CA TYR D 228 7.30 -48.60 19.56
C TYR D 228 8.09 -47.62 20.41
N THR D 229 8.32 -46.40 19.90
CA THR D 229 9.11 -45.42 20.63
C THR D 229 8.34 -44.80 21.78
N ALA D 230 7.04 -45.05 21.89
CA ALA D 230 6.30 -44.61 23.06
C ALA D 230 6.41 -45.61 24.20
N GLU D 231 6.17 -46.89 23.92
CA GLU D 231 6.27 -47.90 24.97
C GLU D 231 7.70 -48.03 25.48
N THR D 232 8.66 -48.17 24.58
CA THR D 232 10.07 -48.20 24.96
C THR D 232 10.74 -46.89 24.56
N GLY D 233 11.99 -46.73 24.97
CA GLY D 233 12.74 -45.54 24.62
C GLY D 233 13.55 -45.66 23.35
N ARG D 234 13.57 -46.83 22.72
CA ARG D 234 14.37 -47.03 21.53
C ARG D 234 13.72 -46.35 20.34
N PRO D 235 14.51 -45.94 19.34
CA PRO D 235 13.95 -45.31 18.15
C PRO D 235 13.57 -46.33 17.08
N LEU D 236 12.80 -45.85 16.11
CA LEU D 236 12.33 -46.66 15.00
C LEU D 236 13.04 -46.24 13.72
N THR D 237 13.26 -47.20 12.82
CA THR D 237 13.93 -46.95 11.55
C THR D 237 12.93 -47.07 10.41
N ILE D 238 12.80 -46.01 9.62
CA ILE D 238 11.87 -45.95 8.50
C ILE D 238 12.67 -45.72 7.22
N ARG D 239 12.39 -46.53 6.20
CA ARG D 239 13.12 -46.46 4.94
C ARG D 239 12.15 -46.47 3.76
N GLY D 240 12.58 -45.88 2.66
CA GLY D 240 11.83 -45.89 1.42
C GLY D 240 12.56 -46.75 0.39
N MET D 241 11.86 -47.75 -0.12
CA MET D 241 12.45 -48.78 -0.97
C MET D 241 11.93 -48.62 -2.41
N ARG D 242 12.46 -49.46 -3.30
CA ARG D 242 12.24 -49.29 -4.73
C ARG D 242 11.25 -50.24 -5.35
N GLY D 243 11.20 -51.51 -4.93
CA GLY D 243 10.38 -52.48 -5.61
C GLY D 243 9.03 -52.75 -5.00
N LEU D 244 8.47 -51.78 -4.27
CA LEU D 244 7.25 -51.98 -3.49
C LEU D 244 6.07 -51.20 -4.04
N ASN D 245 6.11 -50.79 -5.30
CA ASN D 245 5.02 -49.97 -5.84
C ASN D 245 3.79 -50.79 -6.17
N THR D 246 3.98 -52.01 -6.69
CA THR D 246 2.85 -52.85 -7.10
C THR D 246 3.02 -54.29 -6.61
N ALA D 247 3.50 -54.47 -5.39
CA ALA D 247 3.75 -55.81 -4.89
C ALA D 247 2.60 -56.39 -4.08
N GLY D 248 1.41 -55.80 -4.05
CA GLY D 248 0.34 -56.27 -3.19
C GLY D 248 -0.55 -57.32 -3.85
N ALA D 249 -1.74 -57.46 -3.27
CA ALA D 249 -2.66 -58.50 -3.71
C ALA D 249 -3.20 -58.24 -5.12
N GLY D 250 -3.54 -56.99 -5.41
CA GLY D 250 -4.12 -56.66 -6.70
C GLY D 250 -3.32 -55.60 -7.43
N GLY D 251 -1.99 -55.72 -7.39
CA GLY D 251 -1.13 -54.73 -8.00
C GLY D 251 -1.05 -53.42 -7.25
N VAL D 252 -1.19 -53.45 -5.92
CA VAL D 252 -1.21 -52.26 -5.10
C VAL D 252 0.02 -52.27 -4.21
N SER D 253 0.38 -51.09 -3.69
CA SER D 253 1.62 -50.95 -2.95
C SER D 253 1.61 -51.80 -1.69
N ARG D 254 2.79 -52.28 -1.29
CA ARG D 254 2.96 -53.09 -0.09
C ARG D 254 4.05 -52.49 0.78
N SER D 255 3.85 -52.55 2.10
CA SER D 255 4.83 -52.10 3.06
C SER D 255 5.10 -53.21 4.07
N VAL D 256 6.31 -53.23 4.61
CA VAL D 256 6.82 -54.37 5.36
C VAL D 256 7.25 -53.90 6.76
N PHE D 257 6.70 -54.52 7.79
CA PHE D 257 7.11 -54.28 9.17
C PHE D 257 7.82 -55.52 9.70
N TYR D 258 9.03 -55.37 10.20
CA TYR D 258 9.73 -56.55 10.71
C TYR D 258 10.72 -56.13 11.78
N ARG D 259 11.41 -57.12 12.36
CA ARG D 259 12.24 -56.90 13.54
C ARG D 259 13.72 -56.78 13.24
N ASN D 260 14.19 -57.30 12.11
CA ASN D 260 15.59 -57.13 11.68
C ASN D 260 16.57 -57.66 12.73
N SER D 261 16.55 -58.97 12.94
CA SER D 261 17.50 -59.64 13.80
C SER D 261 18.04 -60.88 13.11
N PRO D 262 19.28 -61.27 13.37
CA PRO D 262 19.85 -62.46 12.70
C PRO D 262 19.17 -63.76 13.08
N GLU D 263 18.23 -63.76 14.01
CA GLU D 263 17.44 -64.94 14.30
C GLU D 263 16.06 -64.91 13.67
N VAL D 264 15.73 -63.84 12.96
CA VAL D 264 14.50 -63.74 12.19
C VAL D 264 14.76 -63.94 10.71
N LEU D 265 15.80 -63.30 10.18
CA LEU D 265 16.19 -63.43 8.79
C LEU D 265 17.64 -63.91 8.73
N LYS D 266 18.01 -64.49 7.61
CA LYS D 266 19.37 -65.00 7.44
C LYS D 266 19.60 -65.31 5.98
N MET D 267 20.76 -64.91 5.47
CA MET D 267 21.21 -65.26 4.13
C MET D 267 22.66 -65.71 4.21
N HIS D 268 22.98 -66.84 3.59
CA HIS D 268 24.30 -67.42 3.65
C HIS D 268 24.98 -67.28 2.30
N ILE D 269 26.22 -66.78 2.30
CA ILE D 269 27.01 -66.67 1.09
C ILE D 269 28.36 -67.33 1.34
N PRO D 270 28.44 -68.66 1.26
CA PRO D 270 29.71 -69.34 1.56
C PRO D 270 30.88 -68.92 0.68
N MET D 271 30.65 -68.68 -0.62
CA MET D 271 31.71 -68.31 -1.54
C MET D 271 31.36 -67.04 -2.30
N ARG D 272 32.31 -66.13 -2.39
CA ARG D 272 32.19 -64.91 -3.16
C ARG D 272 32.71 -65.14 -4.57
N HIS D 273 32.61 -64.12 -5.41
CA HIS D 273 32.90 -64.26 -6.83
C HIS D 273 34.40 -64.20 -7.04
N ARG D 274 34.93 -65.24 -7.69
CA ARG D 274 36.30 -65.27 -8.16
C ARG D 274 36.36 -65.81 -9.58
N PHE D 275 37.43 -65.47 -10.29
CA PHE D 275 37.66 -65.93 -11.64
C PHE D 275 38.63 -67.11 -11.65
N LEU D 276 38.50 -67.94 -12.67
CA LEU D 276 39.36 -69.11 -12.86
C LEU D 276 40.42 -68.78 -13.92
N PRO D 277 41.40 -69.64 -14.14
CA PRO D 277 42.43 -69.33 -15.13
C PRO D 277 41.89 -69.29 -16.57
N VAL D 278 42.72 -68.70 -17.44
CA VAL D 278 42.35 -68.51 -18.84
C VAL D 278 42.41 -69.84 -19.59
N GLN D 279 41.60 -69.97 -20.64
CA GLN D 279 41.55 -71.17 -21.48
C GLN D 279 41.54 -70.75 -22.94
N VAL D 280 42.70 -70.88 -23.59
CA VAL D 280 42.84 -70.45 -24.98
C VAL D 280 42.35 -71.57 -25.89
N VAL D 281 41.44 -71.24 -26.81
CA VAL D 281 40.96 -72.20 -27.79
C VAL D 281 40.97 -71.53 -29.16
N GLY D 282 42.05 -71.69 -29.90
CA GLY D 282 42.11 -71.21 -31.28
C GLY D 282 41.75 -69.75 -31.44
N LEU D 283 42.63 -68.85 -30.96
CA LEU D 283 42.46 -67.41 -31.14
C LEU D 283 41.27 -66.85 -30.36
N THR D 284 40.95 -67.43 -29.21
CA THR D 284 39.98 -66.84 -28.30
C THR D 284 40.36 -67.20 -26.88
N TYR D 285 40.10 -66.29 -25.95
CA TYR D 285 40.43 -66.46 -24.54
C TYR D 285 39.15 -66.40 -23.72
N LYS D 286 39.02 -67.33 -22.77
CA LYS D 286 37.79 -67.50 -22.02
C LYS D 286 38.10 -67.60 -20.54
N VAL D 287 37.49 -66.73 -19.74
CA VAL D 287 37.72 -66.66 -18.30
C VAL D 287 36.39 -66.84 -17.59
N PRO D 288 36.22 -67.91 -16.81
CA PRO D 288 34.96 -68.10 -16.07
C PRO D 288 35.02 -67.55 -14.65
N GLY D 289 33.82 -67.31 -14.10
CA GLY D 289 33.65 -66.88 -12.73
C GLY D 289 32.69 -67.79 -12.01
N ILE D 290 32.65 -67.67 -10.68
CA ILE D 290 31.98 -68.67 -9.87
C ILE D 290 31.67 -68.08 -8.50
N PHE D 291 30.49 -68.42 -7.97
CA PHE D 291 30.12 -68.07 -6.60
C PHE D 291 29.00 -69.01 -6.16
N ARG D 292 28.75 -69.04 -4.85
CA ARG D 292 27.70 -69.88 -4.28
C ARG D 292 26.93 -69.12 -3.22
N LEU D 293 25.62 -69.34 -3.17
CA LEU D 293 24.78 -68.62 -2.23
C LEU D 293 23.53 -69.42 -1.91
N GLY D 294 22.83 -68.99 -0.86
CA GLY D 294 21.59 -69.61 -0.45
C GLY D 294 20.51 -68.57 -0.23
N GLY D 295 19.26 -68.99 -0.40
CA GLY D 295 18.16 -68.04 -0.38
C GLY D 295 17.92 -67.48 1.01
N LEU D 296 17.16 -66.39 1.04
CA LEU D 296 16.83 -65.70 2.30
C LEU D 296 15.83 -66.53 3.09
N ASP D 297 16.26 -67.02 4.24
CA ASP D 297 15.42 -67.89 5.06
C ASP D 297 14.78 -67.08 6.18
N ILE D 298 13.46 -66.95 6.12
CA ILE D 298 12.70 -66.24 7.14
C ILE D 298 12.27 -67.28 8.17
N ARG D 299 12.93 -67.28 9.32
CA ARG D 299 12.75 -68.36 10.29
C ARG D 299 11.49 -68.15 11.14
N LEU D 300 11.24 -66.91 11.55
CA LEU D 300 10.09 -66.59 12.36
C LEU D 300 9.09 -65.83 11.51
N PRO D 301 8.15 -66.50 10.83
CA PRO D 301 7.24 -65.79 9.93
C PRO D 301 6.19 -64.95 10.65
N LYS D 302 6.05 -65.09 11.96
CA LYS D 302 5.09 -64.28 12.70
C LYS D 302 5.65 -62.93 13.11
N GLU D 303 6.93 -62.67 12.84
CA GLU D 303 7.55 -61.38 13.13
C GLU D 303 7.84 -60.58 11.86
N VAL D 304 7.16 -60.91 10.76
CA VAL D 304 7.18 -60.10 9.55
C VAL D 304 5.73 -59.90 9.12
N ARG D 305 5.37 -58.66 8.81
CA ARG D 305 3.98 -58.31 8.55
C ARG D 305 3.90 -57.48 7.28
N TYR D 306 2.90 -57.76 6.45
CA TYR D 306 2.69 -57.02 5.21
C TYR D 306 1.42 -56.20 5.33
N VAL D 307 1.48 -54.93 4.94
CA VAL D 307 0.30 -54.08 4.89
C VAL D 307 0.16 -53.54 3.47
N ASP D 308 -1.00 -53.76 2.86
CA ASP D 308 -1.22 -53.40 1.47
C ASP D 308 -2.23 -52.27 1.37
N GLY D 309 -2.17 -51.55 0.25
CA GLY D 309 -3.14 -50.52 -0.05
C GLY D 309 -2.75 -49.11 0.37
N TYR D 310 -1.61 -48.92 1.01
CA TYR D 310 -1.14 -47.58 1.37
C TYR D 310 -1.11 -46.66 0.15
N MET E 11 -23.36 33.16 14.90
CA MET E 11 -22.14 33.90 14.60
C MET E 11 -22.48 35.26 14.04
N GLN E 12 -22.09 36.30 14.76
CA GLN E 12 -22.34 37.69 14.39
C GLN E 12 -21.01 38.40 14.17
N ALA E 13 -21.09 39.67 13.73
CA ALA E 13 -19.91 40.49 13.52
C ALA E 13 -20.19 41.90 14.00
N ASN E 14 -19.92 42.15 15.29
CA ASN E 14 -20.22 43.44 15.88
C ASN E 14 -19.13 43.97 16.81
N PHE E 15 -18.13 43.15 17.16
CA PHE E 15 -17.10 43.52 18.13
C PHE E 15 -17.70 43.91 19.48
N GLY E 16 -18.79 43.26 19.86
CA GLY E 16 -19.44 43.66 21.10
C GLY E 16 -20.53 42.71 21.52
N PHE E 17 -20.60 42.51 22.83
CA PHE E 17 -21.68 41.77 23.47
C PHE E 17 -22.04 42.48 24.77
N VAL E 18 -23.30 42.37 25.17
CA VAL E 18 -23.76 42.98 26.40
C VAL E 18 -23.47 42.01 27.55
N THR E 19 -22.64 42.44 28.48
CA THR E 19 -22.32 41.67 29.67
C THR E 19 -23.07 42.24 30.87
N SER E 20 -22.89 41.60 32.01
CA SER E 20 -23.56 42.00 33.24
C SER E 20 -22.54 42.08 34.36
N GLN E 21 -22.96 42.65 35.49
CA GLN E 21 -22.05 42.79 36.62
C GLN E 21 -21.93 41.48 37.40
N THR E 22 -23.02 40.74 37.52
CA THR E 22 -23.01 39.46 38.22
C THR E 22 -22.83 38.33 37.21
N ALA E 23 -21.62 38.27 36.67
CA ALA E 23 -21.28 37.28 35.66
C ALA E 23 -19.77 37.16 35.56
N TYR E 24 -19.27 35.95 35.40
CA TYR E 24 -17.84 35.67 35.32
C TYR E 24 -17.52 35.20 33.92
N VAL E 25 -16.84 36.04 33.15
CA VAL E 25 -16.46 35.71 31.79
C VAL E 25 -15.15 34.92 31.82
N GLU E 26 -15.14 33.76 31.17
CA GLU E 26 -13.96 32.92 31.15
C GLU E 26 -12.86 33.58 30.32
N ALA E 27 -11.61 33.25 30.65
CA ALA E 27 -10.48 33.91 30.02
C ALA E 27 -10.24 33.42 28.60
N GLY E 28 -10.40 32.12 28.36
CA GLY E 28 -10.04 31.57 27.07
C GLY E 28 -11.12 31.77 26.02
N VAL E 29 -10.72 31.56 24.77
CA VAL E 29 -11.62 31.62 23.62
C VAL E 29 -11.44 30.34 22.82
N TYR E 30 -12.55 29.71 22.43
CA TYR E 30 -12.50 28.50 21.62
C TYR E 30 -12.51 28.80 20.13
N ARG E 31 -11.45 28.37 19.45
CA ARG E 31 -11.34 28.51 18.01
C ARG E 31 -11.84 27.24 17.34
N MET E 32 -12.70 27.44 16.35
CA MET E 32 -13.33 26.36 15.62
C MET E 32 -12.26 25.51 14.94
N ARG E 33 -12.45 24.20 14.94
CA ARG E 33 -11.39 23.29 14.49
C ARG E 33 -11.53 22.96 13.01
N TYR E 34 -10.39 22.72 12.37
CA TYR E 34 -10.31 22.31 10.98
C TYR E 34 -9.30 21.17 10.84
N PRO E 35 -9.41 20.36 9.80
CA PRO E 35 -8.55 19.18 9.70
C PRO E 35 -7.09 19.55 9.57
N GLU E 36 -6.23 18.56 9.82
CA GLU E 36 -4.80 18.78 9.80
C GLU E 36 -4.31 19.00 8.37
N ILE E 37 -3.00 19.16 8.23
CA ILE E 37 -2.44 19.72 7.01
C ILE E 37 -1.96 18.62 6.07
N ARG E 38 -1.30 17.59 6.62
CA ARG E 38 -1.08 16.28 6.00
C ARG E 38 -0.18 16.28 4.76
N TYR E 39 0.22 17.43 4.23
CA TYR E 39 1.16 17.32 3.12
C TYR E 39 2.62 17.08 3.53
N PRO E 40 3.14 17.70 4.60
CA PRO E 40 4.54 17.43 4.95
C PRO E 40 4.77 15.96 5.26
N GLY E 41 5.85 15.41 4.69
CA GLY E 41 6.21 14.02 4.91
C GLY E 41 5.69 13.04 3.88
N LEU E 42 4.72 13.44 3.06
CA LEU E 42 4.22 12.57 2.00
C LEU E 42 4.58 13.05 0.60
N ILE E 43 4.74 14.35 0.41
CA ILE E 43 5.10 14.94 -0.87
C ILE E 43 6.47 15.59 -0.69
N PRO E 44 7.48 15.20 -1.47
CA PRO E 44 8.77 15.91 -1.40
C PRO E 44 8.66 17.30 -1.99
N VAL E 45 8.98 18.31 -1.17
CA VAL E 45 9.01 19.70 -1.61
C VAL E 45 10.41 20.23 -1.38
N ASP E 46 10.86 21.12 -2.25
CA ASP E 46 12.15 21.77 -2.06
C ASP E 46 12.00 23.27 -2.16
N TYR E 47 12.89 23.97 -1.47
CA TYR E 47 12.91 25.42 -1.39
C TYR E 47 14.25 25.97 -1.84
N SER E 48 14.96 25.24 -2.69
CA SER E 48 16.33 25.61 -3.04
C SER E 48 16.39 26.59 -4.20
N ALA E 49 15.40 26.56 -5.09
CA ALA E 49 15.43 27.42 -6.26
C ALA E 49 15.36 28.88 -5.85
N PRO E 50 15.90 29.79 -6.65
CA PRO E 50 15.82 31.22 -6.34
C PRO E 50 14.38 31.70 -6.30
N GLU E 51 14.15 32.78 -5.53
CA GLU E 51 12.79 33.20 -5.19
C GLU E 51 11.98 33.56 -6.44
N TRP E 52 12.59 34.25 -7.39
CA TRP E 52 11.91 34.66 -8.61
C TRP E 52 12.56 33.93 -9.77
N ILE E 53 12.14 32.68 -10.00
CA ILE E 53 12.52 31.92 -11.18
C ILE E 53 11.26 31.64 -11.96
N LYS E 54 11.42 31.13 -13.19
CA LYS E 54 10.28 31.07 -14.08
C LYS E 54 9.95 29.65 -14.50
N THR E 55 10.96 28.83 -14.79
CA THR E 55 10.75 27.45 -15.18
C THR E 55 11.80 26.59 -14.50
N VAL E 56 11.48 25.30 -14.36
CA VAL E 56 12.44 24.28 -13.96
C VAL E 56 12.49 23.24 -15.04
N ASP E 57 13.67 22.96 -15.57
CA ASP E 57 13.87 22.01 -16.65
C ASP E 57 15.01 21.08 -16.29
N TYR E 58 15.17 20.02 -17.07
CA TYR E 58 16.06 18.94 -16.64
C TYR E 58 16.16 17.84 -17.71
N TYR E 59 17.13 16.92 -17.55
CA TYR E 59 17.75 16.22 -18.68
C TYR E 59 17.79 14.70 -18.51
N SER E 60 17.65 13.97 -19.63
CA SER E 60 17.79 12.51 -19.68
C SER E 60 18.46 12.09 -20.98
N MET E 61 18.69 10.78 -21.10
CA MET E 61 19.39 10.24 -22.27
C MET E 61 19.16 8.74 -22.41
N ASP E 62 19.23 8.26 -23.64
CA ASP E 62 19.05 6.83 -23.94
C ASP E 62 19.78 6.46 -25.22
N GLY E 63 20.09 5.17 -25.36
CA GLY E 63 20.79 4.64 -26.51
C GLY E 63 20.06 3.46 -27.15
N VAL E 64 20.49 3.11 -28.36
CA VAL E 64 19.76 2.18 -29.21
C VAL E 64 20.75 1.48 -30.14
N GLY E 65 20.63 0.16 -30.24
CA GLY E 65 21.47 -0.62 -31.13
C GLY E 65 20.92 -2.02 -31.35
N LYS E 66 21.60 -2.78 -32.22
CA LYS E 66 21.21 -4.15 -32.52
C LYS E 66 22.40 -4.95 -33.02
N ALA E 67 22.52 -6.20 -32.55
CA ALA E 67 23.58 -7.11 -32.94
C ALA E 67 23.04 -8.23 -33.83
N GLU E 68 23.92 -8.82 -34.65
CA GLU E 68 23.48 -9.68 -35.75
C GLU E 68 24.53 -10.73 -36.06
N TRP E 69 24.10 -11.79 -36.77
CA TRP E 69 24.94 -12.91 -37.15
C TRP E 69 25.65 -12.61 -38.46
N ILE E 70 26.98 -12.59 -38.43
CA ILE E 70 27.80 -12.28 -39.60
C ILE E 70 28.94 -13.28 -39.64
N ALA E 71 29.47 -13.52 -40.84
CA ALA E 71 30.59 -14.44 -40.98
C ALA E 71 31.26 -14.26 -42.33
N ASP E 72 32.48 -14.81 -42.43
CA ASP E 72 33.20 -15.00 -43.70
C ASP E 72 33.53 -13.67 -44.38
N ARG E 73 34.39 -12.90 -43.75
CA ARG E 73 34.82 -11.62 -44.31
C ARG E 73 33.96 -10.56 -44.97
N ALA E 74 32.79 -10.30 -44.39
CA ALA E 74 31.87 -9.36 -45.01
C ALA E 74 31.85 -8.02 -44.28
N SER E 75 31.44 -6.98 -44.97
CA SER E 75 31.54 -5.62 -44.45
C SER E 75 30.36 -5.31 -43.54
N ASP E 76 29.44 -6.26 -43.44
CA ASP E 76 28.20 -6.03 -42.71
C ASP E 76 28.45 -6.23 -41.22
N ILE E 77 28.52 -5.14 -40.47
CA ILE E 77 28.65 -5.17 -39.02
C ILE E 77 27.78 -4.05 -38.48
N PRO E 78 26.80 -4.32 -37.63
CA PRO E 78 25.82 -3.28 -37.29
C PRO E 78 26.37 -2.24 -36.30
N VAL E 79 25.61 -1.16 -36.13
CA VAL E 79 26.08 0.03 -35.43
C VAL E 79 25.04 0.45 -34.39
N VAL E 80 25.49 1.25 -33.41
CA VAL E 80 24.69 1.75 -32.30
C VAL E 80 24.55 3.26 -32.42
N GLY E 81 23.78 3.85 -31.50
CA GLY E 81 23.55 5.29 -31.51
C GLY E 81 22.99 5.77 -30.18
N LEU E 82 23.06 7.08 -29.98
CA LEU E 82 22.72 7.71 -28.70
C LEU E 82 21.78 8.89 -28.92
N ALA E 83 21.16 9.35 -27.82
CA ALA E 83 20.23 10.48 -27.87
C ALA E 83 20.10 11.10 -26.48
N MET E 84 19.40 12.23 -26.41
CA MET E 84 19.20 12.98 -25.17
C MET E 84 17.84 13.67 -25.22
N GLU E 85 17.42 14.23 -24.09
CA GLU E 85 16.11 14.86 -24.02
C GLU E 85 16.04 15.81 -22.83
N LYS E 86 15.14 16.81 -22.95
CA LYS E 86 14.92 17.83 -21.94
C LYS E 86 13.43 18.00 -21.68
N ALA E 87 13.08 18.36 -20.45
CA ALA E 87 11.68 18.58 -20.09
C ALA E 87 11.56 19.75 -19.13
N THR E 88 10.33 20.30 -19.06
CA THR E 88 10.04 21.63 -18.53
C THR E 88 8.82 21.59 -17.62
N THR E 89 8.82 22.46 -16.60
CA THR E 89 7.63 22.82 -15.83
C THR E 89 7.65 24.33 -15.57
N THR E 90 6.54 24.86 -15.03
CA THR E 90 6.38 26.29 -14.80
C THR E 90 6.15 26.57 -13.33
N VAL E 91 6.29 27.85 -12.96
CA VAL E 91 6.12 28.32 -11.59
C VAL E 91 5.32 29.61 -11.62
N HIS E 92 4.34 29.73 -10.72
CA HIS E 92 3.38 30.84 -10.74
C HIS E 92 3.30 31.49 -9.37
N LEU E 93 2.57 32.61 -9.32
CA LEU E 93 2.46 33.48 -8.16
C LEU E 93 1.01 33.68 -7.76
N ALA E 94 0.79 33.80 -6.46
CA ALA E 94 -0.54 33.96 -5.89
C ALA E 94 -0.42 34.84 -4.65
N GLY E 95 -1.52 35.05 -3.93
CA GLY E 95 -1.44 35.83 -2.71
C GLY E 95 -2.73 36.15 -1.99
N ILE E 96 -2.64 36.44 -0.70
CA ILE E 96 -3.77 36.84 0.14
C ILE E 96 -3.33 37.87 1.16
N GLY E 97 -4.24 38.77 1.54
CA GLY E 97 -3.96 39.77 2.54
C GLY E 97 -5.27 40.37 3.02
N TYR E 98 -5.19 41.14 4.09
CA TYR E 98 -6.36 41.60 4.82
C TYR E 98 -6.46 43.12 4.78
N ASP E 99 -7.51 43.65 5.40
CA ASP E 99 -7.67 45.08 5.57
C ASP E 99 -8.63 45.36 6.72
N TYR E 100 -8.79 46.63 7.04
CA TYR E 100 -9.70 47.07 8.09
C TYR E 100 -9.95 48.56 7.94
N GLY E 101 -10.97 49.05 8.62
CA GLY E 101 -11.26 50.47 8.62
C GLY E 101 -10.55 51.22 9.74
N LEU E 102 -10.70 52.54 9.72
CA LEU E 102 -10.14 53.34 10.80
C LEU E 102 -10.86 53.13 12.12
N GLU E 103 -12.16 52.83 12.09
CA GLU E 103 -12.94 52.66 13.31
C GLU E 103 -13.15 51.18 13.63
N GLU E 104 -12.44 50.30 12.94
CA GLU E 104 -12.41 48.89 13.32
C GLU E 104 -11.23 48.55 14.21
N VAL E 105 -10.14 49.29 14.10
CA VAL E 105 -8.90 48.98 14.83
C VAL E 105 -8.71 49.86 16.04
N ASN E 106 -8.95 51.17 15.94
CA ASN E 106 -8.88 52.02 17.12
C ASN E 106 -9.99 51.68 18.11
N GLN E 107 -10.97 50.90 17.67
CA GLN E 107 -12.11 50.53 18.50
C GLN E 107 -11.95 49.14 19.09
N ALA E 108 -11.21 48.25 18.43
CA ALA E 108 -10.95 46.91 18.93
C ALA E 108 -9.76 46.85 19.87
N ILE E 109 -9.11 47.99 20.12
CA ILE E 109 -8.15 48.14 21.20
C ILE E 109 -8.84 48.49 22.51
N MET E 110 -10.01 49.10 22.44
CA MET E 110 -10.84 49.36 23.61
C MET E 110 -11.26 48.07 24.31
N LEU E 111 -11.36 46.97 23.58
CA LEU E 111 -11.68 45.67 24.16
C LEU E 111 -10.46 44.76 24.18
N GLY E 112 -9.28 45.28 23.83
CA GLY E 112 -8.06 44.50 23.89
C GLY E 112 -8.03 43.30 22.97
N MET E 113 -8.40 43.46 21.71
CA MET E 113 -8.51 42.34 20.80
C MET E 113 -7.36 42.23 19.81
N ASN E 114 -6.66 43.33 19.52
CA ASN E 114 -5.54 43.31 18.57
C ASN E 114 -5.97 42.75 17.22
N LEU E 115 -6.84 43.49 16.53
CA LEU E 115 -7.37 43.06 15.24
C LEU E 115 -6.29 42.85 14.18
N PRO E 116 -5.38 43.81 13.93
CA PRO E 116 -4.40 43.60 12.85
C PRO E 116 -3.52 42.39 13.08
N GLY E 117 -3.19 42.13 14.34
CA GLY E 117 -2.36 41.00 14.68
C GLY E 117 -3.05 39.66 14.59
N GLU E 118 -4.38 39.64 14.64
CA GLU E 118 -5.11 38.38 14.50
C GLU E 118 -5.29 37.98 13.06
N LYS E 119 -5.11 38.91 12.12
CA LYS E 119 -5.36 38.62 10.71
C LYS E 119 -4.15 37.97 10.05
N ALA E 120 -2.94 38.39 10.42
CA ALA E 120 -1.75 37.82 9.78
C ALA E 120 -1.64 36.33 10.08
N ASN E 121 -1.91 35.93 11.33
CA ASN E 121 -1.83 34.52 11.70
C ASN E 121 -2.81 33.69 10.85
N LEU E 122 -4.04 34.17 10.74
CA LEU E 122 -5.05 33.42 9.99
C LEU E 122 -4.78 33.46 8.49
N ALA E 123 -4.14 34.51 7.99
CA ALA E 123 -3.71 34.54 6.60
C ALA E 123 -2.66 33.47 6.34
N ARG E 124 -1.69 33.30 7.25
CA ARG E 124 -0.74 32.22 7.08
C ARG E 124 -1.43 30.86 7.12
N LEU E 125 -2.45 30.72 7.99
CA LEU E 125 -3.17 29.46 8.06
C LEU E 125 -3.85 29.12 6.74
N VAL E 126 -4.58 30.08 6.18
CA VAL E 126 -5.24 29.87 4.89
C VAL E 126 -4.24 29.67 3.77
N TYR E 127 -3.06 30.31 3.87
CA TYR E 127 -1.93 29.98 3.01
C TYR E 127 -1.64 28.49 2.98
N GLU E 128 -1.35 27.91 4.15
CA GLU E 128 -1.04 26.48 4.17
C GLU E 128 -2.18 25.65 3.63
N ARG E 129 -3.42 26.07 3.91
CA ARG E 129 -4.59 25.38 3.37
C ARG E 129 -4.54 25.35 1.84
N MET E 130 -4.25 26.49 1.22
CA MET E 130 -4.18 26.57 -0.23
C MET E 130 -3.08 25.67 -0.79
N VAL E 131 -1.91 25.69 -0.16
CA VAL E 131 -0.81 24.84 -0.64
C VAL E 131 -1.21 23.38 -0.59
N ASP E 132 -1.85 22.96 0.51
CA ASP E 132 -2.30 21.58 0.62
C ASP E 132 -3.30 21.23 -0.47
N ARG E 133 -4.29 22.08 -0.70
CA ARG E 133 -5.30 21.78 -1.71
C ARG E 133 -4.68 21.65 -3.09
N VAL E 134 -3.71 22.51 -3.41
CA VAL E 134 -3.04 22.40 -4.70
C VAL E 134 -2.26 21.09 -4.78
N ALA E 135 -1.59 20.72 -3.69
CA ALA E 135 -0.73 19.54 -3.72
C ALA E 135 -1.53 18.26 -3.91
N PHE E 136 -2.69 18.15 -3.29
CA PHE E 136 -3.39 16.86 -3.28
C PHE E 136 -4.56 16.77 -4.23
N THR E 137 -5.02 17.88 -4.81
CA THR E 137 -6.11 17.83 -5.79
C THR E 137 -5.78 18.78 -6.92
N GLY E 138 -6.77 19.04 -7.77
CA GLY E 138 -6.58 19.93 -8.89
C GLY E 138 -7.60 21.04 -8.95
N ASP E 139 -7.23 22.15 -9.59
CA ASP E 139 -8.08 23.32 -9.67
C ASP E 139 -8.74 23.53 -11.02
N ALA E 140 -8.16 22.98 -12.09
CA ALA E 140 -8.68 23.08 -13.46
C ALA E 140 -8.73 24.52 -13.94
N GLU E 141 -7.95 25.40 -13.34
CA GLU E 141 -7.73 26.75 -13.85
C GLU E 141 -6.35 26.92 -14.45
N LYS E 142 -5.33 26.37 -13.80
CA LYS E 142 -3.98 26.29 -14.35
C LYS E 142 -3.64 24.88 -14.81
N ASP E 143 -4.60 23.95 -14.72
CA ASP E 143 -4.40 22.54 -15.04
C ASP E 143 -3.25 21.94 -14.22
N PHE E 144 -3.43 22.01 -12.90
CA PHE E 144 -2.52 21.38 -11.94
C PHE E 144 -3.17 20.10 -11.46
N LYS E 145 -2.85 19.00 -12.13
CA LYS E 145 -3.38 17.70 -11.71
C LYS E 145 -2.71 17.25 -10.41
N GLY E 146 -3.52 16.77 -9.48
CA GLY E 146 -3.05 16.42 -8.16
C GLY E 146 -2.66 14.96 -8.03
N LEU E 147 -2.34 14.57 -6.80
CA LEU E 147 -1.93 13.20 -6.55
C LEU E 147 -3.11 12.24 -6.56
N PHE E 148 -4.29 12.68 -6.11
CA PHE E 148 -5.43 11.81 -5.98
C PHE E 148 -6.26 11.69 -7.26
N ASN E 149 -6.04 12.55 -8.25
CA ASN E 149 -6.85 12.54 -9.46
C ASN E 149 -6.05 12.74 -10.72
N ASN E 150 -4.77 12.35 -10.75
CA ASN E 150 -3.98 12.50 -11.95
C ASN E 150 -4.46 11.52 -13.02
N GLY E 151 -4.58 12.02 -14.25
CA GLY E 151 -5.13 11.23 -15.33
C GLY E 151 -4.14 10.44 -16.14
N ALA E 152 -2.86 10.43 -15.76
CA ALA E 152 -1.85 9.68 -16.49
C ALA E 152 -1.51 8.35 -15.82
N VAL E 153 -1.96 8.12 -14.59
CA VAL E 153 -1.60 6.92 -13.86
C VAL E 153 -2.73 5.90 -14.02
N THR E 154 -2.37 4.64 -13.80
CA THR E 154 -3.29 3.54 -14.04
C THR E 154 -4.12 3.25 -12.80
N ALA E 155 -5.43 3.17 -13.00
CA ALA E 155 -6.40 2.95 -11.92
C ALA E 155 -7.17 1.68 -12.21
N VAL E 156 -7.00 0.67 -11.36
CA VAL E 156 -7.66 -0.61 -11.52
C VAL E 156 -8.63 -0.82 -10.37
N SER E 157 -9.58 -1.71 -10.60
CA SER E 157 -10.55 -2.05 -9.57
C SER E 157 -9.99 -3.12 -8.64
N ALA E 158 -10.70 -3.37 -7.55
CA ALA E 158 -10.31 -4.39 -6.59
C ALA E 158 -10.93 -5.73 -6.96
N THR E 159 -10.34 -6.79 -6.41
CA THR E 159 -10.80 -8.16 -6.70
C THR E 159 -12.01 -8.46 -5.83
N THR E 160 -13.13 -7.83 -6.17
CA THR E 160 -14.41 -8.10 -5.51
C THR E 160 -14.29 -7.98 -3.99
N GLY E 161 -13.75 -6.87 -3.53
CA GLY E 161 -13.55 -6.67 -2.11
C GLY E 161 -14.17 -5.39 -1.59
N ASN E 162 -15.05 -5.52 -0.59
CA ASN E 162 -15.73 -4.38 0.02
C ASN E 162 -15.20 -4.08 1.41
N TRP E 163 -14.50 -5.02 2.04
CA TRP E 163 -13.86 -4.84 3.34
C TRP E 163 -14.89 -4.62 4.45
N ALA E 164 -16.16 -4.87 4.13
CA ALA E 164 -17.21 -5.02 5.13
C ALA E 164 -17.96 -6.28 4.76
N SER E 165 -18.10 -7.20 5.71
CA SER E 165 -18.50 -8.58 5.45
C SER E 165 -17.54 -9.25 4.48
N ALA E 166 -16.24 -9.00 4.66
CA ALA E 166 -15.20 -9.65 3.89
C ALA E 166 -14.18 -10.27 4.83
N THR E 167 -13.87 -11.55 4.60
CA THR E 167 -12.96 -12.28 5.47
C THR E 167 -11.52 -11.82 5.22
N ALA E 168 -10.62 -12.25 6.12
CA ALA E 168 -9.25 -11.76 6.08
C ALA E 168 -8.51 -12.19 4.81
N ASP E 169 -8.90 -13.32 4.22
CA ASP E 169 -8.27 -13.75 2.97
C ASP E 169 -8.47 -12.71 1.88
N GLN E 170 -9.70 -12.22 1.73
CA GLN E 170 -9.97 -11.19 0.73
C GLN E 170 -9.22 -9.91 1.04
N ILE E 171 -9.15 -9.53 2.32
CA ILE E 171 -8.45 -8.30 2.69
C ILE E 171 -6.97 -8.39 2.30
N LEU E 172 -6.34 -9.52 2.61
CA LEU E 172 -4.93 -9.68 2.27
C LEU E 172 -4.71 -9.73 0.77
N ALA E 173 -5.57 -10.45 0.04
CA ALA E 173 -5.45 -10.50 -1.41
C ALA E 173 -5.59 -9.11 -2.03
N ASP E 174 -6.58 -8.35 -1.57
CA ASP E 174 -6.80 -7.02 -2.12
C ASP E 174 -5.62 -6.10 -1.81
N PHE E 175 -5.09 -6.18 -0.59
CA PHE E 175 -3.96 -5.31 -0.27
C PHE E 175 -2.75 -5.63 -1.10
N ASN E 176 -2.43 -6.91 -1.29
CA ASN E 176 -1.24 -7.24 -2.05
C ASN E 176 -1.44 -7.11 -3.56
N LEU E 177 -2.70 -6.98 -3.99
CA LEU E 177 -2.97 -6.75 -5.41
C LEU E 177 -2.29 -5.48 -5.90
N GLY E 178 -2.32 -4.41 -5.10
CA GLY E 178 -1.70 -3.17 -5.53
C GLY E 178 -0.21 -3.30 -5.73
N ILE E 179 0.48 -3.93 -4.78
CA ILE E 179 1.93 -4.07 -4.88
C ILE E 179 2.30 -4.95 -6.07
N THR E 180 1.60 -6.07 -6.24
CA THR E 180 1.92 -6.94 -7.37
C THR E 180 1.61 -6.27 -8.69
N GLY E 181 0.54 -5.48 -8.75
CA GLY E 181 0.21 -4.77 -9.97
C GLY E 181 1.22 -3.70 -10.30
N LEU E 182 1.72 -2.98 -9.29
CA LEU E 182 2.75 -2.00 -9.55
C LEU E 182 4.03 -2.66 -10.03
N TRP E 183 4.34 -3.82 -9.49
CA TRP E 183 5.47 -4.62 -9.98
C TRP E 183 5.28 -5.10 -11.41
N SER E 184 4.07 -5.51 -11.80
CA SER E 184 3.83 -6.01 -13.14
C SER E 184 3.60 -4.91 -14.17
N ALA E 185 3.32 -3.68 -13.73
CA ALA E 185 3.05 -2.59 -14.65
C ALA E 185 4.32 -1.92 -15.15
N THR E 186 5.42 -2.04 -14.42
CA THR E 186 6.70 -1.50 -14.84
C THR E 186 7.64 -2.59 -15.34
N ASN E 187 7.09 -3.68 -15.88
CA ASN E 187 7.87 -4.80 -16.40
C ASN E 187 8.79 -5.41 -15.34
N GLU E 188 8.27 -5.55 -14.12
CA GLU E 188 8.97 -6.19 -13.00
C GLU E 188 10.26 -5.49 -12.63
N MET E 189 10.20 -4.22 -12.28
CA MET E 189 11.40 -3.44 -11.96
C MET E 189 11.32 -2.67 -10.65
N VAL E 190 10.15 -2.32 -10.15
CA VAL E 190 10.07 -1.39 -9.03
C VAL E 190 9.09 -1.92 -7.99
N TYR E 191 9.26 -1.42 -6.76
CA TYR E 191 8.50 -1.86 -5.60
C TYR E 191 7.74 -0.68 -5.00
N ALA E 192 6.50 -0.92 -4.58
CA ALA E 192 5.75 0.11 -3.89
C ALA E 192 6.32 0.30 -2.49
N ASP E 193 6.60 1.55 -2.13
CA ASP E 193 7.13 1.86 -0.81
C ASP E 193 6.06 2.30 0.16
N THR E 194 5.06 3.04 -0.32
CA THR E 194 4.07 3.67 0.54
C THR E 194 2.68 3.41 0.02
N VAL E 195 1.76 3.22 0.95
CA VAL E 195 0.35 2.98 0.67
C VAL E 195 -0.48 4.04 1.40
N LEU E 196 -1.39 4.68 0.68
CA LEU E 196 -2.35 5.60 1.28
C LEU E 196 -3.73 5.00 1.12
N LEU E 197 -4.45 4.85 2.23
CA LEU E 197 -5.77 4.25 2.29
C LEU E 197 -6.78 5.22 2.86
N PRO E 198 -8.06 5.10 2.48
CA PRO E 198 -9.09 5.86 3.19
C PRO E 198 -9.12 5.46 4.65
N SER E 199 -9.42 6.44 5.52
CA SER E 199 -9.19 6.24 6.95
C SER E 199 -10.14 5.21 7.54
N ALA E 200 -11.37 5.15 7.04
CA ALA E 200 -12.30 4.14 7.53
C ALA E 200 -11.78 2.74 7.25
N LYS E 201 -11.21 2.52 6.06
CA LYS E 201 -10.63 1.23 5.74
C LYS E 201 -9.43 0.93 6.63
N HIS E 202 -8.65 1.95 6.98
CA HIS E 202 -7.55 1.76 7.90
C HIS E 202 -8.07 1.31 9.26
N GLN E 203 -9.20 1.87 9.70
CA GLN E 203 -9.84 1.39 10.93
C GLN E 203 -10.24 -0.07 10.82
N ILE E 204 -10.88 -0.43 9.71
CA ILE E 204 -11.35 -1.80 9.53
C ILE E 204 -10.18 -2.78 9.63
N ILE E 205 -9.05 -2.41 9.02
CA ILE E 205 -7.88 -3.28 9.06
C ILE E 205 -7.29 -3.33 10.47
N ALA E 206 -7.14 -2.17 11.11
CA ALA E 206 -6.47 -2.13 12.40
C ALA E 206 -7.29 -2.77 13.52
N SER E 207 -8.60 -2.90 13.35
CA SER E 207 -9.47 -3.47 14.39
C SER E 207 -9.72 -4.95 14.20
N LYS E 208 -10.11 -5.37 12.99
CA LYS E 208 -10.41 -6.76 12.73
C LYS E 208 -9.20 -7.64 13.01
N ARG E 209 -9.43 -8.71 13.77
CA ARG E 209 -8.39 -9.69 14.02
C ARG E 209 -8.07 -10.43 12.72
N LEU E 210 -7.07 -11.29 12.76
CA LEU E 210 -6.56 -11.92 11.54
C LEU E 210 -7.46 -13.05 11.06
N GLY E 211 -8.71 -13.05 11.46
CA GLY E 211 -9.53 -14.21 11.22
C GLY E 211 -9.05 -15.40 11.98
N ASN E 212 -8.72 -15.22 13.27
CA ASN E 212 -8.14 -16.25 14.12
C ASN E 212 -9.06 -16.52 15.30
N GLU E 213 -9.26 -17.79 15.63
CA GLU E 213 -9.61 -18.11 17.02
C GLU E 213 -8.38 -18.44 17.84
N ALA E 214 -7.24 -18.60 17.20
CA ALA E 214 -6.04 -19.14 17.85
C ALA E 214 -5.30 -18.09 18.66
N THR E 215 -5.05 -16.92 18.07
CA THR E 215 -4.33 -15.86 18.76
C THR E 215 -4.96 -14.48 18.59
N GLU E 216 -5.92 -14.32 17.70
CA GLU E 216 -6.68 -13.07 17.56
C GLU E 216 -5.76 -11.86 17.31
N THR E 217 -4.64 -12.09 16.64
CA THR E 217 -3.78 -10.97 16.28
C THR E 217 -4.42 -10.15 15.17
N VAL E 218 -4.09 -8.86 15.14
CA VAL E 218 -4.76 -7.96 14.21
C VAL E 218 -4.20 -8.16 12.80
N LEU E 219 -4.94 -7.64 11.82
CA LEU E 219 -4.52 -7.74 10.43
C LEU E 219 -3.24 -6.97 10.13
N GLN E 220 -2.78 -6.13 11.05
CA GLN E 220 -1.52 -5.44 10.86
C GLN E 220 -0.30 -6.37 10.99
N PHE E 221 -0.54 -7.69 11.06
CA PHE E 221 0.47 -8.67 10.68
C PHE E 221 0.93 -8.42 9.26
N LEU E 222 0.08 -7.81 8.45
CA LEU E 222 0.46 -7.28 7.14
C LEU E 222 1.74 -6.45 7.21
N GLN E 223 2.03 -5.87 8.38
CA GLN E 223 3.21 -5.02 8.49
C GLN E 223 4.49 -5.81 8.29
N ARG E 224 4.45 -7.13 8.48
CA ARG E 224 5.66 -7.95 8.37
C ARG E 224 5.52 -9.08 7.35
N ALA E 225 4.40 -9.18 6.66
CA ALA E 225 4.18 -10.25 5.70
C ALA E 225 3.70 -9.79 4.34
N ASN E 226 3.75 -8.49 4.05
CA ASN E 226 3.43 -8.01 2.72
C ASN E 226 4.54 -8.37 1.74
N VAL E 227 4.27 -8.19 0.45
CA VAL E 227 5.22 -8.59 -0.59
C VAL E 227 6.53 -7.83 -0.45
N TYR E 228 6.45 -6.51 -0.29
CA TYR E 228 7.65 -5.69 -0.20
C TYR E 228 8.50 -6.08 1.01
N THR E 229 7.88 -6.13 2.19
CA THR E 229 8.60 -6.48 3.41
C THR E 229 9.03 -7.94 3.42
N ALA E 230 8.52 -8.77 2.51
CA ALA E 230 8.91 -10.17 2.45
C ALA E 230 10.12 -10.38 1.54
N GLU E 231 10.07 -9.85 0.31
CA GLU E 231 11.20 -10.03 -0.60
C GLU E 231 12.46 -9.38 -0.03
N THR E 232 12.34 -8.16 0.47
CA THR E 232 13.43 -7.43 1.09
C THR E 232 13.19 -7.37 2.59
N GLY E 233 14.09 -6.70 3.30
CA GLY E 233 13.93 -6.51 4.72
C GLY E 233 13.36 -5.17 5.11
N ARG E 234 13.14 -4.26 4.16
CA ARG E 234 12.73 -2.91 4.48
C ARG E 234 11.26 -2.89 4.89
N PRO E 235 10.88 -1.99 5.80
CA PRO E 235 9.49 -1.88 6.20
C PRO E 235 8.64 -1.17 5.15
N LEU E 236 7.33 -1.35 5.30
CA LEU E 236 6.34 -0.70 4.45
C LEU E 236 5.56 0.29 5.30
N THR E 237 5.24 1.46 4.74
CA THR E 237 4.53 2.50 5.46
C THR E 237 3.09 2.56 4.98
N ILE E 238 2.16 2.52 5.92
CA ILE E 238 0.73 2.58 5.64
C ILE E 238 0.14 3.78 6.37
N ARG E 239 -0.61 4.60 5.66
CA ARG E 239 -1.21 5.80 6.22
C ARG E 239 -2.68 5.86 5.86
N GLY E 240 -3.46 6.55 6.68
CA GLY E 240 -4.86 6.83 6.40
C GLY E 240 -5.04 8.31 6.14
N MET E 241 -5.67 8.62 5.02
CA MET E 241 -5.86 9.99 4.56
C MET E 241 -7.32 10.42 4.71
N ARG E 242 -7.63 11.60 4.19
CA ARG E 242 -8.93 12.21 4.41
C ARG E 242 -9.79 12.31 3.15
N GLY E 243 -9.21 12.65 2.01
CA GLY E 243 -10.03 12.93 0.84
C GLY E 243 -10.23 11.79 -0.13
N LEU E 244 -10.01 10.55 0.33
CA LEU E 244 -10.04 9.39 -0.55
C LEU E 244 -11.35 8.61 -0.45
N ASN E 245 -12.39 9.22 0.13
CA ASN E 245 -13.60 8.45 0.40
C ASN E 245 -14.39 8.19 -0.88
N THR E 246 -14.46 9.17 -1.79
CA THR E 246 -15.25 9.03 -3.01
C THR E 246 -14.48 9.50 -4.23
N ALA E 247 -13.20 9.16 -4.32
CA ALA E 247 -12.36 9.66 -5.41
C ALA E 247 -12.25 8.66 -6.55
N GLY E 248 -13.07 7.60 -6.52
CA GLY E 248 -12.99 6.53 -7.49
C GLY E 248 -13.77 6.79 -8.76
N ALA E 249 -13.82 5.77 -9.61
CA ALA E 249 -14.41 5.91 -10.93
C ALA E 249 -15.90 6.21 -10.84
N GLY E 250 -16.62 5.52 -9.95
CA GLY E 250 -18.04 5.72 -9.83
C GLY E 250 -18.43 6.29 -8.48
N GLY E 251 -17.58 7.13 -7.91
CA GLY E 251 -17.81 7.66 -6.59
C GLY E 251 -17.43 6.73 -5.46
N VAL E 252 -16.50 5.82 -5.68
CA VAL E 252 -16.12 4.83 -4.68
C VAL E 252 -14.75 5.19 -4.12
N SER E 253 -14.40 4.57 -3.01
CA SER E 253 -13.13 4.88 -2.35
C SER E 253 -11.96 4.50 -3.22
N ARG E 254 -10.86 5.25 -3.08
CA ARG E 254 -9.64 5.04 -3.84
C ARG E 254 -8.46 4.98 -2.89
N SER E 255 -7.49 4.12 -3.21
CA SER E 255 -6.24 4.06 -2.46
C SER E 255 -5.07 4.11 -3.43
N VAL E 256 -3.92 4.57 -2.94
CA VAL E 256 -2.78 4.90 -3.79
C VAL E 256 -1.55 4.11 -3.33
N PHE E 257 -0.86 3.49 -4.27
CA PHE E 257 0.42 2.83 -4.02
C PHE E 257 1.50 3.54 -4.81
N TYR E 258 2.57 3.97 -4.14
CA TYR E 258 3.60 4.70 -4.86
C TYR E 258 4.94 4.56 -4.13
N ARG E 259 5.98 5.17 -4.71
CA ARG E 259 7.35 4.92 -4.29
C ARG E 259 7.92 6.00 -3.37
N ASN E 260 7.38 7.22 -3.40
CA ASN E 260 7.77 8.29 -2.47
C ASN E 260 9.26 8.59 -2.56
N SER E 261 9.70 9.01 -3.74
CA SER E 261 11.07 9.42 -3.97
C SER E 261 11.11 10.76 -4.69
N PRO E 262 12.11 11.60 -4.43
CA PRO E 262 12.19 12.90 -5.11
C PRO E 262 12.37 12.80 -6.62
N GLU E 263 12.59 11.60 -7.16
CA GLU E 263 12.66 11.42 -8.60
C GLU E 263 11.34 10.94 -9.20
N VAL E 264 10.33 10.69 -8.38
CA VAL E 264 9.01 10.31 -8.85
C VAL E 264 8.02 11.45 -8.69
N LEU E 265 8.00 12.07 -7.52
CA LEU E 265 7.18 13.23 -7.24
C LEU E 265 8.07 14.44 -6.97
N LYS E 266 7.55 15.63 -7.21
CA LYS E 266 8.30 16.84 -6.98
C LYS E 266 7.36 18.03 -6.96
N MET E 267 7.52 18.89 -5.96
CA MET E 267 6.77 20.13 -5.88
C MET E 267 7.73 21.23 -5.45
N HIS E 268 7.88 22.26 -6.28
CA HIS E 268 8.78 23.36 -5.98
C HIS E 268 8.01 24.52 -5.38
N ILE E 269 8.53 25.07 -4.30
CA ILE E 269 7.97 26.27 -3.68
C ILE E 269 9.09 27.27 -3.47
N PRO E 270 9.44 28.06 -4.50
CA PRO E 270 10.57 28.98 -4.37
C PRO E 270 10.42 30.00 -3.26
N MET E 271 9.24 30.63 -3.18
CA MET E 271 8.99 31.71 -2.24
C MET E 271 7.82 31.35 -1.33
N ARG E 272 7.99 31.65 -0.04
CA ARG E 272 6.95 31.41 0.95
C ARG E 272 6.17 32.70 1.21
N HIS E 273 5.14 32.60 2.04
CA HIS E 273 4.22 33.72 2.26
C HIS E 273 4.93 34.83 3.03
N ARG E 274 4.88 36.04 2.49
CA ARG E 274 5.38 37.23 3.14
C ARG E 274 4.32 38.32 3.06
N PHE E 275 4.55 39.41 3.77
CA PHE E 275 3.63 40.53 3.81
C PHE E 275 4.31 41.80 3.34
N LEU E 276 3.55 42.67 2.72
CA LEU E 276 4.02 43.92 2.17
C LEU E 276 3.51 45.09 3.00
N PRO E 277 4.13 46.26 2.89
CA PRO E 277 3.71 47.40 3.72
C PRO E 277 2.26 47.78 3.51
N VAL E 278 1.79 48.69 4.35
CA VAL E 278 0.37 49.05 4.40
C VAL E 278 0.11 50.26 3.53
N GLN E 279 -0.88 50.15 2.66
CA GLN E 279 -1.36 51.29 1.89
C GLN E 279 -2.56 51.89 2.61
N VAL E 280 -2.65 53.22 2.60
CA VAL E 280 -3.71 53.93 3.31
C VAL E 280 -4.50 54.73 2.29
N VAL E 281 -5.82 54.55 2.29
CA VAL E 281 -6.69 55.25 1.35
C VAL E 281 -7.95 55.64 2.11
N GLY E 282 -8.16 56.94 2.31
CA GLY E 282 -9.39 57.47 2.84
C GLY E 282 -10.00 56.70 4.01
N LEU E 283 -9.30 56.68 5.14
CA LEU E 283 -9.79 56.02 6.35
C LEU E 283 -9.88 54.51 6.20
N THR E 284 -9.09 53.92 5.31
CA THR E 284 -9.07 52.47 5.14
C THR E 284 -7.64 52.01 4.92
N TYR E 285 -7.21 51.00 5.68
CA TYR E 285 -5.87 50.47 5.58
C TYR E 285 -5.88 49.18 4.78
N LYS E 286 -5.48 49.25 3.52
CA LYS E 286 -5.40 48.08 2.64
C LYS E 286 -4.01 47.48 2.77
N VAL E 287 -3.93 46.17 3.03
CA VAL E 287 -2.67 45.50 3.28
C VAL E 287 -2.56 44.30 2.35
N PRO E 288 -1.53 44.22 1.50
CA PRO E 288 -1.37 43.05 0.63
C PRO E 288 -0.48 41.98 1.22
N GLY E 289 -0.39 40.83 0.56
CA GLY E 289 0.49 39.74 0.95
C GLY E 289 0.53 38.69 -0.13
N ILE E 290 1.72 38.24 -0.53
CA ILE E 290 1.87 37.44 -1.74
C ILE E 290 2.81 36.26 -1.47
N PHE E 291 2.77 35.29 -2.38
CA PHE E 291 3.68 34.15 -2.38
C PHE E 291 3.73 33.60 -3.80
N ARG E 292 4.49 32.53 -3.99
CA ARG E 292 4.56 31.92 -5.31
C ARG E 292 5.08 30.49 -5.19
N LEU E 293 4.45 29.57 -5.92
CA LEU E 293 4.75 28.15 -5.88
C LEU E 293 4.59 27.57 -7.28
N GLY E 294 4.88 26.29 -7.41
CA GLY E 294 4.74 25.57 -8.66
C GLY E 294 3.97 24.29 -8.45
N GLY E 295 3.15 23.92 -9.44
CA GLY E 295 2.26 22.79 -9.25
C GLY E 295 3.01 21.48 -9.09
N LEU E 296 2.31 20.50 -8.52
CA LEU E 296 2.89 19.18 -8.31
C LEU E 296 3.20 18.52 -9.66
N ASP E 297 4.27 17.72 -9.68
CA ASP E 297 4.81 17.17 -10.91
C ASP E 297 5.11 15.70 -10.70
N ILE E 298 4.33 14.84 -11.34
CA ILE E 298 4.50 13.38 -11.26
C ILE E 298 5.32 12.98 -12.48
N ARG E 299 6.59 12.66 -12.25
CA ARG E 299 7.52 12.45 -13.36
C ARG E 299 7.41 11.03 -13.90
N LEU E 300 7.34 10.05 -13.00
CA LEU E 300 7.18 8.65 -13.38
C LEU E 300 5.74 8.23 -13.09
N PRO E 301 4.85 8.22 -14.08
CA PRO E 301 3.46 7.86 -13.81
C PRO E 301 3.21 6.36 -13.64
N LYS E 302 4.13 5.50 -14.06
CA LYS E 302 3.99 4.07 -13.83
C LYS E 302 4.39 3.66 -12.43
N GLU E 303 4.97 4.56 -11.65
CA GLU E 303 5.35 4.28 -10.27
C GLU E 303 4.29 4.76 -9.28
N VAL E 304 3.09 5.08 -9.77
CA VAL E 304 1.95 5.43 -8.96
C VAL E 304 0.77 4.62 -9.48
N ARG E 305 0.01 4.02 -8.57
CA ARG E 305 -1.05 3.08 -8.94
C ARG E 305 -2.29 3.35 -8.10
N TYR E 306 -3.45 3.38 -8.74
CA TYR E 306 -4.71 3.59 -8.05
C TYR E 306 -5.47 2.28 -7.97
N VAL E 307 -5.99 1.97 -6.79
CA VAL E 307 -6.87 0.82 -6.60
C VAL E 307 -8.19 1.33 -6.06
N ASP E 308 -9.27 1.12 -6.82
CA ASP E 308 -10.59 1.60 -6.44
C ASP E 308 -11.44 0.44 -5.95
N GLY E 309 -12.39 0.74 -5.08
CA GLY E 309 -13.39 -0.21 -4.66
C GLY E 309 -13.16 -0.85 -3.31
N TYR E 310 -12.10 -0.49 -2.60
CA TYR E 310 -11.86 -1.03 -1.27
C TYR E 310 -13.01 -0.70 -0.32
N MET F 11 12.91 14.17 -27.87
CA MET F 11 14.06 13.32 -28.15
C MET F 11 14.97 13.91 -29.21
N GLN F 12 15.60 15.03 -28.88
CA GLN F 12 16.52 15.68 -29.80
C GLN F 12 17.87 14.99 -29.72
N ALA F 13 18.63 15.05 -30.81
CA ALA F 13 19.92 14.38 -30.92
C ALA F 13 21.03 15.31 -31.37
N ASN F 14 21.20 16.47 -30.73
CA ASN F 14 22.09 17.48 -31.28
C ASN F 14 23.26 17.85 -30.37
N PHE F 15 23.48 17.16 -29.26
CA PHE F 15 24.56 17.49 -28.33
C PHE F 15 24.43 18.90 -27.74
N GLY F 16 23.34 19.61 -28.04
CA GLY F 16 23.25 21.00 -27.62
C GLY F 16 21.95 21.38 -26.97
N PHE F 17 22.02 22.15 -25.89
CA PHE F 17 20.84 22.60 -25.18
C PHE F 17 20.99 24.08 -24.86
N VAL F 18 19.88 24.81 -24.93
CA VAL F 18 19.86 26.23 -24.59
C VAL F 18 19.55 26.38 -23.11
N THR F 19 20.31 27.24 -22.43
CA THR F 19 20.17 27.46 -21.00
C THR F 19 19.58 28.85 -20.78
N SER F 20 18.33 28.90 -20.32
CA SER F 20 17.68 30.18 -20.08
C SER F 20 18.24 30.86 -18.85
N GLN F 21 18.17 32.20 -18.85
CA GLN F 21 18.68 32.96 -17.71
C GLN F 21 17.72 32.95 -16.54
N THR F 22 16.43 32.71 -16.79
CA THR F 22 15.41 32.66 -15.75
C THR F 22 14.90 31.25 -15.54
N ALA F 23 15.79 30.26 -15.59
CA ALA F 23 15.44 28.88 -15.40
C ALA F 23 16.40 28.23 -14.40
N TYR F 24 15.96 27.11 -13.84
CA TYR F 24 16.72 26.37 -12.85
C TYR F 24 16.95 24.96 -13.35
N VAL F 25 18.18 24.50 -13.26
CA VAL F 25 18.57 23.17 -13.77
C VAL F 25 18.91 22.26 -12.61
N GLU F 26 18.34 21.07 -12.62
CA GLU F 26 18.64 20.08 -11.60
C GLU F 26 19.93 19.34 -11.97
N ALA F 27 20.67 18.94 -10.95
CA ALA F 27 21.93 18.24 -11.17
C ALA F 27 21.68 16.76 -11.44
N GLY F 28 22.38 16.22 -12.42
CA GLY F 28 22.29 14.80 -12.73
C GLY F 28 21.39 14.47 -13.89
N VAL F 29 21.75 13.43 -14.63
CA VAL F 29 21.01 12.96 -15.80
C VAL F 29 20.47 11.57 -15.49
N TYR F 30 19.34 11.23 -16.12
CA TYR F 30 18.65 9.96 -15.88
C TYR F 30 18.79 9.07 -17.09
N ARG F 31 19.25 7.85 -16.87
CA ARG F 31 19.33 6.84 -17.91
C ARG F 31 18.11 5.94 -17.86
N MET F 32 17.55 5.66 -19.02
CA MET F 32 16.39 4.77 -19.10
C MET F 32 16.78 3.38 -18.62
N ARG F 33 15.85 2.72 -17.93
CA ARG F 33 16.14 1.46 -17.27
C ARG F 33 15.76 0.28 -18.15
N TYR F 34 16.57 -0.77 -18.09
CA TYR F 34 16.37 -2.04 -18.76
C TYR F 34 16.51 -3.18 -17.75
N PRO F 35 15.82 -4.30 -17.98
CA PRO F 35 15.80 -5.37 -16.99
C PRO F 35 17.16 -5.97 -16.73
N GLU F 36 17.27 -6.64 -15.58
CA GLU F 36 18.52 -7.24 -15.15
C GLU F 36 18.86 -8.45 -16.04
N ILE F 37 20.08 -8.97 -15.88
CA ILE F 37 20.68 -9.82 -16.91
C ILE F 37 20.30 -11.29 -16.71
N ARG F 38 20.24 -11.74 -15.46
CA ARG F 38 19.60 -12.97 -14.95
C ARG F 38 20.22 -14.27 -15.44
N TYR F 39 21.17 -14.25 -16.37
CA TYR F 39 21.70 -15.56 -16.77
C TYR F 39 22.78 -16.07 -15.83
N PRO F 40 23.73 -15.26 -15.36
CA PRO F 40 24.79 -15.82 -14.50
C PRO F 40 24.22 -16.42 -13.22
N GLY F 41 24.72 -17.59 -12.85
CA GLY F 41 24.23 -18.31 -11.70
C GLY F 41 23.14 -19.33 -11.99
N LEU F 42 22.51 -19.26 -13.17
CA LEU F 42 21.45 -20.18 -13.53
C LEU F 42 21.80 -21.09 -14.69
N ILE F 43 22.68 -20.66 -15.58
CA ILE F 43 23.13 -21.46 -16.72
C ILE F 43 24.63 -21.63 -16.60
N PRO F 44 25.15 -22.85 -16.53
CA PRO F 44 26.60 -23.03 -16.44
C PRO F 44 27.27 -22.70 -17.77
N VAL F 45 28.25 -21.81 -17.71
CA VAL F 45 28.93 -21.29 -18.89
C VAL F 45 30.43 -21.43 -18.70
N ASP F 46 31.13 -21.96 -19.71
CA ASP F 46 32.57 -22.08 -19.64
C ASP F 46 33.22 -21.47 -20.87
N TYR F 47 34.50 -21.11 -20.73
CA TYR F 47 35.27 -20.44 -21.75
C TYR F 47 36.58 -21.13 -22.07
N SER F 48 36.67 -22.44 -21.80
CA SER F 48 37.93 -23.16 -21.92
C SER F 48 38.33 -23.48 -23.36
N ALA F 49 37.40 -23.37 -24.30
CA ALA F 49 37.68 -23.79 -25.67
C ALA F 49 38.66 -22.84 -26.34
N PRO F 50 39.52 -23.36 -27.23
CA PRO F 50 40.27 -22.48 -28.13
C PRO F 50 39.30 -21.65 -28.96
N GLU F 51 39.56 -20.35 -29.05
CA GLU F 51 38.49 -19.44 -29.43
C GLU F 51 38.14 -19.48 -30.91
N TRP F 52 38.76 -20.35 -31.69
CA TRP F 52 38.45 -20.43 -33.12
C TRP F 52 38.01 -21.83 -33.53
N ILE F 53 37.46 -22.62 -32.62
CA ILE F 53 37.06 -23.99 -32.91
C ILE F 53 35.75 -23.99 -33.67
N LYS F 54 35.42 -25.12 -34.28
CA LYS F 54 34.18 -25.24 -35.03
C LYS F 54 33.13 -26.04 -34.27
N THR F 55 33.53 -27.13 -33.62
CA THR F 55 32.59 -28.02 -32.96
C THR F 55 33.13 -28.46 -31.60
N VAL F 56 32.26 -29.12 -30.85
CA VAL F 56 32.56 -29.67 -29.52
C VAL F 56 32.03 -31.10 -29.48
N ASP F 57 32.81 -32.00 -28.89
CA ASP F 57 32.52 -33.43 -28.89
C ASP F 57 32.58 -33.99 -27.48
N TYR F 58 31.81 -35.06 -27.23
CA TYR F 58 31.86 -35.75 -25.94
C TYR F 58 31.35 -37.18 -26.06
N TYR F 59 31.79 -38.00 -25.10
CA TYR F 59 31.79 -39.47 -25.19
C TYR F 59 31.02 -40.09 -24.02
N SER F 60 30.49 -41.29 -24.27
CA SER F 60 29.85 -42.08 -23.22
C SER F 60 30.17 -43.55 -23.42
N MET F 61 29.66 -44.39 -22.52
CA MET F 61 29.88 -45.83 -22.61
C MET F 61 28.80 -46.56 -21.82
N ASP F 62 28.65 -47.85 -22.13
CA ASP F 62 27.61 -48.68 -21.53
C ASP F 62 28.03 -50.14 -21.61
N GLY F 63 27.43 -50.96 -20.74
CA GLY F 63 27.75 -52.36 -20.67
C GLY F 63 26.53 -53.22 -20.42
N VAL F 64 26.70 -54.53 -20.61
CA VAL F 64 25.62 -55.49 -20.61
C VAL F 64 26.10 -56.86 -20.15
N GLY F 65 25.27 -57.55 -19.37
CA GLY F 65 25.59 -58.90 -18.92
C GLY F 65 24.40 -59.56 -18.24
N LYS F 66 24.57 -60.84 -17.93
CA LYS F 66 23.53 -61.64 -17.27
C LYS F 66 24.18 -62.86 -16.63
N ALA F 67 23.76 -63.18 -15.40
CA ALA F 67 24.29 -64.33 -14.68
C ALA F 67 23.32 -65.51 -14.76
N GLU F 68 23.84 -66.70 -14.42
CA GLU F 68 23.10 -67.94 -14.57
C GLU F 68 23.50 -68.91 -13.48
N TRP F 69 22.64 -69.92 -13.26
CA TRP F 69 22.91 -70.99 -12.30
C TRP F 69 23.60 -72.13 -13.03
N ILE F 70 24.80 -72.47 -12.57
CA ILE F 70 25.65 -73.42 -13.25
C ILE F 70 25.55 -74.77 -12.54
N ALA F 71 25.90 -75.84 -13.24
CA ALA F 71 26.00 -77.16 -12.65
C ALA F 71 27.46 -77.62 -12.71
N ASP F 72 27.77 -78.64 -11.92
CA ASP F 72 29.14 -79.15 -11.87
C ASP F 72 29.48 -79.85 -13.18
N ARG F 73 30.76 -79.89 -13.50
CA ARG F 73 31.24 -80.57 -14.71
C ARG F 73 30.68 -80.17 -16.07
N ALA F 74 30.50 -78.86 -16.27
CA ALA F 74 29.80 -78.34 -17.43
C ALA F 74 30.35 -76.97 -17.81
N SER F 75 30.09 -76.56 -19.04
CA SER F 75 30.61 -75.30 -19.55
C SER F 75 29.90 -74.02 -19.98
N ASP F 76 28.76 -73.75 -19.37
CA ASP F 76 27.64 -72.96 -19.87
C ASP F 76 27.60 -71.54 -19.33
N ILE F 77 28.74 -70.96 -18.99
CA ILE F 77 28.78 -69.66 -18.32
C ILE F 77 28.56 -68.54 -19.33
N PRO F 78 27.80 -67.50 -18.98
CA PRO F 78 27.59 -66.39 -19.91
C PRO F 78 28.66 -65.31 -19.78
N VAL F 79 28.63 -64.36 -20.72
CA VAL F 79 29.66 -63.33 -20.84
C VAL F 79 29.05 -61.94 -20.86
N VAL F 80 29.89 -60.92 -21.06
CA VAL F 80 29.52 -59.52 -20.93
C VAL F 80 29.95 -58.77 -22.19
N GLY F 81 29.45 -57.53 -22.33
CA GLY F 81 29.72 -56.72 -23.50
C GLY F 81 30.05 -55.28 -23.13
N LEU F 82 30.31 -54.48 -24.17
CA LEU F 82 30.67 -53.08 -24.02
C LEU F 82 30.20 -52.29 -25.24
N ALA F 83 30.07 -50.97 -25.08
CA ALA F 83 29.77 -50.10 -26.21
C ALA F 83 30.06 -48.65 -25.83
N MET F 84 30.28 -47.81 -26.85
CA MET F 84 30.64 -46.41 -26.67
C MET F 84 29.85 -45.53 -27.64
N GLU F 85 29.91 -44.22 -27.44
CA GLU F 85 29.23 -43.29 -28.33
C GLU F 85 29.83 -41.90 -28.20
N LYS F 86 29.59 -41.07 -29.23
CA LYS F 86 30.11 -39.71 -29.34
C LYS F 86 29.01 -38.78 -29.84
N ALA F 87 29.10 -37.51 -29.45
CA ALA F 87 28.12 -36.51 -29.84
C ALA F 87 28.78 -35.14 -30.01
N THR F 88 28.10 -34.26 -30.75
CA THR F 88 28.68 -33.02 -31.28
C THR F 88 27.75 -31.83 -31.04
N THR F 89 28.34 -30.63 -31.13
CA THR F 89 27.61 -29.36 -31.12
C THR F 89 28.48 -28.31 -31.83
N THR F 90 27.86 -27.25 -32.35
CA THR F 90 28.53 -26.28 -33.24
C THR F 90 28.69 -24.91 -32.56
N VAL F 91 29.33 -23.99 -33.29
CA VAL F 91 29.64 -22.63 -32.85
C VAL F 91 29.49 -21.69 -34.04
N HIS F 92 29.13 -20.43 -33.77
CA HIS F 92 28.93 -19.44 -34.83
C HIS F 92 29.52 -18.10 -34.42
N LEU F 93 29.49 -17.15 -35.36
CA LEU F 93 30.13 -15.84 -35.22
C LEU F 93 29.10 -14.73 -35.35
N ALA F 94 29.34 -13.61 -34.66
CA ALA F 94 28.48 -12.44 -34.70
C ALA F 94 29.31 -11.22 -34.37
N GLY F 95 28.70 -10.04 -34.45
CA GLY F 95 29.43 -8.83 -34.14
C GLY F 95 28.55 -7.61 -34.05
N ILE F 96 29.12 -6.55 -33.46
CA ILE F 96 28.49 -5.24 -33.39
C ILE F 96 29.56 -4.19 -33.08
N GLY F 97 29.51 -3.05 -33.74
CA GLY F 97 30.51 -2.01 -33.56
C GLY F 97 29.93 -0.62 -33.63
N TYR F 98 30.78 0.41 -33.74
CA TYR F 98 30.30 1.78 -33.75
C TYR F 98 31.11 2.62 -34.73
N ASP F 99 30.48 3.67 -35.24
CA ASP F 99 31.19 4.59 -36.12
C ASP F 99 30.73 6.01 -35.82
N TYR F 100 31.47 6.99 -36.35
CA TYR F 100 31.09 8.38 -36.17
C TYR F 100 31.77 9.24 -37.23
N GLY F 101 31.44 10.52 -37.22
CA GLY F 101 32.08 11.49 -38.09
C GLY F 101 33.14 12.29 -37.37
N LEU F 102 33.79 13.17 -38.11
CA LEU F 102 34.96 13.89 -37.58
C LEU F 102 34.53 15.04 -36.67
N GLU F 103 33.79 16.00 -37.22
CA GLU F 103 33.44 17.13 -36.39
C GLU F 103 32.40 16.79 -35.34
N GLU F 104 31.74 15.63 -35.44
CA GLU F 104 30.90 15.17 -34.33
C GLU F 104 31.73 14.91 -33.09
N VAL F 105 32.79 14.10 -33.22
CA VAL F 105 33.64 13.85 -32.08
C VAL F 105 34.38 15.11 -31.66
N ASN F 106 34.70 15.98 -32.62
CA ASN F 106 35.40 17.21 -32.25
C ASN F 106 34.50 18.17 -31.48
N GLN F 107 33.23 18.25 -31.84
CA GLN F 107 32.26 19.04 -31.10
C GLN F 107 31.90 18.42 -29.75
N ALA F 108 31.88 17.09 -29.65
CA ALA F 108 31.69 16.45 -28.36
C ALA F 108 32.86 16.72 -27.44
N ILE F 109 34.09 16.71 -27.97
CA ILE F 109 35.25 17.03 -27.14
C ILE F 109 35.17 18.44 -26.58
N MET F 110 34.57 19.37 -27.32
CA MET F 110 34.39 20.73 -26.84
C MET F 110 33.42 20.81 -25.67
N LEU F 111 32.42 19.94 -25.63
CA LEU F 111 31.47 19.89 -24.51
C LEU F 111 31.81 18.81 -23.51
N GLY F 112 32.94 18.12 -23.67
CA GLY F 112 33.36 17.11 -22.73
C GLY F 112 32.49 15.87 -22.64
N MET F 113 32.14 15.26 -23.77
CA MET F 113 31.25 14.10 -23.73
C MET F 113 31.98 12.76 -23.86
N ASN F 114 33.13 12.73 -24.56
CA ASN F 114 33.86 11.47 -24.79
C ASN F 114 32.98 10.45 -25.51
N LEU F 115 32.66 10.75 -26.77
CA LEU F 115 31.79 9.89 -27.58
C LEU F 115 32.25 8.44 -27.71
N PRO F 116 33.50 8.14 -28.08
CA PRO F 116 33.88 6.73 -28.22
C PRO F 116 33.77 5.93 -26.94
N GLY F 117 34.05 6.52 -25.78
CA GLY F 117 33.92 5.78 -24.53
C GLY F 117 32.48 5.37 -24.27
N GLU F 118 31.55 6.29 -24.47
CA GLU F 118 30.14 5.98 -24.29
C GLU F 118 29.68 4.92 -25.27
N LYS F 119 30.12 5.01 -26.52
CA LYS F 119 29.73 4.01 -27.51
C LYS F 119 30.28 2.62 -27.16
N ALA F 120 31.52 2.56 -26.68
CA ALA F 120 32.07 1.28 -26.25
C ALA F 120 31.28 0.70 -25.08
N ASN F 121 30.97 1.53 -24.09
CA ASN F 121 30.19 1.06 -22.95
C ASN F 121 28.85 0.48 -23.41
N LEU F 122 28.14 1.22 -24.26
CA LEU F 122 26.83 0.75 -24.68
C LEU F 122 26.90 -0.47 -25.59
N ALA F 123 27.98 -0.60 -26.37
CA ALA F 123 28.16 -1.81 -27.17
C ALA F 123 28.37 -3.04 -26.28
N ARG F 124 29.15 -2.89 -25.20
CA ARG F 124 29.26 -3.99 -24.25
C ARG F 124 27.91 -4.36 -23.66
N LEU F 125 27.11 -3.37 -23.29
CA LEU F 125 25.80 -3.67 -22.71
C LEU F 125 24.92 -4.45 -23.68
N VAL F 126 24.89 -4.01 -24.95
CA VAL F 126 24.04 -4.72 -25.90
C VAL F 126 24.58 -6.11 -26.24
N TYR F 127 25.90 -6.30 -26.16
CA TYR F 127 26.47 -7.65 -26.25
C TYR F 127 25.92 -8.56 -25.16
N GLU F 128 25.96 -8.09 -23.91
CA GLU F 128 25.41 -8.91 -22.81
C GLU F 128 23.94 -9.22 -23.04
N ARG F 129 23.18 -8.25 -23.54
CA ARG F 129 21.77 -8.50 -23.83
C ARG F 129 21.60 -9.62 -24.86
N MET F 130 22.44 -9.60 -25.91
CA MET F 130 22.35 -10.64 -26.92
C MET F 130 22.65 -12.02 -26.35
N VAL F 131 23.67 -12.11 -25.50
CA VAL F 131 23.98 -13.41 -24.89
C VAL F 131 22.82 -13.89 -24.03
N ASP F 132 22.23 -12.99 -23.25
CA ASP F 132 21.06 -13.35 -22.44
C ASP F 132 19.94 -13.91 -23.32
N ARG F 133 19.61 -13.20 -24.40
CA ARG F 133 18.50 -13.62 -25.23
C ARG F 133 18.77 -14.99 -25.85
N VAL F 134 20.01 -15.23 -26.29
CA VAL F 134 20.32 -16.53 -26.86
C VAL F 134 20.20 -17.63 -25.81
N ALA F 135 20.67 -17.36 -24.60
CA ALA F 135 20.65 -18.39 -23.56
C ALA F 135 19.22 -18.78 -23.18
N PHE F 136 18.34 -17.80 -23.02
CA PHE F 136 17.02 -18.11 -22.46
C PHE F 136 15.92 -18.29 -23.50
N THR F 137 16.17 -18.00 -24.77
CA THR F 137 15.13 -18.15 -25.78
C THR F 137 15.82 -18.54 -27.10
N GLY F 138 15.02 -18.89 -28.11
CA GLY F 138 15.57 -19.26 -29.39
C GLY F 138 15.38 -18.20 -30.46
N ASP F 139 16.15 -18.29 -31.53
CA ASP F 139 16.10 -17.30 -32.61
C ASP F 139 15.59 -17.85 -33.94
N ALA F 140 15.61 -19.17 -34.12
CA ALA F 140 15.07 -19.82 -35.32
C ALA F 140 15.81 -19.43 -36.58
N GLU F 141 16.99 -18.82 -36.45
CA GLU F 141 17.90 -18.60 -37.57
C GLU F 141 19.06 -19.56 -37.56
N LYS F 142 19.61 -19.87 -36.39
CA LYS F 142 20.58 -20.93 -36.21
C LYS F 142 19.99 -22.13 -35.50
N ASP F 143 18.68 -22.13 -35.25
CA ASP F 143 18.00 -23.14 -34.44
C ASP F 143 18.70 -23.35 -33.09
N PHE F 144 18.76 -22.27 -32.32
CA PHE F 144 19.32 -22.32 -30.98
C PHE F 144 18.16 -22.38 -29.99
N LYS F 145 17.68 -23.60 -29.75
CA LYS F 145 16.60 -23.80 -28.79
C LYS F 145 17.04 -23.37 -27.40
N GLY F 146 16.17 -22.63 -26.71
CA GLY F 146 16.48 -22.10 -25.41
C GLY F 146 15.93 -22.93 -24.28
N LEU F 147 16.19 -22.48 -23.05
CA LEU F 147 15.76 -23.21 -21.87
C LEU F 147 14.25 -23.15 -21.68
N PHE F 148 13.62 -22.07 -22.10
CA PHE F 148 12.19 -21.88 -21.85
C PHE F 148 11.29 -22.46 -22.92
N ASN F 149 11.85 -22.93 -24.04
CA ASN F 149 11.04 -23.45 -25.14
C ASN F 149 11.61 -24.67 -25.83
N ASN F 150 12.59 -25.35 -25.23
CA ASN F 150 13.18 -26.52 -25.86
C ASN F 150 12.13 -27.58 -26.09
N GLY F 151 12.15 -28.18 -27.29
CA GLY F 151 11.14 -29.14 -27.68
C GLY F 151 11.44 -30.58 -27.33
N ALA F 152 12.56 -30.85 -26.67
CA ALA F 152 12.94 -32.21 -26.32
C ALA F 152 12.61 -32.57 -24.88
N VAL F 153 12.03 -31.66 -24.11
CA VAL F 153 11.71 -31.91 -22.72
C VAL F 153 10.20 -32.05 -22.59
N THR F 154 9.77 -32.70 -21.51
CA THR F 154 8.37 -33.01 -21.30
C THR F 154 7.67 -31.86 -20.59
N ALA F 155 6.52 -31.47 -21.11
CA ALA F 155 5.71 -30.39 -20.58
C ALA F 155 4.34 -30.95 -20.22
N VAL F 156 4.00 -30.89 -18.94
CA VAL F 156 2.74 -31.41 -18.44
C VAL F 156 1.91 -30.27 -17.87
N SER F 157 0.60 -30.46 -17.85
CA SER F 157 -0.32 -29.49 -17.31
C SER F 157 -0.50 -29.67 -15.81
N ALA F 158 -0.77 -28.57 -15.12
CA ALA F 158 -0.96 -28.64 -13.68
C ALA F 158 -2.30 -29.30 -13.35
N THR F 159 -2.43 -29.70 -12.09
CA THR F 159 -3.64 -30.39 -11.63
C THR F 159 -4.68 -29.34 -11.25
N THR F 160 -5.31 -28.77 -12.28
CA THR F 160 -6.44 -27.86 -12.12
C THR F 160 -6.14 -26.75 -11.11
N GLY F 161 -5.01 -26.10 -11.30
CA GLY F 161 -4.61 -25.03 -10.41
C GLY F 161 -4.36 -23.72 -11.13
N ASN F 162 -5.07 -22.67 -10.73
CA ASN F 162 -4.84 -21.33 -11.25
C ASN F 162 -4.13 -20.42 -10.27
N TRP F 163 -4.00 -20.82 -9.01
CA TRP F 163 -3.27 -20.09 -7.97
C TRP F 163 -3.89 -18.74 -7.66
N ALA F 164 -5.05 -18.45 -8.25
CA ALA F 164 -5.91 -17.38 -7.79
C ALA F 164 -7.28 -18.00 -7.55
N SER F 165 -7.84 -17.76 -6.37
CA SER F 165 -9.00 -18.51 -5.89
C SER F 165 -8.69 -20.00 -5.81
N ALA F 166 -7.48 -20.34 -5.35
CA ALA F 166 -7.09 -21.71 -5.07
C ALA F 166 -6.59 -21.78 -3.64
N THR F 167 -7.02 -22.80 -2.91
CA THR F 167 -6.62 -22.96 -1.52
C THR F 167 -5.19 -23.49 -1.44
N ALA F 168 -4.63 -23.44 -0.22
CA ALA F 168 -3.23 -23.81 -0.04
C ALA F 168 -2.96 -25.26 -0.42
N ASP F 169 -3.94 -26.14 -0.24
CA ASP F 169 -3.75 -27.54 -0.59
C ASP F 169 -3.45 -27.70 -2.08
N GLN F 170 -4.21 -27.01 -2.94
CA GLN F 170 -3.93 -27.09 -4.36
C GLN F 170 -2.57 -26.50 -4.69
N ILE F 171 -2.19 -25.41 -4.02
CA ILE F 171 -0.88 -24.80 -4.30
C ILE F 171 0.24 -25.78 -3.98
N LEU F 172 0.16 -26.42 -2.81
CA LEU F 172 1.19 -27.37 -2.41
C LEU F 172 1.22 -28.58 -3.33
N ALA F 173 0.04 -29.11 -3.69
CA ALA F 173 -0.01 -30.26 -4.57
C ALA F 173 0.59 -29.93 -5.93
N ASP F 174 0.24 -28.76 -6.48
CA ASP F 174 0.80 -28.36 -7.77
C ASP F 174 2.30 -28.17 -7.70
N PHE F 175 2.80 -27.61 -6.59
CA PHE F 175 4.23 -27.37 -6.49
C PHE F 175 5.01 -28.66 -6.34
N ASN F 176 4.47 -29.65 -5.61
CA ASN F 176 5.19 -30.91 -5.48
C ASN F 176 4.98 -31.81 -6.68
N LEU F 177 3.98 -31.52 -7.52
CA LEU F 177 3.77 -32.33 -8.71
C LEU F 177 4.99 -32.30 -9.63
N GLY F 178 5.60 -31.13 -9.80
CA GLY F 178 6.76 -31.05 -10.66
C GLY F 178 7.92 -31.90 -10.19
N ILE F 179 8.24 -31.81 -8.89
CA ILE F 179 9.38 -32.55 -8.36
C ILE F 179 9.11 -34.05 -8.42
N THR F 180 7.91 -34.49 -8.02
CA THR F 180 7.62 -35.91 -8.07
C THR F 180 7.62 -36.42 -9.51
N GLY F 181 7.09 -35.63 -10.44
CA GLY F 181 7.09 -36.06 -11.83
C GLY F 181 8.48 -36.18 -12.41
N LEU F 182 9.36 -35.23 -12.09
CA LEU F 182 10.74 -35.33 -12.57
C LEU F 182 11.43 -36.53 -11.94
N TRP F 183 11.18 -36.79 -10.66
CA TRP F 183 11.74 -37.95 -10.00
C TRP F 183 11.28 -39.25 -10.64
N SER F 184 9.99 -39.35 -10.95
CA SER F 184 9.45 -40.58 -11.52
C SER F 184 9.82 -40.73 -12.99
N ALA F 185 10.12 -39.63 -13.66
CA ALA F 185 10.52 -39.71 -15.07
C ALA F 185 11.91 -40.32 -15.22
N THR F 186 12.80 -40.08 -14.26
CA THR F 186 14.14 -40.62 -14.29
C THR F 186 14.25 -41.96 -13.56
N ASN F 187 13.16 -42.71 -13.48
CA ASN F 187 13.13 -44.01 -12.79
C ASN F 187 13.65 -43.88 -11.36
N GLU F 188 13.23 -42.82 -10.67
CA GLU F 188 13.51 -42.62 -9.24
C GLU F 188 15.00 -42.54 -8.96
N MET F 189 15.74 -41.75 -9.75
CA MET F 189 17.16 -41.60 -9.54
C MET F 189 17.62 -40.16 -9.39
N VAL F 190 16.78 -39.17 -9.73
CA VAL F 190 17.20 -37.78 -9.80
C VAL F 190 16.15 -36.90 -9.13
N TYR F 191 16.63 -35.90 -8.38
CA TYR F 191 15.78 -34.91 -7.74
C TYR F 191 15.96 -33.55 -8.39
N ALA F 192 14.84 -32.86 -8.56
CA ALA F 192 14.88 -31.48 -9.01
C ALA F 192 15.58 -30.62 -7.98
N ASP F 193 16.52 -29.81 -8.43
CA ASP F 193 17.38 -29.02 -7.56
C ASP F 193 17.02 -27.54 -7.55
N THR F 194 16.56 -27.01 -8.68
CA THR F 194 16.14 -25.61 -8.79
C THR F 194 14.79 -25.53 -9.47
N VAL F 195 14.02 -24.52 -9.07
CA VAL F 195 12.70 -24.23 -9.60
C VAL F 195 12.68 -22.78 -10.09
N LEU F 196 12.13 -22.56 -11.28
CA LEU F 196 11.92 -21.23 -11.81
C LEU F 196 10.42 -21.05 -12.04
N LEU F 197 9.85 -20.02 -11.41
CA LEU F 197 8.45 -19.69 -11.48
C LEU F 197 8.27 -18.32 -12.14
N PRO F 198 7.14 -18.09 -12.80
CA PRO F 198 6.80 -16.72 -13.19
C PRO F 198 6.66 -15.86 -11.95
N SER F 199 7.09 -14.60 -12.06
CA SER F 199 7.26 -13.76 -10.87
C SER F 199 5.93 -13.56 -10.15
N ALA F 200 4.83 -13.42 -10.90
CA ALA F 200 3.54 -13.18 -10.26
C ALA F 200 3.15 -14.33 -9.34
N LYS F 201 3.36 -15.57 -9.78
CA LYS F 201 3.05 -16.71 -8.94
C LYS F 201 3.97 -16.77 -7.73
N HIS F 202 5.22 -16.32 -7.88
CA HIS F 202 6.10 -16.22 -6.73
C HIS F 202 5.56 -15.23 -5.71
N GLN F 203 5.03 -14.09 -6.19
CA GLN F 203 4.41 -13.14 -5.28
C GLN F 203 3.21 -13.77 -4.56
N ILE F 204 2.36 -14.47 -5.31
CA ILE F 204 1.18 -15.09 -4.71
C ILE F 204 1.61 -16.05 -3.61
N ILE F 205 2.59 -16.90 -3.89
CA ILE F 205 3.06 -17.85 -2.89
C ILE F 205 3.64 -17.12 -1.67
N ALA F 206 4.51 -16.14 -1.91
CA ALA F 206 5.19 -15.48 -0.80
C ALA F 206 4.27 -14.61 0.03
N SER F 207 3.09 -14.26 -0.49
CA SER F 207 2.14 -13.44 0.24
C SER F 207 0.97 -14.23 0.83
N LYS F 208 0.63 -15.38 0.25
CA LYS F 208 -0.57 -16.06 0.66
C LYS F 208 -0.39 -16.71 2.03
N ARG F 209 -1.48 -16.75 2.77
CA ARG F 209 -1.52 -17.28 4.12
C ARG F 209 -1.64 -18.79 4.04
N LEU F 210 -1.50 -19.47 5.18
CA LEU F 210 -1.43 -20.93 5.15
C LEU F 210 -2.70 -21.63 5.58
N GLY F 211 -3.29 -21.27 6.71
CA GLY F 211 -4.51 -21.91 7.14
C GLY F 211 -5.71 -21.04 6.83
N ASN F 212 -6.89 -21.63 6.97
CA ASN F 212 -8.08 -20.80 7.00
C ASN F 212 -8.05 -19.87 8.20
N GLU F 213 -7.61 -20.38 9.36
CA GLU F 213 -7.70 -19.58 10.56
C GLU F 213 -6.46 -19.55 11.44
N ALA F 214 -5.71 -20.63 11.56
CA ALA F 214 -4.51 -20.63 12.40
C ALA F 214 -3.35 -20.52 11.44
N THR F 215 -2.77 -19.32 11.39
CA THR F 215 -1.93 -18.91 10.27
C THR F 215 -0.68 -18.18 10.69
N GLU F 216 0.07 -18.70 11.65
CA GLU F 216 1.27 -18.03 12.11
C GLU F 216 2.31 -17.83 11.01
N THR F 217 2.26 -18.62 9.95
CA THR F 217 3.31 -18.61 8.95
C THR F 217 2.72 -18.55 7.55
N VAL F 218 3.58 -18.15 6.61
CA VAL F 218 3.22 -17.94 5.21
C VAL F 218 3.33 -19.28 4.48
N LEU F 219 2.81 -19.35 3.26
CA LEU F 219 2.88 -20.60 2.50
C LEU F 219 4.30 -21.01 2.18
N GLN F 220 5.26 -20.09 2.33
CA GLN F 220 6.64 -20.45 2.03
C GLN F 220 7.29 -21.29 3.14
N PHE F 221 6.50 -21.87 4.04
CA PHE F 221 6.95 -23.07 4.74
C PHE F 221 7.35 -24.14 3.73
N LEU F 222 6.87 -24.00 2.49
CA LEU F 222 7.34 -24.81 1.37
C LEU F 222 8.86 -24.92 1.34
N GLN F 223 9.56 -23.95 1.93
CA GLN F 223 11.01 -23.97 1.90
C GLN F 223 11.59 -25.14 2.68
N ARG F 224 10.89 -25.63 3.71
CA ARG F 224 11.42 -26.72 4.53
C ARG F 224 10.55 -27.96 4.51
N ALA F 225 9.52 -28.00 3.65
CA ALA F 225 8.63 -29.15 3.59
C ALA F 225 8.40 -29.63 2.16
N ASN F 226 9.23 -29.22 1.21
CA ASN F 226 9.14 -29.78 -0.12
C ASN F 226 9.73 -31.18 -0.14
N VAL F 227 9.43 -31.92 -1.20
CA VAL F 227 9.88 -33.30 -1.30
C VAL F 227 11.41 -33.37 -1.29
N TYR F 228 12.06 -32.47 -2.03
CA TYR F 228 13.51 -32.49 -2.14
C TYR F 228 14.18 -32.22 -0.79
N THR F 229 13.70 -31.21 -0.07
CA THR F 229 14.29 -30.88 1.23
C THR F 229 13.80 -31.81 2.32
N ALA F 230 12.73 -32.57 2.08
CA ALA F 230 12.29 -33.56 3.05
C ALA F 230 13.13 -34.83 2.97
N GLU F 231 13.33 -35.38 1.76
CA GLU F 231 14.00 -36.66 1.66
C GLU F 231 15.50 -36.52 1.90
N THR F 232 16.10 -35.43 1.45
CA THR F 232 17.48 -35.11 1.77
C THR F 232 17.50 -33.93 2.75
N GLY F 233 18.70 -33.51 3.13
CA GLY F 233 18.85 -32.36 3.97
C GLY F 233 19.19 -31.09 3.24
N ARG F 234 19.32 -31.15 1.91
CA ARG F 234 19.79 -30.01 1.15
C ARG F 234 18.64 -29.04 0.87
N PRO F 235 18.93 -27.75 0.78
CA PRO F 235 17.88 -26.77 0.51
C PRO F 235 17.52 -26.70 -0.96
N LEU F 236 16.34 -26.15 -1.22
CA LEU F 236 15.84 -25.93 -2.57
C LEU F 236 15.88 -24.46 -2.89
N THR F 237 16.23 -24.12 -4.12
CA THR F 237 16.32 -22.74 -4.56
C THR F 237 15.14 -22.41 -5.45
N ILE F 238 14.39 -21.37 -5.08
CA ILE F 238 13.22 -20.93 -5.82
C ILE F 238 13.49 -19.53 -6.33
N ARG F 239 13.22 -19.32 -7.62
CA ARG F 239 13.48 -18.04 -8.27
C ARG F 239 12.25 -17.62 -9.07
N GLY F 240 12.07 -16.31 -9.17
CA GLY F 240 11.02 -15.73 -10.00
C GLY F 240 11.64 -15.05 -11.21
N MET F 241 11.22 -15.50 -12.38
CA MET F 241 11.80 -15.07 -13.65
C MET F 241 10.86 -14.08 -14.34
N ARG F 242 11.26 -13.65 -15.53
CA ARG F 242 10.55 -12.58 -16.23
C ARG F 242 9.83 -13.03 -17.50
N GLY F 243 10.38 -13.96 -18.26
CA GLY F 243 9.79 -14.27 -19.56
C GLY F 243 8.83 -15.44 -19.57
N LEU F 244 8.30 -15.82 -18.40
CA LEU F 244 7.50 -17.03 -18.27
C LEU F 244 6.01 -16.77 -18.14
N ASN F 245 5.55 -15.55 -18.47
CA ASN F 245 4.14 -15.22 -18.25
C ASN F 245 3.22 -15.94 -19.22
N THR F 246 3.67 -16.15 -20.47
CA THR F 246 2.83 -16.77 -21.48
C THR F 246 3.56 -17.84 -22.29
N ALA F 247 4.52 -18.53 -21.70
CA ALA F 247 5.31 -19.50 -22.44
C ALA F 247 4.61 -20.84 -22.63
N GLY F 248 3.46 -21.04 -22.00
CA GLY F 248 2.81 -22.33 -22.03
C GLY F 248 2.25 -22.69 -23.39
N ALA F 249 1.53 -23.81 -23.41
CA ALA F 249 1.06 -24.38 -24.67
C ALA F 249 0.08 -23.44 -25.38
N GLY F 250 -0.86 -22.86 -24.64
CA GLY F 250 -1.85 -22.01 -25.24
C GLY F 250 -1.74 -20.57 -24.80
N GLY F 251 -0.50 -20.12 -24.54
CA GLY F 251 -0.30 -18.79 -24.01
C GLY F 251 -0.44 -18.68 -22.51
N VAL F 252 -0.24 -19.77 -21.77
CA VAL F 252 -0.39 -19.80 -20.33
C VAL F 252 0.99 -19.77 -19.71
N SER F 253 1.03 -19.57 -18.39
CA SER F 253 2.30 -19.48 -17.69
C SER F 253 3.01 -20.83 -17.69
N ARG F 254 4.33 -20.79 -17.70
CA ARG F 254 5.15 -22.00 -17.66
C ARG F 254 6.15 -21.88 -16.51
N SER F 255 6.43 -23.01 -15.85
CA SER F 255 7.43 -23.08 -14.80
C SER F 255 8.38 -24.24 -15.09
N VAL F 256 9.63 -24.09 -14.67
CA VAL F 256 10.69 -25.03 -15.05
C VAL F 256 11.32 -25.62 -13.81
N PHE F 257 11.38 -26.95 -13.75
CA PHE F 257 12.10 -27.66 -12.71
C PHE F 257 13.30 -28.36 -13.32
N TYR F 258 14.50 -28.13 -12.77
CA TYR F 258 15.67 -28.80 -13.33
C TYR F 258 16.74 -28.95 -12.27
N ARG F 259 17.86 -29.57 -12.66
CA ARG F 259 18.88 -29.98 -11.71
C ARG F 259 20.06 -29.03 -11.62
N ASN F 260 20.32 -28.23 -12.65
CA ASN F 260 21.33 -27.16 -12.60
C ASN F 260 22.72 -27.72 -12.30
N SER F 261 23.21 -28.57 -13.20
CA SER F 261 24.56 -29.09 -13.10
C SER F 261 25.26 -28.97 -14.45
N PRO F 262 26.58 -28.81 -14.47
CA PRO F 262 27.30 -28.66 -15.75
C PRO F 262 27.17 -29.85 -16.68
N GLU F 263 26.75 -31.01 -16.19
CA GLU F 263 26.57 -32.17 -17.06
C GLU F 263 25.15 -32.32 -17.58
N VAL F 264 24.26 -31.39 -17.25
CA VAL F 264 22.91 -31.36 -17.78
C VAL F 264 22.74 -30.25 -18.81
N LEU F 265 23.15 -29.03 -18.46
CA LEU F 265 23.13 -27.90 -19.35
C LEU F 265 24.57 -27.46 -19.63
N LYS F 266 24.79 -26.85 -20.79
CA LYS F 266 26.11 -26.33 -21.09
C LYS F 266 26.01 -25.27 -22.18
N MET F 267 26.69 -24.15 -21.98
CA MET F 267 26.79 -23.12 -22.99
C MET F 267 28.26 -22.78 -23.18
N HIS F 268 28.72 -22.76 -24.43
CA HIS F 268 30.10 -22.49 -24.76
C HIS F 268 30.21 -21.11 -25.40
N ILE F 269 31.12 -20.29 -24.88
CA ILE F 269 31.40 -18.98 -25.46
C ILE F 269 32.91 -18.90 -25.68
N PRO F 270 33.43 -19.45 -26.78
CA PRO F 270 34.88 -19.54 -26.97
C PRO F 270 35.58 -18.19 -26.94
N MET F 271 35.06 -17.20 -27.66
CA MET F 271 35.66 -15.88 -27.73
C MET F 271 34.63 -14.84 -27.32
N ARG F 272 35.02 -13.97 -26.38
CA ARG F 272 34.16 -12.89 -25.91
C ARG F 272 34.28 -11.69 -26.84
N HIS F 273 33.65 -10.59 -26.46
CA HIS F 273 33.61 -9.41 -27.32
C HIS F 273 34.99 -8.81 -27.52
N ARG F 274 35.28 -8.41 -28.75
CA ARG F 274 36.55 -7.80 -29.11
C ARG F 274 36.31 -6.62 -30.03
N PHE F 275 37.25 -5.67 -30.01
CA PHE F 275 37.21 -4.52 -30.88
C PHE F 275 38.45 -4.52 -31.78
N LEU F 276 38.24 -4.27 -33.06
CA LEU F 276 39.29 -4.26 -34.05
C LEU F 276 39.77 -2.84 -34.31
N PRO F 277 40.93 -2.67 -34.94
CA PRO F 277 41.44 -1.31 -35.21
C PRO F 277 40.53 -0.51 -36.12
N VAL F 278 40.68 0.81 -36.04
CA VAL F 278 39.78 1.74 -36.71
C VAL F 278 40.05 1.76 -38.21
N GLN F 279 39.01 2.05 -38.99
CA GLN F 279 39.13 2.29 -40.42
C GLN F 279 38.58 3.67 -40.72
N VAL F 280 39.37 4.49 -41.39
CA VAL F 280 38.99 5.86 -41.72
C VAL F 280 38.67 5.93 -43.21
N VAL F 281 37.50 6.48 -43.55
CA VAL F 281 37.11 6.64 -44.94
C VAL F 281 36.43 7.99 -45.08
N GLY F 282 37.10 8.93 -45.76
CA GLY F 282 36.50 10.21 -46.10
C GLY F 282 35.71 10.87 -44.99
N LEU F 283 36.40 11.27 -43.92
CA LEU F 283 35.81 11.99 -42.80
C LEU F 283 34.82 11.17 -42.00
N THR F 284 34.79 9.85 -42.13
CA THR F 284 34.05 9.03 -41.18
C THR F 284 34.91 7.89 -40.68
N TYR F 285 34.95 7.72 -39.36
CA TYR F 285 35.68 6.65 -38.70
C TYR F 285 34.72 5.52 -38.38
N LYS F 286 35.21 4.29 -38.47
CA LYS F 286 34.39 3.12 -38.18
C LYS F 286 35.21 2.07 -37.45
N VAL F 287 34.65 1.54 -36.37
CA VAL F 287 35.30 0.56 -35.52
C VAL F 287 34.41 -0.68 -35.46
N PRO F 288 34.85 -1.82 -35.99
CA PRO F 288 34.06 -3.04 -35.92
C PRO F 288 34.42 -3.90 -34.72
N GLY F 289 33.42 -4.58 -34.19
CA GLY F 289 33.59 -5.47 -33.05
C GLY F 289 32.96 -6.82 -33.32
N ILE F 290 33.65 -7.89 -32.89
CA ILE F 290 33.25 -9.25 -33.19
C ILE F 290 33.28 -10.09 -31.94
N PHE F 291 32.56 -11.21 -31.98
CA PHE F 291 32.54 -12.20 -30.92
C PHE F 291 31.85 -13.45 -31.46
N ARG F 292 32.32 -14.62 -31.05
CA ARG F 292 31.71 -15.86 -31.49
C ARG F 292 31.32 -16.70 -30.29
N LEU F 293 30.15 -17.33 -30.36
CA LEU F 293 29.63 -18.10 -29.24
C LEU F 293 28.65 -19.14 -29.77
N GLY F 294 28.79 -20.38 -29.31
CA GLY F 294 27.82 -21.40 -29.64
C GLY F 294 26.60 -21.34 -28.75
N GLY F 295 25.56 -22.03 -29.16
CA GLY F 295 24.29 -22.01 -28.47
C GLY F 295 24.26 -22.93 -27.26
N LEU F 296 23.11 -22.94 -26.59
CA LEU F 296 22.93 -23.74 -25.38
C LEU F 296 22.66 -25.20 -25.75
N ASP F 297 23.10 -26.10 -24.87
CA ASP F 297 22.96 -27.53 -25.08
C ASP F 297 22.37 -28.16 -23.83
N ILE F 298 21.17 -28.73 -23.96
CA ILE F 298 20.53 -29.49 -22.90
C ILE F 298 20.80 -30.96 -23.20
N ARG F 299 21.80 -31.53 -22.53
CA ARG F 299 22.23 -32.88 -22.86
C ARG F 299 21.30 -33.93 -22.25
N LEU F 300 20.81 -33.69 -21.05
CA LEU F 300 19.90 -34.61 -20.37
C LEU F 300 18.49 -34.06 -20.43
N PRO F 301 17.69 -34.42 -21.44
CA PRO F 301 16.33 -33.87 -21.54
C PRO F 301 15.35 -34.49 -20.56
N LYS F 302 15.72 -35.57 -19.88
CA LYS F 302 14.85 -36.16 -18.87
C LYS F 302 15.01 -35.52 -17.51
N GLU F 303 15.98 -34.63 -17.33
CA GLU F 303 16.19 -33.95 -16.07
C GLU F 303 15.79 -32.48 -16.13
N VAL F 304 14.89 -32.14 -17.06
CA VAL F 304 14.26 -30.82 -17.12
C VAL F 304 12.78 -31.04 -17.37
N ARG F 305 11.93 -30.38 -16.59
CA ARG F 305 10.49 -30.61 -16.64
C ARG F 305 9.76 -29.28 -16.74
N TYR F 306 8.76 -29.21 -17.61
CA TYR F 306 7.93 -28.03 -17.76
C TYR F 306 6.56 -28.29 -17.16
N VAL F 307 6.07 -27.37 -16.34
CA VAL F 307 4.72 -27.44 -15.81
C VAL F 307 3.98 -26.19 -16.25
N ASP F 308 2.90 -26.39 -17.00
CA ASP F 308 2.12 -25.29 -17.54
C ASP F 308 0.83 -25.13 -16.77
N GLY F 309 0.31 -23.91 -16.75
CA GLY F 309 -1.01 -23.65 -16.23
C GLY F 309 -1.08 -23.13 -14.81
N TYR F 310 0.06 -22.89 -14.17
CA TYR F 310 0.06 -22.30 -12.84
C TYR F 310 -0.59 -20.93 -12.87
N MET G 1 -16.29 29.09 24.94
CA MET G 1 -16.19 27.66 24.67
C MET G 1 -17.44 27.17 23.98
N ALA G 2 -17.96 28.00 23.07
CA ALA G 2 -19.29 27.83 22.51
C ALA G 2 -19.26 26.94 21.28
N PRO G 3 -19.70 25.69 21.39
CA PRO G 3 -19.64 24.77 20.26
C PRO G 3 -20.92 24.66 19.46
N TYR G 4 -21.95 25.45 19.77
CA TYR G 4 -23.16 25.41 18.97
C TYR G 4 -22.86 25.88 17.55
N ASN G 5 -23.71 25.45 16.62
CA ASN G 5 -23.55 25.75 15.21
C ASN G 5 -22.19 25.28 14.70
N GLU G 6 -21.78 24.10 15.15
CA GLU G 6 -20.60 23.43 14.65
C GLU G 6 -20.99 22.48 13.53
N THR G 7 -20.40 22.68 12.36
CA THR G 7 -20.69 21.85 11.20
C THR G 7 -19.50 21.07 10.69
N TYR G 8 -18.33 21.22 11.30
CA TYR G 8 -17.15 20.42 10.99
C TYR G 8 -16.80 20.55 9.51
N ALA G 9 -16.69 21.81 9.07
CA ALA G 9 -16.56 22.10 7.65
C ALA G 9 -15.25 21.57 7.10
N SER G 10 -15.27 21.21 5.81
CA SER G 10 -14.09 20.68 5.14
C SER G 10 -12.96 21.70 5.11
N ASP G 11 -13.28 22.95 4.80
CA ASP G 11 -12.27 24.01 4.74
C ASP G 11 -12.98 25.34 4.95
N TYR G 12 -12.21 26.42 4.93
CA TYR G 12 -12.75 27.73 5.25
C TYR G 12 -13.80 28.15 4.22
N ALA G 13 -14.77 28.94 4.66
CA ALA G 13 -15.74 29.49 3.75
C ALA G 13 -15.11 30.59 2.89
N PHE G 14 -15.92 31.20 2.03
CA PHE G 14 -15.39 32.13 1.05
C PHE G 14 -15.44 33.56 1.54
N ALA G 15 -16.59 34.01 2.03
CA ALA G 15 -16.76 35.37 2.54
C ALA G 15 -18.05 35.41 3.34
N TYR G 16 -18.42 36.61 3.80
CA TYR G 16 -19.67 36.86 4.47
C TYR G 16 -20.57 37.71 3.57
N GLU G 17 -21.68 38.19 4.15
CA GLU G 17 -22.77 38.74 3.36
C GLU G 17 -22.34 39.95 2.54
N GLY G 18 -21.59 40.87 3.14
CA GLY G 18 -21.29 42.11 2.45
C GLY G 18 -19.83 42.50 2.42
N MET G 19 -18.95 41.54 2.66
CA MET G 19 -17.52 41.82 2.68
C MET G 19 -17.01 42.16 1.28
N VAL G 20 -15.98 43.01 1.23
CA VAL G 20 -15.38 43.43 -0.02
C VAL G 20 -14.12 42.59 -0.26
N SER G 21 -13.61 42.65 -1.49
CA SER G 21 -12.36 42.03 -1.86
C SER G 21 -11.40 43.12 -2.31
N ASP G 22 -10.16 43.08 -1.82
CA ASP G 22 -9.26 44.21 -1.96
C ASP G 22 -9.01 44.53 -3.43
N ILE G 23 -8.96 45.83 -3.72
CA ILE G 23 -8.61 46.36 -5.03
C ILE G 23 -8.34 47.84 -4.84
N ALA G 24 -7.55 48.41 -5.73
CA ALA G 24 -7.14 49.81 -5.56
C ALA G 24 -8.32 50.77 -5.56
N PRO G 25 -9.26 50.75 -6.51
CA PRO G 25 -10.34 51.74 -6.51
C PRO G 25 -11.50 51.29 -5.64
N ALA G 26 -12.16 52.26 -5.01
CA ALA G 26 -13.46 52.06 -4.39
C ALA G 26 -14.06 53.41 -4.05
N ASP G 27 -15.24 53.70 -4.59
CA ASP G 27 -16.08 54.77 -4.06
C ASP G 27 -16.89 54.22 -2.90
N ILE G 28 -16.51 54.62 -1.70
CA ILE G 28 -17.28 54.36 -0.50
C ILE G 28 -17.89 55.69 -0.08
N ILE G 29 -19.20 55.70 0.12
CA ILE G 29 -19.94 56.93 0.32
C ILE G 29 -20.69 56.86 1.65
N SER G 30 -20.64 57.94 2.40
CA SER G 30 -21.28 58.02 3.71
C SER G 30 -22.69 58.57 3.55
N ARG G 31 -23.69 57.75 3.89
CA ARG G 31 -25.08 58.17 3.89
C ARG G 31 -25.67 57.89 5.27
N THR G 32 -26.83 58.47 5.53
CA THR G 32 -27.53 58.29 6.79
C THR G 32 -28.75 57.41 6.58
N VAL G 33 -28.90 56.41 7.41
CA VAL G 33 -29.97 55.42 7.29
C VAL G 33 -31.29 56.07 7.66
N GLU G 34 -32.30 55.89 6.80
CA GLU G 34 -33.60 56.53 7.00
C GLU G 34 -34.72 55.57 7.36
N THR G 35 -34.56 54.27 7.09
CA THR G 35 -35.62 53.32 7.40
C THR G 35 -35.75 53.13 8.90
N SER G 36 -36.97 52.84 9.36
CA SER G 36 -37.20 52.65 10.79
C SER G 36 -36.40 51.48 11.33
N ALA G 37 -36.51 50.32 10.70
CA ALA G 37 -35.58 49.24 10.96
C ALA G 37 -34.26 49.52 10.26
N GLY G 38 -33.25 48.72 10.58
CA GLY G 38 -31.95 48.93 10.00
C GLY G 38 -31.91 48.58 8.53
N ILE G 39 -30.69 48.47 8.01
CA ILE G 39 -30.43 48.00 6.66
C ILE G 39 -29.35 46.94 6.73
N GLY G 40 -29.57 45.83 6.04
CA GLY G 40 -28.61 44.74 6.03
C GLY G 40 -27.32 45.14 5.34
N PHE G 41 -26.35 44.23 5.40
CA PHE G 41 -25.01 44.57 4.93
C PHE G 41 -24.90 44.50 3.41
N GLY G 42 -25.12 43.34 2.80
CA GLY G 42 -25.07 43.36 1.36
C GLY G 42 -26.45 43.54 0.75
N LYS G 43 -26.83 44.80 0.54
CA LYS G 43 -28.17 45.20 0.18
C LYS G 43 -28.08 46.37 -0.78
N ILE G 44 -29.14 46.57 -1.57
CA ILE G 44 -29.22 47.76 -2.41
C ILE G 44 -29.99 48.85 -1.68
N VAL G 45 -29.71 50.10 -2.03
CA VAL G 45 -30.31 51.24 -1.35
C VAL G 45 -30.73 52.27 -2.39
N ALA G 46 -31.77 53.03 -2.05
CA ALA G 46 -32.30 54.08 -2.91
C ALA G 46 -31.98 55.44 -2.33
N GLN G 47 -32.37 56.49 -3.05
CA GLN G 47 -32.03 57.85 -2.68
C GLN G 47 -33.06 58.35 -1.68
N GLY G 48 -32.60 58.82 -0.52
CA GLY G 48 -33.48 59.23 0.56
C GLY G 48 -34.12 60.58 0.29
N THR G 49 -34.88 61.04 1.27
CA THR G 49 -35.49 62.36 1.19
C THR G 49 -34.76 63.42 1.99
N SER G 50 -33.63 63.06 2.61
CA SER G 50 -32.92 63.99 3.49
C SER G 50 -31.71 64.62 2.83
N ASP G 51 -31.57 64.44 1.51
CA ASP G 51 -30.53 65.04 0.68
C ASP G 51 -29.18 64.38 0.90
N ARG G 52 -29.08 63.56 1.95
CA ARG G 52 -27.96 62.65 2.10
C ARG G 52 -28.37 61.32 2.75
N GLY G 53 -29.66 61.01 2.79
CA GLY G 53 -30.12 59.79 3.39
C GLY G 53 -30.35 58.68 2.37
N CYS G 54 -30.59 57.49 2.88
CA CYS G 54 -30.87 56.34 2.04
C CYS G 54 -31.95 55.48 2.69
N LYS G 55 -32.68 54.78 1.84
CA LYS G 55 -33.74 53.88 2.28
C LYS G 55 -33.46 52.51 1.69
N ALA G 56 -33.94 51.48 2.38
CA ALA G 56 -33.85 50.12 1.89
C ALA G 56 -34.98 49.75 0.94
N ASP G 57 -35.92 50.68 0.71
CA ASP G 57 -37.08 50.44 -0.13
C ASP G 57 -36.77 50.87 -1.56
N VAL G 58 -36.63 49.90 -2.46
CA VAL G 58 -36.29 50.18 -3.85
C VAL G 58 -37.43 49.76 -4.75
N SER G 59 -38.66 49.84 -4.24
CA SER G 59 -39.81 49.39 -5.03
C SER G 59 -40.19 50.37 -6.13
N ALA G 60 -39.63 51.58 -6.11
CA ALA G 60 -40.01 52.62 -7.05
C ALA G 60 -38.83 53.17 -7.85
N VAL G 61 -37.73 52.43 -7.95
CA VAL G 61 -36.60 52.91 -8.72
C VAL G 61 -36.89 52.76 -10.21
N SER G 62 -36.35 53.68 -10.99
CA SER G 62 -36.57 53.72 -12.43
C SER G 62 -35.30 54.19 -13.13
N PRO G 63 -35.22 54.17 -14.45
CA PRO G 63 -34.09 54.81 -15.12
C PRO G 63 -33.96 56.28 -14.80
N THR G 64 -35.07 56.97 -14.51
CA THR G 64 -35.03 58.37 -14.11
C THR G 64 -34.57 58.55 -12.66
N ALA G 65 -34.80 57.57 -11.80
CA ALA G 65 -34.40 57.62 -10.39
C ALA G 65 -33.60 56.37 -10.07
N PRO G 66 -32.35 56.31 -10.49
CA PRO G 66 -31.57 55.08 -10.35
C PRO G 66 -31.25 54.78 -8.90
N PRO G 67 -30.95 53.53 -8.58
CA PRO G 67 -30.54 53.19 -7.22
C PRO G 67 -29.19 53.80 -6.88
N LEU G 68 -28.92 53.88 -5.58
CA LEU G 68 -27.77 54.65 -5.09
C LEU G 68 -26.51 53.81 -4.97
N GLY G 69 -26.61 52.58 -4.48
CA GLY G 69 -25.41 51.77 -4.31
C GLY G 69 -25.71 50.54 -3.46
N ILE G 70 -24.65 50.00 -2.87
CA ILE G 70 -24.73 48.78 -2.06
C ILE G 70 -23.95 49.00 -0.77
N THR G 71 -24.55 48.65 0.36
CA THR G 71 -23.91 48.80 1.65
C THR G 71 -22.79 47.77 1.82
N VAL G 72 -21.89 48.04 2.78
CA VAL G 72 -20.77 47.15 3.03
C VAL G 72 -20.78 46.74 4.50
N ARG G 73 -20.13 45.61 4.77
CA ARG G 73 -20.06 45.03 6.11
C ARG G 73 -19.12 45.85 6.98
N SER G 74 -19.66 46.44 8.05
CA SER G 74 -18.91 47.41 8.84
C SER G 74 -18.26 46.83 10.08
N GLN G 75 -18.92 45.91 10.78
CA GLN G 75 -18.42 45.16 11.92
C GLN G 75 -18.31 46.04 13.18
N ALA G 76 -18.68 47.32 13.13
CA ALA G 76 -18.80 48.15 14.32
C ALA G 76 -20.12 48.91 14.27
N THR G 77 -21.22 48.25 14.64
CA THR G 77 -22.55 48.76 14.36
C THR G 77 -23.52 48.68 15.53
N GLU G 78 -23.14 49.16 16.71
CA GLU G 78 -24.05 49.51 17.81
C GLU G 78 -24.58 48.30 18.57
N ASN G 79 -24.27 47.07 18.15
CA ASN G 79 -24.44 45.78 18.82
C ASN G 79 -25.87 45.57 19.32
N LEU G 80 -26.80 46.42 18.94
CA LEU G 80 -28.21 46.23 19.30
C LEU G 80 -28.99 45.62 18.15
N THR G 81 -28.67 46.00 16.93
CA THR G 81 -29.09 45.28 15.74
C THR G 81 -27.96 44.37 15.30
N LEU G 82 -28.29 43.11 15.02
CA LEU G 82 -27.26 42.08 14.95
C LEU G 82 -26.26 42.36 13.84
N ASP G 83 -26.70 42.32 12.59
CA ASP G 83 -25.85 42.71 11.46
C ASP G 83 -26.67 43.65 10.59
N LYS G 84 -26.72 44.92 11.00
CA LYS G 84 -27.46 45.96 10.31
C LYS G 84 -26.86 47.32 10.66
N TYR G 85 -27.22 48.34 9.86
CA TYR G 85 -26.94 49.73 10.17
C TYR G 85 -28.17 50.30 10.85
N PRO G 86 -28.11 50.67 12.13
CA PRO G 86 -29.29 51.16 12.81
C PRO G 86 -29.76 52.48 12.21
N ARG G 87 -30.96 52.89 12.62
CA ARG G 87 -31.51 54.17 12.18
C ARG G 87 -30.59 55.30 12.61
N TYR G 88 -30.44 56.28 11.72
CA TYR G 88 -29.60 57.45 11.97
C TYR G 88 -28.13 57.04 12.16
N ASP G 89 -27.55 56.44 11.13
CA ASP G 89 -26.17 55.97 11.22
C ASP G 89 -25.48 56.09 9.87
N GLY G 90 -24.18 56.28 9.90
CA GLY G 90 -23.40 56.29 8.67
C GLY G 90 -23.47 54.94 7.99
N ALA G 91 -23.75 54.95 6.68
CA ALA G 91 -24.12 53.73 5.99
C ALA G 91 -23.01 53.12 5.15
N ALA G 92 -22.03 53.89 4.70
CA ALA G 92 -20.91 53.36 3.93
C ALA G 92 -21.38 52.63 2.67
N ILE G 93 -21.94 53.38 1.72
CA ILE G 93 -22.37 52.79 0.46
C ILE G 93 -21.17 52.66 -0.47
N MET G 94 -21.17 51.60 -1.29
CA MET G 94 -20.09 51.36 -2.25
C MET G 94 -20.70 51.30 -3.64
N ARG G 95 -20.00 51.87 -4.63
CA ARG G 95 -20.55 51.87 -5.98
C ARG G 95 -19.49 51.65 -7.07
N LYS G 96 -18.29 51.20 -6.73
CA LYS G 96 -17.27 50.94 -7.75
C LYS G 96 -16.53 49.61 -7.60
N GLY G 97 -16.41 49.09 -6.38
CA GLY G 97 -15.52 47.97 -6.15
C GLY G 97 -16.12 46.63 -6.56
N VAL G 98 -15.56 45.57 -5.99
CA VAL G 98 -16.09 44.22 -6.15
C VAL G 98 -16.55 43.74 -4.77
N ILE G 99 -17.79 43.24 -4.69
CA ILE G 99 -18.39 42.94 -3.40
C ILE G 99 -19.10 41.59 -3.45
N TRP G 100 -19.08 40.88 -2.32
CA TRP G 100 -19.80 39.63 -2.19
C TRP G 100 -21.26 39.92 -1.87
N VAL G 101 -22.17 39.28 -2.61
CA VAL G 101 -23.60 39.44 -2.40
C VAL G 101 -24.26 38.07 -2.45
N LEU G 102 -25.57 38.06 -2.21
CA LEU G 102 -26.36 36.85 -2.14
C LEU G 102 -27.12 36.63 -3.44
N VAL G 103 -27.15 35.40 -3.91
CA VAL G 103 -27.78 35.06 -5.18
C VAL G 103 -29.21 34.60 -4.93
N THR G 104 -30.14 35.08 -5.74
CA THR G 104 -31.54 34.65 -5.71
C THR G 104 -31.94 34.30 -7.14
N ASP G 105 -31.64 33.07 -7.55
CA ASP G 105 -31.99 32.58 -8.87
C ASP G 105 -32.11 31.07 -8.81
N ALA G 106 -32.99 30.53 -9.65
CA ALA G 106 -33.23 29.10 -9.64
C ALA G 106 -32.01 28.32 -10.13
N GLY G 107 -31.53 28.65 -11.32
CA GLY G 107 -30.41 27.94 -11.92
C GLY G 107 -29.03 28.44 -11.55
N GLY G 108 -28.92 29.46 -10.72
CA GLY G 108 -27.62 29.99 -10.37
C GLY G 108 -27.05 30.89 -11.45
N VAL G 109 -25.82 31.34 -11.21
CA VAL G 109 -25.13 32.26 -12.11
C VAL G 109 -23.75 31.71 -12.43
N VAL G 110 -23.15 32.22 -13.50
CA VAL G 110 -21.80 31.84 -13.90
C VAL G 110 -20.97 33.10 -14.05
N ALA G 111 -19.76 32.98 -14.59
CA ALA G 111 -18.77 34.05 -14.49
C ALA G 111 -19.30 35.38 -15.02
N GLY G 112 -19.58 35.45 -16.31
CA GLY G 112 -20.01 36.73 -16.87
C GLY G 112 -21.48 36.74 -17.25
N ASP G 113 -22.30 37.40 -16.44
CA ASP G 113 -23.73 37.42 -16.65
C ASP G 113 -24.22 38.84 -16.42
N PRO G 114 -25.37 39.20 -16.98
CA PRO G 114 -26.03 40.45 -16.58
C PRO G 114 -26.53 40.33 -15.14
N VAL G 115 -26.68 41.48 -14.51
CA VAL G 115 -27.21 41.57 -13.16
C VAL G 115 -28.59 42.21 -13.24
N TRP G 116 -29.61 41.50 -12.79
CA TRP G 116 -30.97 42.02 -12.82
C TRP G 116 -31.47 42.18 -11.39
N LEU G 117 -32.07 43.33 -11.12
CA LEU G 117 -32.62 43.66 -9.82
C LEU G 117 -34.13 43.46 -9.85
N LYS G 118 -34.64 42.78 -8.83
CA LYS G 118 -36.08 42.61 -8.66
C LYS G 118 -36.57 43.70 -7.73
N LYS G 119 -37.36 44.65 -8.27
CA LYS G 119 -37.76 45.83 -7.51
C LYS G 119 -38.66 45.48 -6.33
N SER G 120 -39.37 44.34 -6.42
CA SER G 120 -40.33 43.98 -5.38
C SER G 120 -39.64 43.78 -4.03
N ASP G 121 -38.58 42.99 -3.99
CA ASP G 121 -37.83 42.73 -2.77
C ASP G 121 -36.45 43.35 -2.75
N GLY G 122 -35.82 43.51 -3.91
CA GLY G 122 -34.46 44.04 -3.93
C GLY G 122 -33.43 42.94 -3.93
N THR G 123 -33.65 41.91 -4.75
CA THR G 123 -32.74 40.78 -4.85
C THR G 123 -32.13 40.74 -6.24
N PHE G 124 -30.91 40.21 -6.31
CA PHE G 124 -30.15 40.15 -7.55
C PHE G 124 -30.32 38.78 -8.20
N SER G 125 -30.34 38.76 -9.52
CA SER G 125 -30.57 37.56 -10.28
C SER G 125 -29.93 37.68 -11.64
N ASN G 126 -30.13 36.65 -12.46
CA ASN G 126 -29.47 36.50 -13.75
C ASN G 126 -30.32 37.02 -14.90
N ALA G 127 -31.63 36.84 -14.84
CA ALA G 127 -32.52 37.21 -15.94
C ALA G 127 -33.69 38.04 -15.41
N ASP G 128 -34.39 38.70 -16.32
CA ASP G 128 -35.49 39.58 -15.97
C ASP G 128 -36.69 38.80 -15.48
N VAL G 129 -37.44 39.39 -14.55
CA VAL G 129 -38.61 38.72 -13.98
C VAL G 129 -39.71 38.56 -15.02
N GLY G 130 -40.03 39.62 -15.74
CA GLY G 130 -40.96 39.54 -16.85
C GLY G 130 -42.28 40.24 -16.71
N SER G 131 -42.47 41.08 -15.68
CA SER G 131 -43.72 41.81 -15.50
C SER G 131 -43.49 43.28 -15.19
N SER G 132 -42.51 43.91 -15.83
CA SER G 132 -42.15 45.30 -15.58
C SER G 132 -41.78 45.53 -14.11
N GLY G 133 -41.24 44.50 -13.48
CA GLY G 133 -40.86 44.58 -12.08
C GLY G 133 -39.38 44.36 -11.85
N GLY G 134 -38.59 44.43 -12.92
CA GLY G 134 -37.16 44.24 -12.84
C GLY G 134 -36.41 45.31 -13.60
N LEU G 135 -35.24 45.67 -13.07
CA LEU G 135 -34.31 46.56 -13.76
C LEU G 135 -33.05 45.79 -14.12
N ARG G 136 -32.30 46.30 -15.09
CA ARG G 136 -30.96 45.80 -15.35
C ARG G 136 -29.98 46.88 -14.96
N LEU G 137 -29.09 46.56 -14.03
CA LEU G 137 -27.98 47.42 -13.67
C LEU G 137 -26.96 47.33 -14.80
N ALA G 138 -26.95 48.35 -15.66
CA ALA G 138 -26.25 48.23 -16.94
C ALA G 138 -24.78 47.94 -16.75
N GLY G 139 -24.08 48.73 -15.94
CA GLY G 139 -22.71 48.40 -15.67
C GLY G 139 -22.54 47.60 -14.40
N CYS G 140 -22.53 46.27 -14.54
CA CYS G 140 -22.45 45.31 -13.46
C CYS G 140 -22.20 43.94 -14.08
N ARG G 141 -21.46 43.10 -13.37
CA ARG G 141 -21.23 41.75 -13.85
C ARG G 141 -20.87 40.86 -12.68
N TRP G 142 -21.07 39.55 -12.87
CA TRP G 142 -20.70 38.59 -11.85
C TRP G 142 -19.23 38.24 -11.96
N ASP G 143 -18.72 37.56 -10.94
CA ASP G 143 -17.35 37.09 -10.98
C ASP G 143 -17.18 35.70 -10.39
N THR G 144 -18.25 34.96 -10.16
CA THR G 144 -18.15 33.64 -9.56
C THR G 144 -19.37 32.83 -10.01
N SER G 145 -19.15 31.53 -10.22
CA SER G 145 -20.27 30.63 -10.42
C SER G 145 -20.81 30.20 -9.06
N ALA G 146 -22.11 30.37 -8.84
CA ALA G 146 -22.70 30.00 -7.57
C ALA G 146 -24.12 29.50 -7.77
N ALA G 147 -24.55 28.66 -6.84
CA ALA G 147 -25.87 28.03 -6.89
C ALA G 147 -26.90 28.97 -6.26
N ASN G 148 -28.11 28.48 -6.07
CA ASN G 148 -29.15 29.29 -5.45
C ASN G 148 -28.85 29.51 -3.97
N GLY G 149 -29.10 30.74 -3.52
CA GLY G 149 -28.93 31.10 -2.12
C GLY G 149 -27.52 30.98 -1.61
N ALA G 150 -26.52 31.25 -2.45
CA ALA G 150 -25.12 31.20 -2.06
C ALA G 150 -24.50 32.57 -2.29
N LEU G 151 -23.27 32.74 -1.81
CA LEU G 151 -22.55 33.99 -1.95
C LEU G 151 -21.74 34.00 -3.24
N ALA G 152 -21.86 35.09 -3.99
CA ALA G 152 -21.07 35.28 -5.19
C ALA G 152 -20.57 36.71 -5.21
N ARG G 153 -19.36 36.92 -5.70
CA ARG G 153 -18.80 38.26 -5.79
C ARG G 153 -19.12 38.85 -7.15
N MET G 154 -19.50 40.13 -7.16
CA MET G 154 -19.80 40.81 -8.40
C MET G 154 -19.10 42.17 -8.43
N ARG G 155 -18.79 42.61 -9.66
CA ARG G 155 -18.17 43.89 -9.94
C ARG G 155 -19.27 44.87 -10.33
N VAL G 156 -19.21 46.08 -9.77
CA VAL G 156 -20.33 47.00 -9.79
C VAL G 156 -19.86 48.39 -10.20
N ASP G 157 -20.68 49.06 -11.01
CA ASP G 157 -20.42 50.42 -11.42
C ASP G 157 -21.74 51.14 -11.59
N PHE G 158 -22.05 52.06 -10.68
CA PHE G 158 -23.37 52.65 -10.61
C PHE G 158 -23.52 53.96 -11.37
N ASP G 159 -22.47 54.42 -12.04
CA ASP G 159 -22.59 55.64 -12.83
C ASP G 159 -23.26 55.39 -14.17
N VAL G 160 -23.24 54.14 -14.64
CA VAL G 160 -23.94 53.79 -15.89
C VAL G 160 -25.43 53.73 -15.62
N PRO G 161 -26.27 54.43 -16.40
CA PRO G 161 -27.69 54.45 -16.10
C PRO G 161 -28.32 53.08 -16.26
N PRO G 162 -29.33 52.76 -15.46
CA PRO G 162 -29.97 51.45 -15.55
C PRO G 162 -30.85 51.35 -16.80
N VAL G 163 -31.26 50.12 -17.10
CA VAL G 163 -32.12 49.85 -18.24
C VAL G 163 -33.40 49.20 -17.74
N ALA G 164 -34.54 49.74 -18.15
CA ALA G 164 -35.84 49.19 -17.78
C ALA G 164 -36.16 48.02 -18.69
N GLY G 165 -36.69 46.96 -18.09
CA GLY G 165 -37.08 45.79 -18.87
C GLY G 165 -38.47 45.31 -18.53
N ALA G 166 -39.34 45.23 -19.52
CA ALA G 166 -40.71 44.80 -19.29
C ALA G 166 -40.84 43.29 -19.50
N MET H 1 -7.03 95.64 6.39
CA MET H 1 -8.13 96.08 7.25
C MET H 1 -9.34 96.42 6.41
N ALA H 2 -9.56 95.61 5.37
CA ALA H 2 -10.49 95.93 4.30
C ALA H 2 -11.89 95.44 4.64
N PRO H 3 -12.79 96.34 5.00
CA PRO H 3 -14.14 95.92 5.38
C PRO H 3 -15.18 96.02 4.28
N TYR H 4 -14.80 96.37 3.06
CA TYR H 4 -15.76 96.38 1.97
C TYR H 4 -16.28 94.98 1.72
N ASN H 5 -17.48 94.92 1.13
CA ASN H 5 -18.17 93.66 0.86
C ASN H 5 -18.35 92.85 2.14
N GLU H 6 -18.70 93.55 3.21
CA GLU H 6 -19.09 92.93 4.47
C GLU H 6 -20.59 92.76 4.51
N THR H 7 -21.04 91.52 4.68
CA THR H 7 -22.46 91.21 4.73
C THR H 7 -22.91 90.64 6.05
N TYR H 8 -22.01 90.44 7.01
CA TYR H 8 -22.36 90.03 8.36
C TYR H 8 -23.13 88.71 8.33
N ALA H 9 -22.54 87.74 7.63
CA ALA H 9 -23.24 86.50 7.34
C ALA H 9 -23.53 85.72 8.61
N SER H 10 -24.63 84.96 8.58
CA SER H 10 -25.03 84.15 9.73
C SER H 10 -24.00 83.08 10.07
N ASP H 11 -23.46 82.41 9.04
CA ASP H 11 -22.47 81.37 9.24
C ASP H 11 -21.68 81.23 7.95
N TYR H 12 -20.70 80.32 7.96
CA TYR H 12 -19.79 80.19 6.82
C TYR H 12 -20.55 79.75 5.58
N ALA H 13 -20.05 80.15 4.41
CA ALA H 13 -20.62 79.69 3.17
C ALA H 13 -20.24 78.24 2.92
N PHE H 14 -20.67 77.72 1.77
CA PHE H 14 -20.52 76.29 1.52
C PHE H 14 -19.25 75.99 0.74
N ALA H 15 -19.03 76.69 -0.36
CA ALA H 15 -17.84 76.48 -1.19
C ALA H 15 -17.70 77.68 -2.12
N TYR H 16 -16.73 77.62 -3.02
CA TYR H 16 -16.55 78.60 -4.07
C TYR H 16 -16.87 77.96 -5.42
N GLU H 17 -16.54 78.70 -6.49
CA GLU H 17 -17.06 78.38 -7.82
C GLU H 17 -16.65 77.00 -8.29
N GLY H 18 -15.39 76.63 -8.11
CA GLY H 18 -14.91 75.39 -8.68
C GLY H 18 -14.18 74.47 -7.73
N MET H 19 -14.36 74.67 -6.44
CA MET H 19 -13.69 73.86 -5.44
C MET H 19 -14.21 72.43 -5.45
N VAL H 20 -13.33 71.49 -5.12
CA VAL H 20 -13.69 70.07 -5.06
C VAL H 20 -13.98 69.70 -3.62
N SER H 21 -14.57 68.52 -3.45
CA SER H 21 -14.82 67.94 -2.13
C SER H 21 -14.06 66.62 -2.05
N ASP H 22 -13.34 66.41 -0.95
CA ASP H 22 -12.38 65.31 -0.88
C ASP H 22 -13.06 63.98 -1.11
N ILE H 23 -12.36 63.11 -1.85
CA ILE H 23 -12.77 61.73 -2.08
C ILE H 23 -11.56 61.02 -2.68
N ALA H 24 -11.49 59.71 -2.50
CA ALA H 24 -10.31 58.97 -2.96
C ALA H 24 -10.07 59.09 -4.45
N PRO H 25 -11.03 58.85 -5.34
CA PRO H 25 -10.72 58.90 -6.77
C PRO H 25 -10.85 60.31 -7.33
N ALA H 26 -10.00 60.63 -8.30
CA ALA H 26 -10.16 61.81 -9.12
C ALA H 26 -9.24 61.70 -10.32
N ASP H 27 -9.80 61.74 -11.53
CA ASP H 27 -9.00 62.01 -12.73
C ASP H 27 -8.88 63.52 -12.89
N ILE H 28 -7.70 64.02 -12.60
CA ILE H 28 -7.33 65.40 -12.88
C ILE H 28 -6.38 65.37 -14.06
N ILE H 29 -6.68 66.14 -15.10
CA ILE H 29 -5.96 66.06 -16.36
C ILE H 29 -5.39 67.42 -16.71
N SER H 30 -4.14 67.43 -17.16
CA SER H 30 -3.45 68.65 -17.51
C SER H 30 -3.66 68.95 -18.99
N ARG H 31 -4.31 70.09 -19.26
CA ARG H 31 -4.50 70.56 -20.63
C ARG H 31 -3.98 71.99 -20.72
N THR H 32 -3.80 72.46 -21.95
CA THR H 32 -3.33 73.81 -22.20
C THR H 32 -4.46 74.67 -22.73
N VAL H 33 -4.63 75.84 -22.13
CA VAL H 33 -5.73 76.74 -22.47
C VAL H 33 -5.50 77.34 -23.85
N GLU H 34 -6.53 77.29 -24.69
CA GLU H 34 -6.42 77.75 -26.07
C GLU H 34 -7.19 79.02 -26.36
N THR H 35 -8.19 79.37 -25.55
CA THR H 35 -8.97 80.57 -25.81
C THR H 35 -8.14 81.82 -25.56
N SER H 36 -8.44 82.88 -26.31
CA SER H 36 -7.70 84.13 -26.15
C SER H 36 -7.85 84.70 -24.75
N ALA H 37 -9.09 84.85 -24.28
CA ALA H 37 -9.33 85.11 -22.88
C ALA H 37 -9.15 83.82 -22.09
N GLY H 38 -9.13 83.96 -20.77
CA GLY H 38 -8.94 82.80 -19.93
C GLY H 38 -10.15 81.87 -19.94
N ILE H 39 -10.14 80.95 -18.98
CA ILE H 39 -11.26 80.06 -18.72
C ILE H 39 -11.57 80.10 -17.23
N GLY H 40 -12.84 80.24 -16.89
CA GLY H 40 -13.24 80.29 -15.50
C GLY H 40 -13.01 78.97 -14.80
N PHE H 41 -13.24 78.98 -13.50
CA PHE H 41 -12.89 77.82 -12.68
C PHE H 41 -13.90 76.69 -12.80
N GLY H 42 -15.15 76.91 -12.41
CA GLY H 42 -16.08 75.82 -12.62
C GLY H 42 -16.82 75.95 -13.93
N LYS H 43 -16.25 75.37 -14.99
CA LYS H 43 -16.68 75.58 -16.38
C LYS H 43 -16.50 74.28 -17.12
N ILE H 44 -17.24 74.11 -18.20
CA ILE H 44 -17.04 72.96 -19.07
C ILE H 44 -16.08 73.35 -20.21
N VAL H 45 -15.38 72.36 -20.74
CA VAL H 45 -14.37 72.59 -21.77
C VAL H 45 -14.51 71.55 -22.87
N ALA H 46 -14.13 71.93 -24.08
CA ALA H 46 -14.18 71.06 -25.24
C ALA H 46 -12.77 70.67 -25.66
N GLN H 47 -12.69 69.84 -26.69
CA GLN H 47 -11.41 69.30 -27.12
C GLN H 47 -10.77 70.29 -28.08
N GLY H 48 -9.53 70.68 -27.78
CA GLY H 48 -8.83 71.68 -28.55
C GLY H 48 -8.33 71.16 -29.87
N THR H 49 -7.62 72.02 -30.60
CA THR H 49 -7.01 71.63 -31.85
C THR H 49 -5.51 71.35 -31.71
N SER H 50 -4.96 71.43 -30.50
CA SER H 50 -3.52 71.29 -30.32
C SER H 50 -3.14 69.90 -29.82
N ASP H 51 -4.09 68.96 -29.82
CA ASP H 51 -3.88 67.56 -29.45
C ASP H 51 -3.72 67.40 -27.95
N ARG H 52 -3.54 68.50 -27.23
CA ARG H 52 -3.67 68.51 -25.78
C ARG H 52 -4.27 69.81 -25.26
N GLY H 53 -4.88 70.62 -26.11
CA GLY H 53 -5.46 71.88 -25.70
C GLY H 53 -6.94 71.76 -25.42
N CYS H 54 -7.49 72.83 -24.84
CA CYS H 54 -8.90 72.90 -24.55
C CYS H 54 -9.41 74.31 -24.84
N LYS H 55 -10.69 74.38 -25.18
CA LYS H 55 -11.36 75.64 -25.44
C LYS H 55 -12.57 75.75 -24.54
N ALA H 56 -12.96 76.98 -24.23
CA ALA H 56 -14.17 77.22 -23.46
C ALA H 56 -15.42 77.26 -24.32
N ASP H 57 -15.27 77.09 -25.63
CA ASP H 57 -16.38 77.16 -26.58
C ASP H 57 -16.93 75.76 -26.80
N VAL H 58 -18.13 75.50 -26.29
CA VAL H 58 -18.74 74.18 -26.40
C VAL H 58 -20.02 74.28 -27.22
N SER H 59 -20.04 75.21 -28.18
CA SER H 59 -21.25 75.40 -28.97
C SER H 59 -21.44 74.33 -30.02
N ALA H 60 -20.44 73.48 -30.25
CA ALA H 60 -20.50 72.48 -31.31
C ALA H 60 -20.27 71.06 -30.80
N VAL H 61 -20.45 70.80 -29.51
CA VAL H 61 -20.27 69.46 -28.98
C VAL H 61 -21.45 68.59 -29.39
N SER H 62 -21.17 67.31 -29.59
CA SER H 62 -22.17 66.34 -30.03
C SER H 62 -21.89 64.99 -29.38
N PRO H 63 -22.76 64.00 -29.52
CA PRO H 63 -22.39 62.65 -29.08
C PRO H 63 -21.14 62.12 -29.77
N THR H 64 -20.88 62.55 -31.00
CA THR H 64 -19.65 62.14 -31.69
C THR H 64 -18.42 62.88 -31.19
N ALA H 65 -18.58 64.10 -30.68
CA ALA H 65 -17.48 64.91 -30.16
C ALA H 65 -17.83 65.36 -28.76
N PRO H 66 -17.72 64.47 -27.77
CA PRO H 66 -18.19 64.78 -26.42
C PRO H 66 -17.34 65.84 -25.77
N PRO H 67 -17.86 66.53 -24.75
CA PRO H 67 -17.04 67.49 -24.01
C PRO H 67 -15.95 66.78 -23.21
N LEU H 68 -14.94 67.56 -22.83
CA LEU H 68 -13.72 66.99 -22.27
C LEU H 68 -13.77 66.87 -20.74
N GLY H 69 -14.30 67.87 -20.04
CA GLY H 69 -14.34 67.81 -18.60
C GLY H 69 -14.69 69.16 -18.01
N ILE H 70 -14.30 69.34 -16.75
CA ILE H 70 -14.60 70.55 -15.98
C ILE H 70 -13.34 71.01 -15.26
N THR H 71 -13.03 72.30 -15.38
CA THR H 71 -11.85 72.86 -14.73
C THR H 71 -12.05 72.93 -13.22
N VAL H 72 -10.94 73.07 -12.49
CA VAL H 72 -10.98 73.14 -11.04
C VAL H 72 -10.29 74.41 -10.56
N ARG H 73 -10.64 74.83 -9.36
CA ARG H 73 -10.12 76.06 -8.76
C ARG H 73 -8.67 75.84 -8.32
N SER H 74 -7.75 76.60 -8.92
CA SER H 74 -6.33 76.35 -8.74
C SER H 74 -5.68 77.22 -7.68
N GLN H 75 -6.06 78.49 -7.59
CA GLN H 75 -5.62 79.44 -6.56
C GLN H 75 -4.17 79.90 -6.78
N ALA H 76 -3.48 79.42 -7.81
CA ALA H 76 -2.16 79.95 -8.17
C ALA H 76 -2.14 80.19 -9.68
N THR H 77 -2.71 81.31 -10.13
CA THR H 77 -2.99 81.51 -11.55
C THR H 77 -2.60 82.88 -12.08
N GLU H 78 -1.37 83.32 -11.87
CA GLU H 78 -0.72 84.40 -12.62
C GLU H 78 -1.19 85.79 -12.23
N ASN H 79 -2.18 85.91 -11.35
CA ASN H 79 -2.67 87.12 -10.65
C ASN H 79 -2.96 88.28 -11.59
N LEU H 80 -2.96 88.04 -12.91
CA LEU H 80 -3.32 89.08 -13.86
C LEU H 80 -4.76 88.91 -14.34
N THR H 81 -5.20 87.68 -14.49
CA THR H 81 -6.62 87.35 -14.63
C THR H 81 -7.13 86.92 -13.26
N LEU H 82 -8.27 87.49 -12.86
CA LEU H 82 -8.67 87.43 -11.45
C LEU H 82 -8.87 85.99 -10.98
N ASP H 83 -9.87 85.32 -11.52
CA ASP H 83 -10.09 83.90 -11.24
C ASP H 83 -10.30 83.20 -12.58
N LYS H 84 -9.20 82.92 -13.27
CA LYS H 84 -9.21 82.27 -14.57
C LYS H 84 -7.87 81.58 -14.81
N TYR H 85 -7.85 80.68 -15.80
CA TYR H 85 -6.60 80.11 -16.31
C TYR H 85 -6.18 80.92 -17.53
N PRO H 86 -5.08 81.65 -17.47
CA PRO H 86 -4.69 82.49 -18.61
C PRO H 86 -4.37 81.64 -19.83
N ARG H 87 -4.23 82.33 -20.96
CA ARG H 87 -3.85 81.67 -22.20
C ARG H 87 -2.50 80.99 -22.02
N TYR H 88 -2.38 79.79 -22.61
CA TYR H 88 -1.15 79.00 -22.56
C TYR H 88 -0.81 78.62 -21.11
N ASP H 89 -1.69 77.88 -20.46
CA ASP H 89 -1.48 77.51 -19.07
C ASP H 89 -2.07 76.13 -18.80
N GLY H 90 -1.47 75.42 -17.85
CA GLY H 90 -2.03 74.15 -17.43
C GLY H 90 -3.41 74.34 -16.83
N ALA H 91 -4.36 73.51 -17.28
CA ALA H 91 -5.76 73.76 -16.99
C ALA H 91 -6.34 72.90 -15.89
N ALA H 92 -5.79 71.73 -15.60
CA ALA H 92 -6.29 70.87 -14.53
C ALA H 92 -7.77 70.54 -14.70
N ILE H 93 -8.08 69.75 -15.73
CA ILE H 93 -9.46 69.32 -15.94
C ILE H 93 -9.77 68.13 -15.05
N MET H 94 -11.01 68.04 -14.59
CA MET H 94 -11.45 66.93 -13.73
C MET H 94 -12.61 66.23 -14.41
N ARG H 95 -12.66 64.90 -14.34
CA ARG H 95 -13.73 64.17 -14.99
C ARG H 95 -14.24 62.97 -14.20
N LYS H 96 -13.91 62.85 -12.92
CA LYS H 96 -14.42 61.75 -12.12
C LYS H 96 -14.95 62.13 -10.74
N GLY H 97 -14.45 63.21 -10.14
CA GLY H 97 -14.76 63.49 -8.75
C GLY H 97 -16.12 64.11 -8.54
N VAL H 98 -16.26 64.78 -7.39
CA VAL H 98 -17.45 65.57 -7.09
C VAL H 98 -17.03 67.03 -6.95
N ILE H 99 -17.71 67.92 -7.66
CA ILE H 99 -17.26 69.31 -7.77
C ILE H 99 -18.44 70.25 -7.57
N TRP H 100 -18.15 71.41 -6.99
CA TRP H 100 -19.14 72.46 -6.83
C TRP H 100 -19.24 73.26 -8.11
N VAL H 101 -20.46 73.48 -8.61
CA VAL H 101 -20.69 74.24 -9.83
C VAL H 101 -21.86 75.18 -9.59
N LEU H 102 -22.15 76.00 -10.60
CA LEU H 102 -23.18 77.02 -10.53
C LEU H 102 -24.44 76.54 -11.24
N VAL H 103 -25.60 76.80 -10.64
CA VAL H 103 -26.88 76.35 -11.15
C VAL H 103 -27.49 77.44 -12.00
N THR H 104 -28.03 77.06 -13.17
CA THR H 104 -28.76 77.98 -14.04
C THR H 104 -30.08 77.30 -14.41
N ASP H 105 -31.08 77.44 -13.53
CA ASP H 105 -32.39 76.86 -13.74
C ASP H 105 -33.40 77.70 -12.98
N ALA H 106 -34.63 77.77 -13.51
CA ALA H 106 -35.66 78.59 -12.89
C ALA H 106 -36.09 78.01 -11.55
N GLY H 107 -36.49 76.75 -11.53
CA GLY H 107 -36.99 76.11 -10.33
C GLY H 107 -35.95 75.47 -9.44
N GLY H 108 -34.67 75.53 -9.79
CA GLY H 108 -33.65 74.90 -8.98
C GLY H 108 -33.57 73.41 -9.22
N VAL H 109 -32.70 72.77 -8.44
CA VAL H 109 -32.44 71.34 -8.55
C VAL H 109 -32.56 70.71 -7.18
N VAL H 110 -32.73 69.38 -7.17
CA VAL H 110 -32.80 68.61 -5.93
C VAL H 110 -31.76 67.50 -5.99
N ALA H 111 -31.80 66.57 -5.03
CA ALA H 111 -30.68 65.64 -4.82
C ALA H 111 -30.32 64.88 -6.09
N GLY H 112 -31.22 64.04 -6.58
CA GLY H 112 -30.89 63.23 -7.74
C GLY H 112 -31.63 63.65 -8.99
N ASP H 113 -30.93 64.33 -9.89
CA ASP H 113 -31.53 64.85 -11.10
C ASP H 113 -30.59 64.59 -12.26
N PRO H 114 -31.12 64.56 -13.49
CA PRO H 114 -30.24 64.58 -14.65
C PRO H 114 -29.53 65.92 -14.76
N VAL H 115 -28.40 65.91 -15.44
CA VAL H 115 -27.62 67.11 -15.69
C VAL H 115 -27.70 67.40 -17.18
N TRP H 116 -28.23 68.57 -17.52
CA TRP H 116 -28.36 68.97 -18.92
C TRP H 116 -27.47 70.18 -19.19
N LEU H 117 -26.74 70.12 -20.29
CA LEU H 117 -25.83 71.17 -20.70
C LEU H 117 -26.49 71.98 -21.80
N LYS H 118 -26.45 73.30 -21.66
CA LYS H 118 -26.93 74.20 -22.71
C LYS H 118 -25.75 74.60 -23.58
N LYS H 119 -25.74 74.13 -24.83
CA LYS H 119 -24.58 74.31 -25.70
C LYS H 119 -24.35 75.78 -26.04
N SER H 120 -25.39 76.60 -25.98
CA SER H 120 -25.27 78.00 -26.38
C SER H 120 -24.28 78.76 -25.49
N ASP H 121 -24.43 78.65 -24.18
CA ASP H 121 -23.54 79.30 -23.23
C ASP H 121 -22.64 78.34 -22.48
N GLY H 122 -23.09 77.11 -22.23
CA GLY H 122 -22.30 76.18 -21.45
C GLY H 122 -22.68 76.20 -19.98
N THR H 123 -23.98 76.21 -19.71
CA THR H 123 -24.51 76.24 -18.36
C THR H 123 -25.24 74.94 -18.06
N PHE H 124 -25.23 74.56 -16.79
CA PHE H 124 -25.85 73.32 -16.34
C PHE H 124 -27.24 73.58 -15.81
N SER H 125 -28.14 72.62 -16.04
CA SER H 125 -29.53 72.78 -15.66
C SER H 125 -30.14 71.40 -15.43
N ASN H 126 -31.43 71.40 -15.14
CA ASN H 126 -32.16 70.20 -14.74
C ASN H 126 -32.87 69.53 -15.90
N ALA H 127 -33.39 70.30 -16.86
CA ALA H 127 -34.16 69.75 -17.96
C ALA H 127 -33.65 70.31 -19.28
N ASP H 128 -34.06 69.65 -20.36
CA ASP H 128 -33.61 70.02 -21.70
C ASP H 128 -34.21 71.34 -22.14
N VAL H 129 -33.45 72.10 -22.94
CA VAL H 129 -33.91 73.41 -23.40
C VAL H 129 -35.08 73.25 -24.37
N GLY H 130 -34.95 72.37 -25.35
CA GLY H 130 -36.06 72.05 -26.22
C GLY H 130 -35.94 72.47 -27.67
N SER H 131 -34.76 72.89 -28.13
CA SER H 131 -34.58 73.29 -29.52
C SER H 131 -33.31 72.70 -30.13
N SER H 132 -32.99 71.45 -29.79
CA SER H 132 -31.76 70.79 -30.25
C SER H 132 -30.52 71.58 -29.85
N GLY H 133 -30.59 72.28 -28.72
CA GLY H 133 -29.49 73.07 -28.25
C GLY H 133 -28.99 72.63 -26.89
N GLY H 134 -29.39 71.43 -26.46
CA GLY H 134 -28.97 70.89 -25.19
C GLY H 134 -28.51 69.45 -25.30
N LEU H 135 -27.53 69.10 -24.49
CA LEU H 135 -27.07 67.72 -24.35
C LEU H 135 -27.41 67.21 -22.96
N ARG H 136 -27.45 65.90 -22.81
CA ARG H 136 -27.50 65.30 -21.48
C ARG H 136 -26.19 64.59 -21.23
N LEU H 137 -25.49 64.99 -20.18
CA LEU H 137 -24.31 64.30 -19.71
C LEU H 137 -24.77 63.02 -19.03
N ALA H 138 -24.66 61.89 -19.73
CA ALA H 138 -25.35 60.67 -19.32
C ALA H 138 -24.93 60.24 -17.92
N GLY H 139 -23.63 60.11 -17.69
CA GLY H 139 -23.20 59.80 -16.34
C GLY H 139 -22.84 61.04 -15.56
N CYS H 140 -23.81 61.57 -14.81
CA CYS H 140 -23.71 62.78 -14.02
C CYS H 140 -24.95 62.87 -13.16
N ARG H 141 -24.79 63.43 -11.96
CA ARG H 141 -25.93 63.61 -11.08
C ARG H 141 -25.64 64.72 -10.10
N TRP H 142 -26.70 65.30 -9.54
CA TRP H 142 -26.54 66.33 -8.54
C TRP H 142 -26.37 65.71 -7.17
N ASP H 143 -25.97 66.54 -6.21
CA ASP H 143 -25.84 66.07 -4.84
C ASP H 143 -26.33 67.08 -3.80
N THR H 144 -27.03 68.13 -4.22
CA THR H 144 -27.49 69.15 -3.30
C THR H 144 -28.73 69.80 -3.88
N SER H 145 -29.66 70.17 -3.01
CA SER H 145 -30.78 70.99 -3.44
C SER H 145 -30.35 72.45 -3.40
N ALA H 146 -30.52 73.16 -4.51
CA ALA H 146 -30.12 74.56 -4.57
C ALA H 146 -31.08 75.35 -5.46
N ALA H 147 -31.17 76.64 -5.18
CA ALA H 147 -32.06 77.53 -5.91
C ALA H 147 -31.36 78.04 -7.16
N ASN H 148 -31.98 79.01 -7.84
CA ASN H 148 -31.37 79.59 -9.03
C ASN H 148 -30.14 80.41 -8.68
N GLY H 149 -29.11 80.27 -9.50
CA GLY H 149 -27.88 81.03 -9.33
C GLY H 149 -27.14 80.78 -8.05
N ALA H 150 -27.19 79.55 -7.53
CA ALA H 150 -26.49 79.19 -6.32
C ALA H 150 -25.50 78.07 -6.63
N LEU H 151 -24.68 77.73 -5.65
CA LEU H 151 -23.68 76.68 -5.80
C LEU H 151 -24.26 75.34 -5.37
N ALA H 152 -24.07 74.33 -6.21
CA ALA H 152 -24.47 72.97 -5.87
C ALA H 152 -23.36 72.03 -6.28
N ARG H 153 -23.14 70.98 -5.50
CA ARG H 153 -22.12 70.00 -5.84
C ARG H 153 -22.73 68.88 -6.65
N MET H 154 -22.01 68.45 -7.67
CA MET H 154 -22.47 67.35 -8.51
C MET H 154 -21.35 66.34 -8.71
N ARG H 155 -21.77 65.09 -8.92
CA ARG H 155 -20.89 63.97 -9.20
C ARG H 155 -20.86 63.73 -10.70
N VAL H 156 -19.66 63.54 -11.25
CA VAL H 156 -19.44 63.62 -12.68
C VAL H 156 -18.62 62.43 -13.15
N ASP H 157 -18.99 61.92 -14.32
CA ASP H 157 -18.25 60.83 -14.96
C ASP H 157 -18.34 61.01 -16.47
N PHE H 158 -17.23 61.38 -17.07
CA PHE H 158 -17.23 61.79 -18.47
C PHE H 158 -16.91 60.68 -19.45
N ASP H 159 -16.69 59.44 -18.98
CA ASP H 159 -16.44 58.35 -19.91
C ASP H 159 -17.72 57.82 -20.52
N VAL H 160 -18.85 58.06 -19.87
CA VAL H 160 -20.16 57.65 -20.43
C VAL H 160 -20.52 58.60 -21.56
N PRO H 161 -20.86 58.10 -22.76
CA PRO H 161 -21.12 59.01 -23.88
C PRO H 161 -22.35 59.85 -23.63
N PRO H 162 -22.37 61.09 -24.13
CA PRO H 162 -23.54 61.95 -23.91
C PRO H 162 -24.71 61.52 -24.77
N VAL H 163 -25.88 62.08 -24.46
CA VAL H 163 -27.11 61.80 -25.18
C VAL H 163 -27.65 63.10 -25.76
N ALA H 164 -27.94 63.09 -27.06
CA ALA H 164 -28.49 64.25 -27.74
C ALA H 164 -29.99 64.31 -27.48
N GLY H 165 -30.49 65.51 -27.20
CA GLY H 165 -31.90 65.70 -26.98
C GLY H 165 -32.47 66.86 -27.76
N ALA H 166 -33.47 66.59 -28.60
CA ALA H 166 -34.08 67.63 -29.41
C ALA H 166 -35.27 68.26 -28.69
N MET I 1 27.35 44.86 -28.24
CA MET I 1 27.85 45.82 -29.23
C MET I 1 27.06 45.66 -30.52
N ALA I 2 25.76 45.45 -30.38
CA ALA I 2 24.91 45.02 -31.47
C ALA I 2 24.34 46.19 -32.24
N PRO I 3 24.86 46.49 -33.42
CA PRO I 3 24.40 47.66 -34.18
C PRO I 3 23.35 47.36 -35.23
N TYR I 4 22.86 46.13 -35.32
CA TYR I 4 21.78 45.84 -36.26
C TYR I 4 20.53 46.62 -35.89
N ASN I 5 19.68 46.84 -36.89
CA ASN I 5 18.45 47.61 -36.72
C ASN I 5 18.76 49.01 -36.18
N GLU I 6 19.82 49.61 -36.71
CA GLU I 6 20.17 51.00 -36.44
C GLU I 6 19.57 51.88 -37.52
N THR I 7 18.75 52.83 -37.11
CA THR I 7 18.09 53.74 -38.04
C THR I 7 18.49 55.19 -37.85
N TYR I 8 19.34 55.50 -36.86
CA TYR I 8 19.88 56.84 -36.68
C TYR I 8 18.75 57.86 -36.50
N ALA I 9 17.85 57.54 -35.58
CA ALA I 9 16.62 58.30 -35.44
C ALA I 9 16.90 59.73 -35.00
N SER I 10 16.03 60.64 -35.42
CA SER I 10 16.17 62.05 -35.07
C SER I 10 16.07 62.28 -33.57
N ASP I 11 15.12 61.62 -32.91
CA ASP I 11 14.94 61.75 -31.47
C ASP I 11 14.23 60.51 -30.97
N TYR I 12 13.99 60.46 -29.66
CA TYR I 12 13.43 59.26 -29.05
C TYR I 12 12.03 58.99 -29.58
N ALA I 13 11.66 57.71 -29.61
CA ALA I 13 10.30 57.35 -29.99
C ALA I 13 9.33 57.69 -28.87
N PHE I 14 8.07 57.36 -29.07
CA PHE I 14 7.03 57.80 -28.15
C PHE I 14 6.74 56.75 -27.09
N ALA I 15 6.50 55.52 -27.50
CA ALA I 15 6.21 54.42 -26.57
C ALA I 15 6.37 53.11 -27.34
N TYR I 16 6.05 52.01 -26.66
CA TYR I 16 6.01 50.68 -27.27
C TYR I 16 4.56 50.21 -27.36
N GLU I 17 4.40 48.93 -27.71
CA GLU I 17 3.10 48.41 -28.14
C GLU I 17 2.04 48.55 -27.07
N GLY I 18 2.35 48.21 -25.82
CA GLY I 18 1.33 48.17 -24.80
C GLY I 18 1.65 48.92 -23.53
N MET I 19 2.62 49.83 -23.59
CA MET I 19 3.03 50.58 -22.41
C MET I 19 1.92 51.54 -21.98
N VAL I 20 1.85 51.79 -20.68
CA VAL I 20 0.87 52.71 -20.10
C VAL I 20 1.52 54.06 -19.87
N SER I 21 0.69 55.07 -19.62
CA SER I 21 1.14 56.40 -19.26
C SER I 21 0.61 56.71 -17.86
N ASP I 22 1.49 57.23 -17.00
CA ASP I 22 1.17 57.32 -15.58
C ASP I 22 -0.09 58.16 -15.36
N ILE I 23 -0.91 57.70 -14.41
CA ILE I 23 -2.08 58.43 -13.94
C ILE I 23 -2.52 57.73 -12.66
N ALA I 24 -3.22 58.47 -11.81
CA ALA I 24 -3.60 57.91 -10.50
C ALA I 24 -4.47 56.67 -10.62
N PRO I 25 -5.57 56.66 -11.38
CA PRO I 25 -6.43 55.46 -11.39
C PRO I 25 -5.94 54.44 -12.41
N ALA I 26 -6.12 53.16 -12.08
CA ALA I 26 -6.00 52.08 -13.05
C ALA I 26 -6.58 50.82 -12.45
N ASP I 27 -7.57 50.23 -13.11
CA ASP I 27 -7.96 48.85 -12.84
C ASP I 27 -7.06 47.94 -13.66
N ILE I 28 -6.15 47.28 -12.97
CA ILE I 28 -5.35 46.22 -13.55
C ILE I 28 -5.85 44.91 -12.97
N ILE I 29 -6.17 43.97 -13.83
CA ILE I 29 -6.84 42.74 -13.42
C ILE I 29 -6.02 41.54 -13.83
N SER I 30 -5.91 40.58 -12.92
CA SER I 30 -5.13 39.37 -13.16
C SER I 30 -6.02 38.29 -13.75
N ARG I 31 -5.72 37.87 -14.97
CA ARG I 31 -6.42 36.78 -15.63
C ARG I 31 -5.40 35.75 -16.07
N THR I 32 -5.88 34.56 -16.41
CA THR I 32 -5.04 33.47 -16.87
C THR I 32 -5.24 33.27 -18.37
N VAL I 33 -4.14 33.20 -19.10
CA VAL I 33 -4.18 33.08 -20.55
C VAL I 33 -4.66 31.70 -20.94
N GLU I 34 -5.64 31.65 -21.86
CA GLU I 34 -6.25 30.40 -22.27
C GLU I 34 -5.91 29.96 -23.68
N THR I 35 -5.46 30.87 -24.54
CA THR I 35 -5.15 30.50 -25.92
C THR I 35 -3.90 29.64 -25.96
N SER I 36 -3.83 28.75 -26.96
CA SER I 36 -2.68 27.86 -27.09
C SER I 36 -1.40 28.65 -27.32
N ALA I 37 -1.41 29.55 -28.31
CA ALA I 37 -0.35 30.53 -28.43
C ALA I 37 -0.57 31.63 -27.40
N GLY I 38 0.43 32.49 -27.26
CA GLY I 38 0.33 33.55 -26.28
C GLY I 38 -0.67 34.61 -26.68
N ILE I 39 -0.59 35.74 -25.99
CA ILE I 39 -1.37 36.93 -26.29
C ILE I 39 -0.42 38.12 -26.32
N GLY I 40 -0.53 38.94 -27.36
CA GLY I 40 0.32 40.10 -27.48
C GLY I 40 0.05 41.12 -26.40
N PHE I 41 0.87 42.16 -26.39
CA PHE I 41 0.83 43.12 -25.29
C PHE I 41 -0.34 44.11 -25.43
N GLY I 42 -0.36 44.91 -26.48
CA GLY I 42 -1.51 45.78 -26.60
C GLY I 42 -2.58 45.17 -27.48
N LYS I 43 -3.48 44.41 -26.85
CA LYS I 43 -4.45 43.55 -27.53
C LYS I 43 -5.75 43.58 -26.72
N ILE I 44 -6.85 43.28 -27.39
CA ILE I 44 -8.11 43.11 -26.68
C ILE I 44 -8.32 41.63 -26.34
N VAL I 45 -9.08 41.38 -25.27
CA VAL I 45 -9.29 40.02 -24.79
C VAL I 45 -10.77 39.83 -24.46
N ALA I 46 -11.22 38.60 -24.57
CA ALA I 46 -12.60 38.23 -24.26
C ALA I 46 -12.65 37.41 -22.99
N GLN I 47 -13.87 37.04 -22.59
CA GLN I 47 -14.08 36.34 -21.34
C GLN I 47 -13.89 34.85 -21.57
N GLY I 48 -13.01 34.25 -20.79
CA GLY I 48 -12.66 32.85 -20.95
C GLY I 48 -13.74 31.92 -20.45
N THR I 49 -13.44 30.62 -20.52
CA THR I 49 -14.35 29.62 -20.01
C THR I 49 -13.92 29.08 -18.64
N SER I 50 -12.85 29.61 -18.06
CA SER I 50 -12.32 29.07 -16.81
C SER I 50 -12.72 29.92 -15.61
N ASP I 51 -13.65 30.86 -15.80
CA ASP I 51 -14.22 31.70 -14.74
C ASP I 51 -13.23 32.75 -14.28
N ARG I 52 -11.97 32.63 -14.67
CA ARG I 52 -11.01 33.72 -14.56
C ARG I 52 -10.03 33.76 -15.72
N GLY I 53 -10.31 33.07 -16.82
CA GLY I 53 -9.42 33.04 -17.96
C GLY I 53 -9.80 34.05 -19.02
N CYS I 54 -8.91 34.22 -19.98
CA CYS I 54 -9.14 35.11 -21.10
C CYS I 54 -8.63 34.48 -22.38
N LYS I 55 -9.25 34.87 -23.49
CA LYS I 55 -8.86 34.40 -24.80
C LYS I 55 -8.58 35.61 -25.68
N ALA I 56 -7.72 35.43 -26.67
CA ALA I 56 -7.44 36.47 -27.65
C ALA I 56 -8.45 36.48 -28.79
N ASP I 57 -9.41 35.55 -28.79
CA ASP I 57 -10.39 35.42 -29.85
C ASP I 57 -11.62 36.23 -29.48
N VAL I 58 -11.85 37.33 -30.19
CA VAL I 58 -12.97 38.22 -29.92
C VAL I 58 -13.92 38.23 -31.10
N SER I 59 -14.00 37.12 -31.83
CA SER I 59 -14.83 37.08 -33.02
C SER I 59 -16.31 36.97 -32.70
N ALA I 60 -16.67 36.70 -31.44
CA ALA I 60 -18.05 36.49 -31.06
C ALA I 60 -18.53 37.41 -29.95
N VAL I 61 -17.85 38.54 -29.74
CA VAL I 61 -18.28 39.49 -28.71
C VAL I 61 -19.53 40.23 -29.18
N SER I 62 -20.38 40.58 -28.24
CA SER I 62 -21.65 41.25 -28.53
C SER I 62 -21.96 42.23 -27.40
N PRO I 63 -22.99 43.05 -27.52
CA PRO I 63 -23.42 43.84 -26.35
C PRO I 63 -23.81 42.98 -25.16
N THR I 64 -24.30 41.76 -25.40
CA THR I 64 -24.62 40.84 -24.31
C THR I 64 -23.38 40.20 -23.69
N ALA I 65 -22.30 40.05 -24.47
CA ALA I 65 -21.05 39.45 -24.00
C ALA I 65 -19.92 40.41 -24.33
N PRO I 66 -19.77 41.49 -23.55
CA PRO I 66 -18.79 42.52 -23.89
C PRO I 66 -17.37 42.02 -23.74
N PRO I 67 -16.41 42.67 -24.40
CA PRO I 67 -15.01 42.30 -24.21
C PRO I 67 -14.53 42.66 -22.81
N LEU I 68 -13.43 42.04 -22.41
CA LEU I 68 -12.99 42.09 -21.02
C LEU I 68 -12.03 43.24 -20.74
N GLY I 69 -11.09 43.52 -21.64
CA GLY I 69 -10.14 44.59 -21.41
C GLY I 69 -9.00 44.52 -22.40
N ILE I 70 -7.87 45.13 -22.00
CA ILE I 70 -6.68 45.23 -22.83
C ILE I 70 -5.47 44.87 -22.01
N THR I 71 -4.61 44.00 -22.54
CA THR I 71 -3.40 43.58 -21.84
C THR I 71 -2.38 44.71 -21.81
N VAL I 72 -1.41 44.59 -20.90
CA VAL I 72 -0.37 45.61 -20.74
C VAL I 72 1.00 44.96 -20.87
N ARG I 73 1.97 45.78 -21.21
CA ARG I 73 3.35 45.33 -21.44
C ARG I 73 4.01 45.01 -20.10
N SER I 74 4.40 43.75 -19.92
CA SER I 74 4.85 43.27 -18.62
C SER I 74 6.36 43.26 -18.46
N GLN I 75 7.10 42.90 -19.50
CA GLN I 75 8.56 42.93 -19.56
C GLN I 75 9.21 41.81 -18.71
N ALA I 76 8.42 40.97 -18.04
CA ALA I 76 8.96 39.77 -17.39
C ALA I 76 8.07 38.58 -17.75
N THR I 77 8.29 38.01 -18.93
CA THR I 77 7.34 37.06 -19.50
C THR I 77 7.97 35.80 -20.09
N GLU I 78 8.83 35.11 -19.35
CA GLU I 78 9.22 33.72 -19.60
C GLU I 78 10.21 33.55 -20.74
N ASN I 79 10.56 34.62 -21.45
CA ASN I 79 11.64 34.77 -22.43
C ASN I 79 11.63 33.69 -23.51
N LEU I 80 10.58 32.88 -23.57
CA LEU I 80 10.45 31.88 -24.63
C LEU I 80 9.54 32.36 -25.73
N THR I 81 8.48 33.08 -25.38
CA THR I 81 7.70 33.86 -26.32
C THR I 81 8.19 35.31 -26.25
N LEU I 82 8.44 35.89 -27.42
CA LEU I 82 9.24 37.12 -27.48
C LEU I 82 8.57 38.26 -26.71
N ASP I 83 7.43 38.72 -27.18
CA ASP I 83 6.65 39.73 -26.46
C ASP I 83 5.21 39.24 -26.43
N LYS I 84 4.93 38.33 -25.50
CA LYS I 84 3.62 37.73 -25.33
C LYS I 84 3.46 37.22 -23.90
N TYR I 85 2.21 36.93 -23.51
CA TYR I 85 1.92 36.22 -22.28
C TYR I 85 1.74 34.75 -22.62
N PRO I 86 2.63 33.87 -22.17
CA PRO I 86 2.51 32.46 -22.53
C PRO I 86 1.24 31.85 -21.99
N ARG I 87 0.94 30.65 -22.46
CA ARG I 87 -0.20 29.91 -21.96
C ARG I 87 -0.06 29.66 -20.46
N TYR I 88 -1.18 29.77 -19.75
CA TYR I 88 -1.22 29.57 -18.30
C TYR I 88 -0.35 30.59 -17.58
N ASP I 89 -0.68 31.88 -17.73
CA ASP I 89 0.11 32.93 -17.11
C ASP I 89 -0.78 34.09 -16.72
N GLY I 90 -0.37 34.81 -15.68
CA GLY I 90 -1.08 36.01 -15.29
C GLY I 90 -1.03 37.06 -16.40
N ALA I 91 -2.18 37.62 -16.73
CA ALA I 91 -2.31 38.42 -17.93
C ALA I 91 -2.29 39.93 -17.72
N ALA I 92 -2.66 40.41 -16.53
CA ALA I 92 -2.63 41.85 -16.24
C ALA I 92 -3.46 42.64 -17.24
N ILE I 93 -4.79 42.47 -17.19
CA ILE I 93 -5.68 43.23 -18.05
C ILE I 93 -5.93 44.60 -17.44
N MET I 94 -6.09 45.61 -18.29
CA MET I 94 -6.37 46.97 -17.84
C MET I 94 -7.67 47.43 -18.46
N ARG I 95 -8.48 48.16 -17.68
CA ARG I 95 -9.77 48.60 -18.20
C ARG I 95 -10.16 50.02 -17.76
N LYS I 96 -9.23 50.82 -17.23
CA LYS I 96 -9.57 52.18 -16.85
C LYS I 96 -8.55 53.23 -17.28
N GLY I 97 -7.28 52.88 -17.43
CA GLY I 97 -6.24 53.87 -17.61
C GLY I 97 -6.17 54.41 -19.04
N VAL I 98 -5.00 54.96 -19.36
CA VAL I 98 -4.69 55.41 -20.71
C VAL I 98 -3.53 54.56 -21.22
N ILE I 99 -3.68 53.99 -22.40
CA ILE I 99 -2.72 53.00 -22.89
C ILE I 99 -2.38 53.27 -24.35
N TRP I 100 -1.14 52.98 -24.72
CA TRP I 100 -0.70 53.08 -26.11
C TRP I 100 -1.12 51.82 -26.86
N VAL I 101 -1.72 51.99 -28.03
CA VAL I 101 -2.15 50.88 -28.86
C VAL I 101 -1.80 51.19 -30.30
N LEU I 102 -2.08 50.22 -31.18
CA LEU I 102 -1.73 50.29 -32.59
C LEU I 102 -2.96 50.67 -33.40
N VAL I 103 -2.77 51.57 -34.37
CA VAL I 103 -3.86 52.08 -35.20
C VAL I 103 -3.96 51.25 -36.47
N THR I 104 -5.18 50.89 -36.84
CA THR I 104 -5.46 50.21 -38.11
C THR I 104 -6.59 50.96 -38.80
N ASP I 105 -6.23 52.01 -39.53
CA ASP I 105 -7.20 52.82 -40.27
C ASP I 105 -6.48 53.46 -41.43
N ALA I 106 -7.22 53.68 -42.52
CA ALA I 106 -6.62 54.25 -43.73
C ALA I 106 -6.21 55.69 -43.51
N GLY I 107 -7.15 56.54 -43.07
CA GLY I 107 -6.90 57.94 -42.89
C GLY I 107 -6.33 58.37 -41.56
N GLY I 108 -6.10 57.43 -40.64
CA GLY I 108 -5.59 57.78 -39.34
C GLY I 108 -6.68 58.31 -38.42
N VAL I 109 -6.26 58.72 -37.23
CA VAL I 109 -7.16 59.22 -36.20
C VAL I 109 -6.65 60.56 -35.69
N VAL I 110 -7.54 61.30 -35.04
CA VAL I 110 -7.20 62.58 -34.44
C VAL I 110 -7.61 62.56 -32.97
N ALA I 111 -7.54 63.71 -32.29
CA ALA I 111 -7.60 63.73 -30.83
C ALA I 111 -8.85 63.03 -30.29
N GLY I 112 -10.03 63.56 -30.58
CA GLY I 112 -11.23 62.98 -30.02
C GLY I 112 -12.07 62.26 -31.04
N ASP I 113 -12.03 60.93 -31.04
CA ASP I 113 -12.74 60.13 -32.02
C ASP I 113 -13.39 58.96 -31.31
N PRO I 114 -14.43 58.38 -31.89
CA PRO I 114 -14.92 57.10 -31.40
C PRO I 114 -13.90 56.00 -31.66
N VAL I 115 -13.98 54.95 -30.86
CA VAL I 115 -13.12 53.78 -31.02
C VAL I 115 -14.00 52.63 -31.48
N TRP I 116 -13.67 52.08 -32.65
CA TRP I 116 -14.42 50.97 -33.21
C TRP I 116 -13.54 49.74 -33.27
N LEU I 117 -14.09 48.61 -32.82
CA LEU I 117 -13.38 47.34 -32.80
C LEU I 117 -13.86 46.50 -33.98
N LYS I 118 -12.91 45.93 -34.71
CA LYS I 118 -13.22 45.00 -35.79
C LYS I 118 -13.16 43.59 -35.23
N LYS I 119 -14.32 42.93 -35.14
CA LYS I 119 -14.41 41.63 -34.48
C LYS I 119 -13.63 40.55 -35.22
N SER I 120 -13.42 40.72 -36.52
CA SER I 120 -12.76 39.70 -37.32
C SER I 120 -11.33 39.44 -36.85
N ASP I 121 -10.54 40.50 -36.70
CA ASP I 121 -9.17 40.40 -36.23
C ASP I 121 -8.94 40.95 -34.83
N GLY I 122 -9.71 41.95 -34.42
CA GLY I 122 -9.50 42.55 -33.12
C GLY I 122 -8.61 43.76 -33.21
N THR I 123 -8.86 44.62 -34.19
CA THR I 123 -8.09 45.83 -34.40
C THR I 123 -8.96 47.05 -34.17
N PHE I 124 -8.33 48.13 -33.73
CA PHE I 124 -9.01 49.37 -33.40
C PHE I 124 -8.96 50.34 -34.58
N SER I 125 -10.03 51.10 -34.75
CA SER I 125 -10.15 52.00 -35.88
C SER I 125 -11.07 53.15 -35.50
N ASN I 126 -11.32 54.02 -36.47
CA ASN I 126 -12.05 55.26 -36.27
C ASN I 126 -13.53 55.13 -36.62
N ALA I 127 -13.88 54.35 -37.63
CA ALA I 127 -15.25 54.24 -38.09
C ALA I 127 -15.63 52.77 -38.23
N ASP I 128 -16.93 52.53 -38.34
CA ASP I 128 -17.47 51.18 -38.41
C ASP I 128 -17.14 50.52 -39.74
N VAL I 129 -16.95 49.21 -39.72
CA VAL I 129 -16.58 48.47 -40.93
C VAL I 129 -17.75 48.47 -41.92
N GLY I 130 -18.95 48.13 -41.45
CA GLY I 130 -20.14 48.24 -42.27
C GLY I 130 -20.83 46.96 -42.65
N SER I 131 -20.48 45.82 -42.05
CA SER I 131 -21.13 44.55 -42.35
C SER I 131 -21.48 43.76 -41.09
N SER I 132 -21.94 44.44 -40.05
CA SER I 132 -22.25 43.81 -38.77
C SER I 132 -21.05 43.08 -38.19
N GLY I 133 -19.86 43.57 -38.49
CA GLY I 133 -18.64 42.95 -38.01
C GLY I 133 -17.81 43.88 -37.14
N GLY I 134 -18.41 44.96 -36.67
CA GLY I 134 -17.73 45.92 -35.82
C GLY I 134 -18.57 46.30 -34.62
N LEU I 135 -17.90 46.55 -33.51
CA LEU I 135 -18.52 47.09 -32.31
C LEU I 135 -18.01 48.49 -32.05
N ARG I 136 -18.75 49.27 -31.29
CA ARG I 136 -18.24 50.53 -30.75
C ARG I 136 -18.08 50.38 -29.25
N LEU I 137 -16.85 50.56 -28.78
CA LEU I 137 -16.56 50.63 -27.36
C LEU I 137 -17.07 51.98 -26.86
N ALA I 138 -18.23 51.96 -26.22
CA ALA I 138 -18.95 53.21 -25.97
C ALA I 138 -18.12 54.19 -25.16
N GLY I 139 -17.59 53.76 -24.02
CA GLY I 139 -16.72 54.65 -23.28
C GLY I 139 -15.27 54.41 -23.61
N CYS I 140 -14.75 55.17 -24.57
CA CYS I 140 -13.39 55.08 -25.08
C CYS I 140 -13.17 56.28 -25.98
N ARG I 141 -11.93 56.76 -26.00
CA ARG I 141 -11.61 57.89 -26.87
C ARG I 141 -10.11 57.89 -27.14
N TRP I 142 -9.72 58.53 -28.24
CA TRP I 142 -8.31 58.66 -28.57
C TRP I 142 -7.70 59.84 -27.83
N ASP I 143 -6.39 59.91 -27.86
CA ASP I 143 -5.68 61.04 -27.26
C ASP I 143 -4.51 61.53 -28.09
N THR I 144 -4.36 61.07 -29.33
CA THR I 144 -3.23 61.46 -30.15
C THR I 144 -3.65 61.37 -31.61
N SER I 145 -3.12 62.28 -32.43
CA SER I 145 -3.28 62.15 -33.87
C SER I 145 -2.17 61.24 -34.39
N ALA I 146 -2.55 60.19 -35.13
CA ALA I 146 -1.56 59.26 -35.65
C ALA I 146 -2.00 58.73 -37.00
N ALA I 147 -1.02 58.35 -37.81
CA ALA I 147 -1.25 57.86 -39.16
C ALA I 147 -1.55 56.36 -39.11
N ASN I 148 -1.61 55.72 -40.28
CA ASN I 148 -1.86 54.30 -40.33
C ASN I 148 -0.68 53.50 -39.79
N GLY I 149 -0.97 52.47 -39.01
CA GLY I 149 0.05 51.58 -38.49
C GLY I 149 1.03 52.23 -37.55
N ALA I 150 0.58 53.22 -36.77
CA ALA I 150 1.43 53.90 -35.81
C ALA I 150 0.83 53.74 -34.42
N LEU I 151 1.59 54.15 -33.41
CA LEU I 151 1.14 54.06 -32.03
C LEU I 151 0.39 55.31 -31.62
N ALA I 152 -0.76 55.12 -30.99
CA ALA I 152 -1.54 56.23 -30.45
C ALA I 152 -2.04 55.83 -29.08
N ARG I 153 -2.10 56.79 -28.16
CA ARG I 153 -2.60 56.51 -26.83
C ARG I 153 -4.09 56.79 -26.78
N MET I 154 -4.82 55.91 -26.11
CA MET I 154 -6.26 56.10 -25.95
C MET I 154 -6.66 55.88 -24.50
N ARG I 155 -7.74 56.55 -24.12
CA ARG I 155 -8.35 56.46 -22.81
C ARG I 155 -9.52 55.51 -22.88
N VAL I 156 -9.61 54.59 -21.91
CA VAL I 156 -10.47 53.43 -22.01
C VAL I 156 -11.28 53.26 -20.73
N ASP I 157 -12.54 52.88 -20.89
CA ASP I 157 -13.42 52.59 -19.78
C ASP I 157 -14.37 51.48 -20.19
N PHE I 158 -14.18 50.29 -19.62
CA PHE I 158 -14.88 49.11 -20.10
C PHE I 158 -16.16 48.79 -19.33
N ASP I 159 -16.54 49.61 -18.36
CA ASP I 159 -17.79 49.37 -17.65
C ASP I 159 -19.00 49.87 -18.45
N VAL I 160 -18.78 50.78 -19.39
CA VAL I 160 -19.87 51.25 -20.25
C VAL I 160 -20.17 50.17 -21.29
N PRO I 161 -21.43 49.75 -21.45
CA PRO I 161 -21.73 48.64 -22.36
C PRO I 161 -21.43 49.03 -23.80
N PRO I 162 -21.00 48.09 -24.62
CA PRO I 162 -20.70 48.41 -26.02
C PRO I 162 -21.96 48.63 -26.83
N VAL I 163 -21.79 49.16 -28.04
CA VAL I 163 -22.89 49.42 -28.95
C VAL I 163 -22.65 48.65 -30.24
N ALA I 164 -23.65 47.88 -30.66
CA ALA I 164 -23.57 47.13 -31.90
C ALA I 164 -23.86 48.04 -33.08
N GLY I 165 -23.08 47.90 -34.14
CA GLY I 165 -23.28 48.70 -35.33
C GLY I 165 -23.29 47.86 -36.59
N ALA I 166 -24.38 47.92 -37.35
CA ALA I 166 -24.48 47.14 -38.58
C ALA I 166 -24.00 47.95 -39.78
N MET J 1 18.19 13.97 -14.52
CA MET J 1 17.37 12.99 -13.80
C MET J 1 15.97 12.95 -14.38
N ALA J 2 15.89 13.05 -15.70
CA ALA J 2 14.65 13.30 -16.41
C ALA J 2 13.94 11.99 -16.74
N PRO J 3 12.87 11.67 -16.02
CA PRO J 3 12.18 10.40 -16.25
C PRO J 3 10.97 10.50 -17.15
N TYR J 4 10.67 11.65 -17.73
CA TYR J 4 9.56 11.75 -18.66
C TYR J 4 9.83 10.87 -19.88
N ASN J 5 8.75 10.49 -20.54
CA ASN J 5 8.80 9.61 -21.71
C ASN J 5 9.51 8.30 -21.36
N GLU J 6 9.21 7.78 -20.18
CA GLU J 6 9.66 6.46 -19.76
C GLU J 6 8.60 5.43 -20.09
N THR J 7 8.98 4.43 -20.89
CA THR J 7 8.06 3.39 -21.30
C THR J 7 8.44 2.00 -20.81
N TYR J 8 9.56 1.87 -20.10
CA TYR J 8 9.96 0.61 -19.47
C TYR J 8 10.06 -0.49 -20.52
N ALA J 9 10.81 -0.20 -21.57
CA ALA J 9 10.84 -1.07 -22.73
C ALA J 9 11.46 -2.42 -22.40
N SER J 10 11.01 -3.45 -23.12
CA SER J 10 11.51 -4.80 -22.90
C SER J 10 13.00 -4.91 -23.21
N ASP J 11 13.44 -4.31 -24.31
CA ASP J 11 14.83 -4.34 -24.69
C ASP J 11 15.10 -3.14 -25.59
N TYR J 12 16.35 -3.01 -26.03
CA TYR J 12 16.75 -1.83 -26.79
C TYR J 12 16.00 -1.74 -28.10
N ALA J 13 15.80 -0.52 -28.58
CA ALA J 13 15.19 -0.33 -29.89
C ALA J 13 16.19 -0.67 -30.99
N PHE J 14 15.76 -0.51 -32.23
CA PHE J 14 16.56 -0.97 -33.35
C PHE J 14 17.46 0.13 -33.90
N ALA J 15 16.90 1.29 -34.18
CA ALA J 15 17.66 2.43 -34.71
C ALA J 15 16.81 3.68 -34.55
N TYR J 16 17.32 4.80 -35.08
CA TYR J 16 16.59 6.04 -35.13
C TYR J 16 16.24 6.36 -36.59
N GLU J 17 15.74 7.58 -36.82
CA GLU J 17 15.07 7.93 -38.07
C GLU J 17 15.98 7.77 -39.27
N GLY J 18 17.22 8.23 -39.17
CA GLY J 18 18.07 8.25 -40.35
C GLY J 18 19.45 7.65 -40.17
N MET J 19 19.63 6.85 -39.13
CA MET J 19 20.91 6.25 -38.84
C MET J 19 21.27 5.20 -39.91
N VAL J 20 22.57 5.07 -40.16
CA VAL J 20 23.08 4.10 -41.13
C VAL J 20 23.53 2.86 -40.39
N SER J 21 23.77 1.79 -41.16
CA SER J 21 24.31 0.54 -40.66
C SER J 21 25.64 0.29 -41.35
N ASP J 22 26.68 -0.05 -40.59
CA ASP J 22 28.03 -0.06 -41.12
C ASP J 22 28.16 -1.00 -42.30
N ILE J 23 28.91 -0.56 -43.31
CA ILE J 23 29.28 -1.37 -44.47
C ILE J 23 30.40 -0.62 -45.16
N ALA J 24 31.22 -1.34 -45.92
CA ALA J 24 32.38 -0.72 -46.54
C ALA J 24 32.03 0.41 -47.50
N PRO J 25 31.11 0.25 -48.45
CA PRO J 25 30.86 1.34 -49.40
C PRO J 25 29.82 2.31 -48.87
N ALA J 26 29.99 3.59 -49.22
CA ALA J 26 28.95 4.59 -49.03
C ALA J 26 29.34 5.83 -49.82
N ASP J 27 28.49 6.26 -50.74
CA ASP J 27 28.57 7.61 -51.29
C ASP J 27 27.79 8.53 -50.37
N ILE J 28 28.54 9.34 -49.63
CA ILE J 28 27.98 10.43 -48.84
C ILE J 28 28.36 11.72 -49.55
N ILE J 29 27.37 12.56 -49.82
CA ILE J 29 27.55 13.73 -50.66
C ILE J 29 27.16 14.98 -49.89
N SER J 30 27.96 16.01 -50.00
CA SER J 30 27.74 17.27 -49.31
C SER J 30 26.91 18.20 -50.20
N ARG J 31 25.71 18.54 -49.76
CA ARG J 31 24.87 19.50 -50.44
C ARG J 31 24.47 20.58 -49.46
N THR J 32 23.95 21.69 -49.99
CA THR J 32 23.51 22.81 -49.19
C THR J 32 21.99 22.88 -49.17
N VAL J 33 21.43 23.00 -47.98
CA VAL J 33 19.97 22.98 -47.80
C VAL J 33 19.39 24.27 -48.34
N GLU J 34 18.34 24.15 -49.16
CA GLU J 34 17.73 25.29 -49.81
C GLU J 34 16.34 25.64 -49.30
N THR J 35 15.65 24.71 -48.64
CA THR J 35 14.30 25.00 -48.15
C THR J 35 14.36 25.98 -46.99
N SER J 36 13.30 26.78 -46.87
CA SER J 36 13.26 27.77 -45.79
C SER J 36 13.29 27.10 -44.42
N ALA J 37 12.40 26.14 -44.20
CA ALA J 37 12.53 25.26 -43.05
C ALA J 37 13.63 24.24 -43.32
N GLY J 38 14.00 23.49 -42.28
CA GLY J 38 15.04 22.52 -42.43
C GLY J 38 14.61 21.33 -43.27
N ILE J 39 15.42 20.28 -43.18
CA ILE J 39 15.11 18.99 -43.80
C ILE J 39 15.34 17.92 -42.75
N GLY J 40 14.38 17.00 -42.63
CA GLY J 40 14.50 15.92 -41.67
C GLY J 40 15.63 14.97 -42.02
N PHE J 41 15.87 14.02 -41.10
CA PHE J 41 17.03 13.16 -41.24
C PHE J 41 16.82 12.05 -42.26
N GLY J 42 15.86 11.16 -42.04
CA GLY J 42 15.65 10.18 -43.09
C GLY J 42 14.58 10.61 -44.06
N LYS J 43 14.99 11.31 -45.11
CA LYS J 43 14.10 12.00 -46.03
C LYS J 43 14.71 11.91 -47.43
N ILE J 44 13.86 12.04 -48.45
CA ILE J 44 14.36 12.13 -49.82
C ILE J 44 14.51 13.60 -50.19
N VAL J 45 15.43 13.86 -51.13
CA VAL J 45 15.74 15.22 -51.55
C VAL J 45 15.83 15.28 -53.06
N ALA J 46 15.53 16.45 -53.61
CA ALA J 46 15.59 16.69 -55.04
C ALA J 46 16.76 17.61 -55.36
N GLN J 47 16.94 17.88 -56.66
CA GLN J 47 18.07 18.65 -57.13
C GLN J 47 17.73 20.13 -57.03
N GLY J 48 18.57 20.89 -56.35
CA GLY J 48 18.32 22.30 -56.10
C GLY J 48 18.56 23.15 -57.33
N THR J 49 18.41 24.46 -57.14
CA THR J 49 18.69 25.41 -58.20
C THR J 49 20.04 26.10 -58.05
N SER J 50 20.83 25.73 -57.03
CA SER J 50 22.07 26.42 -56.75
C SER J 50 23.29 25.64 -57.26
N ASP J 51 23.06 24.60 -58.05
CA ASP J 51 24.10 23.79 -58.70
C ASP J 51 24.80 22.88 -57.71
N ARG J 52 24.58 23.11 -56.42
CA ARG J 52 24.94 22.14 -55.39
C ARG J 52 23.95 22.10 -54.24
N GLY J 53 22.75 22.67 -54.42
CA GLY J 53 21.77 22.69 -53.36
C GLY J 53 20.76 21.56 -53.49
N CYS J 54 19.95 21.41 -52.45
CA CYS J 54 18.91 20.41 -52.42
C CYS J 54 17.66 20.98 -51.76
N LYS J 55 16.52 20.44 -52.17
CA LYS J 55 15.24 20.84 -51.62
C LYS J 55 14.53 19.60 -51.11
N ALA J 56 13.66 19.79 -50.12
CA ALA J 56 12.85 18.71 -49.60
C ALA J 56 11.58 18.49 -50.41
N ASP J 57 11.35 19.31 -51.43
CA ASP J 57 10.15 19.25 -52.26
C ASP J 57 10.41 18.34 -53.45
N VAL J 58 9.78 17.17 -53.47
CA VAL J 58 9.98 16.20 -54.53
C VAL J 58 8.67 15.99 -55.28
N SER J 59 7.84 17.02 -55.33
CA SER J 59 6.54 16.88 -55.98
C SER J 59 6.62 16.86 -57.50
N ALA J 60 7.79 17.18 -58.07
CA ALA J 60 7.94 17.30 -59.51
C ALA J 60 9.05 16.41 -60.06
N VAL J 61 9.47 15.38 -59.33
CA VAL J 61 10.51 14.48 -59.83
C VAL J 61 9.93 13.59 -60.91
N SER J 62 10.77 13.22 -61.87
CA SER J 62 10.37 12.40 -63.01
C SER J 62 11.53 11.50 -63.40
N PRO J 63 11.35 10.56 -64.32
CA PRO J 63 12.51 9.83 -64.85
C PRO J 63 13.54 10.74 -65.50
N THR J 64 13.11 11.88 -66.05
CA THR J 64 14.05 12.85 -66.62
C THR J 64 14.77 13.66 -65.55
N ALA J 65 14.15 13.86 -64.39
CA ALA J 65 14.75 14.62 -63.29
C ALA J 65 14.67 13.77 -62.03
N PRO J 66 15.56 12.79 -61.91
CA PRO J 66 15.47 11.83 -60.80
C PRO J 66 15.79 12.47 -59.48
N PRO J 67 15.34 11.88 -58.37
CA PRO J 67 15.70 12.41 -57.05
C PRO J 67 17.18 12.22 -56.77
N LEU J 68 17.67 13.00 -55.80
CA LEU J 68 19.10 13.10 -55.57
C LEU J 68 19.63 12.07 -54.57
N GLY J 69 18.91 11.83 -53.48
CA GLY J 69 19.39 10.89 -52.49
C GLY J 69 18.57 10.98 -51.21
N ILE J 70 19.19 10.55 -50.11
CA ILE J 70 18.56 10.50 -48.81
C ILE J 70 19.51 11.06 -47.77
N THR J 71 19.02 11.96 -46.93
CA THR J 71 19.85 12.56 -45.89
C THR J 71 20.15 11.55 -44.79
N VAL J 72 21.17 11.84 -43.98
CA VAL J 72 21.58 10.96 -42.90
C VAL J 72 21.58 11.73 -41.59
N ARG J 73 21.48 10.99 -40.49
CA ARG J 73 21.41 11.54 -39.15
C ARG J 73 22.79 12.06 -38.74
N SER J 74 22.90 13.36 -38.50
CA SER J 74 24.20 14.00 -38.30
C SER J 74 24.58 14.17 -36.84
N GLN J 75 23.63 14.53 -35.98
CA GLN J 75 23.79 14.64 -34.53
C GLN J 75 24.61 15.88 -34.14
N ALA J 76 25.07 16.69 -35.07
CA ALA J 76 25.68 17.99 -34.76
C ALA J 76 25.08 19.04 -35.68
N THR J 77 23.88 19.55 -35.34
CA THR J 77 23.09 20.34 -36.27
C THR J 77 22.48 21.59 -35.67
N GLU J 78 23.27 22.43 -35.01
CA GLU J 78 22.94 23.83 -34.72
C GLU J 78 21.94 24.01 -33.57
N ASN J 79 21.39 22.93 -33.02
CA ASN J 79 20.61 22.81 -31.79
C ASN J 79 19.44 23.79 -31.73
N LEU J 80 19.14 24.48 -32.84
CA LEU J 80 17.99 25.37 -32.88
C LEU J 80 16.81 24.71 -33.57
N THR J 81 17.08 23.91 -34.61
CA THR J 81 16.11 22.97 -35.16
C THR J 81 16.39 21.60 -34.55
N LEU J 82 15.34 20.94 -34.06
CA LEU J 82 15.52 19.81 -33.17
C LEU J 82 16.29 18.68 -33.83
N ASP J 83 15.70 18.06 -34.84
CA ASP J 83 16.40 17.04 -35.64
C ASP J 83 16.17 17.38 -37.10
N LYS J 84 16.95 18.33 -37.60
CA LYS J 84 16.87 18.80 -38.97
C LYS J 84 18.20 19.42 -39.38
N TYR J 85 18.38 19.59 -40.70
CA TYR J 85 19.48 20.37 -41.25
C TYR J 85 18.97 21.78 -41.50
N PRO J 86 19.47 22.79 -40.79
CA PRO J 86 18.95 24.14 -40.97
C PRO J 86 19.24 24.66 -42.36
N ARG J 87 18.61 25.78 -42.70
CA ARG J 87 18.86 26.44 -43.96
C ARG J 87 20.33 26.82 -44.08
N TYR J 88 20.88 26.65 -45.28
CA TYR J 88 22.28 26.96 -45.56
C TYR J 88 23.22 26.11 -44.73
N ASP J 89 23.15 24.79 -44.90
CA ASP J 89 23.97 23.88 -44.13
C ASP J 89 24.34 22.66 -44.97
N GLY J 90 25.50 22.08 -44.66
CA GLY J 90 25.89 20.84 -45.31
C GLY J 90 24.92 19.73 -44.99
N ALA J 91 24.48 19.02 -46.02
CA ALA J 91 23.36 18.11 -45.89
C ALA J 91 23.72 16.64 -45.77
N ALA J 92 24.88 16.22 -46.26
CA ALA J 92 25.31 14.82 -46.15
C ALA J 92 24.28 13.86 -46.75
N ILE J 93 24.12 13.90 -48.07
CA ILE J 93 23.22 12.98 -48.75
C ILE J 93 23.92 11.65 -48.96
N MET J 94 23.15 10.56 -48.90
CA MET J 94 23.70 9.22 -49.11
C MET J 94 22.93 8.57 -50.27
N ARG J 95 23.65 7.83 -51.12
CA ARG J 95 22.99 7.21 -52.26
C ARG J 95 23.51 5.81 -52.58
N LYS J 96 24.25 5.17 -51.68
CA LYS J 96 24.70 3.81 -51.95
C LYS J 96 24.54 2.83 -50.79
N GLY J 97 24.54 3.31 -49.54
CA GLY J 97 24.61 2.41 -48.40
C GLY J 97 23.28 1.77 -48.06
N VAL J 98 23.18 1.31 -46.81
CA VAL J 98 21.93 0.79 -46.25
C VAL J 98 21.52 1.71 -45.11
N ILE J 99 20.27 2.17 -45.13
CA ILE J 99 19.84 3.20 -44.19
C ILE J 99 18.48 2.85 -43.62
N TRP J 100 18.27 3.24 -42.35
CA TRP J 100 16.97 3.07 -41.71
C TRP J 100 16.05 4.21 -42.10
N VAL J 101 14.83 3.88 -42.52
CA VAL J 101 13.84 4.87 -42.91
C VAL J 101 12.50 4.48 -42.30
N LEU J 102 11.51 5.33 -42.53
CA LEU J 102 10.18 5.18 -41.96
C LEU J 102 9.23 4.61 -43.01
N VAL J 103 8.39 3.67 -42.59
CA VAL J 103 7.47 2.97 -43.49
C VAL J 103 6.13 3.67 -43.46
N THR J 104 5.54 3.88 -44.64
CA THR J 104 4.18 4.42 -44.77
C THR J 104 3.41 3.50 -45.72
N ASP J 105 2.85 2.43 -45.15
CA ASP J 105 2.07 1.48 -45.91
C ASP J 105 1.08 0.80 -44.98
N ALA J 106 -0.07 0.43 -45.51
CA ALA J 106 -1.12 -0.17 -44.70
C ALA J 106 -0.70 -1.54 -44.19
N GLY J 107 -0.33 -2.44 -45.10
CA GLY J 107 0.02 -3.79 -44.76
C GLY J 107 1.46 -4.04 -44.36
N GLY J 108 2.30 -3.01 -44.36
CA GLY J 108 3.70 -3.20 -44.03
C GLY J 108 4.50 -3.76 -45.20
N VAL J 109 5.77 -4.02 -44.93
CA VAL J 109 6.70 -4.53 -45.94
C VAL J 109 7.41 -5.76 -45.39
N VAL J 110 8.00 -6.53 -46.30
CA VAL J 110 8.76 -7.72 -45.94
C VAL J 110 10.15 -7.61 -46.57
N ALA J 111 10.94 -8.69 -46.51
CA ALA J 111 12.36 -8.60 -46.80
C ALA J 111 12.64 -7.99 -48.16
N GLY J 112 12.24 -8.66 -49.23
CA GLY J 112 12.55 -8.16 -50.55
C GLY J 112 11.35 -7.62 -51.29
N ASP J 113 11.24 -6.30 -51.37
CA ASP J 113 10.09 -5.66 -51.98
C ASP J 113 10.58 -4.51 -52.85
N PRO J 114 9.79 -4.09 -53.82
CA PRO J 114 10.08 -2.83 -54.51
C PRO J 114 9.87 -1.67 -53.56
N VAL J 115 10.53 -0.57 -53.86
CA VAL J 115 10.40 0.67 -53.10
C VAL J 115 9.69 1.68 -53.99
N TRP J 116 8.54 2.17 -53.53
CA TRP J 116 7.77 3.13 -54.29
C TRP J 116 7.72 4.44 -53.53
N LEU J 117 7.97 5.55 -54.23
CA LEU J 117 7.96 6.88 -53.66
C LEU J 117 6.66 7.56 -54.02
N LYS J 118 6.02 8.17 -53.02
CA LYS J 118 4.82 8.96 -53.25
C LYS J 118 5.24 10.42 -53.40
N LYS J 119 5.10 10.95 -54.61
CA LYS J 119 5.61 12.29 -54.92
C LYS J 119 4.89 13.38 -54.14
N SER J 120 3.66 13.13 -53.72
CA SER J 120 2.86 14.14 -53.04
C SER J 120 3.51 14.58 -51.72
N ASP J 121 3.88 13.62 -50.88
CA ASP J 121 4.53 13.92 -49.61
C ASP J 121 5.99 13.51 -49.56
N GLY J 122 6.39 12.48 -50.30
CA GLY J 122 7.75 12.00 -50.22
C GLY J 122 7.92 10.88 -49.22
N THR J 123 7.00 9.93 -49.24
CA THR J 123 7.02 8.79 -48.33
C THR J 123 7.24 7.51 -49.13
N PHE J 124 7.88 6.54 -48.46
CA PHE J 124 8.22 5.27 -49.08
C PHE J 124 7.16 4.23 -48.76
N SER J 125 6.90 3.34 -49.71
CA SER J 125 5.87 2.34 -49.58
C SER J 125 6.22 1.14 -50.44
N ASN J 126 5.32 0.16 -50.45
CA ASN J 126 5.53 -1.12 -51.09
C ASN J 126 4.96 -1.18 -52.50
N ALA J 127 3.83 -0.52 -52.76
CA ALA J 127 3.17 -0.59 -54.05
C ALA J 127 2.83 0.81 -54.53
N ASP J 128 2.51 0.90 -55.83
CA ASP J 128 2.24 2.18 -56.46
C ASP J 128 0.90 2.76 -55.99
N VAL J 129 0.83 4.09 -55.92
CA VAL J 129 -0.39 4.75 -55.45
C VAL J 129 -1.53 4.55 -56.44
N GLY J 130 -1.28 4.79 -57.72
CA GLY J 130 -2.25 4.49 -58.75
C GLY J 130 -2.86 5.67 -59.49
N SER J 131 -2.32 6.87 -59.34
CA SER J 131 -2.84 8.04 -60.04
C SER J 131 -1.73 8.88 -60.66
N SER J 132 -0.69 8.25 -61.21
CA SER J 132 0.45 8.95 -61.78
C SER J 132 1.12 9.85 -60.75
N GLY J 133 1.05 9.46 -59.48
CA GLY J 133 1.64 10.25 -58.41
C GLY J 133 2.71 9.49 -57.66
N GLY J 134 3.18 8.39 -58.22
CA GLY J 134 4.22 7.58 -57.60
C GLY J 134 5.31 7.22 -58.58
N LEU J 135 6.54 7.13 -58.07
CA LEU J 135 7.67 6.63 -58.82
C LEU J 135 8.15 5.32 -58.22
N ARG J 136 8.87 4.53 -59.01
CA ARG J 136 9.58 3.38 -58.46
C ARG J 136 11.08 3.67 -58.55
N LEU J 137 11.73 3.65 -57.40
CA LEU J 137 13.19 3.74 -57.34
C LEU J 137 13.74 2.39 -57.78
N ALA J 138 14.20 2.33 -59.03
CA ALA J 138 14.45 1.05 -59.67
C ALA J 138 15.47 0.23 -58.89
N GLY J 139 16.63 0.81 -58.58
CA GLY J 139 17.57 0.09 -57.76
C GLY J 139 17.44 0.44 -56.29
N CYS J 140 16.64 -0.34 -55.58
CA CYS J 140 16.32 -0.15 -54.17
C CYS J 140 15.59 -1.40 -53.70
N ARG J 141 15.80 -1.76 -52.43
CA ARG J 141 15.10 -2.90 -51.87
C ARG J 141 15.06 -2.77 -50.36
N TRP J 142 14.10 -3.45 -49.75
CA TRP J 142 13.99 -3.46 -48.30
C TRP J 142 14.92 -4.51 -47.71
N ASP J 143 15.09 -4.43 -46.40
CA ASP J 143 15.89 -5.44 -45.70
C ASP J 143 15.30 -5.87 -44.37
N THR J 144 14.06 -5.50 -44.07
CA THR J 144 13.45 -5.84 -42.80
C THR J 144 11.95 -5.91 -42.99
N SER J 145 11.30 -6.82 -42.28
CA SER J 145 9.85 -6.82 -42.21
C SER J 145 9.41 -5.85 -41.13
N ALA J 146 8.53 -4.92 -41.47
CA ALA J 146 8.06 -3.93 -40.51
C ALA J 146 6.61 -3.58 -40.78
N ALA J 147 5.94 -3.15 -39.72
CA ALA J 147 4.52 -2.81 -39.78
C ALA J 147 4.38 -1.35 -40.22
N ASN J 148 3.16 -0.82 -40.16
CA ASN J 148 2.93 0.56 -40.53
C ASN J 148 3.55 1.52 -39.51
N GLY J 149 4.17 2.58 -40.02
CA GLY J 149 4.76 3.61 -39.18
C GLY J 149 5.88 3.13 -38.30
N ALA J 150 6.68 2.17 -38.77
CA ALA J 150 7.82 1.67 -38.02
C ALA J 150 9.08 1.89 -38.84
N LEU J 151 10.23 1.63 -38.22
CA LEU J 151 11.52 1.80 -38.88
C LEU J 151 11.93 0.51 -39.56
N ALA J 152 12.36 0.63 -40.82
CA ALA J 152 12.88 -0.50 -41.57
C ALA J 152 14.12 -0.04 -42.32
N ARG J 153 15.11 -0.92 -42.42
CA ARG J 153 16.33 -0.59 -43.15
C ARG J 153 16.19 -1.02 -44.59
N MET J 154 16.65 -0.16 -45.50
CA MET J 154 16.62 -0.49 -46.92
C MET J 154 17.96 -0.19 -47.56
N ARG J 155 18.25 -0.94 -48.62
CA ARG J 155 19.45 -0.81 -49.43
C ARG J 155 19.11 0.01 -50.67
N VAL J 156 19.96 0.99 -50.99
CA VAL J 156 19.62 2.04 -51.93
C VAL J 156 20.75 2.23 -52.93
N ASP J 157 20.36 2.47 -54.17
CA ASP J 157 21.31 2.76 -55.25
C ASP J 157 20.65 3.72 -56.23
N PHE J 158 21.12 4.96 -56.23
CA PHE J 158 20.43 6.03 -56.96
C PHE J 158 20.97 6.27 -58.35
N ASP J 159 21.95 5.49 -58.80
CA ASP J 159 22.44 5.66 -60.17
C ASP J 159 21.53 4.98 -61.18
N VAL J 160 20.72 4.02 -60.75
CA VAL J 160 19.76 3.37 -61.64
C VAL J 160 18.58 4.32 -61.87
N PRO J 161 18.21 4.60 -63.12
CA PRO J 161 17.16 5.58 -63.37
C PRO J 161 15.82 5.10 -62.82
N PRO J 162 14.98 6.02 -62.35
CA PRO J 162 13.67 5.62 -61.81
C PRO J 162 12.72 5.20 -62.92
N VAL J 163 11.61 4.59 -62.50
CA VAL J 163 10.57 4.14 -63.42
C VAL J 163 9.27 4.82 -63.05
N ALA J 164 8.62 5.44 -64.03
CA ALA J 164 7.34 6.11 -63.83
C ALA J 164 6.24 5.06 -63.86
N GLY J 165 5.28 5.19 -62.94
CA GLY J 165 4.16 4.28 -62.89
C GLY J 165 2.84 5.01 -62.77
N ALA J 166 1.93 4.77 -63.71
CA ALA J 166 0.64 5.43 -63.69
C ALA J 166 -0.39 4.58 -62.95
N MET K 1 61.87 30.36 -67.38
CA MET K 1 61.44 31.76 -67.34
C MET K 1 60.50 32.05 -68.50
N ALA K 2 59.64 31.09 -68.79
CA ALA K 2 58.85 31.07 -70.01
C ALA K 2 57.54 31.81 -69.85
N PRO K 3 57.43 33.02 -70.40
CA PRO K 3 56.22 33.81 -70.21
C PRO K 3 55.21 33.71 -71.35
N TYR K 4 55.45 32.87 -72.35
CA TYR K 4 54.47 32.70 -73.41
C TYR K 4 53.19 32.12 -72.83
N ASN K 5 52.10 32.36 -73.55
CA ASN K 5 50.76 31.92 -73.12
C ASN K 5 50.43 32.46 -71.74
N GLU K 6 50.79 33.72 -71.50
CA GLU K 6 50.41 34.44 -70.30
C GLU K 6 49.13 35.23 -70.57
N THR K 7 48.10 34.96 -69.78
CA THR K 7 46.82 35.62 -69.93
C THR K 7 46.41 36.46 -68.74
N TYR K 8 47.22 36.49 -67.68
CA TYR K 8 47.00 37.36 -66.54
C TYR K 8 45.63 37.10 -65.93
N ALA K 9 45.37 35.83 -65.65
CA ALA K 9 44.04 35.39 -65.26
C ALA K 9 43.64 35.99 -63.92
N SER K 10 42.32 36.20 -63.75
CA SER K 10 41.79 36.78 -62.51
C SER K 10 42.07 35.87 -61.32
N ASP K 11 41.87 34.57 -61.47
CA ASP K 11 42.09 33.62 -60.40
C ASP K 11 42.35 32.25 -61.03
N TYR K 12 42.59 31.26 -60.18
CA TYR K 12 42.98 29.94 -60.67
C TYR K 12 41.86 29.32 -61.49
N ALA K 13 42.23 28.48 -62.45
CA ALA K 13 41.25 27.74 -63.21
C ALA K 13 40.65 26.63 -62.36
N PHE K 14 39.75 25.86 -62.97
CA PHE K 14 38.98 24.89 -62.20
C PHE K 14 39.63 23.51 -62.22
N ALA K 15 39.98 23.01 -63.40
CA ALA K 15 40.62 21.71 -63.54
C ALA K 15 41.22 21.62 -64.94
N TYR K 16 41.75 20.45 -65.28
CA TYR K 16 42.23 20.16 -66.62
C TYR K 16 41.31 19.12 -67.28
N GLU K 17 41.76 18.60 -68.43
CA GLU K 17 40.87 17.86 -69.33
C GLU K 17 40.29 16.62 -68.67
N GLY K 18 41.11 15.86 -67.95
CA GLY K 18 40.63 14.58 -67.45
C GLY K 18 40.88 14.33 -65.98
N MET K 19 41.14 15.39 -65.22
CA MET K 19 41.43 15.26 -63.81
C MET K 19 40.18 14.82 -63.04
N VAL K 20 40.39 14.07 -61.96
CA VAL K 20 39.31 13.59 -61.12
C VAL K 20 39.19 14.52 -59.91
N SER K 21 38.08 14.37 -59.20
CA SER K 21 37.83 15.07 -57.94
C SER K 21 37.68 14.04 -56.84
N ASP K 22 38.36 14.25 -55.72
CA ASP K 22 38.49 13.20 -54.71
C ASP K 22 37.13 12.75 -54.20
N ILE K 23 37.01 11.44 -54.00
CA ILE K 23 35.86 10.82 -53.38
C ILE K 23 36.26 9.40 -53.04
N ALA K 24 35.59 8.80 -52.06
CA ALA K 24 35.99 7.48 -51.59
C ALA K 24 35.92 6.41 -52.68
N PRO K 25 34.83 6.25 -53.43
CA PRO K 25 34.79 5.16 -54.41
C PRO K 25 35.40 5.57 -55.74
N ALA K 26 36.03 4.62 -56.42
CA ALA K 26 36.40 4.77 -57.82
C ALA K 26 36.81 3.41 -58.36
N ASP K 27 36.13 2.95 -59.41
CA ASP K 27 36.64 1.86 -60.22
C ASP K 27 37.57 2.45 -61.26
N ILE K 28 38.86 2.22 -61.06
CA ILE K 28 39.87 2.53 -62.05
C ILE K 28 40.36 1.21 -62.62
N ILE K 29 40.34 1.09 -63.94
CA ILE K 29 40.58 -0.18 -64.61
C ILE K 29 41.74 -0.03 -65.57
N SER K 30 42.63 -1.02 -65.56
CA SER K 30 43.80 -1.03 -66.40
C SER K 30 43.49 -1.73 -67.73
N ARG K 31 43.57 -0.97 -68.82
CA ARG K 31 43.40 -1.52 -70.15
C ARG K 31 44.62 -1.15 -70.99
N THR K 32 44.76 -1.82 -72.13
CA THR K 32 45.87 -1.57 -73.05
C THR K 32 45.35 -0.84 -74.28
N VAL K 33 46.03 0.23 -74.65
CA VAL K 33 45.62 1.08 -75.76
C VAL K 33 45.84 0.34 -77.06
N GLU K 34 44.82 0.34 -77.92
CA GLU K 34 44.88 -0.39 -79.18
C GLU K 34 44.94 0.48 -80.42
N THR K 35 44.55 1.75 -80.32
CA THR K 35 44.56 2.62 -81.49
C THR K 35 46.00 2.96 -81.89
N SER K 36 46.20 3.19 -83.18
CA SER K 36 47.54 3.49 -83.67
C SER K 36 48.06 4.79 -83.06
N ALA K 37 47.28 5.87 -83.16
CA ALA K 37 47.55 7.06 -82.38
C ALA K 37 47.12 6.82 -80.93
N GLY K 38 47.50 7.75 -80.06
CA GLY K 38 47.15 7.60 -78.66
C GLY K 38 45.67 7.80 -78.40
N ILE K 39 45.36 7.97 -77.13
CA ILE K 39 44.02 8.30 -76.68
C ILE K 39 44.12 9.48 -75.71
N GLY K 40 43.28 10.49 -75.91
CA GLY K 40 43.29 11.64 -75.04
C GLY K 40 42.86 11.30 -73.63
N PHE K 41 42.97 12.30 -72.76
CA PHE K 41 42.76 12.05 -71.34
C PHE K 41 41.28 11.97 -70.97
N GLY K 42 40.52 13.04 -71.18
CA GLY K 42 39.11 12.86 -70.88
C GLY K 42 38.32 12.48 -72.11
N LYS K 43 38.20 11.17 -72.35
CA LYS K 43 37.68 10.61 -73.58
C LYS K 43 36.90 9.35 -73.24
N ILE K 44 35.98 8.97 -74.12
CA ILE K 44 35.29 7.69 -73.96
C ILE K 44 36.02 6.62 -74.76
N VAL K 45 35.89 5.37 -74.32
CA VAL K 45 36.58 4.25 -74.95
C VAL K 45 35.63 3.08 -75.10
N ALA K 46 35.88 2.26 -76.12
CA ALA K 46 35.08 1.09 -76.41
C ALA K 46 35.87 -0.17 -76.08
N GLN K 47 35.23 -1.32 -76.27
CA GLN K 47 35.83 -2.59 -75.89
C GLN K 47 36.69 -3.09 -77.05
N GLY K 48 37.95 -3.37 -76.74
CA GLY K 48 38.92 -3.76 -77.75
C GLY K 48 38.72 -5.18 -78.23
N THR K 49 39.61 -5.61 -79.12
CA THR K 49 39.60 -6.97 -79.60
C THR K 49 40.64 -7.86 -78.93
N SER K 50 41.39 -7.34 -77.95
CA SER K 50 42.48 -8.08 -77.34
C SER K 50 42.09 -8.66 -75.99
N ASP K 51 40.80 -8.61 -75.64
CA ASP K 51 40.22 -9.20 -74.43
C ASP K 51 40.59 -8.38 -73.20
N ARG K 52 41.52 -7.46 -73.33
CA ARG K 52 41.73 -6.42 -72.34
C ARG K 52 42.14 -5.09 -72.95
N GLY K 53 41.93 -4.90 -74.24
CA GLY K 53 42.30 -3.67 -74.90
C GLY K 53 41.14 -2.71 -75.04
N CYS K 54 41.45 -1.50 -75.45
CA CYS K 54 40.44 -0.47 -75.67
C CYS K 54 40.80 0.33 -76.91
N LYS K 55 39.76 0.87 -77.55
CA LYS K 55 39.91 1.70 -78.72
C LYS K 55 39.21 3.02 -78.47
N ALA K 56 39.69 4.06 -79.13
CA ALA K 56 39.05 5.38 -79.06
C ALA K 56 37.90 5.52 -80.05
N ASP K 57 37.64 4.49 -80.84
CA ASP K 57 36.60 4.52 -81.86
C ASP K 57 35.30 3.97 -81.28
N VAL K 58 34.33 4.85 -81.07
CA VAL K 58 33.06 4.45 -80.48
C VAL K 58 31.93 4.67 -81.48
N SER K 59 32.24 4.52 -82.76
CA SER K 59 31.24 4.77 -83.79
C SER K 59 30.23 3.64 -83.91
N ALA K 60 30.47 2.50 -83.27
CA ALA K 60 29.61 1.34 -83.40
C ALA K 60 29.09 0.81 -82.07
N VAL K 61 29.08 1.64 -81.03
CA VAL K 61 28.56 1.20 -79.74
C VAL K 61 27.04 1.16 -79.79
N SER K 62 26.47 0.22 -79.04
CA SER K 62 25.03 0.00 -79.01
C SER K 62 24.62 -0.41 -77.61
N PRO K 63 23.31 -0.53 -77.31
CA PRO K 63 22.92 -1.13 -76.03
C PRO K 63 23.45 -2.54 -75.85
N THR K 64 23.63 -3.29 -76.94
CA THR K 64 24.20 -4.62 -76.85
C THR K 64 25.71 -4.62 -76.63
N ALA K 65 26.40 -3.57 -77.08
CA ALA K 65 27.85 -3.43 -76.93
C ALA K 65 28.14 -2.08 -76.30
N PRO K 66 27.93 -1.95 -75.00
CA PRO K 66 28.03 -0.63 -74.35
C PRO K 66 29.47 -0.15 -74.32
N PRO K 67 29.68 1.16 -74.16
CA PRO K 67 31.04 1.68 -74.03
C PRO K 67 31.65 1.24 -72.70
N LEU K 68 32.98 1.33 -72.65
CA LEU K 68 33.73 0.73 -71.56
C LEU K 68 33.96 1.69 -70.39
N GLY K 69 34.28 2.95 -70.67
CA GLY K 69 34.53 3.89 -69.59
C GLY K 69 35.16 5.17 -70.13
N ILE K 70 35.86 5.87 -69.23
CA ILE K 70 36.49 7.15 -69.53
C ILE K 70 37.89 7.16 -68.97
N THR K 71 38.86 7.56 -69.79
CA THR K 71 40.25 7.61 -69.36
C THR K 71 40.47 8.75 -68.38
N VAL K 72 41.58 8.69 -67.63
CA VAL K 72 41.90 9.70 -66.65
C VAL K 72 43.29 10.27 -66.93
N ARG K 73 43.52 11.48 -66.42
CA ARG K 73 44.77 12.20 -66.64
C ARG K 73 45.88 11.58 -65.80
N SER K 74 46.91 11.05 -66.46
CA SER K 74 47.92 10.25 -65.78
C SER K 74 49.17 11.03 -65.40
N GLN K 75 49.63 11.95 -66.25
CA GLN K 75 50.74 12.85 -66.00
C GLN K 75 52.10 12.14 -66.05
N ALA K 76 52.14 10.82 -66.30
CA ALA K 76 53.40 10.13 -66.55
C ALA K 76 53.23 9.24 -67.78
N THR K 77 53.33 9.83 -68.97
CA THR K 77 52.91 9.16 -70.19
C THR K 77 53.90 9.27 -71.36
N GLU K 78 55.17 8.96 -71.14
CA GLU K 78 56.13 8.65 -72.20
C GLU K 78 56.66 9.88 -72.94
N ASN K 79 56.14 11.07 -72.64
CA ASN K 79 56.62 12.40 -73.04
C ASN K 79 56.85 12.53 -74.54
N LEU K 80 56.43 11.54 -75.34
CA LEU K 80 56.54 11.65 -76.78
C LEU K 80 55.22 12.06 -77.41
N THR K 81 54.11 11.57 -76.85
CA THR K 81 52.78 12.11 -77.13
C THR K 81 52.43 13.07 -76.01
N LEU K 82 51.95 14.26 -76.39
CA LEU K 82 51.92 15.38 -75.45
C LEU K 82 51.02 15.07 -74.24
N ASP K 83 49.73 14.94 -74.48
CA ASP K 83 48.80 14.52 -73.42
C ASP K 83 47.94 13.41 -74.00
N LYS K 84 48.48 12.20 -74.01
CA LYS K 84 47.81 11.01 -74.55
C LYS K 84 48.42 9.76 -73.91
N TYR K 85 47.70 8.64 -74.05
CA TYR K 85 48.23 7.32 -73.71
C TYR K 85 48.76 6.70 -75.00
N PRO K 86 50.06 6.48 -75.12
CA PRO K 86 50.61 5.95 -76.36
C PRO K 86 50.10 4.55 -76.62
N ARG K 87 50.36 4.07 -77.84
CA ARG K 87 50.00 2.71 -78.19
C ARG K 87 50.70 1.72 -77.28
N TYR K 88 49.99 0.67 -76.91
CA TYR K 88 50.50 -0.38 -76.03
C TYR K 88 50.87 0.19 -74.66
N ASP K 89 49.89 0.73 -73.94
CA ASP K 89 50.14 1.34 -72.65
C ASP K 89 48.94 1.14 -71.74
N GLY K 90 49.20 1.08 -70.44
CA GLY K 90 48.12 1.02 -69.47
C GLY K 90 47.28 2.28 -69.53
N ALA K 91 45.96 2.09 -69.58
CA ALA K 91 45.07 3.19 -69.92
C ALA K 91 44.35 3.81 -68.74
N ALA K 92 44.16 3.09 -67.63
CA ALA K 92 43.51 3.64 -66.44
C ALA K 92 42.12 4.19 -66.76
N ILE K 93 41.19 3.29 -67.08
CA ILE K 93 39.82 3.70 -67.33
C ILE K 93 39.08 3.85 -66.01
N MET K 94 38.15 4.79 -65.95
CA MET K 94 37.35 5.03 -64.75
C MET K 94 35.88 4.89 -65.11
N ARG K 95 35.09 4.29 -64.22
CA ARG K 95 33.68 4.09 -64.52
C ARG K 95 32.77 4.29 -63.32
N LYS K 96 33.24 4.89 -62.22
CA LYS K 96 32.37 5.14 -61.08
C LYS K 96 32.48 6.54 -60.48
N GLY K 97 33.61 7.19 -60.60
CA GLY K 97 33.86 8.42 -59.86
C GLY K 97 33.19 9.64 -60.48
N VAL K 98 33.71 10.80 -60.11
CA VAL K 98 33.30 12.08 -60.72
C VAL K 98 34.51 12.66 -61.44
N ILE K 99 34.33 13.04 -62.70
CA ILE K 99 35.47 13.41 -63.54
C ILE K 99 35.14 14.68 -64.33
N TRP K 100 36.16 15.50 -64.57
CA TRP K 100 36.02 16.68 -65.39
C TRP K 100 36.14 16.29 -66.86
N VAL K 101 35.20 16.75 -67.68
CA VAL K 101 35.19 16.48 -69.10
C VAL K 101 34.87 17.76 -69.86
N LEU K 102 34.88 17.66 -71.18
CA LEU K 102 34.68 18.80 -72.06
C LEU K 102 33.26 18.80 -72.61
N VAL K 103 32.64 19.97 -72.65
CA VAL K 103 31.26 20.11 -73.07
C VAL K 103 31.22 20.45 -74.56
N THR K 104 30.34 19.78 -75.31
CA THR K 104 30.09 20.08 -76.71
C THR K 104 28.58 20.24 -76.89
N ASP K 105 28.08 21.44 -76.62
CA ASP K 105 26.66 21.74 -76.77
C ASP K 105 26.52 23.23 -77.03
N ALA K 106 25.49 23.60 -77.78
CA ALA K 106 25.28 24.99 -78.14
C ALA K 106 24.91 25.82 -76.92
N GLY K 107 23.86 25.42 -76.22
CA GLY K 107 23.36 26.17 -75.08
C GLY K 107 24.00 25.86 -73.74
N GLY K 108 24.96 24.94 -73.69
CA GLY K 108 25.58 24.58 -72.43
C GLY K 108 24.72 23.63 -71.62
N VAL K 109 25.21 23.32 -70.42
CA VAL K 109 24.56 22.38 -69.52
C VAL K 109 24.40 23.04 -68.14
N VAL K 110 23.51 22.46 -67.35
CA VAL K 110 23.27 22.94 -65.98
C VAL K 110 23.42 21.74 -65.03
N ALA K 111 23.07 21.93 -63.76
CA ALA K 111 23.46 20.97 -62.72
C ALA K 111 23.01 19.55 -63.05
N GLY K 112 21.72 19.31 -63.11
CA GLY K 112 21.25 17.95 -63.33
C GLY K 112 20.65 17.75 -64.70
N ASP K 113 21.39 17.12 -65.59
CA ASP K 113 20.96 16.92 -66.97
C ASP K 113 21.29 15.50 -67.38
N PRO K 114 20.59 14.96 -68.38
CA PRO K 114 21.03 13.72 -68.99
C PRO K 114 22.34 13.94 -69.74
N VAL K 115 23.08 12.85 -69.91
CA VAL K 115 24.33 12.85 -70.66
C VAL K 115 24.10 12.08 -71.93
N TRP K 116 24.30 12.73 -73.08
CA TRP K 116 24.12 12.09 -74.36
C TRP K 116 25.46 12.03 -75.09
N LEU K 117 25.76 10.86 -75.64
CA LEU K 117 26.99 10.62 -76.38
C LEU K 117 26.71 10.67 -77.86
N LYS K 118 27.53 11.41 -78.60
CA LYS K 118 27.44 11.45 -80.05
C LYS K 118 28.42 10.42 -80.61
N LYS K 119 27.88 9.35 -81.21
CA LYS K 119 28.70 8.22 -81.64
C LYS K 119 29.66 8.61 -82.76
N SER K 120 29.33 9.65 -83.53
CA SER K 120 30.15 10.03 -84.67
C SER K 120 31.56 10.44 -84.25
N ASP K 121 31.66 11.33 -83.27
CA ASP K 121 32.95 11.79 -82.77
C ASP K 121 33.26 11.31 -81.36
N GLY K 122 32.26 11.10 -80.53
CA GLY K 122 32.51 10.71 -79.16
C GLY K 122 32.53 11.88 -78.22
N THR K 123 31.58 12.79 -78.37
CA THR K 123 31.49 13.99 -77.56
C THR K 123 30.22 13.94 -76.73
N PHE K 124 30.28 14.58 -75.55
CA PHE K 124 29.18 14.59 -74.61
C PHE K 124 28.35 15.85 -74.77
N SER K 125 27.04 15.72 -74.57
CA SER K 125 26.12 16.81 -74.76
C SER K 125 24.89 16.60 -73.89
N ASN K 126 23.95 17.52 -74.02
CA ASN K 126 22.78 17.59 -73.17
C ASN K 126 21.56 16.87 -73.77
N ALA K 127 21.39 16.92 -75.09
CA ALA K 127 20.23 16.35 -75.73
C ALA K 127 20.66 15.48 -76.92
N ASP K 128 19.72 14.66 -77.39
CA ASP K 128 20.01 13.72 -78.46
C ASP K 128 20.21 14.43 -79.79
N VAL K 129 21.07 13.87 -80.64
CA VAL K 129 21.35 14.47 -81.93
C VAL K 129 20.14 14.42 -82.84
N GLY K 130 19.51 13.25 -82.96
CA GLY K 130 18.26 13.14 -83.68
C GLY K 130 18.28 12.32 -84.96
N SER K 131 19.35 11.58 -85.24
CA SER K 131 19.42 10.75 -86.44
C SER K 131 19.95 9.36 -86.16
N SER K 132 19.55 8.75 -85.04
CA SER K 132 20.03 7.45 -84.62
C SER K 132 21.55 7.41 -84.49
N GLY K 133 22.13 8.55 -84.15
CA GLY K 133 23.57 8.65 -84.01
C GLY K 133 24.00 9.05 -82.61
N GLY K 134 23.10 8.94 -81.65
CA GLY K 134 23.38 9.28 -80.28
C GLY K 134 22.89 8.21 -79.32
N LEU K 135 23.63 8.02 -78.23
CA LEU K 135 23.22 7.16 -77.13
C LEU K 135 22.97 8.01 -75.90
N ARG K 136 22.20 7.47 -74.96
CA ARG K 136 22.10 8.07 -73.63
C ARG K 136 22.77 7.14 -72.64
N LEU K 137 23.79 7.64 -71.96
CA LEU K 137 24.42 6.94 -70.85
C LEU K 137 23.47 7.00 -69.68
N ALA K 138 22.75 5.91 -69.44
CA ALA K 138 21.59 5.95 -68.55
C ALA K 138 21.98 6.41 -67.15
N GLY K 139 22.97 5.78 -66.54
CA GLY K 139 23.43 6.27 -65.26
C GLY K 139 24.59 7.21 -65.39
N CYS K 140 24.30 8.51 -65.45
CA CYS K 140 25.26 9.59 -65.63
C CYS K 140 24.51 10.89 -65.39
N ARG K 141 25.24 11.87 -64.85
CA ARG K 141 24.63 13.18 -64.64
C ARG K 141 25.72 14.23 -64.55
N TRP K 142 25.36 15.48 -64.82
CA TRP K 142 26.29 16.58 -64.71
C TRP K 142 26.37 17.06 -63.27
N ASP K 143 27.37 17.89 -63.01
CA ASP K 143 27.50 18.48 -61.69
C ASP K 143 27.92 19.95 -61.72
N THR K 144 27.90 20.59 -62.88
CA THR K 144 28.33 21.98 -62.99
C THR K 144 27.60 22.61 -64.16
N SER K 145 27.27 23.89 -64.03
CA SER K 145 26.77 24.65 -65.17
C SER K 145 27.97 25.18 -65.95
N ALA K 146 28.00 24.90 -67.25
CA ALA K 146 29.12 25.34 -68.08
C ALA K 146 28.62 25.69 -69.48
N ALA K 147 29.36 26.58 -70.13
CA ALA K 147 29.03 27.06 -71.45
C ALA K 147 29.60 26.10 -72.50
N ASN K 148 29.53 26.48 -73.77
CA ASN K 148 30.07 25.65 -74.84
C ASN K 148 31.60 25.61 -74.78
N GLY K 149 32.15 24.42 -74.99
CA GLY K 149 33.58 24.24 -75.03
C GLY K 149 34.30 24.55 -73.75
N ALA K 150 33.67 24.29 -72.60
CA ALA K 150 34.27 24.51 -71.30
C ALA K 150 34.32 23.19 -70.54
N LEU K 151 35.00 23.21 -69.41
CA LEU K 151 35.13 22.01 -68.58
C LEU K 151 34.00 21.94 -67.57
N ALA K 152 33.38 20.78 -67.47
CA ALA K 152 32.34 20.53 -66.47
C ALA K 152 32.58 19.16 -65.87
N ARG K 153 32.32 19.03 -64.58
CA ARG K 153 32.48 17.74 -63.91
C ARG K 153 31.17 16.98 -63.95
N MET K 154 31.26 15.69 -64.22
CA MET K 154 30.08 14.84 -64.23
C MET K 154 30.33 13.57 -63.44
N ARG K 155 29.24 13.03 -62.91
CA ARG K 155 29.21 11.79 -62.15
C ARG K 155 28.76 10.67 -63.07
N VAL K 156 29.49 9.55 -63.02
CA VAL K 156 29.39 8.51 -64.04
C VAL K 156 29.25 7.15 -63.40
N ASP K 157 28.40 6.32 -64.01
CA ASP K 157 28.20 4.94 -63.58
C ASP K 157 27.90 4.09 -64.81
N PHE K 158 28.87 3.25 -65.19
CA PHE K 158 28.80 2.55 -66.46
C PHE K 158 28.19 1.15 -66.35
N ASP K 159 27.75 0.72 -65.18
CA ASP K 159 27.12 -0.58 -65.07
C ASP K 159 25.67 -0.54 -65.52
N VAL K 160 25.05 0.64 -65.52
CA VAL K 160 23.68 0.79 -66.01
C VAL K 160 23.69 0.73 -67.54
N PRO K 161 22.87 -0.11 -68.16
CA PRO K 161 22.95 -0.26 -69.62
C PRO K 161 22.52 1.03 -70.31
N PRO K 162 23.11 1.33 -71.47
CA PRO K 162 22.75 2.55 -72.18
C PRO K 162 21.38 2.44 -72.83
N VAL K 163 20.87 3.58 -73.28
CA VAL K 163 19.58 3.63 -73.96
C VAL K 163 19.79 4.22 -75.35
N ALA K 164 19.27 3.52 -76.36
CA ALA K 164 19.35 3.97 -77.74
C ALA K 164 18.28 5.00 -78.00
N GLY K 165 18.64 6.07 -78.70
CA GLY K 165 17.68 7.10 -79.04
C GLY K 165 17.74 7.48 -80.50
N ALA K 166 16.61 7.37 -81.20
CA ALA K 166 16.56 7.69 -82.61
C ALA K 166 16.14 9.14 -82.83
N MET L 1 52.16 -37.30 -49.18
CA MET L 1 52.91 -37.78 -50.36
C MET L 1 51.94 -38.29 -51.40
N ALA L 2 50.82 -37.59 -51.55
CA ALA L 2 49.68 -38.08 -52.29
C ALA L 2 49.77 -37.71 -53.76
N PRO L 3 50.10 -38.65 -54.63
CA PRO L 3 50.28 -38.33 -56.05
C PRO L 3 49.06 -38.61 -56.92
N TYR L 4 47.93 -39.01 -56.34
CA TYR L 4 46.73 -39.21 -57.13
C TYR L 4 46.29 -37.88 -57.74
N ASN L 5 45.55 -37.98 -58.84
CA ASN L 5 45.07 -36.83 -59.58
C ASN L 5 46.23 -35.94 -60.01
N GLU L 6 47.32 -36.58 -60.45
CA GLU L 6 48.45 -35.90 -61.04
C GLU L 6 48.28 -35.87 -62.55
N THR L 7 48.27 -34.66 -63.12
CA THR L 7 48.10 -34.49 -64.55
C THR L 7 49.30 -33.86 -65.23
N TYR L 8 50.35 -33.51 -64.49
CA TYR L 8 51.60 -33.01 -65.06
C TYR L 8 51.35 -31.79 -65.92
N ALA L 9 50.65 -30.82 -65.32
CA ALA L 9 50.16 -29.68 -66.08
C ALA L 9 51.30 -28.82 -66.60
N SER L 10 51.07 -28.17 -67.74
CA SER L 10 52.08 -27.32 -68.36
C SER L 10 52.44 -26.14 -67.48
N ASP L 11 51.44 -25.50 -66.87
CA ASP L 11 51.68 -24.37 -65.99
C ASP L 11 50.48 -24.25 -65.05
N TYR L 12 50.53 -23.26 -64.16
CA TYR L 12 49.52 -23.14 -63.12
C TYR L 12 48.15 -22.87 -63.74
N ALA L 13 47.11 -23.32 -63.05
CA ALA L 13 45.76 -23.01 -63.48
C ALA L 13 45.43 -21.55 -63.19
N PHE L 14 44.20 -21.17 -63.50
CA PHE L 14 43.83 -19.75 -63.44
C PHE L 14 43.20 -19.40 -62.10
N ALA L 15 42.21 -20.16 -61.66
CA ALA L 15 41.53 -19.91 -60.39
C ALA L 15 40.73 -21.16 -60.04
N TYR L 16 39.97 -21.07 -58.95
CA TYR L 16 39.04 -22.12 -58.55
C TYR L 16 37.61 -21.63 -58.73
N GLU L 17 36.66 -22.40 -58.20
CA GLU L 17 35.25 -22.25 -58.57
C GLU L 17 34.71 -20.87 -58.21
N GLY L 18 35.02 -20.37 -57.02
CA GLY L 18 34.41 -19.14 -56.57
C GLY L 18 35.35 -18.08 -56.06
N MET L 19 36.63 -18.20 -56.40
CA MET L 19 37.63 -17.26 -55.92
C MET L 19 37.42 -15.89 -56.57
N VAL L 20 37.78 -14.83 -55.82
CA VAL L 20 37.65 -13.46 -56.29
C VAL L 20 39.01 -13.00 -56.81
N SER L 21 39.00 -11.88 -57.52
CA SER L 21 40.22 -11.22 -58.00
C SER L 21 40.27 -9.83 -57.36
N ASP L 22 41.43 -9.47 -56.83
CA ASP L 22 41.52 -8.28 -55.97
C ASP L 22 41.08 -7.03 -56.72
N ILE L 23 40.36 -6.18 -56.01
CA ILE L 23 39.96 -4.85 -56.49
C ILE L 23 39.47 -4.10 -55.27
N ALA L 24 39.53 -2.77 -55.34
CA ALA L 24 39.17 -1.96 -54.17
C ALA L 24 37.73 -2.17 -53.71
N PRO L 25 36.71 -2.09 -54.56
CA PRO L 25 35.34 -2.24 -54.06
C PRO L 25 34.90 -3.69 -53.98
N ALA L 26 34.08 -3.99 -52.99
CA ALA L 26 33.35 -5.26 -52.94
C ALA L 26 32.28 -5.15 -51.88
N ASP L 27 31.02 -5.34 -52.25
CA ASP L 27 29.96 -5.63 -51.30
C ASP L 27 29.96 -7.13 -51.02
N ILE L 28 30.44 -7.50 -49.84
CA ILE L 28 30.33 -8.85 -49.33
C ILE L 28 29.28 -8.82 -48.22
N ILE L 29 28.30 -9.69 -48.32
CA ILE L 29 27.14 -9.65 -47.46
C ILE L 29 27.00 -10.98 -46.72
N SER L 30 26.71 -10.90 -45.43
CA SER L 30 26.57 -12.08 -44.59
C SER L 30 25.10 -12.52 -44.58
N ARG L 31 24.85 -13.72 -45.09
CA ARG L 31 23.52 -14.32 -45.05
C ARG L 31 23.64 -15.69 -44.41
N THR L 32 22.49 -16.24 -44.02
CA THR L 32 22.42 -17.55 -43.41
C THR L 32 21.83 -18.56 -44.39
N VAL L 33 22.50 -19.69 -44.54
CA VAL L 33 22.12 -20.71 -45.50
C VAL L 33 20.84 -21.39 -45.04
N GLU L 34 19.87 -21.51 -45.94
CA GLU L 34 18.57 -22.06 -45.60
C GLU L 34 18.28 -23.42 -46.23
N THR L 35 18.99 -23.80 -47.29
CA THR L 35 18.74 -25.08 -47.93
C THR L 35 19.21 -26.23 -47.04
N SER L 36 18.54 -27.37 -47.16
CA SER L 36 18.89 -28.53 -46.33
C SER L 36 20.31 -28.99 -46.62
N ALA L 37 20.62 -29.22 -47.90
CA ALA L 37 22.00 -29.40 -48.30
C ALA L 37 22.70 -28.03 -48.35
N GLY L 38 24.00 -28.05 -48.50
CA GLY L 38 24.76 -26.82 -48.52
C GLY L 38 24.50 -26.02 -49.78
N ILE L 39 25.37 -25.03 -49.99
CA ILE L 39 25.40 -24.23 -51.20
C ILE L 39 26.83 -24.17 -51.70
N GLY L 40 27.01 -24.41 -52.99
CA GLY L 40 28.33 -24.38 -53.59
C GLY L 40 28.94 -23.00 -53.56
N PHE L 41 30.21 -22.92 -53.97
CA PHE L 41 30.95 -21.68 -53.82
C PHE L 41 30.59 -20.66 -54.90
N GLY L 42 30.84 -20.96 -56.17
CA GLY L 42 30.41 -19.99 -57.15
C GLY L 42 29.02 -20.29 -57.69
N LYS L 43 28.00 -19.76 -57.03
CA LYS L 43 26.60 -20.11 -57.24
C LYS L 43 25.77 -18.85 -57.07
N ILE L 44 24.59 -18.84 -57.67
CA ILE L 44 23.65 -17.76 -57.44
C ILE L 44 22.69 -18.14 -56.32
N VAL L 45 22.17 -17.13 -55.62
CA VAL L 45 21.31 -17.35 -54.46
C VAL L 45 20.11 -16.42 -54.55
N ALA L 46 18.99 -16.86 -53.97
CA ALA L 46 17.76 -16.09 -53.92
C ALA L 46 17.50 -15.60 -52.51
N GLN L 47 16.42 -14.85 -52.36
CA GLN L 47 16.10 -14.22 -51.08
C GLN L 47 15.33 -15.22 -50.22
N GLY L 48 15.82 -15.47 -49.02
CA GLY L 48 15.24 -16.47 -48.15
C GLY L 48 13.95 -16.00 -47.50
N THR L 49 13.41 -16.85 -46.64
CA THR L 49 12.22 -16.51 -45.89
C THR L 49 12.52 -16.07 -44.46
N SER L 50 13.78 -16.00 -44.07
CA SER L 50 14.15 -15.71 -42.69
C SER L 50 14.57 -14.27 -42.50
N ASP L 51 14.36 -13.42 -43.51
CA ASP L 51 14.61 -11.98 -43.47
C ASP L 51 16.11 -11.68 -43.53
N ARG L 52 16.94 -12.70 -43.36
CA ARG L 52 18.35 -12.61 -43.70
C ARG L 52 18.91 -13.91 -44.24
N GLY L 53 18.06 -14.84 -44.66
CA GLY L 53 18.50 -16.11 -45.19
C GLY L 53 18.58 -16.11 -46.70
N CYS L 54 19.18 -17.18 -47.22
CA CYS L 54 19.29 -17.36 -48.66
C CYS L 54 19.07 -18.82 -49.01
N LYS L 55 18.58 -19.05 -50.23
CA LYS L 55 18.35 -20.39 -50.74
C LYS L 55 19.09 -20.53 -52.05
N ALA L 56 19.45 -21.76 -52.38
CA ALA L 56 20.09 -22.06 -53.66
C ALA L 56 19.06 -22.28 -54.77
N ASP L 57 17.78 -22.21 -54.46
CA ASP L 57 16.72 -22.45 -55.41
C ASP L 57 16.29 -21.12 -56.04
N VAL L 58 16.62 -20.95 -57.32
CA VAL L 58 16.32 -19.71 -58.02
C VAL L 58 15.33 -19.99 -59.15
N SER L 59 14.48 -20.98 -58.97
CA SER L 59 13.55 -21.36 -60.03
C SER L 59 12.39 -20.39 -60.18
N ALA L 60 12.22 -19.47 -59.23
CA ALA L 60 11.08 -18.57 -59.22
C ALA L 60 11.48 -17.10 -59.17
N VAL L 61 12.72 -16.77 -59.55
CA VAL L 61 13.14 -15.37 -59.55
C VAL L 61 12.50 -14.64 -60.73
N SER L 62 12.22 -13.36 -60.55
CA SER L 62 11.57 -12.54 -61.55
C SER L 62 12.13 -11.12 -61.47
N PRO L 63 11.77 -10.23 -62.39
CA PRO L 63 12.14 -8.82 -62.19
C PRO L 63 11.57 -8.23 -60.92
N THR L 64 10.43 -8.72 -60.45
CA THR L 64 9.86 -8.26 -59.19
C THR L 64 10.58 -8.84 -57.97
N ALA L 65 11.18 -10.03 -58.10
CA ALA L 65 11.91 -10.69 -57.02
C ALA L 65 13.29 -11.06 -57.53
N PRO L 66 14.20 -10.08 -57.63
CA PRO L 66 15.50 -10.32 -58.25
C PRO L 66 16.36 -11.24 -57.40
N PRO L 67 17.36 -11.90 -58.00
CA PRO L 67 18.28 -12.71 -57.21
C PRO L 67 19.15 -11.85 -56.31
N LEU L 68 19.72 -12.50 -55.30
CA LEU L 68 20.39 -11.77 -54.22
C LEU L 68 21.87 -11.54 -54.48
N GLY L 69 22.58 -12.52 -55.02
CA GLY L 69 24.01 -12.35 -55.26
C GLY L 69 24.67 -13.68 -55.58
N ILE L 70 25.98 -13.72 -55.34
CA ILE L 70 26.80 -14.89 -55.66
C ILE L 70 27.71 -15.17 -54.48
N THR L 71 27.77 -16.42 -54.04
CA THR L 71 28.60 -16.82 -52.92
C THR L 71 30.07 -16.79 -53.32
N VAL L 72 30.96 -16.77 -52.32
CA VAL L 72 32.39 -16.72 -52.56
C VAL L 72 33.05 -17.89 -51.83
N ARG L 73 34.24 -18.23 -52.31
CA ARG L 73 35.02 -19.35 -51.78
C ARG L 73 35.61 -18.98 -50.43
N SER L 74 35.21 -19.69 -49.37
CA SER L 74 35.55 -19.29 -48.01
C SER L 74 36.76 -20.01 -47.45
N GLN L 75 36.93 -21.30 -47.72
CA GLN L 75 38.07 -22.12 -47.36
C GLN L 75 38.10 -22.45 -45.86
N ALA L 76 37.12 -21.99 -45.06
CA ALA L 76 36.98 -22.43 -43.68
C ALA L 76 35.52 -22.78 -43.44
N THR L 77 35.10 -23.99 -43.83
CA THR L 77 33.69 -24.32 -43.91
C THR L 77 33.33 -25.68 -43.34
N GLU L 78 33.74 -25.99 -42.12
CA GLU L 78 33.18 -27.06 -41.29
C GLU L 78 33.63 -28.46 -41.69
N ASN L 79 34.39 -28.60 -42.78
CA ASN L 79 35.12 -29.78 -43.25
C ASN L 79 34.25 -31.04 -43.31
N LEU L 80 32.94 -30.91 -43.15
CA LEU L 80 32.05 -32.05 -43.29
C LEU L 80 31.38 -32.05 -44.66
N THR L 81 31.06 -30.88 -45.17
CA THR L 81 30.70 -30.71 -46.58
C THR L 81 31.95 -30.22 -47.31
N LEU L 82 32.25 -30.85 -48.44
CA LEU L 82 33.58 -30.72 -49.02
C LEU L 82 33.88 -29.28 -49.41
N ASP L 83 33.16 -28.75 -50.39
CA ASP L 83 33.29 -27.34 -50.75
C ASP L 83 31.88 -26.77 -50.84
N LYS L 84 31.31 -26.44 -49.68
CA LYS L 84 29.96 -25.90 -49.56
C LYS L 84 29.83 -25.11 -48.26
N TYR L 85 28.78 -24.30 -48.18
CA TYR L 85 28.38 -23.65 -46.93
C TYR L 85 27.31 -24.52 -46.29
N PRO L 86 27.57 -25.12 -45.14
CA PRO L 86 26.58 -26.01 -44.52
C PRO L 86 25.34 -25.25 -44.12
N ARG L 87 24.31 -26.00 -43.77
CA ARG L 87 23.07 -25.40 -43.28
C ARG L 87 23.35 -24.59 -42.03
N TYR L 88 22.68 -23.44 -41.93
CA TYR L 88 22.83 -22.54 -40.78
C TYR L 88 24.26 -22.01 -40.67
N ASP L 89 24.73 -21.30 -41.70
CA ASP L 89 26.09 -20.80 -41.71
C ASP L 89 26.15 -19.47 -42.44
N GLY L 90 27.11 -18.63 -42.03
CA GLY L 90 27.33 -17.39 -42.76
C GLY L 90 27.76 -17.66 -44.18
N ALA L 91 27.12 -16.97 -45.12
CA ALA L 91 27.24 -17.32 -46.53
C ALA L 91 28.18 -16.44 -47.33
N ALA L 92 28.43 -15.20 -46.92
CA ALA L 92 29.34 -14.31 -47.62
C ALA L 92 28.95 -14.14 -49.10
N ILE L 93 27.82 -13.46 -49.33
CA ILE L 93 27.39 -13.18 -50.69
C ILE L 93 28.13 -11.96 -51.22
N MET L 94 28.42 -11.94 -52.51
CA MET L 94 29.09 -10.82 -53.15
C MET L 94 28.21 -10.29 -54.27
N ARG L 95 28.15 -8.97 -54.43
CA ARG L 95 27.30 -8.39 -55.47
C ARG L 95 27.92 -7.19 -56.17
N LYS L 96 29.22 -6.94 -56.03
CA LYS L 96 29.83 -5.83 -56.74
C LYS L 96 31.16 -6.15 -57.42
N GLY L 97 31.91 -7.12 -56.92
CA GLY L 97 33.28 -7.32 -57.38
C GLY L 97 33.36 -8.06 -58.71
N VAL L 98 34.53 -8.63 -58.95
CA VAL L 98 34.76 -9.51 -60.11
C VAL L 98 35.08 -10.90 -59.58
N ILE L 99 34.37 -11.91 -60.09
CA ILE L 99 34.45 -13.24 -59.52
C ILE L 99 34.58 -14.29 -60.63
N TRP L 100 35.30 -15.36 -60.33
CA TRP L 100 35.42 -16.49 -61.24
C TRP L 100 34.21 -17.39 -61.09
N VAL L 101 33.59 -17.76 -62.21
CA VAL L 101 32.43 -18.64 -62.22
C VAL L 101 32.59 -19.66 -63.32
N LEU L 102 31.63 -20.57 -63.41
CA LEU L 102 31.66 -21.69 -64.35
C LEU L 102 30.74 -21.38 -65.53
N VAL L 103 31.22 -21.70 -66.73
CA VAL L 103 30.51 -21.41 -67.97
C VAL L 103 29.68 -22.62 -68.36
N THR L 104 28.43 -22.39 -68.76
CA THR L 104 27.55 -23.44 -69.29
C THR L 104 26.96 -22.91 -70.61
N ASP L 105 27.71 -23.08 -71.68
CA ASP L 105 27.28 -22.65 -73.01
C ASP L 105 27.98 -23.52 -74.05
N ALA L 106 27.29 -23.74 -75.17
CA ALA L 106 27.85 -24.60 -76.21
C ALA L 106 29.07 -23.96 -76.86
N GLY L 107 28.91 -22.74 -77.37
CA GLY L 107 29.98 -22.06 -78.08
C GLY L 107 30.94 -21.26 -77.23
N GLY L 108 30.77 -21.23 -75.92
CA GLY L 108 31.63 -20.44 -75.07
C GLY L 108 31.28 -18.97 -75.07
N VAL L 109 32.10 -18.19 -74.37
CA VAL L 109 31.89 -16.76 -74.23
C VAL L 109 33.18 -16.03 -74.59
N VAL L 110 33.05 -14.73 -74.86
CA VAL L 110 34.19 -13.88 -75.16
C VAL L 110 34.16 -12.68 -74.22
N ALA L 111 35.01 -11.69 -74.47
CA ALA L 111 35.28 -10.65 -73.47
C ALA L 111 34.01 -9.96 -73.00
N GLY L 112 33.34 -9.24 -73.90
CA GLY L 112 32.17 -8.50 -73.48
C GLY L 112 30.87 -9.09 -74.00
N ASP L 113 30.13 -9.77 -73.12
CA ASP L 113 28.91 -10.44 -73.52
C ASP L 113 27.85 -10.18 -72.46
N PRO L 114 26.58 -10.29 -72.80
CA PRO L 114 25.54 -10.32 -71.77
C PRO L 114 25.64 -11.60 -70.96
N VAL L 115 25.12 -11.53 -69.73
CA VAL L 115 25.08 -12.68 -68.83
C VAL L 115 23.63 -13.09 -68.69
N TRP L 116 23.33 -14.33 -69.06
CA TRP L 116 21.97 -14.85 -68.96
C TRP L 116 21.93 -15.98 -67.95
N LEU L 117 20.93 -15.94 -67.08
CA LEU L 117 20.74 -16.94 -66.05
C LEU L 117 19.64 -17.88 -66.47
N LYS L 118 19.89 -19.19 -66.35
CA LYS L 118 18.89 -20.20 -66.61
C LYS L 118 18.22 -20.56 -65.28
N LYS L 119 16.95 -20.19 -65.15
CA LYS L 119 16.26 -20.33 -63.87
C LYS L 119 16.08 -21.79 -63.46
N SER L 120 16.08 -22.70 -64.43
CA SER L 120 15.83 -24.11 -64.15
C SER L 120 16.90 -24.69 -63.23
N ASP L 121 18.17 -24.49 -63.57
CA ASP L 121 19.28 -24.98 -62.76
C ASP L 121 20.06 -23.89 -62.06
N GLY L 122 20.13 -22.69 -62.63
CA GLY L 122 20.92 -21.64 -62.05
C GLY L 122 22.32 -21.58 -62.62
N THR L 123 22.42 -21.68 -63.94
CA THR L 123 23.69 -21.65 -64.64
C THR L 123 23.76 -20.41 -65.52
N PHE L 124 24.99 -19.93 -65.71
CA PHE L 124 25.24 -18.72 -66.48
C PHE L 124 25.60 -19.07 -67.91
N SER L 125 25.18 -18.22 -68.85
CA SER L 125 25.38 -18.47 -70.26
C SER L 125 25.40 -17.14 -71.01
N ASN L 126 25.53 -17.24 -72.32
CA ASN L 126 25.72 -16.10 -73.19
C ASN L 126 24.42 -15.58 -73.79
N ALA L 127 23.48 -16.47 -74.11
CA ALA L 127 22.24 -16.09 -74.77
C ALA L 127 21.05 -16.70 -74.04
N ASP L 128 19.87 -16.17 -74.34
CA ASP L 128 18.64 -16.60 -73.68
C ASP L 128 18.25 -18.01 -74.10
N VAL L 129 17.63 -18.74 -73.18
CA VAL L 129 17.23 -20.12 -73.46
C VAL L 129 16.12 -20.16 -74.50
N GLY L 130 15.07 -19.36 -74.31
CA GLY L 130 14.04 -19.21 -75.31
C GLY L 130 12.65 -19.72 -74.96
N SER L 131 12.40 -20.07 -73.70
CA SER L 131 11.08 -20.55 -73.29
C SER L 131 10.60 -19.90 -72.01
N SER L 132 10.86 -18.60 -71.83
CA SER L 132 10.51 -17.87 -70.62
C SER L 132 11.14 -18.50 -69.38
N GLY L 133 12.30 -19.11 -69.56
CA GLY L 133 12.99 -19.76 -68.46
C GLY L 133 14.36 -19.16 -68.19
N GLY L 134 14.61 -17.98 -68.74
CA GLY L 134 15.88 -17.31 -68.55
C GLY L 134 15.69 -15.85 -68.20
N LEU L 135 16.59 -15.33 -67.37
CA LEU L 135 16.67 -13.91 -67.05
C LEU L 135 17.95 -13.33 -67.62
N ARG L 136 17.98 -12.01 -67.79
CA ARG L 136 19.22 -11.32 -68.07
C ARG L 136 19.56 -10.47 -66.87
N LEU L 137 20.74 -10.73 -66.29
CA LEU L 137 21.29 -9.88 -65.24
C LEU L 137 21.78 -8.61 -65.91
N ALA L 138 21.00 -7.54 -65.78
CA ALA L 138 21.21 -6.36 -66.62
C ALA L 138 22.60 -5.79 -66.44
N GLY L 139 22.99 -5.52 -65.20
CA GLY L 139 24.35 -5.06 -64.99
C GLY L 139 25.28 -6.19 -64.64
N CYS L 140 25.94 -6.75 -65.65
CA CYS L 140 26.85 -7.88 -65.56
C CYS L 140 27.55 -8.01 -66.90
N ARG L 141 28.80 -8.46 -66.85
CA ARG L 141 29.54 -8.67 -68.10
C ARG L 141 30.65 -9.67 -67.85
N TRP L 142 31.10 -10.30 -68.92
CA TRP L 142 32.22 -11.24 -68.82
C TRP L 142 33.54 -10.49 -68.88
N ASP L 143 34.61 -11.19 -68.55
CA ASP L 143 35.94 -10.61 -68.66
C ASP L 143 36.98 -11.57 -69.20
N THR L 144 36.59 -12.72 -69.74
CA THR L 144 37.52 -13.71 -70.24
C THR L 144 36.85 -14.51 -71.33
N SER L 145 37.61 -14.90 -72.34
CA SER L 145 37.13 -15.85 -73.32
C SER L 145 37.35 -17.25 -72.78
N ALA L 146 36.30 -18.07 -72.74
CA ALA L 146 36.41 -19.42 -72.21
C ALA L 146 35.49 -20.37 -72.97
N ALA L 147 35.87 -21.63 -73.00
CA ALA L 147 35.13 -22.66 -73.70
C ALA L 147 34.02 -23.20 -72.80
N ASN L 148 33.36 -24.27 -73.22
CA ASN L 148 32.31 -24.88 -72.43
C ASN L 148 32.89 -25.56 -71.19
N GLY L 149 32.21 -25.38 -70.07
CA GLY L 149 32.59 -26.01 -68.82
C GLY L 149 33.94 -25.59 -68.29
N ALA L 150 34.33 -24.33 -68.51
CA ALA L 150 35.59 -23.81 -68.01
C ALA L 150 35.30 -22.63 -67.10
N LEU L 151 36.35 -22.14 -66.43
CA LEU L 151 36.23 -21.02 -65.51
C LEU L 151 36.46 -19.72 -66.25
N ALA L 152 35.57 -18.75 -66.04
CA ALA L 152 35.72 -17.41 -66.59
C ALA L 152 35.38 -16.41 -65.52
N ARG L 153 36.08 -15.28 -65.50
CA ARG L 153 35.79 -14.25 -64.52
C ARG L 153 34.81 -13.26 -65.10
N MET L 154 33.84 -12.84 -64.29
CA MET L 154 32.87 -11.86 -64.72
C MET L 154 32.71 -10.77 -63.67
N ARG L 155 32.35 -9.58 -64.15
CA ARG L 155 32.08 -8.41 -63.34
C ARG L 155 30.58 -8.29 -63.12
N VAL L 156 30.18 -8.03 -61.88
CA VAL L 156 28.80 -8.20 -61.46
C VAL L 156 28.33 -6.98 -60.68
N ASP L 157 27.08 -6.60 -60.92
CA ASP L 157 26.45 -5.51 -60.21
C ASP L 157 24.96 -5.80 -60.07
N PHE L 158 24.54 -6.12 -58.85
CA PHE L 158 23.20 -6.64 -58.64
C PHE L 158 22.17 -5.59 -58.27
N ASP L 159 22.55 -4.31 -58.22
CA ASP L 159 21.57 -3.27 -57.93
C ASP L 159 20.76 -2.90 -59.17
N VAL L 160 21.27 -3.21 -60.36
CA VAL L 160 20.51 -2.97 -61.59
C VAL L 160 19.43 -4.04 -61.72
N PRO L 161 18.16 -3.66 -61.93
CA PRO L 161 17.11 -4.67 -61.95
C PRO L 161 17.26 -5.61 -63.14
N PRO L 162 16.89 -6.88 -62.99
CA PRO L 162 17.03 -7.82 -64.10
C PRO L 162 15.99 -7.57 -65.18
N VAL L 163 16.20 -8.21 -66.33
CA VAL L 163 15.29 -8.11 -67.46
C VAL L 163 14.78 -9.49 -67.81
N ALA L 164 13.45 -9.61 -67.91
CA ALA L 164 12.82 -10.87 -68.27
C ALA L 164 12.88 -11.05 -69.79
N GLY L 165 13.19 -12.27 -70.22
CA GLY L 165 13.26 -12.57 -71.63
C GLY L 165 12.51 -13.83 -71.99
N ALA L 166 11.54 -13.73 -72.89
CA ALA L 166 10.75 -14.89 -73.29
C ALA L 166 11.35 -15.56 -74.50
N MET M 1 31.43 -37.39 -21.56
CA MET M 1 30.39 -36.98 -20.62
C MET M 1 29.04 -36.98 -21.34
N ALA M 2 28.84 -37.96 -22.20
CA ALA M 2 27.75 -37.97 -23.15
C ALA M 2 26.50 -38.60 -22.57
N PRO M 3 25.51 -37.80 -22.20
CA PRO M 3 24.31 -38.34 -21.57
C PRO M 3 23.14 -38.58 -22.52
N TYR M 4 23.32 -38.39 -23.82
CA TYR M 4 22.25 -38.70 -24.76
C TYR M 4 21.94 -40.19 -24.72
N ASN M 5 20.71 -40.52 -25.13
CA ASN M 5 20.22 -41.89 -25.11
C ASN M 5 20.33 -42.51 -23.71
N GLU M 6 19.99 -41.70 -22.71
CA GLU M 6 19.87 -42.14 -21.33
C GLU M 6 18.42 -42.52 -21.05
N THR M 7 18.22 -43.77 -20.65
CA THR M 7 16.89 -44.28 -20.36
C THR M 7 16.68 -44.68 -18.90
N TYR M 8 17.72 -44.57 -18.07
CA TYR M 8 17.61 -44.82 -16.64
C TYR M 8 17.07 -46.22 -16.37
N ALA M 9 17.73 -47.19 -16.99
CA ALA M 9 17.21 -48.55 -17.00
C ALA M 9 17.22 -49.15 -15.60
N SER M 10 16.28 -50.06 -15.36
CA SER M 10 16.15 -50.72 -14.05
C SER M 10 17.38 -51.55 -13.73
N ASP M 11 17.90 -52.29 -14.70
CA ASP M 11 19.08 -53.12 -14.49
C ASP M 11 19.72 -53.35 -15.85
N TYR M 12 20.83 -54.09 -15.86
CA TYR M 12 21.60 -54.27 -17.07
C TYR M 12 20.79 -55.03 -18.12
N ALA M 13 21.08 -54.75 -19.38
CA ALA M 13 20.45 -55.49 -20.46
C ALA M 13 21.04 -56.90 -20.55
N PHE M 14 20.57 -57.66 -21.53
CA PHE M 14 20.93 -59.07 -21.59
C PHE M 14 22.14 -59.31 -22.49
N ALA M 15 22.11 -58.77 -23.70
CA ALA M 15 23.21 -58.92 -24.65
C ALA M 15 23.03 -57.90 -25.76
N TYR M 16 23.90 -57.96 -26.77
CA TYR M 16 23.78 -57.16 -27.97
C TYR M 16 23.42 -58.05 -29.15
N GLU M 17 23.49 -57.47 -30.35
CA GLU M 17 22.87 -58.06 -31.53
C GLU M 17 23.45 -59.44 -31.85
N GLY M 18 24.77 -59.58 -31.79
CA GLY M 18 25.38 -60.81 -32.25
C GLY M 18 26.37 -61.45 -31.29
N MET M 19 26.31 -61.06 -30.02
CA MET M 19 27.23 -61.57 -29.03
C MET M 19 26.95 -63.05 -28.75
N VAL M 20 28.01 -63.79 -28.41
CA VAL M 20 27.91 -65.21 -28.10
C VAL M 20 27.86 -65.38 -26.59
N SER M 21 27.50 -66.58 -26.17
CA SER M 21 27.51 -66.97 -24.75
C SER M 21 28.48 -68.13 -24.59
N ASP M 22 29.35 -68.04 -23.58
CA ASP M 22 30.49 -68.96 -23.50
C ASP M 22 30.02 -70.40 -23.43
N ILE M 23 30.75 -71.27 -24.13
CA ILE M 23 30.58 -72.71 -24.10
C ILE M 23 31.80 -73.32 -24.75
N ALA M 24 32.11 -74.56 -24.40
CA ALA M 24 33.34 -75.18 -24.89
C ALA M 24 33.39 -75.27 -26.42
N PRO M 25 32.37 -75.79 -27.11
CA PRO M 25 32.50 -75.94 -28.57
C PRO M 25 32.09 -74.67 -29.30
N ALA M 26 32.75 -74.40 -30.42
CA ALA M 26 32.28 -73.41 -31.38
C ALA M 26 33.07 -73.59 -32.66
N ASP M 27 32.37 -73.82 -33.76
CA ASP M 27 32.96 -73.65 -35.10
C ASP M 27 32.81 -72.18 -35.48
N ILE M 28 33.92 -71.48 -35.46
CA ILE M 28 34.00 -70.12 -35.99
C ILE M 28 34.82 -70.21 -37.26
N ILE M 29 34.26 -69.67 -38.35
CA ILE M 29 34.83 -69.86 -39.68
C ILE M 29 35.12 -68.50 -40.29
N SER M 30 36.28 -68.38 -40.92
CA SER M 30 36.72 -67.14 -41.55
C SER M 30 36.29 -67.12 -43.00
N ARG M 31 35.42 -66.17 -43.34
CA ARG M 31 35.00 -65.96 -44.72
C ARG M 31 35.25 -64.51 -45.09
N THR M 32 35.21 -64.23 -46.39
CA THR M 32 35.41 -62.89 -46.90
C THR M 32 34.09 -62.30 -47.38
N VAL M 33 33.80 -61.09 -46.94
CA VAL M 33 32.53 -60.43 -47.24
C VAL M 33 32.50 -60.04 -48.71
N GLU M 34 31.40 -60.39 -49.38
CA GLU M 34 31.27 -60.14 -50.81
C GLU M 34 30.26 -59.07 -51.19
N THR M 35 29.32 -58.73 -50.29
CA THR M 35 28.33 -57.74 -50.61
C THR M 35 28.96 -56.35 -50.67
N SER M 36 28.39 -55.48 -51.51
CA SER M 36 28.93 -54.13 -51.65
C SER M 36 28.84 -53.36 -50.33
N ALA M 37 27.65 -53.33 -49.73
CA ALA M 37 27.54 -52.87 -48.35
C ALA M 37 28.02 -53.97 -47.42
N GLY M 38 28.18 -53.62 -46.15
CA GLY M 38 28.66 -54.58 -45.18
C GLY M 38 27.63 -55.67 -44.88
N ILE M 39 27.91 -56.40 -43.81
CA ILE M 39 26.99 -57.39 -43.27
C ILE M 39 26.86 -57.16 -41.78
N GLY M 40 25.63 -57.15 -41.29
CA GLY M 40 25.38 -56.93 -39.88
C GLY M 40 25.93 -58.06 -39.03
N PHE M 41 25.85 -57.87 -37.72
CA PHE M 41 26.49 -58.80 -36.80
C PHE M 41 25.68 -60.08 -36.61
N GLY M 42 24.46 -59.98 -36.08
CA GLY M 42 23.71 -61.22 -36.00
C GLY M 42 22.81 -61.42 -37.20
N LYS M 43 23.34 -62.08 -38.23
CA LYS M 43 22.73 -62.17 -39.55
C LYS M 43 23.04 -63.54 -40.11
N ILE M 44 22.21 -64.00 -41.05
CA ILE M 44 22.50 -65.23 -41.76
C ILE M 44 23.24 -64.90 -43.06
N VAL M 45 24.04 -65.85 -43.55
CA VAL M 45 24.86 -65.64 -44.73
C VAL M 45 24.77 -66.86 -45.63
N ALA M 46 24.93 -66.64 -46.93
CA ALA M 46 24.90 -67.68 -47.93
C ALA M 46 26.30 -67.92 -48.48
N GLN M 47 26.41 -68.90 -49.38
CA GLN M 47 27.70 -69.31 -49.91
C GLN M 47 28.04 -68.40 -51.09
N GLY M 48 29.22 -67.79 -51.03
CA GLY M 48 29.64 -66.82 -52.02
C GLY M 48 30.08 -67.50 -53.31
N THR M 49 30.53 -66.66 -54.24
CA THR M 49 31.06 -67.16 -55.51
C THR M 49 32.58 -67.19 -55.55
N SER M 50 33.26 -66.83 -54.45
CA SER M 50 34.70 -66.72 -54.46
C SER M 50 35.38 -67.93 -53.81
N ASP M 51 34.61 -68.99 -53.54
CA ASP M 51 35.09 -70.27 -53.01
C ASP M 51 35.45 -70.15 -51.54
N ARG M 52 35.53 -68.93 -51.02
CA ARG M 52 35.56 -68.70 -49.59
C ARG M 52 34.81 -67.43 -49.17
N GLY M 53 33.97 -66.88 -50.05
CA GLY M 53 33.25 -65.67 -49.74
C GLY M 53 31.85 -65.95 -49.24
N CYS M 54 31.20 -64.90 -48.75
CA CYS M 54 29.84 -64.99 -48.28
C CYS M 54 29.07 -63.75 -48.69
N LYS M 55 27.76 -63.92 -48.84
CA LYS M 55 26.87 -62.83 -49.20
C LYS M 55 25.76 -62.76 -48.16
N ALA M 56 25.21 -61.57 -47.98
CA ALA M 56 24.08 -61.38 -47.08
C ALA M 56 22.75 -61.68 -47.76
N ASP M 57 22.77 -62.03 -49.04
CA ASP M 57 21.56 -62.29 -49.81
C ASP M 57 21.24 -63.78 -49.75
N VAL M 58 20.16 -64.12 -49.04
CA VAL M 58 19.77 -65.52 -48.87
C VAL M 58 18.41 -65.75 -49.51
N SER M 59 18.12 -65.00 -50.58
CA SER M 59 16.82 -65.12 -51.21
C SER M 59 16.68 -66.38 -52.05
N ALA M 60 17.78 -67.10 -52.30
CA ALA M 60 17.77 -68.26 -53.17
C ALA M 60 18.30 -69.52 -52.51
N VAL M 61 18.32 -69.57 -51.17
CA VAL M 61 18.78 -70.77 -50.49
C VAL M 61 17.73 -71.86 -50.60
N SER M 62 18.19 -73.11 -50.64
CA SER M 62 17.32 -74.27 -50.79
C SER M 62 17.91 -75.43 -50.00
N PRO M 63 17.21 -76.56 -49.87
CA PRO M 63 17.85 -77.74 -49.29
C PRO M 63 19.08 -78.19 -50.07
N THR M 64 19.13 -77.94 -51.37
CA THR M 64 20.30 -78.27 -52.17
C THR M 64 21.45 -77.28 -51.96
N ALA M 65 21.14 -76.03 -51.62
CA ALA M 65 22.15 -74.99 -51.38
C ALA M 65 21.88 -74.37 -50.02
N PRO M 66 22.26 -75.05 -48.95
CA PRO M 66 21.90 -74.60 -47.60
C PRO M 66 22.64 -73.32 -47.24
N PRO M 67 22.13 -72.57 -46.28
CA PRO M 67 22.87 -71.39 -45.80
C PRO M 67 24.14 -71.78 -45.07
N LEU M 68 25.03 -70.81 -44.96
CA LEU M 68 26.39 -71.08 -44.49
C LEU M 68 26.54 -70.96 -42.98
N GLY M 69 25.94 -69.95 -42.37
CA GLY M 69 26.08 -69.77 -40.93
C GLY M 69 25.57 -68.40 -40.50
N ILE M 70 26.07 -67.96 -39.34
CA ILE M 70 25.66 -66.70 -38.73
C ILE M 70 26.90 -65.95 -38.28
N THR M 71 26.97 -64.66 -38.62
CA THR M 71 28.11 -63.84 -38.23
C THR M 71 28.07 -63.53 -36.73
N VAL M 72 29.22 -63.11 -36.20
CA VAL M 72 29.34 -62.82 -34.78
C VAL M 72 29.86 -61.39 -34.61
N ARG M 73 29.58 -60.83 -33.43
CA ARG M 73 29.95 -59.47 -33.10
C ARG M 73 31.46 -59.38 -32.84
N SER M 74 32.16 -58.61 -33.68
CA SER M 74 33.62 -58.60 -33.66
C SER M 74 34.22 -57.49 -32.84
N GLN M 75 33.66 -56.29 -32.88
CA GLN M 75 34.03 -55.13 -32.09
C GLN M 75 35.36 -54.50 -32.56
N ALA M 76 36.00 -55.04 -33.60
CA ALA M 76 37.15 -54.38 -34.22
C ALA M 76 36.95 -54.40 -35.74
N THR M 77 36.16 -53.47 -36.26
CA THR M 77 35.68 -53.55 -37.63
C THR M 77 35.77 -52.25 -38.42
N GLU M 78 36.92 -51.60 -38.44
CA GLU M 78 37.28 -50.58 -39.43
C GLU M 78 36.63 -49.22 -39.18
N ASN M 79 35.74 -49.10 -38.20
CA ASN M 79 35.16 -47.88 -37.63
C ASN M 79 34.55 -46.96 -38.67
N LEU M 80 34.45 -47.41 -39.93
CA LEU M 80 33.80 -46.61 -40.96
C LEU M 80 32.37 -47.07 -41.19
N THR M 81 32.13 -48.36 -41.10
CA THR M 81 30.78 -48.90 -40.99
C THR M 81 30.51 -49.17 -39.52
N LEU M 82 29.35 -48.73 -39.04
CA LEU M 82 29.13 -48.61 -37.60
C LEU M 82 29.24 -49.96 -36.90
N ASP M 83 28.30 -50.87 -37.19
CA ASP M 83 28.37 -52.23 -36.67
C ASP M 83 28.13 -53.16 -37.85
N LYS M 84 29.16 -53.39 -38.64
CA LYS M 84 29.11 -54.24 -39.83
C LYS M 84 30.52 -54.75 -40.14
N TYR M 85 30.57 -55.79 -40.99
CA TYR M 85 31.83 -56.25 -41.58
C TYR M 85 31.95 -55.59 -42.95
N PRO M 86 32.93 -54.71 -43.16
CA PRO M 86 33.03 -54.03 -44.45
C PRO M 86 33.34 -55.00 -45.57
N ARG M 87 33.23 -54.50 -46.79
CA ARG M 87 33.57 -55.30 -47.96
C ARG M 87 35.02 -55.73 -47.89
N TYR M 88 35.28 -56.98 -48.30
CA TYR M 88 36.63 -57.55 -48.31
C TYR M 88 37.19 -57.63 -46.90
N ASP M 89 36.53 -58.38 -46.02
CA ASP M 89 36.96 -58.48 -44.63
C ASP M 89 36.65 -59.86 -44.08
N GLY M 90 37.47 -60.30 -43.13
CA GLY M 90 37.18 -61.57 -42.46
C GLY M 90 35.87 -61.48 -41.70
N ALA M 91 35.03 -62.51 -41.89
CA ALA M 91 33.65 -62.42 -41.45
C ALA M 91 33.35 -63.16 -40.15
N ALA M 92 34.13 -64.18 -39.78
CA ALA M 92 33.91 -64.91 -38.53
C ALA M 92 32.50 -65.48 -38.45
N ILE M 93 32.20 -66.47 -39.29
CA ILE M 93 30.91 -67.13 -39.25
C ILE M 93 30.91 -68.18 -38.15
N MET M 94 29.76 -68.39 -37.52
CA MET M 94 29.62 -69.39 -36.45
C MET M 94 28.52 -70.35 -36.85
N ARG M 95 28.71 -71.65 -36.57
CA ARG M 95 27.70 -72.62 -36.96
C ARG M 95 27.50 -73.74 -35.93
N LYS M 96 28.00 -73.58 -34.70
CA LYS M 96 27.77 -74.62 -33.70
C LYS M 96 27.35 -74.09 -32.32
N GLY M 97 27.73 -72.87 -31.96
CA GLY M 97 27.55 -72.40 -30.60
C GLY M 97 26.13 -71.96 -30.29
N VAL M 98 26.01 -71.13 -29.25
CA VAL M 98 24.75 -70.50 -28.89
C VAL M 98 24.93 -68.99 -29.04
N ILE M 99 24.03 -68.34 -29.76
CA ILE M 99 24.23 -66.94 -30.13
C ILE M 99 22.94 -66.16 -29.91
N TRP M 100 23.09 -64.89 -29.54
CA TRP M 100 21.96 -63.99 -29.40
C TRP M 100 21.58 -63.44 -30.77
N VAL M 101 20.29 -63.49 -31.11
CA VAL M 101 19.79 -62.98 -32.37
C VAL M 101 18.51 -62.20 -32.11
N LEU M 102 17.97 -61.62 -33.19
CA LEU M 102 16.80 -60.77 -33.12
C LEU M 102 15.57 -61.54 -33.57
N VAL M 103 14.46 -61.35 -32.84
CA VAL M 103 13.22 -62.07 -33.10
C VAL M 103 12.34 -61.24 -34.01
N THR M 104 11.75 -61.88 -35.02
CA THR M 104 10.77 -61.25 -35.90
C THR M 104 9.55 -62.17 -35.97
N ASP M 105 8.66 -62.02 -35.00
CA ASP M 105 7.44 -62.82 -34.93
C ASP M 105 6.40 -62.03 -34.15
N ALA M 106 5.13 -62.24 -34.52
CA ALA M 106 4.05 -61.49 -33.89
C ALA M 106 3.88 -61.89 -32.42
N GLY M 107 3.70 -63.18 -32.17
CA GLY M 107 3.47 -63.68 -30.83
C GLY M 107 4.69 -64.00 -30.00
N GLY M 108 5.89 -63.80 -30.55
CA GLY M 108 7.09 -64.13 -29.81
C GLY M 108 7.39 -65.61 -29.83
N VAL M 109 8.46 -65.97 -29.10
CA VAL M 109 8.93 -67.35 -29.04
C VAL M 109 9.09 -67.76 -27.58
N VAL M 110 9.15 -69.06 -27.36
CA VAL M 110 9.35 -69.62 -26.01
C VAL M 110 10.55 -70.57 -26.06
N ALA M 111 10.78 -71.32 -24.99
CA ALA M 111 12.06 -72.01 -24.81
C ALA M 111 12.39 -72.91 -25.99
N GLY M 112 11.59 -73.96 -26.21
CA GLY M 112 11.92 -74.89 -27.27
C GLY M 112 10.99 -74.79 -28.46
N ASP M 113 11.45 -74.18 -29.54
CA ASP M 113 10.63 -73.96 -30.72
C ASP M 113 11.45 -74.28 -31.95
N PRO M 114 10.81 -74.58 -33.07
CA PRO M 114 11.52 -74.63 -34.33
C PRO M 114 11.96 -73.23 -34.74
N VAL M 115 13.01 -73.19 -35.56
CA VAL M 115 13.53 -71.94 -36.10
C VAL M 115 13.22 -71.92 -37.58
N TRP M 116 12.48 -70.91 -38.02
CA TRP M 116 12.12 -70.77 -39.42
C TRP M 116 12.75 -69.51 -39.99
N LEU M 117 13.35 -69.65 -41.15
CA LEU M 117 14.01 -68.56 -41.84
C LEU M 117 13.10 -68.05 -42.95
N LYS M 118 12.93 -66.73 -43.02
CA LYS M 118 12.18 -66.10 -44.10
C LYS M 118 13.18 -65.68 -45.18
N LYS M 119 13.12 -66.35 -46.33
CA LYS M 119 14.12 -66.14 -47.38
C LYS M 119 14.06 -64.74 -47.96
N SER M 120 12.91 -64.07 -47.87
CA SER M 120 12.74 -62.76 -48.48
C SER M 120 13.69 -61.73 -47.87
N ASP M 121 13.71 -61.64 -46.54
CA ASP M 121 14.58 -60.71 -45.84
C ASP M 121 15.71 -61.39 -45.08
N GLY M 122 15.51 -62.61 -44.60
CA GLY M 122 16.54 -63.27 -43.82
C GLY M 122 16.32 -63.06 -42.33
N THR M 123 15.08 -63.20 -41.88
CA THR M 123 14.73 -63.03 -40.48
C THR M 123 14.25 -64.35 -39.89
N PHE M 124 14.48 -64.51 -38.59
CA PHE M 124 14.14 -65.74 -37.89
C PHE M 124 12.80 -65.60 -37.22
N SER M 125 12.05 -66.70 -37.17
CA SER M 125 10.71 -66.70 -36.62
C SER M 125 10.38 -68.09 -36.11
N ASN M 126 9.14 -68.24 -35.63
CA ASN M 126 8.68 -69.44 -34.96
C ASN M 126 7.96 -70.41 -35.91
N ALA M 127 7.22 -69.89 -36.88
CA ALA M 127 6.42 -70.73 -37.76
C ALA M 127 6.67 -70.32 -39.21
N ASP M 128 6.26 -71.20 -40.13
CA ASP M 128 6.49 -71.00 -41.55
C ASP M 128 5.61 -69.87 -42.09
N VAL M 129 6.14 -69.15 -43.09
CA VAL M 129 5.41 -68.02 -43.67
C VAL M 129 4.18 -68.51 -44.42
N GLY M 130 4.34 -69.51 -45.28
CA GLY M 130 3.21 -70.14 -45.92
C GLY M 130 3.08 -69.96 -47.42
N SER M 131 4.11 -69.44 -48.11
CA SER M 131 4.07 -69.28 -49.55
C SER M 131 5.34 -69.75 -50.24
N SER M 132 5.91 -70.87 -49.78
CA SER M 132 7.16 -71.40 -50.31
C SER M 132 8.28 -70.38 -50.20
N GLY M 133 8.23 -69.52 -49.19
CA GLY M 133 9.23 -68.51 -48.99
C GLY M 133 9.95 -68.63 -47.67
N GLY M 134 9.82 -69.79 -47.03
CA GLY M 134 10.46 -70.04 -45.75
C GLY M 134 11.15 -71.40 -45.72
N LEU M 135 12.26 -71.46 -45.01
CA LEU M 135 12.96 -72.71 -44.74
C LEU M 135 12.88 -73.02 -43.26
N ARG M 136 13.08 -74.28 -42.91
CA ARG M 136 13.27 -74.67 -41.52
C ARG M 136 14.71 -75.12 -41.35
N LEU M 137 15.45 -74.44 -40.48
CA LEU M 137 16.78 -74.86 -40.09
C LEU M 137 16.62 -76.06 -39.18
N ALA M 138 16.84 -77.27 -39.72
CA ALA M 138 16.43 -78.48 -39.03
C ALA M 138 17.07 -78.61 -37.66
N GLY M 139 18.39 -78.50 -37.59
CA GLY M 139 19.02 -78.51 -36.29
C GLY M 139 19.25 -77.13 -35.76
N CYS M 140 18.30 -76.64 -34.97
CA CYS M 140 18.29 -75.30 -34.37
C CYS M 140 17.16 -75.26 -33.38
N ARG M 141 17.36 -74.48 -32.31
CA ARG M 141 16.32 -74.34 -31.32
C ARG M 141 16.53 -73.05 -30.54
N TRP M 142 15.46 -72.54 -29.95
CA TRP M 142 15.55 -71.34 -29.13
C TRP M 142 16.00 -71.70 -27.72
N ASP M 143 16.35 -70.67 -26.96
CA ASP M 143 16.72 -70.88 -25.57
C ASP M 143 16.18 -69.80 -24.64
N THR M 144 15.28 -68.95 -25.09
CA THR M 144 14.77 -67.86 -24.28
C THR M 144 13.38 -67.52 -24.77
N SER M 145 12.49 -67.15 -23.84
CA SER M 145 11.22 -66.58 -24.21
C SER M 145 11.39 -65.09 -24.45
N ALA M 146 10.97 -64.62 -25.62
CA ALA M 146 11.12 -63.20 -25.94
C ALA M 146 9.96 -62.73 -26.79
N ALA M 147 9.67 -61.43 -26.70
CA ALA M 147 8.56 -60.81 -27.40
C ALA M 147 9.01 -60.42 -28.80
N ASN M 148 8.17 -59.68 -29.52
CA ASN M 148 8.53 -59.24 -30.86
C ASN M 148 9.63 -58.18 -30.81
N GLY M 149 10.57 -58.32 -31.74
CA GLY M 149 11.66 -57.35 -31.86
C GLY M 149 12.57 -57.28 -30.67
N ALA M 150 12.80 -58.39 -29.99
CA ALA M 150 13.69 -58.44 -28.84
C ALA M 150 14.80 -59.44 -29.12
N LEU M 151 15.79 -59.48 -28.23
CA LEU M 151 16.92 -60.38 -28.38
C LEU M 151 16.63 -61.70 -27.67
N ALA M 152 16.90 -62.80 -28.37
CA ALA M 152 16.77 -64.13 -27.78
C ALA M 152 17.97 -64.95 -28.21
N ARG M 153 18.45 -65.81 -27.32
CA ARG M 153 19.58 -66.66 -27.65
C ARG M 153 19.08 -67.98 -28.20
N MET M 154 19.74 -68.47 -29.25
CA MET M 154 19.37 -69.75 -29.82
C MET M 154 20.62 -70.60 -30.04
N ARG M 155 20.40 -71.91 -30.00
CA ARG M 155 21.41 -72.93 -30.24
C ARG M 155 21.30 -73.40 -31.68
N VAL M 156 22.44 -73.49 -32.35
CA VAL M 156 22.49 -73.62 -33.80
C VAL M 156 23.44 -74.74 -34.21
N ASP M 157 23.03 -75.50 -35.22
CA ASP M 157 23.85 -76.55 -35.80
C ASP M 157 23.56 -76.64 -37.28
N PHE M 158 24.52 -76.21 -38.10
CA PHE M 158 24.28 -76.04 -39.52
C PHE M 158 24.67 -77.25 -40.37
N ASP M 159 25.14 -78.33 -39.75
CA ASP M 159 25.47 -79.51 -40.54
C ASP M 159 24.23 -80.33 -40.88
N VAL M 160 23.16 -80.15 -40.11
CA VAL M 160 21.89 -80.84 -40.42
C VAL M 160 21.23 -80.15 -41.62
N PRO M 161 20.85 -80.89 -42.66
CA PRO M 161 20.32 -80.25 -43.86
C PRO M 161 18.99 -79.56 -43.56
N PRO M 162 18.70 -78.44 -44.22
CA PRO M 162 17.45 -77.74 -43.98
C PRO M 162 16.27 -78.48 -44.58
N VAL M 163 15.07 -78.04 -44.19
CA VAL M 163 13.82 -78.63 -44.68
C VAL M 163 13.01 -77.54 -45.36
N ALA M 164 12.58 -77.81 -46.60
CA ALA M 164 11.76 -76.87 -47.34
C ALA M 164 10.31 -76.99 -46.89
N GLY M 165 9.65 -75.85 -46.73
CA GLY M 165 8.26 -75.84 -46.33
C GLY M 165 7.42 -74.93 -47.19
N ALA M 166 6.39 -75.48 -47.82
CA ALA M 166 5.52 -74.69 -48.68
C ALA M 166 4.34 -74.13 -47.91
N MET N 11 -13.85 89.59 -3.84
CA MET N 11 -12.70 88.79 -3.41
C MET N 11 -12.01 88.13 -4.59
N GLN N 12 -10.92 87.41 -4.30
CA GLN N 12 -10.14 86.75 -5.34
C GLN N 12 -9.37 85.61 -4.69
N ALA N 13 -8.83 84.75 -5.54
CA ALA N 13 -8.22 83.50 -5.09
C ALA N 13 -6.89 83.22 -5.79
N ASN N 14 -5.96 84.17 -5.79
CA ASN N 14 -4.75 84.02 -6.61
C ASN N 14 -3.45 83.94 -5.82
N PHE N 15 -3.47 84.10 -4.50
CA PHE N 15 -2.25 84.07 -3.69
C PHE N 15 -1.24 85.14 -4.10
N GLY N 16 -1.61 86.06 -4.98
CA GLY N 16 -0.64 87.04 -5.43
C GLY N 16 -1.26 88.38 -5.68
N PHE N 17 -0.62 89.44 -5.19
CA PHE N 17 -1.15 90.78 -5.32
C PHE N 17 -0.05 91.70 -5.85
N VAL N 18 -0.45 92.64 -6.70
CA VAL N 18 0.48 93.60 -7.29
C VAL N 18 0.50 94.83 -6.40
N THR N 19 1.61 95.03 -5.71
CA THR N 19 1.78 96.18 -4.82
C THR N 19 2.86 97.10 -5.35
N SER N 20 2.72 98.37 -5.02
CA SER N 20 3.70 99.39 -5.37
C SER N 20 4.91 99.28 -4.46
N GLN N 21 5.98 100.00 -4.82
CA GLN N 21 7.19 100.01 -4.03
C GLN N 21 7.27 101.19 -3.06
N THR N 22 6.38 102.17 -3.20
CA THR N 22 6.32 103.30 -2.29
C THR N 22 5.09 103.24 -1.39
N ALA N 23 4.48 102.07 -1.25
CA ALA N 23 3.28 101.90 -0.46
C ALA N 23 3.58 101.09 0.79
N TYR N 24 2.81 101.35 1.83
CA TYR N 24 2.88 100.64 3.09
C TYR N 24 1.80 99.57 3.13
N VAL N 25 2.20 98.35 3.50
CA VAL N 25 1.29 97.21 3.55
C VAL N 25 0.99 96.95 5.03
N GLU N 26 -0.18 97.36 5.48
CA GLU N 26 -0.55 97.21 6.88
C GLU N 26 -0.68 95.74 7.24
N ALA N 27 -0.08 95.36 8.36
CA ALA N 27 -0.09 93.98 8.83
C ALA N 27 -1.30 93.78 9.74
N GLY N 28 -2.45 93.53 9.13
CA GLY N 28 -3.65 93.21 9.88
C GLY N 28 -4.53 92.26 9.11
N VAL N 29 -4.85 91.11 9.70
CA VAL N 29 -5.73 90.14 9.08
C VAL N 29 -7.14 90.40 9.62
N TYR N 30 -8.00 90.95 8.77
CA TYR N 30 -9.39 91.21 9.13
C TYR N 30 -10.24 90.13 8.46
N ARG N 31 -10.86 89.29 9.28
CA ARG N 31 -11.72 88.26 8.75
C ARG N 31 -13.17 88.73 8.77
N MET N 32 -14.00 88.07 7.97
CA MET N 32 -15.40 88.45 7.91
C MET N 32 -16.10 88.13 9.23
N ARG N 33 -17.20 88.82 9.49
CA ARG N 33 -17.91 88.69 10.75
C ARG N 33 -19.03 87.66 10.63
N TYR N 34 -19.20 86.89 11.69
CA TYR N 34 -20.26 85.89 11.79
C TYR N 34 -20.83 85.97 13.20
N PRO N 35 -22.08 85.59 13.42
CA PRO N 35 -22.65 85.63 14.76
C PRO N 35 -21.81 84.83 15.75
N GLU N 36 -21.77 85.30 16.98
CA GLU N 36 -20.85 84.74 17.96
C GLU N 36 -21.25 83.32 18.35
N ILE N 37 -20.33 82.64 19.01
CA ILE N 37 -20.39 81.19 19.16
C ILE N 37 -21.50 80.78 20.11
N ARG N 38 -21.62 81.48 21.24
CA ARG N 38 -22.85 81.62 22.06
C ARG N 38 -23.32 80.30 22.67
N TYR N 39 -22.70 79.15 22.34
CA TYR N 39 -23.03 77.98 23.15
C TYR N 39 -22.25 77.90 24.46
N PRO N 40 -20.97 78.28 24.53
CA PRO N 40 -20.27 78.16 25.83
C PRO N 40 -20.92 79.07 26.87
N GLY N 41 -21.38 78.46 27.96
CA GLY N 41 -22.04 79.22 29.00
C GLY N 41 -23.54 79.21 28.96
N LEU N 42 -24.13 78.77 27.86
CA LEU N 42 -25.57 78.55 27.79
C LEU N 42 -25.94 77.08 27.83
N ILE N 43 -24.99 76.18 27.55
CA ILE N 43 -25.22 74.74 27.61
C ILE N 43 -24.03 74.08 28.26
N PRO N 44 -24.26 73.17 29.21
CA PRO N 44 -23.13 72.43 29.80
C PRO N 44 -22.63 71.34 28.86
N VAL N 45 -21.32 71.36 28.57
CA VAL N 45 -20.70 70.40 27.67
C VAL N 45 -19.58 69.71 28.43
N ASP N 46 -19.62 68.37 28.47
CA ASP N 46 -18.61 67.60 29.21
C ASP N 46 -18.01 66.58 28.24
N TYR N 47 -16.70 66.64 28.08
CA TYR N 47 -15.99 65.72 27.20
C TYR N 47 -15.00 64.93 28.04
N SER N 48 -15.45 63.78 28.55
CA SER N 48 -14.60 62.96 29.38
C SER N 48 -14.70 61.48 29.03
N ALA N 49 -15.55 61.12 28.11
CA ALA N 49 -15.70 59.73 27.71
C ALA N 49 -14.50 59.31 26.85
N PRO N 50 -14.07 58.06 26.96
CA PRO N 50 -12.96 57.60 26.10
C PRO N 50 -13.35 57.68 24.64
N GLU N 51 -12.36 57.91 23.79
CA GLU N 51 -12.61 58.08 22.37
C GLU N 51 -13.19 56.81 21.76
N TRP N 52 -13.98 56.98 20.71
CA TRP N 52 -14.60 55.87 19.99
C TRP N 52 -15.49 55.01 20.88
N ILE N 53 -16.12 55.61 21.88
CA ILE N 53 -17.24 54.93 22.52
C ILE N 53 -18.45 55.00 21.62
N LYS N 54 -19.47 54.21 21.95
CA LYS N 54 -20.66 54.11 21.13
C LYS N 54 -21.93 54.54 21.85
N THR N 55 -21.97 54.43 23.18
CA THR N 55 -23.10 54.87 23.98
C THR N 55 -22.60 55.49 25.28
N VAL N 56 -23.53 56.05 26.03
CA VAL N 56 -23.26 56.66 27.33
C VAL N 56 -24.37 56.25 28.29
N ASP N 57 -24.00 55.78 29.48
CA ASP N 57 -24.94 55.24 30.45
C ASP N 57 -24.96 56.12 31.69
N TYR N 58 -26.13 56.26 32.31
CA TYR N 58 -26.21 56.99 33.58
C TYR N 58 -27.34 56.44 34.45
N TYR N 59 -27.10 56.46 35.77
CA TYR N 59 -27.96 55.82 36.74
C TYR N 59 -28.72 56.86 37.57
N SER N 60 -29.66 56.37 38.37
CA SER N 60 -30.41 57.17 39.33
C SER N 60 -30.45 56.39 40.64
N MET N 61 -31.14 56.93 41.65
CA MET N 61 -31.21 56.26 42.94
C MET N 61 -32.33 56.88 43.77
N ASP N 62 -33.14 56.04 44.40
CA ASP N 62 -34.27 56.49 45.20
C ASP N 62 -34.43 55.59 46.41
N GLY N 63 -34.79 56.18 47.55
CA GLY N 63 -34.91 55.42 48.78
C GLY N 63 -36.19 55.69 49.54
N VAL N 64 -36.64 54.72 50.34
CA VAL N 64 -37.87 54.85 51.10
C VAL N 64 -37.60 54.41 52.54
N GLY N 65 -38.23 55.10 53.50
CA GLY N 65 -38.09 54.75 54.90
C GLY N 65 -39.15 55.46 55.72
N LYS N 66 -39.16 55.14 57.01
CA LYS N 66 -40.12 55.70 57.96
C LYS N 66 -39.51 55.62 59.35
N ALA N 67 -39.83 56.58 60.20
CA ALA N 67 -39.28 56.65 61.54
C ALA N 67 -40.41 56.67 62.55
N GLU N 68 -40.33 55.79 63.54
CA GLU N 68 -41.39 55.62 64.53
C GLU N 68 -40.83 55.76 65.93
N TRP N 69 -41.72 55.73 66.91
CA TRP N 69 -41.35 55.79 68.32
C TRP N 69 -41.15 54.37 68.85
N ILE N 70 -40.06 54.17 69.57
CA ILE N 70 -39.74 52.86 70.13
C ILE N 70 -39.85 52.87 71.65
N ALA N 71 -39.62 51.70 72.26
CA ALA N 71 -39.74 51.54 73.70
C ALA N 71 -38.49 50.87 74.28
N ASP N 72 -38.44 50.76 75.60
CA ASP N 72 -37.29 50.19 76.30
C ASP N 72 -37.02 48.73 75.96
N ARG N 73 -37.97 48.05 75.35
CA ARG N 73 -37.80 46.65 75.00
C ARG N 73 -38.46 46.28 73.67
N ALA N 74 -39.60 46.86 73.37
CA ALA N 74 -40.28 46.59 72.11
C ALA N 74 -39.39 46.94 70.93
N SER N 75 -39.17 45.98 70.05
CA SER N 75 -38.29 46.16 68.89
C SER N 75 -39.13 46.54 67.68
N ASP N 76 -39.65 47.77 67.72
CA ASP N 76 -40.43 48.34 66.64
C ASP N 76 -39.59 49.07 65.61
N ILE N 77 -38.28 48.84 65.60
CA ILE N 77 -37.37 49.62 64.77
C ILE N 77 -37.66 49.32 63.31
N PRO N 78 -38.00 50.32 62.50
CA PRO N 78 -38.26 50.07 61.08
C PRO N 78 -37.00 50.09 60.23
N VAL N 79 -37.12 49.75 58.95
CA VAL N 79 -35.99 49.61 58.07
C VAL N 79 -36.21 50.45 56.81
N VAL N 80 -35.16 50.56 56.00
CA VAL N 80 -35.16 51.39 54.81
C VAL N 80 -34.90 50.52 53.59
N GLY N 81 -35.23 51.07 52.42
CA GLY N 81 -35.07 50.35 51.17
C GLY N 81 -34.57 51.25 50.05
N LEU N 82 -33.97 50.61 49.05
CA LEU N 82 -33.33 51.32 47.94
C LEU N 82 -33.73 50.69 46.61
N ALA N 83 -33.62 51.48 45.54
CA ALA N 83 -33.92 51.03 44.19
C ALA N 83 -33.22 51.93 43.18
N MET N 84 -32.92 51.39 42.00
CA MET N 84 -32.17 52.10 40.97
C MET N 84 -32.79 51.93 39.59
N GLU N 85 -32.46 52.85 38.69
CA GLU N 85 -32.90 52.79 37.30
C GLU N 85 -31.81 53.38 36.41
N LYS N 86 -31.68 52.85 35.19
CA LYS N 86 -30.61 53.21 34.26
C LYS N 86 -31.17 53.77 32.96
N ALA N 87 -30.43 54.70 32.35
CA ALA N 87 -30.79 55.23 31.04
C ALA N 87 -29.53 55.39 30.19
N THR N 88 -29.73 55.62 28.89
CA THR N 88 -28.63 55.61 27.94
C THR N 88 -28.85 56.61 26.79
N THR N 89 -27.73 57.01 26.18
CA THR N 89 -27.70 57.86 24.99
C THR N 89 -26.57 57.37 24.09
N THR N 90 -26.35 58.06 22.97
CA THR N 90 -25.44 57.57 21.92
C THR N 90 -24.43 58.65 21.53
N VAL N 91 -23.53 58.27 20.62
CA VAL N 91 -22.43 59.10 20.14
C VAL N 91 -22.17 58.77 18.67
N HIS N 92 -21.94 59.80 17.86
CA HIS N 92 -21.81 59.63 16.41
C HIS N 92 -20.51 60.26 15.92
N LEU N 93 -20.23 60.08 14.62
CA LEU N 93 -18.98 60.47 14.01
C LEU N 93 -19.23 61.39 12.81
N ALA N 94 -18.38 62.41 12.66
CA ALA N 94 -18.43 63.29 11.50
C ALA N 94 -17.01 63.73 11.20
N GLY N 95 -16.84 64.52 10.14
CA GLY N 95 -15.51 64.99 9.79
C GLY N 95 -15.50 66.07 8.74
N ILE N 96 -14.39 66.82 8.75
CA ILE N 96 -14.13 67.83 7.74
C ILE N 96 -12.63 68.05 7.68
N GLY N 97 -12.11 68.33 6.49
CA GLY N 97 -10.68 68.50 6.33
C GLY N 97 -10.37 69.20 5.03
N TYR N 98 -9.08 69.39 4.78
CA TYR N 98 -8.60 70.20 3.68
C TYR N 98 -7.64 69.41 2.80
N ASP N 99 -7.29 70.00 1.66
CA ASP N 99 -6.34 69.44 0.72
C ASP N 99 -5.73 70.57 -0.09
N TYR N 100 -4.61 70.29 -0.75
CA TYR N 100 -3.93 71.33 -1.51
C TYR N 100 -2.99 70.71 -2.54
N GLY N 101 -2.62 71.52 -3.53
CA GLY N 101 -1.68 71.08 -4.53
C GLY N 101 -0.24 71.26 -4.09
N LEU N 102 0.68 70.98 -5.02
CA LEU N 102 2.10 71.07 -4.69
C LEU N 102 2.64 72.48 -4.94
N GLU N 103 2.50 72.97 -6.17
CA GLU N 103 3.00 74.30 -6.44
C GLU N 103 2.16 75.38 -5.78
N GLU N 104 0.92 75.11 -5.39
CA GLU N 104 0.14 76.07 -4.61
C GLU N 104 0.80 76.33 -3.26
N VAL N 105 1.10 75.26 -2.52
CA VAL N 105 1.73 75.43 -1.22
C VAL N 105 3.15 75.93 -1.36
N ASN N 106 3.87 75.56 -2.41
CA ASN N 106 5.22 76.10 -2.57
C ASN N 106 5.21 77.56 -2.99
N GLN N 107 4.20 78.02 -3.71
CA GLN N 107 4.06 79.44 -3.99
C GLN N 107 3.63 80.23 -2.78
N ALA N 108 2.83 79.64 -1.90
CA ALA N 108 2.47 80.30 -0.66
C ALA N 108 3.58 80.30 0.38
N ILE N 109 4.53 79.37 0.29
CA ILE N 109 5.63 79.31 1.25
C ILE N 109 6.65 80.41 1.04
N MET N 110 6.98 80.74 -0.21
CA MET N 110 7.91 81.82 -0.50
C MET N 110 7.28 83.19 -0.34
N LEU N 111 6.01 83.26 0.03
CA LEU N 111 5.35 84.51 0.40
C LEU N 111 5.11 84.60 1.90
N GLY N 112 5.58 83.63 2.68
CA GLY N 112 5.33 83.61 4.10
C GLY N 112 3.88 83.43 4.48
N MET N 113 3.15 82.51 3.85
CA MET N 113 1.72 82.35 4.06
C MET N 113 1.38 81.15 4.93
N ASN N 114 2.13 80.05 4.83
CA ASN N 114 1.89 78.84 5.62
C ASN N 114 0.49 78.29 5.39
N LEU N 115 0.23 77.81 4.17
CA LEU N 115 -1.05 77.23 3.78
C LEU N 115 -1.51 76.10 4.70
N PRO N 116 -0.66 75.14 5.06
CA PRO N 116 -1.11 74.09 5.99
C PRO N 116 -1.59 74.63 7.33
N GLY N 117 -0.97 75.69 7.85
CA GLY N 117 -1.41 76.26 9.11
C GLY N 117 -2.53 77.25 9.00
N GLU N 118 -2.80 77.76 7.80
CA GLU N 118 -3.92 78.67 7.57
C GLU N 118 -5.21 77.93 7.23
N LYS N 119 -5.12 76.66 6.84
CA LYS N 119 -6.28 75.81 6.65
C LYS N 119 -6.71 75.11 7.93
N ALA N 120 -5.92 75.21 9.00
CA ALA N 120 -6.31 74.60 10.26
C ALA N 120 -7.10 75.57 11.13
N ASN N 121 -6.75 76.86 11.10
CA ASN N 121 -7.51 77.86 11.83
C ASN N 121 -8.98 77.82 11.42
N LEU N 122 -9.23 77.90 10.12
CA LEU N 122 -10.61 77.95 9.64
C LEU N 122 -11.32 76.62 9.83
N ALA N 123 -10.59 75.50 9.81
CA ALA N 123 -11.20 74.21 10.10
C ALA N 123 -11.65 74.13 11.56
N ARG N 124 -10.83 74.60 12.49
CA ARG N 124 -11.30 74.68 13.88
C ARG N 124 -12.53 75.57 13.98
N LEU N 125 -12.54 76.71 13.28
CA LEU N 125 -13.67 77.62 13.36
C LEU N 125 -14.96 76.96 12.88
N VAL N 126 -14.90 76.27 11.73
CA VAL N 126 -16.09 75.60 11.23
C VAL N 126 -16.48 74.40 12.10
N TYR N 127 -15.52 73.76 12.77
CA TYR N 127 -15.85 72.74 13.75
C TYR N 127 -16.70 73.33 14.89
N GLU N 128 -16.28 74.49 15.42
CA GLU N 128 -17.08 75.13 16.46
C GLU N 128 -18.47 75.47 15.94
N ARG N 129 -18.55 75.92 14.69
CA ARG N 129 -19.84 76.19 14.06
C ARG N 129 -20.74 74.96 14.08
N MET N 130 -20.19 73.81 13.69
CA MET N 130 -20.96 72.57 13.68
C MET N 130 -21.44 72.19 15.07
N VAL N 131 -20.56 72.31 16.06
CA VAL N 131 -20.95 71.97 17.43
C VAL N 131 -22.10 72.87 17.89
N ASP N 132 -22.02 74.16 17.58
CA ASP N 132 -23.09 75.08 17.93
C ASP N 132 -24.41 74.69 17.28
N ARG N 133 -24.39 74.40 15.98
CA ARG N 133 -25.63 74.03 15.30
C ARG N 133 -26.23 72.76 15.88
N VAL N 134 -25.38 71.80 16.25
CA VAL N 134 -25.91 70.58 16.85
C VAL N 134 -26.52 70.88 18.21
N ALA N 135 -25.86 71.73 19.01
CA ALA N 135 -26.36 72.02 20.34
C ALA N 135 -27.71 72.72 20.32
N PHE N 136 -27.85 73.77 19.50
CA PHE N 136 -29.00 74.65 19.60
C PHE N 136 -30.14 74.29 18.64
N THR N 137 -29.97 73.26 17.81
CA THR N 137 -31.07 72.80 16.97
C THR N 137 -30.74 71.37 16.52
N GLY N 138 -31.59 70.83 15.65
CA GLY N 138 -31.46 69.43 15.28
C GLY N 138 -31.05 69.19 13.84
N ASP N 139 -30.57 67.98 13.57
CA ASP N 139 -30.15 67.62 12.22
C ASP N 139 -31.16 66.78 11.46
N ALA N 140 -31.98 65.99 12.14
CA ALA N 140 -32.90 65.05 11.52
C ALA N 140 -32.18 64.00 10.69
N GLU N 141 -30.88 63.87 10.90
CA GLU N 141 -30.10 62.75 10.38
C GLU N 141 -29.65 61.81 11.46
N LYS N 142 -29.44 62.32 12.67
CA LYS N 142 -29.17 61.47 13.82
C LYS N 142 -30.27 61.59 14.87
N ASP N 143 -31.35 62.31 14.56
CA ASP N 143 -32.35 62.73 15.54
C ASP N 143 -31.69 63.31 16.79
N PHE N 144 -30.94 64.39 16.57
CA PHE N 144 -30.31 65.13 17.65
C PHE N 144 -31.19 66.33 17.94
N LYS N 145 -32.25 66.09 18.71
CA LYS N 145 -33.17 67.16 19.07
C LYS N 145 -32.45 68.25 19.85
N GLY N 146 -32.65 69.50 19.43
CA GLY N 146 -31.98 70.63 20.01
C GLY N 146 -32.79 71.27 21.13
N LEU N 147 -32.18 72.30 21.72
CA LEU N 147 -32.83 73.00 22.83
C LEU N 147 -34.07 73.76 22.38
N PHE N 148 -34.09 74.25 21.15
CA PHE N 148 -35.17 75.11 20.67
C PHE N 148 -36.32 74.32 20.04
N ASN N 149 -36.16 73.01 19.84
CA ASN N 149 -37.18 72.24 19.14
C ASN N 149 -37.42 70.87 19.76
N ASN N 150 -36.94 70.61 20.97
CA ASN N 150 -37.19 69.33 21.61
C ASN N 150 -38.68 69.12 21.80
N GLY N 151 -39.17 67.98 21.35
CA GLY N 151 -40.59 67.68 21.38
C GLY N 151 -41.08 67.05 22.66
N ALA N 152 -40.24 66.92 23.68
CA ALA N 152 -40.62 66.30 24.95
C ALA N 152 -40.94 67.32 26.04
N VAL N 153 -40.87 68.61 25.75
CA VAL N 153 -41.15 69.65 26.74
C VAL N 153 -42.45 70.34 26.34
N THR N 154 -43.08 70.97 27.33
CA THR N 154 -44.39 71.59 27.13
C THR N 154 -44.26 72.98 26.53
N ALA N 155 -45.12 73.26 25.55
CA ALA N 155 -45.14 74.53 24.84
C ALA N 155 -46.53 75.12 24.93
N VAL N 156 -46.65 76.24 25.64
CA VAL N 156 -47.94 76.90 25.79
C VAL N 156 -47.91 78.22 25.02
N SER N 157 -49.06 78.87 24.92
CA SER N 157 -49.19 80.12 24.19
C SER N 157 -49.31 81.29 25.17
N ALA N 158 -48.90 82.47 24.72
CA ALA N 158 -48.98 83.67 25.52
C ALA N 158 -50.41 84.19 25.55
N THR N 159 -50.73 84.92 26.62
CA THR N 159 -52.08 85.45 26.83
C THR N 159 -52.26 86.71 26.01
N THR N 160 -52.50 86.53 24.71
CA THR N 160 -52.73 87.60 23.75
C THR N 160 -51.69 88.71 23.88
N GLY N 161 -50.42 88.36 23.77
CA GLY N 161 -49.37 89.35 23.84
C GLY N 161 -48.51 89.37 22.60
N ASN N 162 -48.56 90.46 21.84
CA ASN N 162 -47.68 90.65 20.69
C ASN N 162 -46.50 91.54 20.99
N TRP N 163 -46.44 92.14 22.16
CA TRP N 163 -45.32 92.94 22.64
C TRP N 163 -45.04 94.14 21.74
N ALA N 164 -45.90 94.36 20.74
CA ALA N 164 -45.94 95.60 19.99
C ALA N 164 -47.35 96.14 20.13
N SER N 165 -47.46 97.43 20.46
CA SER N 165 -48.73 98.03 20.84
C SER N 165 -49.36 97.31 22.04
N ALA N 166 -48.52 96.88 22.96
CA ALA N 166 -48.96 96.23 24.19
C ALA N 166 -48.43 96.99 25.39
N THR N 167 -49.31 97.29 26.34
CA THR N 167 -48.91 97.98 27.55
C THR N 167 -48.06 97.05 28.42
N ALA N 168 -47.31 97.66 29.34
CA ALA N 168 -46.37 96.88 30.13
C ALA N 168 -47.08 95.94 31.10
N ASP N 169 -48.35 96.19 31.40
CA ASP N 169 -49.10 95.23 32.21
C ASP N 169 -49.13 93.86 31.52
N GLN N 170 -49.45 93.85 30.23
CA GLN N 170 -49.48 92.62 29.47
C GLN N 170 -48.09 91.99 29.36
N ILE N 171 -47.06 92.82 29.17
CA ILE N 171 -45.70 92.30 29.05
C ILE N 171 -45.29 91.61 30.36
N LEU N 172 -45.55 92.25 31.49
CA LEU N 172 -45.21 91.65 32.77
C LEU N 172 -45.99 90.37 33.00
N ALA N 173 -47.28 90.37 32.69
CA ALA N 173 -48.08 89.16 32.88
C ALA N 173 -47.55 88.02 32.02
N ASP N 174 -47.25 88.31 30.75
CA ASP N 174 -46.76 87.27 29.85
C ASP N 174 -45.41 86.73 30.29
N PHE N 175 -44.50 87.61 30.71
CA PHE N 175 -43.19 87.13 31.15
C PHE N 175 -43.30 86.32 32.44
N ASN N 176 -44.13 86.76 33.39
CA ASN N 176 -44.29 85.98 34.61
C ASN N 176 -45.07 84.71 34.38
N LEU N 177 -45.77 84.60 33.25
CA LEU N 177 -46.49 83.37 32.94
C LEU N 177 -45.54 82.19 32.81
N GLY N 178 -44.37 82.40 32.20
CA GLY N 178 -43.42 81.32 32.04
C GLY N 178 -42.86 80.83 33.37
N ILE N 179 -42.54 81.77 34.27
CA ILE N 179 -41.95 81.40 35.54
C ILE N 179 -42.98 80.84 36.51
N THR N 180 -44.22 81.33 36.45
CA THR N 180 -45.29 80.78 37.26
C THR N 180 -45.83 79.47 36.71
N GLY N 181 -45.60 79.19 35.43
CA GLY N 181 -46.06 77.94 34.85
C GLY N 181 -45.05 76.82 34.97
N LEU N 182 -43.79 77.18 35.22
CA LEU N 182 -42.76 76.19 35.50
C LEU N 182 -42.62 75.90 36.98
N TRP N 183 -42.93 76.87 37.83
CA TRP N 183 -42.86 76.67 39.27
C TRP N 183 -43.89 75.67 39.75
N SER N 184 -45.13 75.79 39.26
CA SER N 184 -46.18 74.85 39.62
C SER N 184 -46.09 73.53 38.86
N ALA N 185 -45.33 73.48 37.77
CA ALA N 185 -45.19 72.24 37.01
C ALA N 185 -44.25 71.26 37.68
N THR N 186 -43.38 71.72 38.57
CA THR N 186 -42.51 70.86 39.34
C THR N 186 -42.94 70.76 40.80
N ASN N 187 -44.23 70.94 41.07
CA ASN N 187 -44.76 70.94 42.44
C ASN N 187 -43.99 71.91 43.34
N GLU N 188 -43.80 73.13 42.85
CA GLU N 188 -43.25 74.24 43.62
C GLU N 188 -41.87 73.94 44.19
N MET N 189 -40.98 73.33 43.40
CA MET N 189 -39.67 72.94 43.88
C MET N 189 -38.51 73.63 43.18
N VAL N 190 -38.69 74.12 41.95
CA VAL N 190 -37.58 74.61 41.15
C VAL N 190 -37.97 75.96 40.55
N TYR N 191 -36.98 76.83 40.38
CA TYR N 191 -37.16 78.16 39.81
C TYR N 191 -36.40 78.28 38.50
N ALA N 192 -36.98 79.03 37.57
CA ALA N 192 -36.32 79.29 36.30
C ALA N 192 -35.04 80.09 36.53
N ASP N 193 -34.00 79.76 35.79
CA ASP N 193 -32.70 80.41 35.90
C ASP N 193 -32.39 81.33 34.74
N THR N 194 -32.62 80.87 33.51
CA THR N 194 -32.34 81.65 32.33
C THR N 194 -33.54 81.63 31.40
N VAL N 195 -33.63 82.70 30.60
CA VAL N 195 -34.73 82.92 29.68
C VAL N 195 -34.16 83.38 28.34
N LEU N 196 -34.54 82.71 27.26
CA LEU N 196 -34.08 83.06 25.91
C LEU N 196 -35.28 83.55 25.10
N LEU N 197 -35.20 84.77 24.59
CA LEU N 197 -36.24 85.41 23.81
C LEU N 197 -35.78 85.63 22.38
N PRO N 198 -36.71 85.76 21.44
CA PRO N 198 -36.33 86.12 20.08
C PRO N 198 -35.68 87.50 20.04
N SER N 199 -34.79 87.67 19.06
CA SER N 199 -34.03 88.92 18.95
C SER N 199 -34.95 90.10 18.72
N ALA N 200 -35.96 89.92 17.85
CA ALA N 200 -36.84 91.04 17.51
C ALA N 200 -37.58 91.57 18.73
N LYS N 201 -37.83 90.73 19.71
CA LYS N 201 -38.67 91.10 20.84
C LYS N 201 -37.90 91.28 22.13
N HIS N 202 -36.68 90.77 22.21
CA HIS N 202 -35.81 91.16 23.32
C HIS N 202 -35.50 92.65 23.28
N GLN N 203 -35.65 93.27 22.12
CA GLN N 203 -35.27 94.66 21.94
C GLN N 203 -36.46 95.60 22.03
N ILE N 204 -37.68 95.14 21.70
CA ILE N 204 -38.88 95.93 21.95
C ILE N 204 -39.11 96.14 23.44
N ILE N 205 -38.77 95.15 24.27
CA ILE N 205 -38.97 95.17 25.71
C ILE N 205 -37.79 95.81 26.43
N ALA N 206 -36.73 96.15 25.70
CA ALA N 206 -35.49 96.59 26.35
C ALA N 206 -35.44 98.09 26.56
N SER N 207 -36.35 98.84 25.92
CA SER N 207 -36.19 100.29 25.84
C SER N 207 -37.46 101.09 26.11
N LYS N 208 -38.52 100.46 26.62
CA LYS N 208 -39.75 101.19 26.90
C LYS N 208 -40.03 101.22 28.40
N ARG N 209 -40.69 102.28 28.83
CA ARG N 209 -40.99 102.50 30.23
C ARG N 209 -42.16 101.61 30.68
N LEU N 210 -42.19 101.35 31.99
CA LEU N 210 -43.28 100.56 32.56
C LEU N 210 -44.63 101.23 32.34
N GLY N 211 -44.76 102.50 32.72
CA GLY N 211 -46.00 103.21 32.53
C GLY N 211 -45.76 104.48 31.75
N ASN N 212 -46.84 105.23 31.55
CA ASN N 212 -46.74 106.50 30.86
C ASN N 212 -45.74 107.41 31.56
N GLU N 213 -45.68 107.33 32.89
CA GLU N 213 -44.69 108.04 33.69
C GLU N 213 -43.93 107.02 34.53
N ALA N 214 -42.67 106.82 34.21
CA ALA N 214 -41.82 105.91 34.96
C ALA N 214 -40.37 106.29 34.72
N THR N 215 -39.46 105.50 35.26
CA THR N 215 -38.04 105.70 35.06
C THR N 215 -37.31 104.47 34.55
N GLU N 216 -37.85 103.28 34.77
CA GLU N 216 -37.18 102.04 34.38
C GLU N 216 -37.86 101.43 33.17
N THR N 217 -37.13 100.56 32.51
CA THR N 217 -37.63 99.82 31.36
C THR N 217 -38.24 98.50 31.81
N VAL N 218 -39.15 97.98 30.98
CA VAL N 218 -39.81 96.71 31.28
C VAL N 218 -38.84 95.54 31.22
N LEU N 219 -37.67 95.70 30.60
CA LEU N 219 -36.61 94.70 30.74
C LEU N 219 -35.89 94.83 32.07
N GLN N 220 -35.61 96.06 32.51
CA GLN N 220 -34.94 96.27 33.79
C GLN N 220 -35.83 95.95 34.98
N PHE N 221 -37.14 95.86 34.78
CA PHE N 221 -38.04 95.53 35.87
C PHE N 221 -38.09 94.04 36.17
N LEU N 222 -38.08 93.20 35.14
CA LEU N 222 -38.16 91.75 35.30
C LEU N 222 -36.79 91.11 35.47
N GLN N 223 -35.72 91.89 35.32
CA GLN N 223 -34.41 91.46 35.76
C GLN N 223 -34.45 91.03 37.22
N ARG N 224 -35.02 91.87 38.06
CA ARG N 224 -35.37 91.59 39.44
C ARG N 224 -36.89 91.51 39.54
N ALA N 225 -37.39 91.50 40.77
CA ALA N 225 -38.83 91.49 41.02
C ALA N 225 -39.51 90.29 40.38
N ASN N 226 -38.89 89.12 40.51
CA ASN N 226 -39.49 87.89 40.05
C ASN N 226 -39.35 86.84 41.15
N VAL N 227 -39.76 85.62 40.83
CA VAL N 227 -39.71 84.53 41.81
C VAL N 227 -38.27 84.18 42.17
N TYR N 228 -37.39 84.10 41.17
CA TYR N 228 -36.03 83.60 41.35
C TYR N 228 -35.09 84.59 42.02
N THR N 229 -35.17 85.88 41.68
CA THR N 229 -34.13 86.84 42.01
C THR N 229 -34.24 87.44 43.39
N ALA N 230 -35.43 87.48 43.98
CA ALA N 230 -35.62 88.16 45.25
C ALA N 230 -35.38 87.26 46.44
N GLU N 231 -35.75 85.98 46.37
CA GLU N 231 -35.64 85.11 47.52
C GLU N 231 -34.23 84.53 47.66
N THR N 232 -33.51 84.40 46.54
CA THR N 232 -32.19 83.80 46.56
C THR N 232 -31.06 84.76 46.20
N GLY N 233 -31.35 85.89 45.57
CA GLY N 233 -30.41 87.00 45.58
C GLY N 233 -29.53 87.18 44.35
N ARG N 234 -29.83 86.51 43.27
CA ARG N 234 -29.06 86.73 42.05
C ARG N 234 -29.98 87.23 40.93
N PRO N 235 -29.51 88.04 39.99
CA PRO N 235 -30.42 88.51 38.92
C PRO N 235 -30.70 87.46 37.86
N LEU N 236 -31.87 87.57 37.22
CA LEU N 236 -32.31 86.59 36.24
C LEU N 236 -31.70 86.89 34.87
N THR N 237 -31.10 85.87 34.26
CA THR N 237 -30.38 86.05 33.01
C THR N 237 -31.37 86.03 31.84
N ILE N 238 -31.94 87.20 31.54
CA ILE N 238 -32.74 87.38 30.34
C ILE N 238 -31.78 87.62 29.18
N ARG N 239 -31.48 86.58 28.43
CA ARG N 239 -30.54 86.66 27.33
C ARG N 239 -31.28 86.79 26.01
N GLY N 240 -30.69 87.53 25.08
CA GLY N 240 -31.26 87.73 23.76
C GLY N 240 -30.64 86.77 22.77
N MET N 241 -31.50 86.07 22.03
CA MET N 241 -31.11 84.92 21.24
C MET N 241 -31.36 85.22 19.76
N ARG N 242 -30.79 84.39 18.88
CA ARG N 242 -30.81 84.71 17.46
C ARG N 242 -31.77 83.86 16.63
N GLY N 243 -31.88 82.57 16.89
CA GLY N 243 -32.65 81.70 16.01
C GLY N 243 -34.06 81.42 16.47
N LEU N 244 -34.56 82.20 17.42
CA LEU N 244 -35.87 81.99 18.02
C LEU N 244 -36.95 82.82 17.35
N ASN N 245 -36.61 83.53 16.27
CA ASN N 245 -37.52 84.49 15.67
C ASN N 245 -38.77 83.80 15.11
N THR N 246 -38.62 82.62 14.53
CA THR N 246 -39.75 81.93 13.91
C THR N 246 -39.90 80.49 14.36
N ALA N 247 -39.07 80.01 15.29
CA ALA N 247 -39.28 78.69 15.86
C ALA N 247 -40.56 78.71 16.69
N GLY N 248 -41.57 77.99 16.25
CA GLY N 248 -42.83 78.02 16.95
C GLY N 248 -43.84 77.10 16.31
N ALA N 249 -45.07 77.17 16.82
CA ALA N 249 -46.14 76.34 16.28
C ALA N 249 -46.45 76.70 14.83
N GLY N 250 -46.71 77.98 14.57
CA GLY N 250 -47.01 78.43 13.22
C GLY N 250 -46.03 79.45 12.71
N GLY N 251 -44.74 79.23 12.98
CA GLY N 251 -43.73 80.20 12.58
C GLY N 251 -43.70 81.43 13.44
N VAL N 252 -44.14 81.34 14.70
CA VAL N 252 -44.20 82.46 15.61
C VAL N 252 -43.08 82.32 16.62
N SER N 253 -42.70 83.45 17.23
CA SER N 253 -41.54 83.47 18.10
C SER N 253 -41.75 82.56 19.31
N ARG N 254 -40.66 81.95 19.76
CA ARG N 254 -40.65 81.11 20.95
C ARG N 254 -39.66 81.67 21.95
N SER N 255 -39.97 81.51 23.23
CA SER N 255 -39.03 81.80 24.29
C SER N 255 -38.92 80.58 25.18
N VAL N 256 -37.75 80.41 25.77
CA VAL N 256 -37.41 79.22 26.53
C VAL N 256 -37.06 79.63 27.95
N PHE N 257 -37.67 78.99 28.93
CA PHE N 257 -37.36 79.19 30.34
C PHE N 257 -36.77 77.89 30.87
N TYR N 258 -35.61 77.97 31.53
CA TYR N 258 -35.04 76.72 32.07
C TYR N 258 -34.05 77.01 33.18
N ARG N 259 -33.53 75.94 33.78
CA ARG N 259 -32.82 76.00 35.04
C ARG N 259 -31.30 75.98 34.88
N ASN N 260 -30.77 75.45 33.77
CA ASN N 260 -29.36 75.57 33.43
C ASN N 260 -28.43 74.88 34.42
N SER N 261 -28.70 73.63 34.75
CA SER N 261 -27.76 72.88 35.56
C SER N 261 -27.30 71.64 34.81
N PRO N 262 -26.11 71.12 35.14
CA PRO N 262 -25.65 69.89 34.50
C PRO N 262 -26.56 68.69 34.72
N GLU N 263 -27.48 68.75 35.68
CA GLU N 263 -28.45 67.68 35.90
C GLU N 263 -29.72 67.85 35.08
N VAL N 264 -29.91 68.97 34.39
CA VAL N 264 -30.99 69.15 33.42
C VAL N 264 -30.51 68.89 32.00
N LEU N 265 -29.43 69.52 31.60
CA LEU N 265 -28.94 69.43 30.23
C LEU N 265 -27.57 68.81 30.24
N LYS N 266 -27.23 68.15 29.13
CA LYS N 266 -25.87 67.66 29.00
C LYS N 266 -25.58 67.51 27.51
N MET N 267 -24.30 67.49 27.18
CA MET N 267 -23.87 67.30 25.80
C MET N 267 -22.50 66.64 25.85
N HIS N 268 -22.37 65.50 25.19
CA HIS N 268 -21.20 64.64 25.30
C HIS N 268 -20.42 64.73 24.00
N ILE N 269 -19.15 65.09 24.10
CA ILE N 269 -18.26 65.14 22.93
C ILE N 269 -17.03 64.29 23.22
N PRO N 270 -17.05 62.99 22.94
CA PRO N 270 -15.89 62.15 23.24
C PRO N 270 -14.60 62.61 22.56
N MET N 271 -14.67 62.86 21.25
CA MET N 271 -13.50 63.25 20.46
C MET N 271 -13.70 64.66 19.92
N ARG N 272 -12.73 65.54 20.16
CA ARG N 272 -12.93 66.94 19.82
C ARG N 272 -12.74 67.22 18.34
N HIS N 273 -11.51 67.05 17.84
CA HIS N 273 -11.19 67.23 16.44
C HIS N 273 -9.78 66.73 16.21
N ARG N 274 -9.61 65.93 15.15
CA ARG N 274 -8.37 65.23 14.93
C ARG N 274 -7.93 65.41 13.49
N PHE N 275 -6.62 65.51 13.31
CA PHE N 275 -6.00 65.52 11.99
C PHE N 275 -5.21 64.22 11.81
N LEU N 276 -5.47 63.55 10.71
CA LEU N 276 -4.80 62.29 10.39
C LEU N 276 -3.66 62.54 9.42
N PRO N 277 -2.78 61.56 9.22
CA PRO N 277 -1.63 61.78 8.33
C PRO N 277 -2.04 62.12 6.91
N VAL N 278 -1.11 62.77 6.20
CA VAL N 278 -1.37 63.23 4.84
C VAL N 278 -1.10 62.09 3.87
N GLN N 279 -1.95 61.95 2.86
CA GLN N 279 -1.79 60.95 1.81
C GLN N 279 -1.64 61.65 0.47
N VAL N 280 -0.64 61.25 -0.29
CA VAL N 280 -0.19 61.98 -1.48
C VAL N 280 -0.64 61.15 -2.68
N VAL N 281 -1.46 61.75 -3.54
CA VAL N 281 -1.93 61.10 -4.75
C VAL N 281 -1.67 62.04 -5.92
N GLY N 282 -0.57 61.79 -6.64
CA GLY N 282 -0.30 62.49 -7.88
C GLY N 282 -0.36 64.01 -7.82
N LEU N 283 0.61 64.63 -7.15
CA LEU N 283 0.70 66.08 -7.06
C LEU N 283 -0.49 66.70 -6.35
N THR N 284 -1.04 65.99 -5.37
CA THR N 284 -2.12 66.50 -4.55
C THR N 284 -1.99 65.89 -3.16
N TYR N 285 -2.20 66.71 -2.14
CA TYR N 285 -2.08 66.27 -0.75
C TYR N 285 -3.44 66.41 -0.10
N LYS N 286 -3.87 65.36 0.60
CA LYS N 286 -5.21 65.30 1.17
C LYS N 286 -5.11 64.96 2.65
N VAL N 287 -5.44 65.92 3.51
CA VAL N 287 -5.43 65.71 4.95
C VAL N 287 -6.85 65.57 5.46
N PRO N 288 -7.26 64.40 5.94
CA PRO N 288 -8.63 64.25 6.46
C PRO N 288 -8.73 64.58 7.94
N GLY N 289 -9.80 65.25 8.33
CA GLY N 289 -10.04 65.62 9.72
C GLY N 289 -11.35 65.05 10.20
N ILE N 290 -11.34 64.50 11.41
CA ILE N 290 -12.48 63.78 11.95
C ILE N 290 -12.77 64.29 13.35
N PHE N 291 -14.04 64.30 13.75
CA PHE N 291 -14.43 64.61 15.11
C PHE N 291 -15.69 63.82 15.44
N ARG N 292 -15.75 63.32 16.66
CA ARG N 292 -16.77 62.36 17.06
C ARG N 292 -17.53 62.90 18.26
N LEU N 293 -18.80 63.22 18.07
CA LEU N 293 -19.62 63.85 19.10
C LEU N 293 -21.03 63.28 19.08
N GLY N 294 -21.74 63.47 20.19
CA GLY N 294 -23.11 63.06 20.31
C GLY N 294 -24.06 64.24 20.35
N GLY N 295 -25.32 63.93 20.66
CA GLY N 295 -26.39 64.91 20.66
C GLY N 295 -26.67 65.50 22.03
N LEU N 296 -27.50 66.54 22.02
CA LEU N 296 -27.90 67.20 23.25
C LEU N 296 -28.94 66.38 23.99
N ASP N 297 -28.80 66.29 25.31
CA ASP N 297 -29.69 65.51 26.15
C ASP N 297 -30.37 66.41 27.16
N ILE N 298 -31.70 66.33 27.21
CA ILE N 298 -32.53 67.03 28.18
C ILE N 298 -33.13 65.97 29.08
N ARG N 299 -32.51 65.77 30.25
CA ARG N 299 -32.92 64.66 31.11
C ARG N 299 -34.21 64.98 31.86
N LEU N 300 -34.35 66.22 32.31
CA LEU N 300 -35.54 66.61 33.06
C LEU N 300 -36.39 67.49 32.16
N PRO N 301 -37.37 66.95 31.44
CA PRO N 301 -38.17 67.78 30.53
C PRO N 301 -39.19 68.66 31.22
N LYS N 302 -39.48 68.43 32.50
CA LYS N 302 -40.42 69.28 33.22
C LYS N 302 -39.79 70.55 33.75
N GLU N 303 -38.47 70.70 33.63
CA GLU N 303 -37.77 71.90 34.04
C GLU N 303 -37.35 72.76 32.86
N VAL N 304 -37.96 72.56 31.70
CA VAL N 304 -37.77 73.39 30.52
C VAL N 304 -39.15 73.72 29.96
N ARG N 305 -39.40 74.99 29.67
CA ARG N 305 -40.72 75.42 29.26
C ARG N 305 -40.63 76.29 28.02
N TYR N 306 -41.52 76.05 27.06
CA TYR N 306 -41.62 76.84 25.84
C TYR N 306 -42.87 77.69 25.91
N VAL N 307 -42.75 78.97 25.61
CA VAL N 307 -43.93 79.83 25.47
C VAL N 307 -43.85 80.51 24.12
N ASP N 308 -44.94 80.42 23.36
CA ASP N 308 -44.98 80.87 21.98
C ASP N 308 -45.91 82.08 21.85
N GLY N 309 -45.62 82.91 20.86
CA GLY N 309 -46.47 84.01 20.51
C GLY N 309 -46.10 85.36 21.07
N TYR N 310 -45.01 85.45 21.84
CA TYR N 310 -44.58 86.75 22.36
C TYR N 310 -44.47 87.79 21.25
#